data_8GLX
#
_entry.id   8GLX
#
_cell.length_a   1.00
_cell.length_b   1.00
_cell.length_c   1.00
_cell.angle_alpha   90.00
_cell.angle_beta   90.00
_cell.angle_gamma   90.00
#
_symmetry.space_group_name_H-M   'P 1'
#
loop_
_entity.id
_entity.type
_entity.pdbx_description
1 polymer 'Transposon Tn7 transposition protein TnsC'
2 polymer 'Transposon Tn7 transposition protein TnsD'
3 polymer 'DNA (50-MER)'
4 polymer 'DNA (50-MER)'
5 non-polymer "ADENOSINE-5'-TRIPHOSPHATE"
6 non-polymer 'MAGNESIUM ION'
7 non-polymer 'ZINC ION'
8 non-polymer "ADENOSINE-5'-DIPHOSPHATE"
#
loop_
_entity_poly.entity_id
_entity_poly.type
_entity_poly.pdbx_seq_one_letter_code
_entity_poly.pdbx_strand_id
1 'polypeptide(L)'
;MGATRIQAVYRDTGVEAYRDNPFIEALPPLQESVNSAASLKSSLQLTSSDLQKSRVIRAHTICRIPDDYFQPLGTHLLLS
ERISVMIRGGYVGRNPKTGDLQKHLQNGYERVQTGELETFRFEEARSTAQSLLLIGCSGSGKTTSLHRILATYPQVIYHR
ELNVEQVVYLKIDCSHNGSLKEICLNFFRALDRALGSNYERRYGLKRHGIETMLALMSQIANAHALGLLVIDEIQHLSRS
RSGGSQEMLNFFVTMVNIIGVPVMLIGTPKAREIFEADLRSARRGAGFGAIFWDPIQQTQRGKPNQEWIAFTDNLWQLQL
LQRKDALLSDEVRDVWYELSQGVMDIVVKLFVLAQLRALALGNERITAGLLRQVYQDELKPVHPMLEALRSGIPERIARY
SDLVVPEIDKRLIQLQLDIAAIQEQTPEEKALQELDTEDQRHLYLMLKEDYDSSLLIPTIKKAFSQNPTMTRQKLLPLVL
QWLMEGETVVSELEKPSKSKKVSPNSSSVDKLAAALEHHHHHH
;
G,E,F,C,A,B
2 'polypeptide(L)'
;MRNFPVPYSNELIYSTIARAGVYQGIVSPKQLLDEVYGNRKVVATLGLPSHLGVIARHLHQTGRYAVQQLIYEHTLFPLY
APFVGKERRDEAIRLMEYQAQGAVHLMLGVAASRVKSDNRFRYCPDCVALQLNRYGEAFWQRDWYLPALPYCPKHGALVF
FDRAVDDHRHQFWALGHTELLSDYPKDSLSQLTALAAYIAPLLDAPRAQELSPSLEQWTLFYQRLAQDLGLTKSKHIRHD
LVAERVRQTFSDEALEKLDLKLAENKDTCWLKSIFRKHRKAFSYLQHSIVWQALLPKLTVIEALQQASALTEHSITTR
;
X,Y
3 'polydeoxyribonucleotide'
;(DA)(DT)(DA)(DC)(DT)(DG)(DT)(DG)(DG)(DA)(DC)(DC)(DA)(DG)(DA)(DA)(DC)(DC)(DC)(DT)
(DG)(DA)(DT)(DA)(DA)(DA)(DT)(DG)(DC)(DA)(DA)(DC)(DG)(DC)(DT)(DC)(DA)(DT)(DA)(DG)
(DC)(DG)(DG)(DG)(DC)(DA)(DG)(DA)(DC)(DG)
;
H
4 'polydeoxyribonucleotide'
;(DC)(DG)(DT)(DC)(DT)(DG)(DC)(DC)(DC)(DG)(DC)(DT)(DA)(DT)(DG)(DA)(DG)(DC)(DG)(DT)
(DT)(DG)(DC)(DA)(DT)(DT)(DT)(DA)(DT)(DC)(DA)(DG)(DG)(DG)(DT)(DT)(DC)(DT)(DG)(DG)
(DT)(DC)(DC)(DA)(DC)(DA)(DG)(DT)(DA)(DT)
;
I
#
# COMPACT_ATOMS: atom_id res chain seq x y z
N ALA A 3 31.68 -16.72 13.78
CA ALA A 3 31.91 -15.53 12.97
C ALA A 3 33.03 -14.69 13.56
N THR A 4 34.17 -15.32 13.81
CA THR A 4 35.35 -14.68 14.40
C THR A 4 36.39 -14.55 13.29
N ARG A 5 36.33 -13.43 12.56
CA ARG A 5 37.22 -13.21 11.42
C ARG A 5 38.62 -12.86 11.93
N ILE A 6 39.59 -13.73 11.66
CA ILE A 6 40.96 -13.57 12.13
C ILE A 6 41.89 -13.54 10.93
N GLN A 7 42.79 -12.56 10.91
CA GLN A 7 43.89 -12.58 9.94
C GLN A 7 44.91 -13.62 10.38
N ALA A 8 45.11 -14.65 9.56
CA ALA A 8 45.90 -15.80 9.96
C ALA A 8 47.39 -15.48 9.98
N VAL A 9 48.09 -16.01 10.97
CA VAL A 9 49.55 -15.97 11.04
C VAL A 9 50.06 -17.41 10.93
N TYR A 10 51.02 -17.62 10.02
CA TYR A 10 51.39 -18.97 9.63
C TYR A 10 52.40 -19.57 10.61
N ARG A 11 52.40 -20.90 10.67
CA ARG A 11 53.32 -21.69 11.49
C ARG A 11 54.18 -22.54 10.56
N ASP A 12 55.11 -23.30 11.15
CA ASP A 12 55.99 -24.19 10.41
C ASP A 12 55.94 -25.56 11.08
N THR A 13 55.07 -26.44 10.58
CA THR A 13 54.96 -27.79 11.11
C THR A 13 56.18 -28.62 10.74
N GLY A 14 56.38 -29.70 11.50
CA GLY A 14 57.53 -30.56 11.32
C GLY A 14 57.38 -31.66 10.30
N VAL A 15 56.20 -31.80 9.68
CA VAL A 15 55.95 -32.86 8.71
C VAL A 15 56.09 -32.30 7.31
N GLU A 16 56.82 -33.02 6.45
CA GLU A 16 57.07 -32.55 5.09
C GLU A 16 55.82 -32.62 4.21
N ALA A 17 54.81 -33.40 4.60
CA ALA A 17 53.58 -33.45 3.82
C ALA A 17 52.74 -32.20 4.00
N TYR A 18 53.07 -31.35 4.97
CA TYR A 18 52.24 -30.21 5.32
C TYR A 18 53.05 -28.92 5.19
N ARG A 19 53.99 -28.89 4.25
CA ARG A 19 55.08 -27.91 4.32
C ARG A 19 54.62 -26.51 3.93
N ASP A 20 53.85 -26.37 2.85
CA ASP A 20 53.66 -25.05 2.25
C ASP A 20 52.20 -24.64 2.12
N ASN A 21 51.25 -25.40 2.67
CA ASN A 21 49.86 -24.98 2.63
C ASN A 21 49.64 -23.76 3.52
N PRO A 22 48.82 -22.81 3.10
CA PRO A 22 48.40 -21.76 4.01
C PRO A 22 47.25 -22.22 4.90
N PHE A 23 46.35 -23.00 4.30
CA PHE A 23 45.15 -23.46 5.02
C PHE A 23 45.54 -24.18 6.30
N ILE A 24 46.40 -25.19 6.18
CA ILE A 24 46.67 -26.09 7.31
C ILE A 24 47.82 -25.59 8.17
N GLU A 25 48.54 -24.56 7.73
CA GLU A 25 49.46 -23.83 8.58
C GLU A 25 48.71 -22.88 9.51
N ALA A 26 47.58 -22.36 9.03
CA ALA A 26 46.79 -21.43 9.83
C ALA A 26 46.16 -22.06 11.08
N LEU A 27 46.01 -23.40 11.14
CA LEU A 27 45.33 -23.98 12.28
C LEU A 27 46.22 -24.00 13.53
N PRO A 28 45.60 -23.94 14.72
CA PRO A 28 46.36 -24.12 15.95
C PRO A 28 46.92 -25.53 16.04
N PRO A 29 48.02 -25.72 16.77
CA PRO A 29 48.68 -27.03 16.77
C PRO A 29 47.87 -28.09 17.49
N LEU A 30 48.21 -29.34 17.21
CA LEU A 30 47.58 -30.48 17.86
C LEU A 30 48.12 -30.63 19.27
N GLN A 31 47.26 -30.48 20.27
CA GLN A 31 47.67 -30.54 21.66
C GLN A 31 48.06 -31.96 22.05
N GLU A 32 49.02 -32.07 22.96
CA GLU A 32 49.41 -33.36 23.49
C GLU A 32 48.28 -33.94 24.35
N SER A 33 48.04 -35.24 24.19
CA SER A 33 46.95 -35.89 24.92
C SER A 33 47.19 -35.92 26.42
N VAL A 34 48.42 -35.71 26.86
CA VAL A 34 48.70 -35.61 28.29
C VAL A 34 48.03 -34.37 28.88
N ASN A 35 48.09 -33.25 28.17
CA ASN A 35 47.48 -32.01 28.62
C ASN A 35 46.19 -31.66 27.89
N SER A 36 45.83 -32.41 26.84
CA SER A 36 44.57 -32.16 26.16
C SER A 36 43.38 -32.46 27.07
N ALA A 37 43.51 -33.44 27.96
CA ALA A 37 42.46 -33.71 28.94
C ALA A 37 42.27 -32.53 29.88
N ALA A 38 43.37 -31.92 30.33
CA ALA A 38 43.27 -30.73 31.17
C ALA A 38 42.77 -29.52 30.40
N SER A 39 43.00 -29.47 29.09
CA SER A 39 42.49 -28.37 28.28
C SER A 39 40.97 -28.35 28.24
N LEU A 40 40.36 -29.52 28.12
CA LEU A 40 38.90 -29.60 27.99
C LEU A 40 38.18 -29.33 29.31
N LYS A 41 38.90 -29.36 30.43
CA LYS A 41 38.24 -29.32 31.73
C LYS A 41 37.74 -27.93 32.05
N SER A 42 36.45 -27.82 32.37
CA SER A 42 35.85 -26.58 32.82
C SER A 42 34.89 -26.88 33.96
N SER A 43 34.77 -25.93 34.89
CA SER A 43 33.93 -26.12 36.06
C SER A 43 33.43 -24.76 36.53
N LEU A 44 32.40 -24.79 37.38
CA LEU A 44 31.85 -23.57 37.94
C LEU A 44 32.85 -22.92 38.88
N GLN A 45 32.92 -21.58 38.83
CA GLN A 45 33.88 -20.85 39.63
C GLN A 45 33.55 -20.84 41.12
N LEU A 46 32.31 -21.16 41.49
CA LEU A 46 31.92 -21.38 42.88
C LEU A 46 32.14 -20.14 43.75
N THR A 47 33.29 -20.09 44.43
CA THR A 47 33.65 -19.10 45.44
C THR A 47 32.77 -19.24 46.68
N SER A 48 33.31 -18.86 47.85
CA SER A 48 32.64 -19.07 49.12
C SER A 48 31.78 -17.89 49.57
N SER A 49 31.72 -16.82 48.78
CA SER A 49 30.90 -15.68 49.14
C SER A 49 29.41 -15.92 48.91
N ASP A 50 29.06 -16.93 48.11
CA ASP A 50 27.65 -17.20 47.85
C ASP A 50 26.97 -17.87 49.03
N LEU A 51 27.71 -18.67 49.80
CA LEU A 51 27.11 -19.47 50.86
C LEU A 51 26.53 -18.62 51.99
N GLN A 52 26.87 -17.34 52.08
CA GLN A 52 26.35 -16.46 53.11
C GLN A 52 25.43 -15.39 52.52
N LYS A 53 24.74 -15.70 51.43
CA LYS A 53 23.94 -14.75 50.69
C LYS A 53 22.46 -15.18 50.79
N SER A 54 21.58 -14.47 50.07
CA SER A 54 20.14 -14.70 50.18
C SER A 54 19.75 -15.98 49.45
N ARG A 55 18.43 -16.24 49.38
CA ARG A 55 17.92 -17.56 49.10
C ARG A 55 17.79 -17.78 47.59
N VAL A 56 17.03 -16.89 46.93
CA VAL A 56 16.71 -17.07 45.51
C VAL A 56 17.95 -16.85 44.64
N ILE A 57 18.81 -15.91 45.04
CA ILE A 57 20.06 -15.69 44.32
C ILE A 57 20.92 -16.95 44.34
N ARG A 58 21.01 -17.60 45.50
CA ARG A 58 21.76 -18.86 45.58
C ARG A 58 21.07 -19.98 44.81
N ALA A 59 19.74 -19.98 44.77
CA ALA A 59 19.04 -21.04 44.05
C ALA A 59 19.23 -20.90 42.54
N HIS A 60 19.36 -19.67 42.05
CA HIS A 60 19.50 -19.46 40.61
C HIS A 60 20.79 -20.08 40.06
N THR A 61 21.92 -19.87 40.74
CA THR A 61 23.19 -20.29 40.16
C THR A 61 23.43 -21.78 40.24
N ILE A 62 22.62 -22.53 41.00
CA ILE A 62 22.72 -23.98 41.00
C ILE A 62 22.31 -24.54 39.64
N CYS A 63 21.28 -23.95 39.03
CA CYS A 63 20.76 -24.44 37.75
C CYS A 63 21.74 -24.24 36.60
N ARG A 64 22.83 -23.49 36.80
CA ARG A 64 23.86 -23.35 35.80
C ARG A 64 24.85 -24.51 35.80
N ILE A 65 24.71 -25.47 36.72
CA ILE A 65 25.61 -26.61 36.75
C ILE A 65 25.51 -27.47 35.49
N PRO A 66 24.32 -27.84 35.00
CA PRO A 66 24.26 -28.67 33.78
C PRO A 66 24.82 -27.99 32.54
N ASP A 67 24.92 -26.66 32.53
CA ASP A 67 25.41 -25.95 31.36
C ASP A 67 26.87 -25.55 31.44
N ASP A 68 27.47 -25.51 32.63
CA ASP A 68 28.83 -25.05 32.80
C ASP A 68 29.78 -26.14 33.25
N TYR A 69 29.34 -27.38 33.33
CA TYR A 69 30.15 -28.48 33.85
C TYR A 69 30.46 -29.48 32.75
N PHE A 70 31.74 -29.79 32.57
CA PHE A 70 32.19 -30.77 31.60
C PHE A 70 33.35 -31.55 32.19
N GLN A 71 33.39 -32.85 31.90
CA GLN A 71 34.44 -33.71 32.42
C GLN A 71 34.98 -34.62 31.32
N PRO A 72 36.26 -34.51 30.98
CA PRO A 72 36.83 -35.39 29.96
C PRO A 72 36.90 -36.83 30.43
N LEU A 73 36.82 -37.75 29.46
CA LEU A 73 36.89 -39.18 29.73
C LEU A 73 37.92 -39.82 28.80
N GLY A 74 37.96 -41.16 28.79
CA GLY A 74 38.91 -41.86 27.95
C GLY A 74 38.66 -41.66 26.47
N THR A 75 37.39 -41.70 26.06
CA THR A 75 37.07 -41.58 24.64
C THR A 75 37.22 -40.17 24.11
N HIS A 76 37.27 -39.17 24.99
CA HIS A 76 37.41 -37.78 24.55
C HIS A 76 38.74 -37.57 23.84
N LEU A 77 39.83 -38.13 24.38
CA LEU A 77 41.13 -38.00 23.74
C LEU A 77 41.16 -38.71 22.40
N LEU A 78 40.56 -39.89 22.30
CA LEU A 78 40.49 -40.61 21.03
C LEU A 78 39.72 -39.79 20.00
N LEU A 79 38.59 -39.21 20.41
CA LEU A 79 37.81 -38.39 19.47
C LEU A 79 38.58 -37.15 19.04
N SER A 80 39.31 -36.52 19.97
CA SER A 80 40.10 -35.35 19.61
C SER A 80 41.20 -35.71 18.61
N GLU A 81 41.91 -36.81 18.87
CA GLU A 81 42.97 -37.23 17.95
C GLU A 81 42.40 -37.61 16.59
N ARG A 82 41.28 -38.33 16.56
CA ARG A 82 40.68 -38.72 15.30
C ARG A 82 40.18 -37.52 14.52
N ILE A 83 39.58 -36.54 15.21
CA ILE A 83 39.12 -35.33 14.53
C ILE A 83 40.30 -34.54 13.96
N SER A 84 41.38 -34.43 14.74
CA SER A 84 42.56 -33.73 14.24
C SER A 84 43.14 -34.42 13.02
N VAL A 85 43.25 -35.75 13.06
CA VAL A 85 43.80 -36.49 11.93
C VAL A 85 42.90 -36.38 10.71
N MET A 86 41.58 -36.46 10.91
CA MET A 86 40.64 -36.44 9.80
C MET A 86 40.45 -35.05 9.22
N ILE A 87 40.76 -33.99 9.97
CA ILE A 87 40.70 -32.65 9.44
C ILE A 87 42.06 -32.18 8.93
N ARG A 88 43.14 -32.88 9.28
CA ARG A 88 44.44 -32.60 8.69
C ARG A 88 44.70 -33.41 7.44
N GLY A 89 44.03 -34.55 7.27
CA GLY A 89 44.16 -35.32 6.04
C GLY A 89 43.34 -34.80 4.88
N GLY A 90 42.42 -33.88 5.13
CA GLY A 90 41.55 -33.32 4.12
C GLY A 90 42.04 -32.04 3.48
N TYR A 91 43.29 -31.64 3.74
CA TYR A 91 43.89 -30.46 3.12
C TYR A 91 45.11 -30.77 2.27
N VAL A 92 45.55 -32.03 2.24
CA VAL A 92 46.75 -32.39 1.48
C VAL A 92 46.49 -32.50 -0.01
N GLY A 93 45.23 -32.46 -0.44
CA GLY A 93 44.88 -32.51 -1.83
C GLY A 93 44.24 -31.26 -2.40
N ARG A 94 44.18 -30.17 -1.63
CA ARG A 94 43.57 -28.92 -2.06
C ARG A 94 44.49 -27.74 -1.77
N ASN A 95 45.76 -27.91 -2.12
CA ASN A 95 46.75 -26.85 -1.94
C ASN A 95 46.52 -25.73 -2.94
N PRO A 96 46.34 -24.48 -2.50
CA PRO A 96 46.15 -23.39 -3.46
C PRO A 96 47.44 -22.71 -3.87
N LYS A 97 48.52 -22.93 -3.12
CA LYS A 97 49.79 -22.30 -3.44
C LYS A 97 50.40 -22.87 -4.71
N THR A 98 50.44 -24.20 -4.80
CA THR A 98 51.05 -24.89 -5.94
C THR A 98 50.04 -25.28 -7.01
N GLY A 99 48.81 -24.76 -6.92
CA GLY A 99 47.83 -25.02 -7.95
C GLY A 99 47.21 -26.40 -7.91
N ASP A 100 46.48 -26.71 -6.85
CA ASP A 100 45.75 -27.98 -6.77
C ASP A 100 44.28 -27.73 -6.46
N LEU A 101 44.00 -26.63 -5.75
CA LEU A 101 42.60 -26.24 -5.54
C LEU A 101 41.96 -25.75 -6.82
N GLN A 102 42.74 -25.11 -7.70
CA GLN A 102 42.21 -24.62 -8.97
C GLN A 102 41.87 -25.73 -9.94
N LYS A 103 42.30 -26.96 -9.68
CA LYS A 103 41.84 -28.11 -10.44
C LYS A 103 40.71 -28.85 -9.77
N HIS A 104 40.61 -28.78 -8.43
CA HIS A 104 39.44 -29.28 -7.73
C HIS A 104 38.24 -28.36 -7.86
N LEU A 105 38.42 -27.16 -8.42
CA LEU A 105 37.36 -26.19 -8.54
C LEU A 105 36.96 -25.88 -9.98
N GLN A 106 37.86 -26.08 -10.95
CA GLN A 106 37.46 -26.02 -12.35
C GLN A 106 36.56 -27.20 -12.71
N ASN A 107 36.84 -28.38 -12.15
CA ASN A 107 35.98 -29.54 -12.38
C ASN A 107 34.57 -29.30 -11.89
N GLY A 108 34.44 -28.59 -10.76
CA GLY A 108 33.13 -28.37 -10.16
C GLY A 108 32.21 -27.48 -10.97
N TYR A 109 32.69 -26.86 -12.03
CA TYR A 109 31.82 -26.06 -12.90
C TYR A 109 31.21 -26.88 -14.02
N GLU A 110 31.97 -27.84 -14.57
CA GLU A 110 31.39 -28.72 -15.59
C GLU A 110 30.41 -29.71 -14.98
N ARG A 111 30.52 -29.98 -13.67
CA ARG A 111 29.48 -30.74 -12.98
C ARG A 111 28.16 -29.97 -12.95
N VAL A 112 28.23 -28.65 -12.68
CA VAL A 112 27.03 -27.84 -12.65
C VAL A 112 26.45 -27.68 -14.06
N GLN A 113 27.32 -27.46 -15.05
CA GLN A 113 26.85 -27.25 -16.41
C GLN A 113 26.20 -28.52 -16.97
N THR A 114 26.90 -29.65 -16.87
CA THR A 114 26.35 -30.89 -17.42
C THR A 114 25.20 -31.41 -16.57
N GLY A 115 25.38 -31.44 -15.25
CA GLY A 115 24.37 -31.92 -14.34
C GLY A 115 24.73 -33.18 -13.59
N GLU A 116 25.76 -33.90 -14.03
CA GLU A 116 26.17 -35.15 -13.40
C GLU A 116 27.35 -34.91 -12.47
N LEU A 117 27.32 -35.56 -11.31
CA LEU A 117 28.36 -35.38 -10.30
C LEU A 117 29.64 -36.16 -10.60
N GLU A 118 29.63 -37.06 -11.58
CA GLU A 118 30.76 -37.94 -11.84
C GLU A 118 31.65 -37.46 -12.98
N THR A 119 31.40 -36.27 -13.52
CA THR A 119 32.24 -35.75 -14.59
C THR A 119 33.61 -35.37 -14.03
N PHE A 120 34.60 -35.32 -14.93
CA PHE A 120 35.97 -35.02 -14.55
C PHE A 120 36.72 -34.48 -15.76
N ARG A 121 37.34 -33.31 -15.60
CA ARG A 121 38.07 -32.66 -16.67
C ARG A 121 39.58 -32.82 -16.55
N PHE A 122 40.11 -32.86 -15.34
CA PHE A 122 41.54 -33.04 -15.10
C PHE A 122 41.76 -34.39 -14.45
N GLU A 123 42.63 -35.21 -15.05
CA GLU A 123 42.84 -36.57 -14.58
C GLU A 123 43.58 -36.61 -13.25
N GLU A 124 44.49 -35.66 -13.03
CA GLU A 124 45.35 -35.69 -11.85
C GLU A 124 44.70 -35.08 -10.62
N ALA A 125 43.47 -34.59 -10.71
CA ALA A 125 42.78 -34.00 -9.56
C ALA A 125 42.39 -35.11 -8.60
N ARG A 126 43.23 -35.36 -7.61
CA ARG A 126 42.99 -36.39 -6.61
C ARG A 126 42.42 -35.78 -5.34
N SER A 127 41.55 -36.54 -4.68
CA SER A 127 40.91 -36.10 -3.45
C SER A 127 41.29 -37.05 -2.31
N THR A 128 41.79 -36.48 -1.22
CA THR A 128 42.13 -37.23 -0.03
C THR A 128 41.22 -36.77 1.10
N ALA A 129 40.28 -37.62 1.49
CA ALA A 129 39.32 -37.29 2.53
C ALA A 129 38.89 -38.56 3.26
N GLN A 130 38.40 -38.36 4.48
CA GLN A 130 37.97 -39.47 5.32
C GLN A 130 36.53 -39.24 5.77
N SER A 131 35.92 -40.31 6.26
CA SER A 131 34.57 -40.26 6.82
C SER A 131 34.54 -41.11 8.08
N LEU A 132 33.60 -40.79 8.98
CA LEU A 132 33.50 -41.49 10.25
C LEU A 132 32.11 -41.26 10.83
N LEU A 133 31.46 -42.33 11.27
CA LEU A 133 30.18 -42.25 11.94
C LEU A 133 30.36 -42.45 13.44
N LEU A 134 29.69 -41.61 14.22
CA LEU A 134 29.76 -41.66 15.68
C LEU A 134 28.35 -41.89 16.21
N ILE A 135 28.11 -43.10 16.72
CA ILE A 135 26.80 -43.47 17.26
C ILE A 135 27.00 -43.97 18.68
N GLY A 136 26.30 -43.33 19.63
CA GLY A 136 26.34 -43.76 21.01
C GLY A 136 24.98 -43.58 21.66
N CYS A 137 24.78 -44.29 22.77
CA CYS A 137 23.48 -44.28 23.44
C CYS A 137 23.06 -42.87 23.81
N SER A 138 21.78 -42.57 23.60
CA SER A 138 21.28 -41.22 23.85
C SER A 138 21.44 -40.88 25.33
N GLY A 139 21.96 -39.68 25.59
CA GLY A 139 22.31 -39.30 26.94
C GLY A 139 23.78 -39.55 27.21
N SER A 140 24.63 -39.29 26.21
CA SER A 140 26.06 -39.48 26.32
C SER A 140 26.88 -38.23 26.10
N GLY A 141 26.34 -37.22 25.41
CA GLY A 141 27.03 -35.98 25.19
C GLY A 141 27.59 -35.79 23.79
N LYS A 142 27.22 -36.62 22.82
CA LYS A 142 27.80 -36.55 21.48
C LYS A 142 27.35 -35.31 20.70
N THR A 143 26.60 -34.39 21.30
CA THR A 143 26.26 -33.12 20.67
C THR A 143 26.94 -31.94 21.36
N THR A 144 27.31 -32.08 22.63
CA THR A 144 28.09 -31.06 23.32
C THR A 144 29.56 -31.43 23.45
N SER A 145 29.90 -32.73 23.51
CA SER A 145 31.31 -33.12 23.50
C SER A 145 31.95 -32.75 22.16
N LEU A 146 31.26 -33.01 21.05
CA LEU A 146 31.75 -32.58 19.75
C LEU A 146 31.87 -31.07 19.68
N HIS A 147 30.87 -30.36 20.20
CA HIS A 147 30.89 -28.90 20.17
C HIS A 147 32.02 -28.31 21.02
N ARG A 148 32.45 -29.02 22.06
CA ARG A 148 33.57 -28.57 22.87
C ARG A 148 34.92 -29.00 22.29
N ILE A 149 34.96 -30.12 21.58
CA ILE A 149 36.18 -30.49 20.86
C ILE A 149 36.43 -29.52 19.71
N LEU A 150 35.37 -29.09 19.02
CA LEU A 150 35.50 -28.19 17.88
C LEU A 150 35.41 -26.72 18.28
N ALA A 151 35.78 -26.38 19.51
CA ALA A 151 35.85 -24.99 19.92
C ALA A 151 37.28 -24.44 19.89
N THR A 152 38.28 -25.33 19.82
CA THR A 152 39.66 -24.87 19.64
C THR A 152 39.84 -24.20 18.29
N TYR A 153 39.28 -24.80 17.23
CA TYR A 153 39.37 -24.24 15.89
C TYR A 153 38.42 -23.05 15.76
N PRO A 154 38.90 -21.90 15.28
CA PRO A 154 38.08 -20.68 15.32
C PRO A 154 37.07 -20.57 14.19
N GLN A 155 36.74 -21.69 13.54
CA GLN A 155 35.80 -21.72 12.42
C GLN A 155 36.31 -20.85 11.27
N VAL A 156 35.69 -19.68 11.07
CA VAL A 156 36.09 -18.83 9.96
C VAL A 156 37.44 -18.19 10.26
N ILE A 157 38.37 -18.33 9.33
CA ILE A 157 39.69 -17.73 9.42
C ILE A 157 40.07 -17.19 8.04
N TYR A 158 40.59 -15.97 7.99
CA TYR A 158 40.78 -15.25 6.75
C TYR A 158 42.26 -15.16 6.41
N HIS A 159 42.62 -15.54 5.19
CA HIS A 159 44.00 -15.47 4.73
C HIS A 159 44.27 -14.13 4.06
N ARG A 160 45.55 -13.81 3.90
CA ARG A 160 45.96 -12.50 3.42
C ARG A 160 46.48 -12.52 1.98
N GLU A 161 47.44 -13.39 1.68
CA GLU A 161 47.95 -13.46 0.31
C GLU A 161 46.86 -13.86 -0.67
N LEU A 162 46.11 -14.90 -0.33
CA LEU A 162 44.90 -15.24 -1.09
C LEU A 162 43.75 -14.36 -0.61
N ASN A 163 42.53 -14.70 -1.05
CA ASN A 163 41.34 -14.01 -0.57
C ASN A 163 40.33 -15.00 0.00
N VAL A 164 40.76 -16.23 0.25
CA VAL A 164 39.87 -17.27 0.75
C VAL A 164 39.55 -17.01 2.22
N GLU A 165 38.26 -17.08 2.56
CA GLU A 165 37.83 -17.05 3.96
C GLU A 165 37.50 -18.48 4.36
N GLN A 166 38.53 -19.22 4.75
CA GLN A 166 38.41 -20.65 5.01
C GLN A 166 37.58 -20.88 6.26
N VAL A 167 36.47 -21.62 6.13
CA VAL A 167 35.69 -22.07 7.27
C VAL A 167 36.20 -23.45 7.67
N VAL A 168 36.60 -23.58 8.94
CA VAL A 168 37.23 -24.83 9.38
C VAL A 168 36.22 -25.96 9.43
N TYR A 169 35.03 -25.70 9.99
CA TYR A 169 34.03 -26.75 10.11
C TYR A 169 32.65 -26.14 10.01
N LEU A 170 31.66 -26.99 9.73
CA LEU A 170 30.28 -26.57 9.60
C LEU A 170 29.37 -27.68 10.10
N LYS A 171 28.36 -27.31 10.88
CA LYS A 171 27.44 -28.27 11.48
C LYS A 171 26.02 -27.97 11.01
N ILE A 172 25.34 -28.99 10.48
CA ILE A 172 23.97 -28.86 9.99
C ILE A 172 23.14 -30.01 10.57
N ASP A 173 21.83 -29.84 10.49
CA ASP A 173 20.87 -30.82 10.98
C ASP A 173 19.99 -31.32 9.85
N CYS A 174 19.79 -32.62 9.79
CA CYS A 174 18.86 -33.19 8.82
C CYS A 174 17.44 -32.77 9.12
N SER A 175 16.66 -32.53 8.07
CA SER A 175 15.27 -32.14 8.24
C SER A 175 14.43 -33.35 8.68
N HIS A 176 13.40 -33.06 9.48
CA HIS A 176 12.51 -34.12 9.95
C HIS A 176 11.76 -34.77 8.78
N ASN A 177 11.41 -33.99 7.76
CA ASN A 177 10.79 -34.56 6.57
C ASN A 177 11.71 -35.55 5.87
N GLY A 178 13.01 -35.25 5.85
CA GLY A 178 13.96 -36.09 5.15
C GLY A 178 14.01 -35.88 3.66
N SER A 179 13.47 -34.77 3.17
CA SER A 179 13.40 -34.53 1.73
C SER A 179 14.79 -34.21 1.18
N LEU A 180 14.90 -34.30 -0.15
CA LEU A 180 16.20 -34.10 -0.80
C LEU A 180 16.58 -32.63 -0.85
N LYS A 181 15.60 -31.72 -0.84
CA LYS A 181 15.82 -30.30 -1.02
C LYS A 181 15.78 -29.56 0.31
N GLU A 182 16.27 -30.21 1.37
CA GLU A 182 16.29 -29.56 2.69
C GLU A 182 17.69 -29.55 3.27
N ILE A 183 18.47 -30.62 3.02
CA ILE A 183 19.88 -30.61 3.40
C ILE A 183 20.62 -29.53 2.62
N CYS A 184 20.37 -29.46 1.30
CA CYS A 184 20.98 -28.47 0.44
C CYS A 184 20.43 -27.08 0.66
N LEU A 185 19.54 -26.89 1.64
CA LEU A 185 19.06 -25.58 2.02
C LEU A 185 19.51 -25.17 3.41
N ASN A 186 19.44 -26.07 4.40
CA ASN A 186 19.99 -25.71 5.70
C ASN A 186 21.52 -25.67 5.66
N PHE A 187 22.15 -26.32 4.69
CA PHE A 187 23.58 -26.10 4.47
C PHE A 187 23.85 -24.66 4.07
N PHE A 188 23.07 -24.13 3.12
CA PHE A 188 23.25 -22.76 2.69
C PHE A 188 22.81 -21.77 3.78
N ARG A 189 21.98 -22.20 4.72
CA ARG A 189 21.65 -21.35 5.86
C ARG A 189 22.78 -21.35 6.88
N ALA A 190 23.42 -22.50 7.10
CA ALA A 190 24.54 -22.55 8.02
C ALA A 190 25.81 -21.93 7.45
N LEU A 191 25.93 -21.85 6.13
CA LEU A 191 27.10 -21.25 5.49
C LEU A 191 26.92 -19.78 5.21
N ASP A 192 25.83 -19.16 5.66
CA ASP A 192 25.74 -17.71 5.69
C ASP A 192 25.28 -17.15 7.03
N ARG A 193 24.86 -18.01 7.97
CA ARG A 193 24.78 -17.55 9.36
C ARG A 193 26.16 -17.25 9.92
N ALA A 194 27.12 -18.12 9.66
CA ALA A 194 28.47 -18.00 10.20
C ALA A 194 29.41 -17.20 9.29
N LEU A 195 28.89 -16.61 8.21
CA LEU A 195 29.72 -15.88 7.27
C LEU A 195 29.21 -14.49 6.94
N GLY A 196 27.92 -14.21 7.11
CA GLY A 196 27.38 -12.89 6.87
C GLY A 196 26.93 -12.61 5.45
N SER A 197 26.97 -13.60 4.57
CA SER A 197 26.58 -13.46 3.18
C SER A 197 25.14 -13.95 3.00
N ASN A 198 24.70 -14.06 1.75
CA ASN A 198 23.39 -14.63 1.43
C ASN A 198 23.56 -15.62 0.28
N TYR A 199 23.87 -16.87 0.61
CA TYR A 199 23.92 -17.92 -0.39
C TYR A 199 22.54 -18.48 -0.70
N GLU A 200 21.63 -18.47 0.29
CA GLU A 200 20.30 -19.01 0.10
C GLU A 200 19.52 -18.23 -0.95
N ARG A 201 19.63 -16.89 -0.92
CA ARG A 201 18.89 -16.06 -1.86
C ARG A 201 19.41 -16.23 -3.29
N ARG A 202 20.64 -16.70 -3.46
CA ARG A 202 21.13 -17.04 -4.80
C ARG A 202 20.68 -18.44 -5.21
N TYR A 203 21.03 -19.43 -4.42
CA TYR A 203 21.05 -20.82 -4.87
C TYR A 203 19.79 -21.60 -4.52
N GLY A 204 18.89 -21.03 -3.71
CA GLY A 204 17.72 -21.76 -3.29
C GLY A 204 16.40 -21.15 -3.72
N LEU A 205 16.39 -19.83 -3.88
CA LEU A 205 15.15 -19.14 -4.24
C LEU A 205 14.69 -19.52 -5.65
N LYS A 206 15.63 -19.70 -6.57
CA LYS A 206 15.28 -19.98 -7.96
C LYS A 206 14.69 -21.38 -8.10
N ARG A 207 13.93 -21.56 -9.17
CA ARG A 207 13.33 -22.86 -9.49
C ARG A 207 14.38 -23.80 -10.07
N HIS A 208 15.20 -24.38 -9.20
CA HIS A 208 16.29 -25.25 -9.62
C HIS A 208 15.88 -26.72 -9.49
N GLY A 209 16.68 -27.58 -10.11
CA GLY A 209 16.47 -29.01 -10.03
C GLY A 209 17.01 -29.57 -8.73
N ILE A 210 17.39 -30.85 -8.78
CA ILE A 210 17.98 -31.53 -7.64
C ILE A 210 19.46 -31.83 -7.86
N GLU A 211 19.83 -32.21 -9.09
CA GLU A 211 21.25 -32.43 -9.38
C GLU A 211 22.01 -31.11 -9.41
N THR A 212 21.37 -30.06 -9.93
CA THR A 212 22.00 -28.74 -9.95
C THR A 212 22.28 -28.25 -8.54
N MET A 213 21.28 -28.36 -7.65
CA MET A 213 21.45 -27.91 -6.27
C MET A 213 22.14 -28.93 -5.39
N LEU A 214 22.48 -30.11 -5.92
CA LEU A 214 23.33 -31.05 -5.22
C LEU A 214 24.79 -30.88 -5.61
N ALA A 215 25.06 -30.39 -6.82
CA ALA A 215 26.42 -30.06 -7.23
C ALA A 215 26.83 -28.65 -6.84
N LEU A 216 25.87 -27.73 -6.78
CA LEU A 216 26.19 -26.36 -6.35
C LEU A 216 26.70 -26.33 -4.92
N MET A 217 26.10 -27.14 -4.04
CA MET A 217 26.58 -27.22 -2.67
C MET A 217 28.00 -27.79 -2.62
N SER A 218 28.27 -28.85 -3.39
CA SER A 218 29.59 -29.44 -3.40
C SER A 218 30.64 -28.52 -4.01
N GLN A 219 30.23 -27.56 -4.84
CA GLN A 219 31.19 -26.61 -5.38
C GLN A 219 31.39 -25.41 -4.46
N ILE A 220 30.32 -24.92 -3.82
CA ILE A 220 30.46 -23.81 -2.89
C ILE A 220 31.11 -24.25 -1.58
N ALA A 221 31.15 -25.55 -1.31
CA ALA A 221 31.91 -26.07 -0.18
C ALA A 221 33.39 -26.25 -0.51
N ASN A 222 33.80 -25.94 -1.75
CA ASN A 222 35.20 -25.90 -2.12
C ASN A 222 35.64 -24.52 -2.60
N ALA A 223 34.71 -23.62 -2.89
CA ALA A 223 35.09 -22.22 -3.08
C ALA A 223 35.69 -21.65 -1.80
N HIS A 224 35.09 -21.98 -0.66
CA HIS A 224 35.72 -21.84 0.64
C HIS A 224 36.31 -23.18 1.02
N ALA A 225 37.55 -23.18 1.50
CA ALA A 225 38.22 -24.44 1.82
C ALA A 225 37.64 -25.06 3.08
N LEU A 226 36.41 -25.56 2.98
CA LEU A 226 35.76 -26.17 4.13
C LEU A 226 36.51 -27.43 4.55
N GLY A 227 36.58 -27.66 5.85
CA GLY A 227 37.44 -28.71 6.37
C GLY A 227 36.70 -29.92 6.90
N LEU A 228 35.51 -29.72 7.44
CA LEU A 228 34.75 -30.82 8.04
C LEU A 228 33.28 -30.46 8.07
N LEU A 229 32.47 -31.18 7.32
CA LEU A 229 31.02 -31.01 7.33
C LEU A 229 30.42 -32.10 8.22
N VAL A 230 30.02 -31.72 9.43
CA VAL A 230 29.48 -32.66 10.41
C VAL A 230 27.96 -32.52 10.45
N ILE A 231 27.27 -33.66 10.36
CA ILE A 231 25.81 -33.70 10.33
C ILE A 231 25.32 -34.46 11.55
N ASP A 232 24.41 -33.85 12.30
CA ASP A 232 23.83 -34.45 13.49
C ASP A 232 22.36 -34.80 13.22
N GLU A 233 21.87 -35.75 14.02
CA GLU A 233 20.50 -36.27 13.90
C GLU A 233 20.26 -36.86 12.50
N ILE A 234 21.04 -37.90 12.19
CA ILE A 234 20.91 -38.59 10.91
C ILE A 234 19.73 -39.55 10.88
N GLN A 235 19.07 -39.76 12.02
CA GLN A 235 17.93 -40.68 12.10
C GLN A 235 16.76 -40.22 11.25
N HIS A 236 16.71 -38.93 10.88
CA HIS A 236 15.53 -38.38 10.23
C HIS A 236 15.31 -38.90 8.82
N LEU A 237 16.32 -39.53 8.20
CA LEU A 237 16.19 -39.95 6.82
C LEU A 237 15.27 -41.16 6.67
N SER A 238 15.07 -41.94 7.74
CA SER A 238 14.21 -43.12 7.65
C SER A 238 12.74 -42.76 7.55
N ARG A 239 12.36 -41.53 7.87
CA ARG A 239 10.98 -41.08 7.79
C ARG A 239 10.68 -40.38 6.46
N SER A 240 11.63 -40.38 5.53
CA SER A 240 11.48 -39.69 4.27
C SER A 240 10.60 -40.50 3.31
N ARG A 241 10.34 -39.91 2.14
CA ARG A 241 9.52 -40.56 1.13
C ARG A 241 10.27 -41.74 0.53
N SER A 242 9.51 -42.63 -0.13
CA SER A 242 10.08 -43.86 -0.67
C SER A 242 11.11 -43.55 -1.75
N GLY A 243 12.23 -44.27 -1.70
CA GLY A 243 13.29 -44.12 -2.66
C GLY A 243 14.27 -43.00 -2.38
N GLY A 244 14.07 -42.24 -1.30
CA GLY A 244 14.95 -41.15 -0.94
C GLY A 244 15.94 -41.44 0.15
N SER A 245 15.88 -42.62 0.78
CA SER A 245 16.81 -42.94 1.86
C SER A 245 18.20 -43.29 1.33
N GLN A 246 18.27 -43.99 0.20
CA GLN A 246 19.55 -44.42 -0.34
C GLN A 246 20.27 -43.29 -1.08
N GLU A 247 19.54 -42.28 -1.55
CA GLU A 247 20.18 -41.20 -2.31
C GLU A 247 21.18 -40.43 -1.45
N MET A 248 20.81 -40.13 -0.20
CA MET A 248 21.78 -39.52 0.71
C MET A 248 22.91 -40.48 1.06
N LEU A 249 22.59 -41.77 1.20
CA LEU A 249 23.63 -42.75 1.53
C LEU A 249 24.64 -42.92 0.40
N ASN A 250 24.28 -42.54 -0.83
CA ASN A 250 25.25 -42.50 -1.92
C ASN A 250 25.89 -41.14 -2.10
N PHE A 251 25.16 -40.06 -1.82
CA PHE A 251 25.71 -38.72 -1.99
C PHE A 251 26.71 -38.37 -0.91
N PHE A 252 26.58 -38.93 0.30
CA PHE A 252 27.52 -38.68 1.38
C PHE A 252 28.68 -39.66 1.38
N VAL A 253 28.74 -40.57 0.41
CA VAL A 253 29.94 -41.33 0.14
C VAL A 253 30.59 -40.92 -1.18
N THR A 254 29.83 -40.31 -2.10
CA THR A 254 30.44 -39.71 -3.28
C THR A 254 31.17 -38.41 -2.93
N MET A 255 30.56 -37.60 -2.05
CA MET A 255 31.19 -36.33 -1.67
C MET A 255 32.50 -36.55 -0.93
N VAL A 256 32.55 -37.57 -0.07
CA VAL A 256 33.78 -37.87 0.66
C VAL A 256 34.87 -38.33 -0.31
N ASN A 257 34.49 -39.07 -1.34
CA ASN A 257 35.46 -39.66 -2.26
C ASN A 257 35.82 -38.74 -3.42
N ILE A 258 34.82 -38.12 -4.06
CA ILE A 258 35.07 -37.36 -5.28
C ILE A 258 35.40 -35.91 -4.96
N ILE A 259 34.47 -35.21 -4.30
CA ILE A 259 34.66 -33.79 -4.02
C ILE A 259 35.81 -33.58 -3.05
N GLY A 260 35.91 -34.42 -2.02
CA GLY A 260 37.02 -34.37 -1.09
C GLY A 260 36.77 -33.68 0.23
N VAL A 261 35.53 -33.26 0.50
CA VAL A 261 35.20 -32.64 1.77
C VAL A 261 34.94 -33.73 2.80
N PRO A 262 35.74 -33.80 3.87
CA PRO A 262 35.48 -34.82 4.90
C PRO A 262 34.13 -34.61 5.56
N VAL A 263 33.46 -35.71 5.87
CA VAL A 263 32.11 -35.68 6.43
C VAL A 263 32.06 -36.61 7.64
N MET A 264 31.50 -36.11 8.75
CA MET A 264 31.29 -36.91 9.95
C MET A 264 29.80 -36.90 10.27
N LEU A 265 29.24 -38.09 10.46
CA LEU A 265 27.80 -38.26 10.70
C LEU A 265 27.58 -38.83 12.09
N ILE A 266 26.70 -38.18 12.85
CA ILE A 266 26.34 -38.61 14.19
C ILE A 266 24.84 -38.87 14.23
N GLY A 267 24.46 -40.04 14.76
CA GLY A 267 23.06 -40.42 14.82
C GLY A 267 22.76 -41.26 16.04
N THR A 268 21.48 -41.39 16.33
CA THR A 268 21.03 -42.15 17.48
C THR A 268 21.15 -43.66 17.20
N PRO A 269 21.20 -44.48 18.26
CA PRO A 269 21.28 -45.92 18.08
C PRO A 269 20.24 -46.51 17.12
N LYS A 270 19.11 -45.84 16.89
CA LYS A 270 18.12 -46.36 15.96
C LYS A 270 18.62 -46.35 14.52
N ALA A 271 19.69 -45.62 14.23
CA ALA A 271 20.15 -45.39 12.87
C ALA A 271 21.21 -46.40 12.41
N ARG A 272 21.34 -47.54 13.07
CA ARG A 272 22.22 -48.58 12.53
C ARG A 272 21.59 -49.31 11.36
N GLU A 273 20.27 -49.54 11.41
CA GLU A 273 19.61 -50.35 10.38
C GLU A 273 19.56 -49.62 9.04
N ILE A 274 19.40 -48.29 9.07
CA ILE A 274 19.26 -47.55 7.82
C ILE A 274 20.58 -47.50 7.06
N PHE A 275 21.70 -47.49 7.75
CA PHE A 275 23.01 -47.44 7.10
C PHE A 275 23.34 -48.76 6.42
N PHE A 288 33.72 -46.21 5.15
CA PHE A 288 33.51 -45.36 6.31
C PHE A 288 33.82 -46.11 7.60
N GLY A 289 34.35 -45.39 8.59
CA GLY A 289 34.65 -45.97 9.88
C GLY A 289 33.41 -46.13 10.74
N ALA A 290 33.63 -46.67 11.94
CA ALA A 290 32.55 -46.87 12.90
C ALA A 290 33.10 -46.75 14.30
N ILE A 291 32.50 -45.87 15.10
CA ILE A 291 32.87 -45.67 16.50
C ILE A 291 31.60 -45.69 17.32
N PHE A 292 31.56 -46.54 18.34
CA PHE A 292 30.40 -46.71 19.21
C PHE A 292 30.72 -46.21 20.61
N TRP A 293 29.79 -45.45 21.18
CA TRP A 293 29.91 -44.94 22.54
C TRP A 293 28.91 -45.64 23.44
N ASP A 294 29.28 -45.81 24.71
CA ASP A 294 28.43 -46.45 25.69
C ASP A 294 28.33 -45.59 26.94
N PRO A 295 27.20 -45.66 27.65
CA PRO A 295 27.10 -44.99 28.94
C PRO A 295 28.08 -45.59 29.94
N ILE A 296 28.54 -44.75 30.87
CA ILE A 296 29.57 -45.18 31.81
C ILE A 296 29.04 -46.28 32.71
N GLN A 297 29.88 -47.28 32.97
CA GLN A 297 29.59 -48.36 33.90
C GLN A 297 30.64 -48.33 35.00
N GLN A 298 30.19 -48.31 36.26
CA GLN A 298 31.11 -48.14 37.37
C GLN A 298 32.01 -49.34 37.59
N THR A 299 31.59 -50.53 37.16
CA THR A 299 32.36 -51.75 37.37
C THR A 299 32.90 -52.24 36.04
N GLN A 300 34.23 -52.32 35.93
CA GLN A 300 34.85 -52.88 34.73
C GLN A 300 34.90 -54.40 34.81
N ARG A 301 35.65 -54.93 35.78
CA ARG A 301 35.70 -56.37 36.03
C ARG A 301 35.12 -56.74 37.38
N GLY A 302 35.65 -56.17 38.47
CA GLY A 302 35.13 -56.47 39.79
C GLY A 302 35.24 -55.32 40.77
N LYS A 303 35.61 -54.13 40.30
CA LYS A 303 35.87 -53.00 41.15
C LYS A 303 35.20 -51.76 40.60
N PRO A 304 34.75 -50.85 41.48
CA PRO A 304 34.32 -49.53 41.01
C PRO A 304 35.45 -48.82 40.26
N ASN A 305 35.09 -48.16 39.17
CA ASN A 305 36.08 -47.65 38.23
C ASN A 305 36.55 -46.26 38.61
N GLN A 306 37.80 -45.98 38.25
CA GLN A 306 38.43 -44.71 38.59
C GLN A 306 37.71 -43.55 37.92
N GLU A 307 37.26 -43.75 36.67
CA GLU A 307 36.58 -42.67 35.95
C GLU A 307 35.28 -42.27 36.66
N TRP A 308 34.47 -43.25 37.04
CA TRP A 308 33.22 -42.96 37.75
C TRP A 308 33.49 -42.36 39.12
N ILE A 309 34.49 -42.89 39.84
CA ILE A 309 34.80 -42.36 41.16
C ILE A 309 35.25 -40.90 41.05
N ALA A 310 36.11 -40.59 40.09
CA ALA A 310 36.57 -39.22 39.90
C ALA A 310 35.44 -38.30 39.48
N PHE A 311 34.58 -38.77 38.57
CA PHE A 311 33.43 -37.97 38.15
C PHE A 311 32.56 -37.59 39.34
N THR A 312 32.22 -38.57 40.18
CA THR A 312 31.38 -38.28 41.33
C THR A 312 32.10 -37.41 42.35
N ASP A 313 33.39 -37.66 42.60
CA ASP A 313 34.11 -36.92 43.63
C ASP A 313 34.34 -35.47 43.19
N ASN A 314 34.36 -35.20 41.88
CA ASN A 314 34.51 -33.83 41.41
C ASN A 314 33.16 -33.13 41.25
N LEU A 315 32.10 -33.89 40.94
CA LEU A 315 30.75 -33.31 40.97
C LEU A 315 30.32 -32.98 42.40
N TRP A 316 30.92 -33.64 43.39
CA TRP A 316 30.58 -33.37 44.79
C TRP A 316 30.78 -31.90 45.14
N GLN A 317 31.94 -31.33 44.80
CA GLN A 317 32.31 -30.00 45.27
C GLN A 317 31.42 -28.90 44.70
N LEU A 318 30.62 -29.19 43.67
CA LEU A 318 29.70 -28.20 43.11
C LEU A 318 28.40 -28.18 43.92
N GLN A 319 28.53 -27.79 45.18
CA GLN A 319 27.41 -27.69 46.12
C GLN A 319 27.33 -26.30 46.70
N LEU A 320 26.11 -25.79 46.85
CA LEU A 320 25.86 -24.56 47.60
C LEU A 320 24.90 -24.79 48.76
N LEU A 321 24.82 -26.03 49.25
CA LEU A 321 24.09 -26.30 50.48
C LEU A 321 24.82 -25.67 51.66
N GLN A 322 24.04 -25.10 52.60
CA GLN A 322 24.64 -24.52 53.79
C GLN A 322 25.26 -25.58 54.71
N ARG A 323 24.85 -26.84 54.57
CA ARG A 323 25.40 -27.95 55.33
C ARG A 323 25.78 -29.07 54.37
N LYS A 324 26.76 -29.87 54.77
CA LYS A 324 27.21 -30.99 53.94
C LYS A 324 28.04 -31.94 54.81
N ASP A 325 28.58 -32.97 54.17
CA ASP A 325 29.44 -33.94 54.82
C ASP A 325 30.77 -34.02 54.08
N ALA A 326 31.80 -34.45 54.79
CA ALA A 326 33.16 -34.40 54.25
C ALA A 326 33.36 -35.41 53.13
N LEU A 327 32.93 -36.66 53.34
CA LEU A 327 33.22 -37.75 52.43
C LEU A 327 31.93 -38.40 51.95
N LEU A 328 31.93 -38.79 50.68
CA LEU A 328 30.80 -39.53 50.12
C LEU A 328 30.77 -40.95 50.68
N SER A 329 29.56 -41.53 50.71
CA SER A 329 29.38 -42.89 51.19
C SER A 329 29.11 -43.84 50.04
N ASP A 330 29.51 -45.09 50.22
CA ASP A 330 29.28 -46.11 49.20
C ASP A 330 27.80 -46.34 48.99
N GLU A 331 26.98 -46.22 50.05
CA GLU A 331 25.55 -46.38 49.89
C GLU A 331 24.96 -45.29 49.00
N VAL A 332 25.38 -44.04 49.22
CA VAL A 332 24.90 -42.95 48.37
C VAL A 332 25.38 -43.13 46.94
N ARG A 333 26.64 -43.58 46.77
CA ARG A 333 27.15 -43.83 45.42
C ARG A 333 26.34 -44.91 44.71
N ASP A 334 26.00 -46.00 45.42
CA ASP A 334 25.21 -47.06 44.84
C ASP A 334 23.80 -46.59 44.51
N VAL A 335 23.20 -45.76 45.37
CA VAL A 335 21.88 -45.23 45.09
C VAL A 335 21.90 -44.34 43.85
N TRP A 336 22.92 -43.50 43.73
CA TRP A 336 23.05 -42.65 42.56
C TRP A 336 23.20 -43.48 41.28
N TYR A 337 24.05 -44.51 41.34
CA TYR A 337 24.23 -45.38 40.18
C TYR A 337 22.94 -46.11 39.82
N GLU A 338 22.21 -46.61 40.82
CA GLU A 338 20.97 -47.34 40.57
C GLU A 338 19.93 -46.43 39.95
N LEU A 339 19.83 -45.19 40.43
CA LEU A 339 18.86 -44.25 39.87
C LEU A 339 19.27 -43.75 38.49
N SER A 340 20.56 -43.76 38.18
CA SER A 340 20.99 -43.25 36.87
C SER A 340 21.04 -44.31 35.78
N GLN A 341 21.41 -45.56 36.12
CA GLN A 341 21.61 -46.64 35.16
C GLN A 341 22.70 -46.33 34.14
N GLY A 342 23.62 -45.42 34.48
CA GLY A 342 24.83 -45.21 33.71
C GLY A 342 24.78 -44.11 32.68
N VAL A 343 23.61 -43.59 32.33
CA VAL A 343 23.50 -42.55 31.32
C VAL A 343 24.02 -41.23 31.88
N MET A 344 24.68 -40.45 31.03
CA MET A 344 25.45 -39.31 31.50
C MET A 344 24.56 -38.17 31.98
N ASP A 345 23.54 -37.80 31.20
CA ASP A 345 22.76 -36.60 31.49
C ASP A 345 21.96 -36.74 32.78
N ILE A 346 21.43 -37.94 33.04
CA ILE A 346 20.54 -38.13 34.18
C ILE A 346 21.29 -37.95 35.50
N VAL A 347 22.59 -38.24 35.53
CA VAL A 347 23.35 -38.00 36.76
C VAL A 347 23.29 -36.53 37.15
N VAL A 348 23.63 -35.64 36.21
CA VAL A 348 23.63 -34.21 36.49
C VAL A 348 22.21 -33.72 36.75
N LYS A 349 21.24 -34.21 35.97
CA LYS A 349 19.86 -33.79 36.16
C LYS A 349 19.36 -34.17 37.55
N LEU A 350 19.62 -35.41 37.97
CA LEU A 350 19.22 -35.87 39.29
C LEU A 350 19.88 -35.08 40.39
N PHE A 351 21.18 -34.80 40.25
CA PHE A 351 21.88 -34.05 41.29
C PHE A 351 21.33 -32.64 41.43
N VAL A 352 21.10 -31.95 40.31
CA VAL A 352 20.59 -30.58 40.40
C VAL A 352 19.15 -30.56 40.91
N LEU A 353 18.33 -31.53 40.49
CA LEU A 353 16.95 -31.58 41.00
C LEU A 353 16.93 -31.90 42.48
N ALA A 354 17.82 -32.78 42.95
CA ALA A 354 17.87 -33.09 44.37
C ALA A 354 18.30 -31.87 45.18
N GLN A 355 19.28 -31.12 44.68
CA GLN A 355 19.65 -29.87 45.35
C GLN A 355 18.49 -28.89 45.37
N LEU A 356 17.79 -28.74 44.24
CA LEU A 356 16.69 -27.79 44.19
C LEU A 356 15.60 -28.17 45.18
N ARG A 357 15.27 -29.46 45.27
CA ARG A 357 14.25 -29.91 46.21
C ARG A 357 14.71 -29.76 47.65
N ALA A 358 16.01 -29.96 47.94
CA ALA A 358 16.51 -29.77 49.30
C ALA A 358 16.42 -28.31 49.72
N LEU A 359 16.85 -27.39 48.87
CA LEU A 359 16.70 -25.96 49.17
C LEU A 359 15.24 -25.56 49.29
N ALA A 360 14.36 -26.10 48.44
CA ALA A 360 12.94 -25.79 48.57
C ALA A 360 12.35 -26.31 49.87
N LEU A 361 12.71 -27.54 50.26
CA LEU A 361 12.13 -28.15 51.46
C LEU A 361 12.62 -27.44 52.73
N GLY A 362 13.91 -27.11 52.78
CA GLY A 362 14.42 -26.45 53.97
C GLY A 362 15.45 -27.25 54.73
N ASN A 363 15.63 -28.50 54.32
CA ASN A 363 16.74 -29.31 54.80
C ASN A 363 17.97 -28.97 53.95
N GLU A 364 19.06 -28.57 54.60
CA GLU A 364 20.29 -28.18 53.93
C GLU A 364 21.26 -29.35 53.75
N ARG A 365 20.75 -30.57 53.61
CA ARG A 365 21.60 -31.74 53.45
C ARG A 365 20.97 -32.66 52.42
N ILE A 366 21.83 -33.39 51.70
CA ILE A 366 21.42 -34.29 50.62
C ILE A 366 21.67 -35.72 51.07
N THR A 367 20.77 -36.62 50.69
CA THR A 367 20.86 -38.02 51.13
C THR A 367 20.17 -38.92 50.11
N ALA A 368 20.26 -40.23 50.35
CA ALA A 368 19.77 -41.21 49.39
C ALA A 368 18.25 -41.21 49.31
N GLY A 369 17.56 -41.13 50.44
CA GLY A 369 16.11 -41.04 50.41
C GLY A 369 15.63 -39.76 49.74
N LEU A 370 16.35 -38.66 49.97
CA LEU A 370 16.05 -37.42 49.28
C LEU A 370 16.21 -37.60 47.77
N LEU A 371 17.28 -38.26 47.34
CA LEU A 371 17.49 -38.53 45.92
C LEU A 371 16.35 -39.36 45.33
N ARG A 372 15.94 -40.40 46.07
CA ARG A 372 14.87 -41.27 45.59
C ARG A 372 13.56 -40.51 45.44
N GLN A 373 13.20 -39.72 46.45
CA GLN A 373 11.96 -38.97 46.38
C GLN A 373 12.02 -37.89 45.30
N VAL A 374 13.19 -37.27 45.10
CA VAL A 374 13.33 -36.28 44.04
C VAL A 374 13.11 -36.91 42.68
N TYR A 375 13.74 -38.07 42.45
CA TYR A 375 13.54 -38.79 41.20
C TYR A 375 12.06 -39.12 41.00
N GLN A 376 11.45 -39.74 42.02
CA GLN A 376 10.07 -40.20 41.91
C GLN A 376 9.10 -39.05 41.66
N ASP A 377 9.34 -37.89 42.26
CA ASP A 377 8.40 -36.77 42.13
C ASP A 377 8.71 -35.84 40.97
N GLU A 378 9.92 -35.90 40.39
CA GLU A 378 10.29 -34.92 39.38
C GLU A 378 10.81 -35.54 38.08
N LEU A 379 10.69 -36.85 37.88
CA LEU A 379 11.05 -37.43 36.59
C LEU A 379 9.92 -38.34 36.08
N LYS A 380 8.70 -37.83 36.14
CA LYS A 380 7.54 -38.65 35.80
C LYS A 380 7.53 -39.13 34.35
N PRO A 381 7.85 -38.32 33.33
CA PRO A 381 7.99 -38.89 31.98
C PRO A 381 9.06 -39.97 31.88
N VAL A 382 10.04 -39.99 32.79
CA VAL A 382 11.24 -40.78 32.60
C VAL A 382 11.19 -42.11 33.36
N HIS A 383 10.30 -42.26 34.33
CA HIS A 383 10.19 -43.52 35.06
C HIS A 383 9.99 -44.76 34.19
N PRO A 384 9.17 -44.77 33.12
CA PRO A 384 9.03 -46.01 32.33
C PRO A 384 10.34 -46.56 31.79
N MET A 385 11.09 -45.76 31.02
CA MET A 385 12.29 -46.30 30.42
C MET A 385 13.45 -46.40 31.41
N LEU A 386 13.49 -45.57 32.45
CA LEU A 386 14.49 -45.79 33.50
C LEU A 386 14.22 -47.11 34.23
N GLU A 387 12.95 -47.41 34.52
CA GLU A 387 12.61 -48.71 35.11
C GLU A 387 12.95 -49.85 34.17
N ALA A 388 12.74 -49.65 32.86
CA ALA A 388 13.13 -50.65 31.88
C ALA A 388 14.63 -50.91 31.92
N LEU A 389 15.43 -49.84 31.96
CA LEU A 389 16.88 -49.99 32.06
C LEU A 389 17.28 -50.67 33.36
N ARG A 390 16.63 -50.32 34.47
CA ARG A 390 16.92 -50.94 35.75
C ARG A 390 16.59 -52.42 35.74
N SER A 391 15.47 -52.81 35.13
CA SER A 391 15.13 -54.22 35.00
C SER A 391 16.14 -54.96 34.12
N GLY A 392 16.55 -54.33 33.02
CA GLY A 392 17.57 -54.91 32.17
C GLY A 392 17.14 -56.09 31.33
N ILE A 393 15.83 -56.31 31.18
CA ILE A 393 15.35 -57.42 30.36
C ILE A 393 15.75 -57.18 28.91
N PRO A 394 16.33 -58.18 28.23
CA PRO A 394 16.69 -57.98 26.81
C PRO A 394 15.49 -57.68 25.93
N GLU A 395 14.33 -58.27 26.21
CA GLU A 395 13.13 -57.95 25.42
C GLU A 395 12.73 -56.49 25.60
N ARG A 396 12.76 -56.00 26.84
CA ARG A 396 12.41 -54.60 27.08
C ARG A 396 13.45 -53.65 26.48
N ILE A 397 14.72 -54.06 26.46
CA ILE A 397 15.76 -53.26 25.82
C ILE A 397 15.51 -53.19 24.31
N ALA A 398 15.20 -54.33 23.69
CA ALA A 398 14.89 -54.34 22.27
C ALA A 398 13.62 -53.56 21.97
N ARG A 399 12.70 -53.48 22.94
CA ARG A 399 11.52 -52.64 22.77
C ARG A 399 11.91 -51.17 22.72
N TYR A 400 10.99 -50.36 22.20
CA TYR A 400 11.21 -48.93 21.98
C TYR A 400 12.42 -48.71 21.07
N SER A 401 13.04 -47.54 21.15
CA SER A 401 14.14 -47.18 20.26
C SER A 401 15.28 -46.56 21.05
N ASP A 402 16.46 -46.59 20.43
CA ASP A 402 17.70 -45.97 20.93
C ASP A 402 18.03 -46.34 22.37
N LEU A 403 17.60 -47.51 22.82
CA LEU A 403 18.12 -48.07 24.06
C LEU A 403 19.51 -48.63 23.85
N VAL A 404 20.33 -48.56 24.90
CA VAL A 404 21.68 -49.10 24.83
C VAL A 404 21.63 -50.61 24.73
N VAL A 405 22.47 -51.18 23.86
CA VAL A 405 22.51 -52.62 23.66
C VAL A 405 23.92 -53.07 23.30
N MET B 1 30.29 -10.01 -3.68
CA MET B 1 30.89 -11.33 -3.60
C MET B 1 31.82 -11.41 -2.39
N ARG B 2 32.13 -12.62 -1.95
CA ARG B 2 32.89 -12.85 -0.74
C ARG B 2 34.31 -13.33 -1.00
N ASN B 3 34.50 -14.26 -1.93
CA ASN B 3 35.83 -14.79 -2.27
C ASN B 3 36.14 -14.43 -3.71
N PHE B 4 36.67 -13.23 -3.91
CA PHE B 4 37.04 -12.76 -5.24
C PHE B 4 38.46 -13.21 -5.56
N PRO B 5 38.68 -13.87 -6.69
CA PRO B 5 40.04 -14.31 -7.03
C PRO B 5 40.97 -13.13 -7.26
N VAL B 6 42.23 -13.34 -6.90
CA VAL B 6 43.28 -12.34 -7.15
C VAL B 6 43.87 -12.60 -8.53
N PRO B 7 43.99 -11.56 -9.37
CA PRO B 7 44.52 -11.77 -10.72
C PRO B 7 45.97 -12.24 -10.69
N TYR B 8 46.33 -13.05 -11.68
CA TYR B 8 47.71 -13.48 -11.82
C TYR B 8 48.52 -12.39 -12.52
N SER B 9 49.81 -12.63 -12.70
CA SER B 9 50.66 -11.68 -13.40
C SER B 9 50.33 -11.69 -14.89
N ASN B 10 50.15 -10.50 -15.46
CA ASN B 10 49.83 -10.32 -16.88
C ASN B 10 48.55 -11.06 -17.25
N GLU B 11 47.45 -10.66 -16.62
CA GLU B 11 46.13 -11.20 -16.89
C GLU B 11 45.13 -10.06 -16.97
N LEU B 12 44.29 -10.09 -18.00
CA LEU B 12 43.18 -9.14 -18.09
C LEU B 12 42.22 -9.37 -16.94
N ILE B 13 41.64 -8.28 -16.44
CA ILE B 13 40.64 -8.39 -15.39
C ILE B 13 39.37 -9.07 -15.90
N TYR B 14 39.15 -9.08 -17.21
CA TYR B 14 38.02 -9.81 -17.78
C TYR B 14 38.13 -11.30 -17.48
N SER B 15 39.33 -11.87 -17.62
CA SER B 15 39.52 -13.27 -17.30
C SER B 15 39.42 -13.52 -15.80
N THR B 16 39.79 -12.54 -14.97
CA THR B 16 39.58 -12.68 -13.53
C THR B 16 38.09 -12.74 -13.19
N ILE B 17 37.28 -11.90 -13.84
CA ILE B 17 35.84 -11.95 -13.63
C ILE B 17 35.29 -13.30 -14.10
N ALA B 18 35.77 -13.78 -15.25
CA ALA B 18 35.31 -15.07 -15.76
C ALA B 18 35.68 -16.21 -14.81
N ARG B 19 36.88 -16.17 -14.24
CA ARG B 19 37.28 -17.22 -13.30
C ARG B 19 36.51 -17.12 -11.99
N ALA B 20 36.15 -15.90 -11.58
CA ALA B 20 35.26 -15.74 -10.43
C ALA B 20 33.91 -16.38 -10.70
N GLY B 21 33.40 -16.21 -11.92
CA GLY B 21 32.16 -16.89 -12.29
C GLY B 21 32.32 -18.40 -12.33
N VAL B 22 33.47 -18.89 -12.77
CA VAL B 22 33.71 -20.33 -12.83
C VAL B 22 33.79 -20.94 -11.43
N TYR B 23 34.44 -20.24 -10.50
CA TYR B 23 34.72 -20.82 -9.19
C TYR B 23 33.45 -21.10 -8.40
N GLN B 24 32.55 -20.12 -8.32
CA GLN B 24 31.40 -20.20 -7.42
C GLN B 24 30.14 -20.71 -8.12
N GLY B 25 30.30 -21.37 -9.27
CA GLY B 25 29.19 -22.08 -9.90
C GLY B 25 28.06 -21.22 -10.43
N ILE B 26 28.36 -20.03 -10.95
CA ILE B 26 27.36 -19.18 -11.58
C ILE B 26 27.45 -19.39 -13.09
N VAL B 27 26.32 -19.79 -13.69
CA VAL B 27 26.25 -20.09 -15.11
C VAL B 27 25.51 -18.99 -15.87
N SER B 28 24.36 -18.56 -15.36
CA SER B 28 23.61 -17.50 -16.02
C SER B 28 24.34 -16.18 -15.90
N PRO B 29 24.64 -15.50 -17.01
CA PRO B 29 25.40 -14.24 -16.92
C PRO B 29 24.71 -13.14 -16.13
N LYS B 30 23.37 -13.15 -16.08
CA LYS B 30 22.67 -12.13 -15.31
C LYS B 30 22.98 -12.24 -13.82
N GLN B 31 23.05 -13.46 -13.30
CA GLN B 31 23.46 -13.65 -11.91
C GLN B 31 24.89 -13.17 -11.69
N LEU B 32 25.77 -13.41 -12.67
CA LEU B 32 27.15 -12.97 -12.54
C LEU B 32 27.25 -11.45 -12.49
N LEU B 33 26.48 -10.75 -13.33
CA LEU B 33 26.44 -9.29 -13.25
C LEU B 33 25.76 -8.81 -11.96
N ASP B 34 24.79 -9.58 -11.46
CA ASP B 34 24.12 -9.20 -10.22
C ASP B 34 25.07 -9.28 -9.03
N GLU B 35 25.95 -10.28 -9.01
CA GLU B 35 26.83 -10.51 -7.87
C GLU B 35 28.15 -9.78 -7.96
N VAL B 36 28.76 -9.69 -9.16
CA VAL B 36 30.04 -9.02 -9.29
C VAL B 36 29.87 -7.50 -9.17
N TYR B 37 28.90 -6.95 -9.89
CA TYR B 37 28.71 -5.50 -9.95
C TYR B 37 27.49 -5.01 -9.20
N GLY B 38 26.38 -5.75 -9.26
CA GLY B 38 25.13 -5.32 -8.66
C GLY B 38 24.12 -4.79 -9.66
N ASN B 39 24.51 -4.58 -10.91
CA ASN B 39 23.62 -4.09 -11.94
C ASN B 39 23.73 -5.00 -13.16
N ARG B 40 22.68 -4.98 -13.98
CA ARG B 40 22.64 -5.76 -15.21
C ARG B 40 22.76 -4.89 -16.45
N LYS B 41 23.50 -3.79 -16.34
CA LYS B 41 23.70 -2.84 -17.43
C LYS B 41 25.17 -2.54 -17.63
N VAL B 42 26.00 -3.58 -17.61
CA VAL B 42 27.45 -3.45 -17.80
C VAL B 42 27.84 -4.25 -19.03
N VAL B 43 28.57 -3.60 -19.95
CA VAL B 43 29.00 -4.23 -21.18
C VAL B 43 30.38 -4.84 -20.97
N ALA B 44 30.55 -6.10 -21.37
CA ALA B 44 31.83 -6.78 -21.24
C ALA B 44 32.75 -6.39 -22.38
N THR B 45 33.92 -5.85 -22.06
CA THR B 45 34.89 -5.42 -23.05
C THR B 45 36.26 -5.96 -22.71
N LEU B 46 37.04 -6.25 -23.76
CA LEU B 46 38.43 -6.65 -23.63
C LEU B 46 39.32 -5.46 -23.94
N GLY B 47 40.12 -5.04 -22.97
CA GLY B 47 40.90 -3.83 -23.09
C GLY B 47 40.09 -2.60 -22.74
N LEU B 48 40.67 -1.70 -21.96
CA LEU B 48 39.98 -0.55 -21.41
C LEU B 48 38.64 -0.92 -20.76
N PRO B 49 38.65 -1.80 -19.75
CA PRO B 49 37.38 -2.16 -19.10
C PRO B 49 36.83 -1.02 -18.28
N SER B 50 35.50 -0.98 -18.18
CA SER B 50 34.80 0.06 -17.45
C SER B 50 34.30 -0.49 -16.12
N HIS B 51 33.74 0.42 -15.30
CA HIS B 51 33.21 0.09 -13.99
C HIS B 51 34.28 -0.48 -13.06
N LEU B 52 35.52 -0.07 -13.24
CA LEU B 52 36.56 -0.44 -12.30
C LEU B 52 36.33 0.30 -10.97
N GLY B 53 36.99 -0.19 -9.93
CA GLY B 53 36.75 0.31 -8.59
C GLY B 53 35.81 -0.60 -7.84
N VAL B 54 34.76 -1.06 -8.53
CA VAL B 54 33.92 -2.11 -7.99
C VAL B 54 34.72 -3.41 -7.88
N ILE B 55 35.55 -3.69 -8.89
CA ILE B 55 36.41 -4.87 -8.84
C ILE B 55 37.48 -4.72 -7.77
N ALA B 56 37.81 -3.49 -7.37
CA ALA B 56 38.81 -3.26 -6.34
C ALA B 56 38.20 -3.28 -4.94
N ARG B 57 36.93 -2.94 -4.80
CA ARG B 57 36.27 -2.99 -3.50
C ARG B 57 36.22 -4.41 -2.96
N HIS B 58 36.00 -5.40 -3.84
CA HIS B 58 36.06 -6.79 -3.43
C HIS B 58 37.46 -7.22 -3.03
N LEU B 59 38.49 -6.48 -3.47
CA LEU B 59 39.87 -6.73 -3.08
C LEU B 59 40.37 -5.72 -2.05
N HIS B 60 39.45 -5.14 -1.26
CA HIS B 60 39.81 -4.08 -0.33
C HIS B 60 40.77 -4.59 0.75
N GLN B 61 40.49 -5.77 1.31
CA GLN B 61 41.31 -6.27 2.40
C GLN B 61 42.72 -6.63 1.96
N THR B 62 42.95 -6.77 0.65
CA THR B 62 44.30 -6.89 0.10
C THR B 62 44.71 -5.48 -0.33
N GLY B 63 45.57 -4.85 0.48
CA GLY B 63 45.87 -3.44 0.30
C GLY B 63 46.69 -3.12 -0.92
N ARG B 64 47.35 -4.13 -1.52
CA ARG B 64 48.25 -3.86 -2.63
C ARG B 64 47.51 -3.58 -3.94
N TYR B 65 46.26 -4.02 -4.06
CA TYR B 65 45.49 -3.84 -5.30
C TYR B 65 44.55 -2.65 -5.15
N ALA B 66 44.72 -1.67 -6.04
CA ALA B 66 43.90 -0.47 -6.04
C ALA B 66 43.52 -0.16 -7.48
N VAL B 67 42.97 1.04 -7.70
CA VAL B 67 42.56 1.42 -9.06
C VAL B 67 43.77 1.56 -9.97
N GLN B 68 44.84 2.20 -9.48
CA GLN B 68 45.99 2.46 -10.33
C GLN B 68 46.72 1.17 -10.70
N GLN B 69 46.89 0.26 -9.75
CA GLN B 69 47.56 -1.01 -10.05
C GLN B 69 46.78 -1.80 -11.08
N LEU B 70 45.46 -1.89 -10.94
CA LEU B 70 44.64 -2.61 -11.90
C LEU B 70 44.66 -1.93 -13.26
N ILE B 71 44.70 -0.60 -13.28
CA ILE B 71 44.61 0.12 -14.55
C ILE B 71 45.94 0.18 -15.29
N TYR B 72 47.07 -0.03 -14.59
CA TYR B 72 48.37 -0.07 -15.26
C TYR B 72 48.92 -1.48 -15.46
N GLU B 73 48.40 -2.47 -14.76
CA GLU B 73 48.98 -3.81 -14.83
C GLU B 73 48.01 -4.90 -15.21
N HIS B 74 46.72 -4.60 -15.37
CA HIS B 74 45.78 -5.65 -15.74
C HIS B 74 44.79 -5.18 -16.82
N THR B 75 45.13 -4.14 -17.57
CA THR B 75 44.31 -3.67 -18.68
C THR B 75 45.19 -3.37 -19.88
N LEU B 76 44.63 -2.73 -20.90
CA LEU B 76 45.38 -2.35 -22.10
C LEU B 76 45.53 -0.85 -22.21
N PHE B 77 45.51 -0.15 -21.07
CA PHE B 77 45.66 1.30 -21.02
C PHE B 77 47.11 1.77 -21.20
N PRO B 78 48.13 1.11 -20.62
CA PRO B 78 49.49 1.62 -20.80
C PRO B 78 49.95 1.70 -22.24
N LEU B 79 49.35 0.92 -23.13
CA LEU B 79 49.69 1.03 -24.55
C LEU B 79 49.15 2.33 -25.15
N TYR B 80 47.99 2.79 -24.67
CA TYR B 80 47.39 4.03 -25.15
C TYR B 80 47.78 5.26 -24.35
N ALA B 81 48.48 5.10 -23.24
CA ALA B 81 48.71 6.20 -22.30
C ALA B 81 49.77 7.20 -22.76
N PRO B 82 51.00 6.79 -23.08
CA PRO B 82 52.05 7.80 -23.32
C PRO B 82 51.87 8.59 -24.60
N PHE B 83 51.03 8.13 -25.52
CA PHE B 83 50.91 8.75 -26.83
C PHE B 83 49.73 9.70 -26.96
N VAL B 84 48.68 9.51 -26.16
CA VAL B 84 47.51 10.37 -26.27
C VAL B 84 47.82 11.78 -25.76
N GLY B 85 48.63 11.89 -24.71
CA GLY B 85 48.95 13.18 -24.14
C GLY B 85 49.04 13.14 -22.64
N LYS B 86 48.75 14.27 -21.99
CA LYS B 86 48.81 14.36 -20.53
C LYS B 86 47.43 14.57 -19.91
N GLU B 87 46.72 15.63 -20.30
CA GLU B 87 45.40 15.90 -19.74
C GLU B 87 44.42 14.80 -20.14
N ARG B 88 44.45 14.39 -21.41
CA ARG B 88 43.57 13.32 -21.86
C ARG B 88 43.87 12.01 -21.14
N ARG B 89 45.14 11.70 -20.96
CA ARG B 89 45.51 10.48 -20.25
C ARG B 89 45.01 10.51 -18.81
N ASP B 90 45.24 11.62 -18.11
CA ASP B 90 44.81 11.73 -16.72
C ASP B 90 43.29 11.67 -16.61
N GLU B 91 42.59 12.32 -17.53
CA GLU B 91 41.13 12.31 -17.48
C GLU B 91 40.59 10.92 -17.76
N ALA B 92 41.23 10.17 -18.67
CA ALA B 92 40.84 8.79 -18.90
C ALA B 92 41.07 7.92 -17.67
N ILE B 93 42.22 8.12 -17.00
CA ILE B 93 42.49 7.36 -15.78
C ILE B 93 41.44 7.66 -14.73
N ARG B 94 41.10 8.93 -14.58
CA ARG B 94 40.13 9.36 -13.59
C ARG B 94 38.70 8.98 -13.95
N LEU B 95 38.43 8.70 -15.23
CA LEU B 95 37.09 8.37 -15.69
C LEU B 95 36.83 6.86 -15.70
N MET B 96 37.85 6.04 -15.90
CA MET B 96 37.65 4.59 -15.87
C MET B 96 37.24 4.09 -14.48
N GLU B 97 37.42 4.90 -13.44
CA GLU B 97 37.00 4.51 -12.10
C GLU B 97 35.48 4.62 -11.93
N TYR B 98 34.82 5.44 -12.74
CA TYR B 98 33.39 5.66 -12.59
C TYR B 98 32.61 4.74 -13.52
N GLN B 99 31.29 4.96 -13.60
CA GLN B 99 30.38 4.07 -14.30
C GLN B 99 30.24 4.38 -15.79
N ALA B 100 31.20 5.08 -16.37
CA ALA B 100 31.15 5.42 -17.79
C ALA B 100 31.69 4.25 -18.61
N GLN B 101 30.89 3.77 -19.56
CA GLN B 101 31.29 2.63 -20.40
C GLN B 101 31.78 3.08 -21.77
N GLY B 102 30.93 3.79 -22.52
CA GLY B 102 31.32 4.25 -23.85
C GLY B 102 32.18 5.50 -23.84
N ALA B 103 32.19 6.24 -22.72
CA ALA B 103 33.01 7.43 -22.63
C ALA B 103 34.49 7.09 -22.70
N VAL B 104 34.89 5.98 -22.07
CA VAL B 104 36.29 5.55 -22.11
C VAL B 104 36.72 5.26 -23.53
N HIS B 105 35.88 4.55 -24.28
CA HIS B 105 36.19 4.24 -25.67
C HIS B 105 36.22 5.49 -26.53
N LEU B 106 35.29 6.43 -26.30
CA LEU B 106 35.10 7.54 -27.21
C LEU B 106 35.98 8.76 -26.91
N MET B 107 36.48 8.89 -25.69
CA MET B 107 37.25 10.09 -25.34
C MET B 107 38.60 10.11 -26.06
N LEU B 108 39.33 9.01 -26.01
CA LEU B 108 40.62 8.93 -26.70
C LEU B 108 40.39 8.80 -28.19
N GLY B 109 40.88 9.77 -28.97
CA GLY B 109 40.72 9.72 -30.41
C GLY B 109 41.39 8.51 -31.02
N VAL B 110 42.54 8.10 -30.45
CA VAL B 110 43.21 6.89 -30.91
C VAL B 110 42.39 5.65 -30.58
N ALA B 111 41.70 5.66 -29.44
CA ALA B 111 40.91 4.51 -29.02
C ALA B 111 39.52 4.47 -29.65
N ALA B 112 39.15 5.49 -30.42
CA ALA B 112 37.85 5.50 -31.09
C ALA B 112 37.86 4.54 -32.28
N SER B 113 37.89 3.24 -32.00
CA SER B 113 37.98 2.24 -33.05
C SER B 113 36.65 1.99 -33.75
N ARG B 114 35.53 2.46 -33.18
CA ARG B 114 34.20 2.27 -33.74
C ARG B 114 33.90 0.79 -33.95
N VAL B 115 34.08 0.29 -35.18
CA VAL B 115 33.88 -1.12 -35.45
C VAL B 115 35.07 -1.90 -34.91
N LYS B 116 34.79 -3.06 -34.31
CA LYS B 116 35.84 -3.89 -33.74
C LYS B 116 36.74 -4.45 -34.84
N SER B 117 38.04 -4.53 -34.54
CA SER B 117 39.03 -5.03 -35.48
C SER B 117 39.38 -6.46 -35.11
N ASP B 118 38.56 -7.39 -35.62
CA ASP B 118 38.75 -8.83 -35.43
C ASP B 118 38.75 -9.18 -33.93
N ASN B 119 37.61 -8.95 -33.30
CA ASN B 119 37.47 -9.00 -31.85
C ASN B 119 37.32 -10.42 -31.30
N ARG B 120 37.55 -11.45 -32.10
CA ARG B 120 37.38 -12.80 -31.60
C ARG B 120 38.48 -13.17 -30.63
N PHE B 121 38.30 -14.32 -29.97
CA PHE B 121 39.22 -14.75 -28.91
C PHE B 121 40.42 -15.48 -29.50
N ARG B 122 41.57 -15.28 -28.87
CA ARG B 122 42.84 -15.83 -29.35
C ARG B 122 43.59 -16.50 -28.21
N TYR B 123 44.58 -17.32 -28.56
CA TYR B 123 45.50 -17.91 -27.60
C TYR B 123 46.79 -18.25 -28.33
N CYS B 124 47.67 -18.99 -27.67
CA CYS B 124 49.00 -19.30 -28.15
C CYS B 124 49.23 -20.81 -28.13
N PRO B 125 50.14 -21.32 -28.96
CA PRO B 125 50.42 -22.76 -28.93
C PRO B 125 51.13 -23.22 -27.66
N ASP B 126 52.15 -22.49 -27.22
CA ASP B 126 52.98 -22.93 -26.10
C ASP B 126 52.72 -22.18 -24.81
N CYS B 127 52.09 -21.01 -24.86
CA CYS B 127 51.81 -20.26 -23.64
C CYS B 127 50.83 -21.00 -22.74
N VAL B 128 49.84 -21.68 -23.33
CA VAL B 128 48.83 -22.38 -22.54
C VAL B 128 49.46 -23.51 -21.74
N ALA B 129 50.37 -24.27 -22.37
CA ALA B 129 51.04 -25.35 -21.66
C ALA B 129 51.88 -24.81 -20.50
N LEU B 130 52.59 -23.71 -20.73
CA LEU B 130 53.39 -23.10 -19.67
C LEU B 130 52.51 -22.63 -18.52
N GLN B 131 51.37 -22.01 -18.84
CA GLN B 131 50.46 -21.54 -17.80
C GLN B 131 49.88 -22.72 -17.01
N LEU B 132 49.52 -23.80 -17.69
CA LEU B 132 49.00 -24.98 -17.00
C LEU B 132 50.07 -25.61 -16.11
N ASN B 133 51.32 -25.64 -16.57
CA ASN B 133 52.40 -26.21 -15.77
C ASN B 133 52.74 -25.34 -14.58
N ARG B 134 52.61 -24.02 -14.71
CA ARG B 134 52.98 -23.11 -13.63
C ARG B 134 51.82 -22.75 -12.72
N TYR B 135 50.61 -22.60 -13.26
CA TYR B 135 49.44 -22.18 -12.50
C TYR B 135 48.39 -23.28 -12.32
N GLY B 136 48.19 -24.11 -13.34
CA GLY B 136 47.07 -25.03 -13.34
C GLY B 136 45.80 -24.44 -13.88
N GLU B 137 45.89 -23.37 -14.65
CA GLU B 137 44.71 -22.65 -15.15
C GLU B 137 45.12 -21.92 -16.43
N ALA B 138 44.12 -21.41 -17.13
CA ALA B 138 44.35 -20.65 -18.36
C ALA B 138 43.55 -19.37 -18.31
N PHE B 139 44.11 -18.30 -18.89
CA PHE B 139 43.49 -16.99 -18.84
C PHE B 139 43.87 -16.20 -20.08
N TRP B 140 43.09 -15.15 -20.36
CA TRP B 140 43.36 -14.27 -21.49
C TRP B 140 44.51 -13.33 -21.12
N GLN B 141 45.72 -13.68 -21.56
CA GLN B 141 46.90 -12.89 -21.25
C GLN B 141 46.87 -11.57 -22.00
N ARG B 142 47.55 -10.57 -21.43
CA ARG B 142 47.61 -9.25 -22.08
C ARG B 142 48.50 -9.28 -23.32
N ASP B 143 49.48 -10.18 -23.35
CA ASP B 143 50.36 -10.29 -24.51
C ASP B 143 49.59 -10.77 -25.74
N TRP B 144 48.66 -11.71 -25.55
CA TRP B 144 47.91 -12.25 -26.67
C TRP B 144 47.07 -11.18 -27.36
N TYR B 145 46.40 -10.34 -26.58
CA TYR B 145 45.38 -9.44 -27.11
C TYR B 145 45.96 -8.07 -27.45
N LEU B 146 46.93 -8.08 -28.36
CA LEU B 146 47.42 -6.83 -28.92
C LEU B 146 46.34 -6.21 -29.81
N PRO B 147 46.25 -4.87 -29.85
CA PRO B 147 45.15 -4.24 -30.61
C PRO B 147 45.12 -4.59 -32.08
N ALA B 148 46.28 -4.73 -32.73
CA ALA B 148 46.30 -5.04 -34.16
C ALA B 148 47.29 -6.12 -34.55
N LEU B 149 48.16 -6.57 -33.65
CA LEU B 149 49.15 -7.58 -33.98
C LEU B 149 48.71 -8.92 -33.44
N PRO B 150 48.31 -9.87 -34.29
CA PRO B 150 47.99 -11.24 -33.83
C PRO B 150 49.23 -12.11 -33.64
N TYR B 151 50.19 -11.61 -32.88
CA TYR B 151 51.50 -12.26 -32.75
C TYR B 151 51.96 -12.17 -31.31
N CYS B 152 52.26 -13.32 -30.72
CA CYS B 152 52.89 -13.34 -29.40
C CYS B 152 54.33 -12.85 -29.51
N PRO B 153 54.78 -11.99 -28.58
CA PRO B 153 56.16 -11.49 -28.66
C PRO B 153 57.20 -12.59 -28.57
N LYS B 154 56.89 -13.72 -27.93
CA LYS B 154 57.83 -14.83 -27.81
C LYS B 154 57.58 -15.94 -28.82
N HIS B 155 56.33 -16.18 -29.20
CA HIS B 155 55.98 -17.26 -30.11
C HIS B 155 55.78 -16.72 -31.53
N GLY B 156 55.39 -17.62 -32.42
CA GLY B 156 55.22 -17.27 -33.82
C GLY B 156 54.00 -16.43 -34.12
N ALA B 157 52.81 -17.00 -33.90
CA ALA B 157 51.57 -16.31 -34.22
C ALA B 157 50.44 -16.91 -33.40
N LEU B 158 49.35 -16.15 -33.30
CA LEU B 158 48.18 -16.58 -32.55
C LEU B 158 47.39 -17.62 -33.35
N VAL B 159 46.31 -18.11 -32.74
CA VAL B 159 45.42 -19.09 -33.36
C VAL B 159 43.99 -18.64 -33.08
N PHE B 160 43.35 -17.99 -34.04
CA PHE B 160 41.98 -17.56 -33.89
C PHE B 160 41.04 -18.76 -33.86
N PHE B 161 39.85 -18.56 -33.28
CA PHE B 161 38.80 -19.56 -33.35
C PHE B 161 37.44 -18.83 -33.29
N ASP B 162 36.39 -19.61 -33.05
CA ASP B 162 35.02 -19.13 -33.21
C ASP B 162 34.67 -18.17 -32.07
N ARG B 163 33.44 -17.65 -32.11
CA ARG B 163 32.86 -16.73 -31.13
C ARG B 163 33.49 -15.34 -31.19
N ALA B 164 32.69 -14.32 -30.88
CA ALA B 164 33.17 -12.94 -30.90
C ALA B 164 32.46 -12.16 -29.80
N VAL B 165 33.08 -11.05 -29.40
CA VAL B 165 32.54 -10.24 -28.31
C VAL B 165 31.20 -9.62 -28.71
N ASP B 166 31.10 -9.13 -29.95
CA ASP B 166 29.86 -8.48 -30.38
C ASP B 166 28.70 -9.45 -30.54
N ASP B 167 28.98 -10.75 -30.68
CA ASP B 167 27.92 -11.72 -30.85
C ASP B 167 27.11 -11.88 -29.56
N HIS B 168 27.77 -12.34 -28.49
CA HIS B 168 27.15 -12.46 -27.18
C HIS B 168 27.84 -11.47 -26.25
N ARG B 169 27.06 -10.59 -25.63
CA ARG B 169 27.58 -9.39 -24.99
C ARG B 169 27.89 -9.57 -23.51
N HIS B 170 26.91 -10.04 -22.72
CA HIS B 170 27.01 -10.04 -21.27
C HIS B 170 27.73 -11.26 -20.70
N GLN B 171 28.54 -11.94 -21.50
CA GLN B 171 29.17 -13.19 -21.08
C GLN B 171 30.67 -12.99 -20.91
N PHE B 172 31.18 -13.35 -19.73
CA PHE B 172 32.61 -13.39 -19.46
C PHE B 172 33.08 -14.83 -19.63
N TRP B 173 33.85 -15.08 -20.70
CA TRP B 173 34.24 -16.43 -21.09
C TRP B 173 35.72 -16.65 -20.81
N ALA B 174 36.05 -17.79 -20.22
CA ALA B 174 37.42 -18.14 -19.88
C ALA B 174 37.75 -19.52 -20.44
N LEU B 175 38.88 -19.62 -21.11
CA LEU B 175 39.36 -20.91 -21.59
C LEU B 175 39.69 -21.82 -20.41
N GLY B 176 39.29 -23.08 -20.50
CA GLY B 176 39.60 -24.04 -19.47
C GLY B 176 40.64 -25.05 -19.92
N HIS B 177 40.19 -26.27 -20.23
CA HIS B 177 41.07 -27.27 -20.82
C HIS B 177 40.41 -28.07 -21.92
N THR B 178 39.09 -27.97 -22.11
CA THR B 178 38.40 -28.81 -23.08
C THR B 178 38.70 -28.40 -24.52
N GLU B 179 39.26 -27.22 -24.74
CA GLU B 179 39.64 -26.78 -26.08
C GLU B 179 41.11 -26.37 -26.07
N LEU B 180 41.81 -26.71 -27.15
CA LEU B 180 43.24 -26.43 -27.27
C LEU B 180 43.64 -26.61 -28.72
N LEU B 181 44.80 -26.08 -29.07
CA LEU B 181 45.33 -26.13 -30.43
C LEU B 181 45.49 -27.55 -30.95
N SER B 182 44.67 -27.92 -31.94
CA SER B 182 44.89 -29.17 -32.66
C SER B 182 46.16 -29.05 -33.50
N ASP B 183 46.84 -30.19 -33.67
CA ASP B 183 48.21 -30.19 -34.18
C ASP B 183 48.22 -29.78 -35.65
N TYR B 184 48.56 -28.51 -35.91
CA TYR B 184 48.84 -28.03 -37.26
C TYR B 184 49.72 -26.80 -37.14
N PRO B 185 50.67 -26.60 -38.06
CA PRO B 185 51.55 -25.43 -37.97
C PRO B 185 50.99 -24.20 -38.67
N LYS B 186 51.18 -23.04 -38.03
CA LYS B 186 50.73 -21.77 -38.56
C LYS B 186 51.94 -20.97 -39.01
N ASP B 187 51.89 -20.47 -40.25
CA ASP B 187 53.00 -19.71 -40.79
C ASP B 187 53.13 -18.38 -40.07
N SER B 188 54.38 -17.97 -39.81
CA SER B 188 54.67 -16.73 -39.10
C SER B 188 55.77 -15.97 -39.82
N LEU B 189 55.60 -14.65 -39.89
CA LEU B 189 56.60 -13.77 -40.48
C LEU B 189 57.54 -13.27 -39.39
N SER B 190 58.85 -13.34 -39.67
CA SER B 190 59.83 -12.97 -38.66
C SER B 190 59.80 -11.48 -38.34
N GLN B 191 59.55 -10.63 -39.34
CA GLN B 191 59.54 -9.20 -39.11
C GLN B 191 58.44 -8.79 -38.14
N LEU B 192 57.24 -9.37 -38.31
CA LEU B 192 56.13 -9.03 -37.43
C LEU B 192 56.38 -9.52 -36.01
N THR B 193 56.96 -10.70 -35.86
CA THR B 193 57.32 -11.20 -34.54
C THR B 193 58.36 -10.31 -33.88
N ALA B 194 59.35 -9.85 -34.65
CA ALA B 194 60.34 -8.93 -34.12
C ALA B 194 59.71 -7.62 -33.69
N LEU B 195 58.78 -7.09 -34.48
CA LEU B 195 58.08 -5.87 -34.11
C LEU B 195 57.30 -6.05 -32.82
N ALA B 196 56.59 -7.18 -32.69
CA ALA B 196 55.82 -7.43 -31.49
C ALA B 196 56.72 -7.57 -30.27
N ALA B 197 57.85 -8.25 -30.42
CA ALA B 197 58.80 -8.41 -29.31
C ALA B 197 59.40 -7.06 -28.92
N TYR B 198 59.67 -6.20 -29.91
CA TYR B 198 60.19 -4.87 -29.63
C TYR B 198 59.17 -4.04 -28.86
N ILE B 199 57.90 -4.10 -29.26
CA ILE B 199 56.89 -3.23 -28.66
C ILE B 199 56.31 -3.78 -27.35
N ALA B 200 56.46 -5.07 -27.08
CA ALA B 200 55.83 -5.65 -25.89
C ALA B 200 56.40 -5.13 -24.58
N PRO B 201 57.71 -4.79 -24.47
CA PRO B 201 58.21 -4.21 -23.22
C PRO B 201 57.49 -2.95 -22.74
N LEU B 202 56.54 -2.40 -23.48
CA LEU B 202 55.88 -1.17 -23.06
C LEU B 202 54.82 -1.42 -22.00
N LEU B 203 54.27 -2.62 -21.91
CA LEU B 203 53.20 -2.91 -20.96
C LEU B 203 53.70 -3.16 -19.55
N ASP B 204 55.01 -3.29 -19.34
CA ASP B 204 55.59 -3.49 -18.01
C ASP B 204 56.79 -2.56 -17.87
N ALA B 205 56.53 -1.34 -17.40
CA ALA B 205 57.58 -0.34 -17.19
C ALA B 205 57.13 0.64 -16.11
N PRO B 206 57.93 0.83 -15.05
CA PRO B 206 57.52 1.75 -13.99
C PRO B 206 57.31 3.18 -14.44
N ARG B 207 58.09 3.65 -15.41
CA ARG B 207 57.99 5.02 -15.89
C ARG B 207 57.16 5.13 -17.16
N ALA B 208 56.36 4.10 -17.49
CA ALA B 208 55.56 4.12 -18.70
C ALA B 208 54.38 5.06 -18.62
N GLN B 209 54.04 5.55 -17.42
CA GLN B 209 52.92 6.48 -17.27
C GLN B 209 53.35 7.93 -17.27
N GLU B 210 54.52 8.23 -16.71
CA GLU B 210 55.00 9.61 -16.67
C GLU B 210 55.55 10.07 -18.01
N LEU B 211 56.17 9.16 -18.77
CA LEU B 211 56.84 9.52 -20.03
C LEU B 211 55.79 9.73 -21.12
N SER B 212 55.05 10.83 -20.99
CA SER B 212 54.01 11.20 -21.95
C SER B 212 54.36 12.53 -22.60
N PRO B 213 54.92 12.53 -23.80
CA PRO B 213 55.20 13.79 -24.49
C PRO B 213 53.92 14.52 -24.86
N SER B 214 54.01 15.85 -24.92
CA SER B 214 52.86 16.68 -25.25
C SER B 214 52.59 16.63 -26.74
N LEU B 215 51.57 17.38 -27.18
CA LEU B 215 51.17 17.35 -28.58
C LEU B 215 52.18 18.07 -29.47
N GLU B 216 52.77 19.17 -28.97
CA GLU B 216 53.64 19.99 -29.80
C GLU B 216 55.02 19.35 -30.00
N GLN B 217 55.50 18.57 -29.03
CA GLN B 217 56.87 18.07 -29.09
C GLN B 217 57.07 16.97 -30.12
N TRP B 218 56.00 16.34 -30.60
CA TRP B 218 56.15 15.21 -31.52
C TRP B 218 56.75 15.64 -32.86
N THR B 219 56.23 16.74 -33.43
CA THR B 219 56.77 17.23 -34.69
C THR B 219 58.20 17.71 -34.53
N LEU B 220 58.53 18.34 -33.40
CA LEU B 220 59.90 18.75 -33.15
C LEU B 220 60.83 17.56 -33.05
N PHE B 221 60.37 16.47 -32.41
CA PHE B 221 61.15 15.25 -32.35
C PHE B 221 61.39 14.67 -33.74
N TYR B 222 60.35 14.66 -34.58
CA TYR B 222 60.52 14.11 -35.93
C TYR B 222 61.48 14.96 -36.75
N GLN B 223 61.35 16.29 -36.69
CA GLN B 223 62.29 17.14 -37.41
C GLN B 223 63.71 16.98 -36.89
N ARG B 224 63.89 16.84 -35.57
CA ARG B 224 65.24 16.67 -35.04
C ARG B 224 65.85 15.35 -35.51
N LEU B 225 65.08 14.26 -35.50
CA LEU B 225 65.64 13.00 -35.96
C LEU B 225 65.92 13.02 -37.46
N ALA B 226 65.05 13.68 -38.24
CA ALA B 226 65.30 13.80 -39.67
C ALA B 226 66.54 14.65 -39.96
N GLN B 227 66.74 15.70 -39.17
CA GLN B 227 67.90 16.56 -39.36
C GLN B 227 69.19 15.83 -38.98
N ASP B 228 69.17 15.09 -37.87
CA ASP B 228 70.38 14.38 -37.45
C ASP B 228 70.68 13.21 -38.38
N LEU B 229 69.66 12.56 -38.94
CA LEU B 229 69.88 11.55 -39.96
C LEU B 229 70.09 12.15 -41.34
N GLY B 230 69.81 13.45 -41.49
CA GLY B 230 70.10 14.15 -42.73
C GLY B 230 69.23 13.80 -43.92
N LEU B 231 68.03 13.26 -43.69
CA LEU B 231 67.17 12.90 -44.81
C LEU B 231 66.58 14.12 -45.48
N THR B 232 66.14 15.10 -44.69
CA THR B 232 65.49 16.29 -45.24
C THR B 232 66.52 17.25 -45.84
N LYS B 233 66.14 17.87 -46.96
CA LYS B 233 66.99 18.89 -47.56
C LYS B 233 66.74 20.25 -46.91
N SER B 234 65.53 20.77 -47.05
CA SER B 234 65.13 22.00 -46.34
C SER B 234 63.62 21.90 -46.11
N LYS B 235 63.25 21.36 -44.95
CA LYS B 235 61.84 21.16 -44.56
C LYS B 235 61.08 20.38 -45.64
N HIS B 236 61.73 19.38 -46.21
CA HIS B 236 61.16 18.60 -47.29
C HIS B 236 61.36 17.12 -47.03
N ILE B 237 60.40 16.32 -47.48
CA ILE B 237 60.49 14.87 -47.41
C ILE B 237 60.80 14.34 -48.81
N ARG B 238 61.70 13.36 -48.88
CA ARG B 238 62.20 12.89 -50.17
C ARG B 238 61.12 12.18 -50.98
N HIS B 239 60.15 11.55 -50.31
CA HIS B 239 59.06 10.78 -50.90
C HIS B 239 59.55 9.45 -51.48
N ASP B 240 60.86 9.25 -51.53
CA ASP B 240 61.43 7.98 -51.96
C ASP B 240 62.47 7.45 -50.99
N LEU B 241 63.30 8.32 -50.40
CA LEU B 241 64.32 7.87 -49.48
C LEU B 241 63.73 7.33 -48.19
N VAL B 242 62.74 8.04 -47.64
CA VAL B 242 62.07 7.55 -46.43
C VAL B 242 61.28 6.28 -46.73
N ALA B 243 60.69 6.18 -47.92
CA ALA B 243 59.98 4.96 -48.30
C ALA B 243 60.94 3.79 -48.40
N GLU B 244 62.13 4.00 -48.98
CA GLU B 244 63.13 2.93 -49.04
C GLU B 244 63.63 2.57 -47.64
N ARG B 245 63.79 3.57 -46.77
CA ARG B 245 64.22 3.30 -45.40
C ARG B 245 63.20 2.43 -44.67
N VAL B 246 61.91 2.72 -44.86
CA VAL B 246 60.87 1.89 -44.25
C VAL B 246 60.85 0.49 -44.88
N ARG B 247 61.03 0.42 -46.20
CA ARG B 247 60.99 -0.88 -46.88
C ARG B 247 62.20 -1.75 -46.55
N GLN B 248 63.31 -1.16 -46.10
CA GLN B 248 64.47 -1.95 -45.72
C GLN B 248 64.18 -2.87 -44.55
N THR B 249 63.19 -2.51 -43.72
CA THR B 249 62.82 -3.31 -42.56
C THR B 249 61.49 -4.04 -42.73
N PHE B 250 60.48 -3.39 -43.29
CA PHE B 250 59.15 -3.95 -43.45
C PHE B 250 58.77 -4.02 -44.92
N SER B 251 58.36 -5.19 -45.37
CA SER B 251 57.94 -5.37 -46.76
C SER B 251 56.49 -4.92 -46.94
N ASP B 252 55.98 -5.07 -48.16
CA ASP B 252 54.62 -4.65 -48.46
C ASP B 252 53.59 -5.64 -47.92
N GLU B 253 53.88 -6.94 -48.00
CA GLU B 253 52.92 -7.95 -47.54
C GLU B 253 52.73 -7.90 -46.03
N ALA B 254 53.83 -7.71 -45.28
CA ALA B 254 53.72 -7.62 -43.83
C ALA B 254 52.91 -6.39 -43.42
N LEU B 255 53.11 -5.27 -44.11
CA LEU B 255 52.33 -4.07 -43.81
C LEU B 255 50.87 -4.23 -44.22
N GLU B 256 50.61 -4.97 -45.30
CA GLU B 256 49.23 -5.26 -45.69
C GLU B 256 48.53 -6.12 -44.65
N LYS B 257 49.24 -7.10 -44.09
CA LYS B 257 48.66 -7.93 -43.03
C LYS B 257 48.34 -7.10 -41.79
N LEU B 258 49.04 -5.98 -41.60
CA LEU B 258 48.79 -5.06 -40.50
C LEU B 258 47.85 -3.94 -40.87
N ASP B 259 47.33 -3.93 -42.11
CA ASP B 259 46.46 -2.90 -42.67
C ASP B 259 47.16 -1.55 -42.82
N LEU B 260 48.44 -1.47 -42.48
CA LEU B 260 49.21 -0.24 -42.62
C LEU B 260 49.98 -0.24 -43.95
N LYS B 261 49.24 -0.39 -45.04
CA LYS B 261 49.85 -0.45 -46.36
C LYS B 261 50.39 0.92 -46.76
N LEU B 262 51.62 0.94 -47.27
CA LEU B 262 52.22 2.19 -47.69
C LEU B 262 51.57 2.69 -48.97
N ALA B 263 51.42 4.02 -49.06
CA ALA B 263 50.76 4.68 -50.18
C ALA B 263 51.66 5.76 -50.76
N GLU B 264 52.91 5.39 -51.06
CA GLU B 264 53.91 6.35 -51.51
C GLU B 264 53.52 7.04 -52.82
N ASN B 265 52.64 6.43 -53.62
CA ASN B 265 52.22 7.08 -54.86
C ASN B 265 51.24 8.22 -54.60
N LYS B 266 50.50 8.17 -53.49
CA LYS B 266 49.51 9.17 -53.15
C LYS B 266 50.05 10.08 -52.05
N ASP B 267 49.65 11.36 -52.13
CA ASP B 267 50.18 12.36 -51.20
C ASP B 267 49.79 12.05 -49.75
N THR B 268 48.55 11.64 -49.52
CA THR B 268 48.11 11.36 -48.16
C THR B 268 48.54 9.97 -47.73
N CYS B 269 49.12 9.89 -46.53
CA CYS B 269 49.60 8.63 -45.96
C CYS B 269 49.86 8.87 -44.47
N TRP B 270 49.93 7.76 -43.73
CA TRP B 270 50.21 7.87 -42.30
C TRP B 270 51.61 8.41 -42.02
N LEU B 271 52.59 7.94 -42.79
CA LEU B 271 53.95 8.46 -42.64
C LEU B 271 54.04 9.94 -43.01
N LYS B 272 53.34 10.34 -44.07
CA LYS B 272 53.33 11.75 -44.46
C LYS B 272 52.67 12.61 -43.40
N SER B 273 51.60 12.12 -42.79
CA SER B 273 50.95 12.86 -41.71
C SER B 273 51.85 12.94 -40.48
N ILE B 274 52.61 11.88 -40.21
CA ILE B 274 53.59 11.92 -39.12
C ILE B 274 54.64 12.97 -39.41
N PHE B 275 55.08 13.08 -40.66
CA PHE B 275 56.04 14.11 -41.04
C PHE B 275 55.44 15.50 -40.84
N ARG B 276 54.17 15.69 -41.19
CA ARG B 276 53.51 16.96 -41.01
C ARG B 276 53.22 17.19 -39.52
N LYS B 277 52.64 18.36 -39.23
CA LYS B 277 52.29 18.69 -37.85
C LYS B 277 51.10 17.84 -37.40
N HIS B 278 51.23 17.25 -36.22
CA HIS B 278 50.22 16.32 -35.74
C HIS B 278 48.93 17.04 -35.33
N ARG B 279 47.81 16.37 -35.53
CA ARG B 279 46.49 16.88 -35.13
C ARG B 279 45.93 16.11 -33.96
N LYS B 280 45.84 14.79 -34.07
CA LYS B 280 45.31 13.91 -33.03
C LYS B 280 46.37 12.87 -32.70
N ALA B 281 46.17 12.16 -31.60
CA ALA B 281 47.10 11.11 -31.20
C ALA B 281 47.07 9.97 -32.21
N PHE B 282 48.26 9.48 -32.57
CA PHE B 282 48.40 8.35 -33.47
C PHE B 282 48.57 7.06 -32.70
N SER B 283 48.31 5.94 -33.38
CA SER B 283 48.37 4.64 -32.76
C SER B 283 49.81 4.27 -32.41
N TYR B 284 49.95 3.30 -31.50
CA TYR B 284 51.28 2.83 -31.11
C TYR B 284 52.01 2.19 -32.28
N LEU B 285 51.28 1.55 -33.19
CA LEU B 285 51.90 0.83 -34.29
C LEU B 285 52.66 1.78 -35.22
N GLN B 286 52.05 2.92 -35.56
CA GLN B 286 52.68 3.86 -36.48
C GLN B 286 53.96 4.45 -35.86
N HIS B 287 53.88 4.87 -34.60
CA HIS B 287 55.06 5.42 -33.93
C HIS B 287 56.16 4.38 -33.82
N SER B 288 55.80 3.14 -33.44
CA SER B 288 56.81 2.10 -33.31
C SER B 288 57.46 1.78 -34.65
N ILE B 289 56.67 1.71 -35.71
CA ILE B 289 57.21 1.42 -37.04
C ILE B 289 58.16 2.52 -37.48
N VAL B 290 57.74 3.79 -37.29
CA VAL B 290 58.60 4.91 -37.70
C VAL B 290 59.90 4.91 -36.91
N TRP B 291 59.82 4.72 -35.59
CA TRP B 291 61.02 4.74 -34.76
C TRP B 291 61.95 3.59 -35.12
N GLN B 292 61.41 2.39 -35.35
CA GLN B 292 62.26 1.24 -35.63
C GLN B 292 62.88 1.33 -37.02
N ALA B 293 62.13 1.85 -38.00
CA ALA B 293 62.66 1.99 -39.35
C ALA B 293 63.71 3.08 -39.43
N LEU B 294 63.52 4.18 -38.69
CA LEU B 294 64.42 5.31 -38.76
C LEU B 294 65.58 5.23 -37.76
N LEU B 295 65.48 4.37 -36.75
CA LEU B 295 66.59 4.16 -35.83
C LEU B 295 66.49 2.75 -35.25
N PRO B 296 67.40 1.85 -35.63
CA PRO B 296 67.30 0.44 -35.20
C PRO B 296 68.16 0.06 -34.00
N LYS B 297 68.81 1.01 -33.33
CA LYS B 297 69.73 0.71 -32.24
C LYS B 297 69.24 1.34 -30.93
N LEU B 298 67.94 1.27 -30.68
CA LEU B 298 67.38 1.79 -29.43
C LEU B 298 66.10 1.05 -29.12
N THR B 299 65.70 1.10 -27.85
CA THR B 299 64.51 0.44 -27.36
C THR B 299 63.44 1.48 -27.03
N VAL B 300 62.26 0.98 -26.62
CA VAL B 300 61.08 1.84 -26.46
C VAL B 300 61.29 2.88 -25.36
N ILE B 301 61.81 2.46 -24.20
CA ILE B 301 61.87 3.35 -23.05
C ILE B 301 62.82 4.52 -23.31
N GLU B 302 64.03 4.23 -23.81
CA GLU B 302 65.00 5.29 -24.06
C GLU B 302 64.55 6.21 -25.18
N ALA B 303 63.95 5.66 -26.24
CA ALA B 303 63.47 6.51 -27.33
C ALA B 303 62.34 7.43 -26.87
N LEU B 304 61.39 6.88 -26.10
CA LEU B 304 60.30 7.70 -25.59
C LEU B 304 60.80 8.78 -24.64
N GLN B 305 61.76 8.43 -23.79
CA GLN B 305 62.33 9.42 -22.87
C GLN B 305 63.08 10.51 -23.63
N GLN B 306 63.82 10.13 -24.68
CA GLN B 306 64.53 11.12 -25.49
C GLN B 306 63.56 12.05 -26.20
N ALA B 307 62.44 11.49 -26.70
CA ALA B 307 61.43 12.33 -27.33
C ALA B 307 60.76 13.27 -26.34
N SER B 308 60.50 12.80 -25.12
CA SER B 308 59.79 13.61 -24.14
C SER B 308 60.69 14.70 -23.56
N ALA B 309 61.95 14.37 -23.28
CA ALA B 309 62.84 15.32 -22.61
C ALA B 309 63.12 16.53 -23.49
N LEU B 310 63.37 16.31 -24.78
CA LEU B 310 63.68 17.40 -25.68
C LEU B 310 62.75 17.39 -26.90
N ALA E 3 -26.52 22.84 18.53
CA ALA E 3 -27.55 23.31 19.45
C ALA E 3 -27.69 22.38 20.64
N THR E 4 -27.03 21.22 20.56
CA THR E 4 -27.06 20.22 21.61
C THR E 4 -25.91 20.43 22.61
N ARG E 5 -24.99 21.36 22.32
CA ARG E 5 -23.80 21.56 23.13
C ARG E 5 -24.13 22.18 24.47
N ILE E 6 -24.78 21.42 25.35
CA ILE E 6 -25.07 21.92 26.69
C ILE E 6 -23.79 21.97 27.51
N GLN E 7 -23.76 22.90 28.47
CA GLN E 7 -22.58 23.04 29.32
C GLN E 7 -22.50 21.87 30.30
N ALA E 8 -21.28 21.38 30.52
CA ALA E 8 -21.08 20.24 31.39
C ALA E 8 -21.37 20.60 32.84
N VAL E 9 -21.90 19.63 33.59
CA VAL E 9 -22.15 19.76 35.01
C VAL E 9 -21.51 18.58 35.73
N TYR E 10 -20.87 18.86 36.85
CA TYR E 10 -20.10 17.84 37.57
C TYR E 10 -20.87 17.38 38.80
N ARG E 11 -20.77 16.08 39.09
CA ARG E 11 -21.49 15.45 40.18
C ARG E 11 -20.55 14.48 40.90
N ASP E 12 -21.11 13.67 41.78
CA ASP E 12 -20.37 12.65 42.50
C ASP E 12 -20.86 11.26 42.13
N THR E 13 -20.00 10.27 42.35
CA THR E 13 -20.31 8.88 42.05
C THR E 13 -19.75 8.01 43.16
N GLY E 14 -20.44 6.89 43.43
CA GLY E 14 -20.04 5.98 44.48
C GLY E 14 -18.89 5.05 44.17
N VAL E 15 -18.31 5.16 42.97
CA VAL E 15 -17.18 4.35 42.57
C VAL E 15 -15.94 5.23 42.59
N GLU E 16 -14.89 4.75 43.28
CA GLU E 16 -13.67 5.54 43.42
C GLU E 16 -12.91 5.72 42.11
N ALA E 17 -13.16 4.86 41.12
CA ALA E 17 -12.43 4.94 39.85
C ALA E 17 -12.89 6.10 38.99
N TYR E 18 -14.08 6.64 39.22
CA TYR E 18 -14.63 7.70 38.39
C TYR E 18 -14.41 9.09 38.97
N ARG E 19 -13.74 9.20 40.12
CA ARG E 19 -13.62 10.47 40.80
C ARG E 19 -12.73 11.45 40.04
N ASP E 20 -13.14 12.72 40.03
CA ASP E 20 -12.36 13.84 39.50
C ASP E 20 -12.07 13.71 38.01
N ASN E 21 -12.90 13.00 37.27
CA ASN E 21 -12.75 12.87 35.83
C ASN E 21 -13.86 13.64 35.13
N PRO E 22 -13.55 14.67 34.34
CA PRO E 22 -14.61 15.45 33.71
C PRO E 22 -15.43 14.69 32.68
N PHE E 23 -14.89 13.63 32.10
CA PHE E 23 -15.65 12.86 31.12
C PHE E 23 -16.78 12.08 31.78
N ILE E 24 -16.47 11.38 32.87
CA ILE E 24 -17.47 10.51 33.51
C ILE E 24 -18.51 11.33 34.25
N GLU E 25 -18.08 12.34 35.01
CA GLU E 25 -18.98 13.06 35.90
C GLU E 25 -19.84 14.09 35.18
N ALA E 26 -19.61 14.33 33.89
CA ALA E 26 -20.47 15.21 33.12
C ALA E 26 -21.66 14.48 32.50
N LEU E 27 -21.69 13.16 32.58
CA LEU E 27 -22.79 12.36 32.06
C LEU E 27 -24.00 12.45 32.99
N PRO E 28 -25.19 12.11 32.49
CA PRO E 28 -26.36 12.10 33.35
C PRO E 28 -26.17 11.16 34.51
N PRO E 29 -26.73 11.50 35.69
CA PRO E 29 -26.48 10.70 36.89
C PRO E 29 -27.01 9.28 36.75
N LEU E 30 -26.27 8.35 37.36
CA LEU E 30 -26.66 6.94 37.35
C LEU E 30 -27.84 6.64 38.28
N GLN E 31 -28.03 7.46 39.32
CA GLN E 31 -29.15 7.24 40.24
C GLN E 31 -30.48 7.40 39.53
N GLU E 32 -30.60 8.41 38.67
CA GLU E 32 -31.81 8.57 37.87
C GLU E 32 -31.83 7.65 36.66
N SER E 33 -30.73 6.95 36.36
CA SER E 33 -30.69 5.99 35.27
C SER E 33 -31.30 4.65 35.64
N VAL E 34 -31.64 4.45 36.92
CA VAL E 34 -32.28 3.20 37.33
C VAL E 34 -33.67 3.10 36.72
N ASN E 35 -34.46 4.17 36.81
CA ASN E 35 -35.80 4.20 36.25
C ASN E 35 -35.84 4.81 34.84
N SER E 36 -34.72 5.32 34.34
CA SER E 36 -34.71 5.93 33.01
C SER E 36 -34.98 4.88 31.93
N ALA E 37 -34.36 3.70 32.04
CA ALA E 37 -34.59 2.65 31.06
C ALA E 37 -36.03 2.15 31.13
N ALA E 38 -36.58 1.98 32.34
CA ALA E 38 -37.95 1.53 32.50
C ALA E 38 -38.97 2.61 32.17
N SER E 39 -38.55 3.86 32.03
CA SER E 39 -39.44 4.97 31.67
C SER E 39 -39.63 5.10 30.17
N LEU E 40 -39.36 4.03 29.41
CA LEU E 40 -39.54 4.04 27.97
C LEU E 40 -40.93 3.59 27.54
N LYS E 41 -41.83 3.33 28.49
CA LYS E 41 -43.18 2.87 28.20
C LYS E 41 -44.00 4.04 27.67
N SER E 42 -43.86 4.31 26.38
CA SER E 42 -44.61 5.34 25.70
C SER E 42 -45.64 4.67 24.80
N SER E 43 -46.92 4.92 25.09
CA SER E 43 -48.02 4.31 24.36
C SER E 43 -49.03 5.37 23.98
N LEU E 44 -49.67 5.18 22.82
CA LEU E 44 -50.69 6.11 22.37
C LEU E 44 -51.89 6.08 23.28
N GLN E 45 -52.36 7.27 23.67
CA GLN E 45 -53.52 7.41 24.54
C GLN E 45 -54.74 7.68 23.66
N LEU E 46 -55.74 6.80 23.76
CA LEU E 46 -56.95 6.89 22.93
C LEU E 46 -58.08 7.41 23.79
N THR E 47 -58.53 8.63 23.50
CA THR E 47 -59.66 9.21 24.20
C THR E 47 -60.93 8.44 23.86
N SER E 48 -61.83 8.32 24.84
CA SER E 48 -63.09 7.60 24.62
C SER E 48 -63.95 8.25 23.55
N SER E 49 -63.80 9.56 23.33
CA SER E 49 -64.57 10.25 22.31
C SER E 49 -64.05 10.01 20.90
N ASP E 50 -62.87 9.38 20.75
CA ASP E 50 -62.31 9.14 19.43
C ASP E 50 -63.14 8.13 18.65
N LEU E 51 -63.67 7.10 19.33
CA LEU E 51 -64.41 6.06 18.63
C LEU E 51 -65.76 6.55 18.14
N GLN E 52 -66.34 7.57 18.80
CA GLN E 52 -67.59 8.16 18.35
C GLN E 52 -67.40 9.09 17.16
N LYS E 53 -66.16 9.42 16.80
CA LYS E 53 -65.88 10.31 15.69
C LYS E 53 -66.06 9.57 14.36
N SER E 54 -65.68 10.22 13.27
CA SER E 54 -65.86 9.65 11.95
C SER E 54 -64.87 8.51 11.72
N ARG E 55 -65.01 7.85 10.57
CA ARG E 55 -64.16 6.71 10.26
C ARG E 55 -62.77 7.13 9.82
N VAL E 56 -62.66 8.27 9.13
CA VAL E 56 -61.36 8.67 8.58
C VAL E 56 -60.40 9.09 9.69
N ILE E 57 -60.90 9.79 10.71
CA ILE E 57 -60.04 10.16 11.83
C ILE E 57 -59.66 8.91 12.64
N ARG E 58 -60.57 7.95 12.75
CA ARG E 58 -60.24 6.70 13.42
C ARG E 58 -59.15 5.95 12.67
N ALA E 59 -59.21 5.95 11.33
CA ALA E 59 -58.14 5.37 10.53
C ALA E 59 -56.82 6.13 10.70
N HIS E 60 -56.90 7.46 10.80
CA HIS E 60 -55.71 8.26 11.08
C HIS E 60 -55.06 7.84 12.39
N THR E 61 -55.88 7.63 13.43
CA THR E 61 -55.34 7.20 14.72
C THR E 61 -54.81 5.77 14.67
N ILE E 62 -55.45 4.92 13.87
CA ILE E 62 -55.01 3.53 13.75
C ILE E 62 -53.66 3.46 13.04
N CYS E 63 -53.45 4.32 12.04
CA CYS E 63 -52.20 4.27 11.27
C CYS E 63 -50.97 4.64 12.09
N ARG E 64 -51.15 5.24 13.26
CA ARG E 64 -50.04 5.64 14.11
C ARG E 64 -49.64 4.59 15.14
N ILE E 65 -50.34 3.45 15.17
CA ILE E 65 -50.05 2.43 16.18
C ILE E 65 -48.62 1.88 16.06
N PRO E 66 -48.14 1.42 14.90
CA PRO E 66 -46.81 0.81 14.87
C PRO E 66 -45.66 1.78 15.07
N ASP E 67 -45.90 3.08 15.07
CA ASP E 67 -44.84 4.07 15.20
C ASP E 67 -44.67 4.59 16.62
N ASP E 68 -45.76 4.94 17.30
CA ASP E 68 -45.72 5.60 18.61
C ASP E 68 -46.14 4.67 19.74
N TYR E 69 -45.77 3.40 19.65
CA TYR E 69 -46.05 2.43 20.71
C TYR E 69 -44.77 1.69 21.07
N PHE E 70 -44.51 1.56 22.36
CA PHE E 70 -43.31 0.84 22.84
C PHE E 70 -43.58 0.30 24.23
N GLN E 71 -43.21 -0.96 24.45
CA GLN E 71 -43.30 -1.59 25.76
C GLN E 71 -41.95 -2.20 26.08
N PRO E 72 -41.32 -1.82 27.19
CA PRO E 72 -40.00 -2.39 27.54
C PRO E 72 -40.14 -3.82 28.03
N LEU E 73 -39.49 -4.75 27.33
CA LEU E 73 -39.46 -6.14 27.75
C LEU E 73 -38.31 -6.36 28.72
N GLY E 74 -38.04 -7.62 29.07
CA GLY E 74 -37.02 -7.91 30.06
C GLY E 74 -35.61 -7.62 29.60
N THR E 75 -35.30 -7.98 28.35
CA THR E 75 -33.92 -7.86 27.86
C THR E 75 -33.52 -6.42 27.58
N HIS E 76 -34.48 -5.50 27.45
CA HIS E 76 -34.15 -4.10 27.22
C HIS E 76 -33.41 -3.51 28.42
N LEU E 77 -33.79 -3.91 29.63
CA LEU E 77 -33.09 -3.43 30.82
C LEU E 77 -31.65 -3.92 30.84
N LEU E 78 -31.42 -5.18 30.48
CA LEU E 78 -30.05 -5.69 30.42
C LEU E 78 -29.25 -4.95 29.36
N LEU E 79 -29.85 -4.68 28.20
CA LEU E 79 -29.16 -3.93 27.17
C LEU E 79 -28.82 -2.51 27.63
N SER E 80 -29.75 -1.86 28.33
CA SER E 80 -29.49 -0.51 28.82
C SER E 80 -28.37 -0.50 29.85
N GLU E 81 -28.37 -1.46 30.77
CA GLU E 81 -27.30 -1.52 31.77
C GLU E 81 -25.96 -1.85 31.14
N ARG E 82 -25.95 -2.70 30.12
CA ARG E 82 -24.72 -2.98 29.40
C ARG E 82 -24.22 -1.74 28.68
N ILE E 83 -25.12 -0.95 28.10
CA ILE E 83 -24.72 0.30 27.46
C ILE E 83 -24.12 1.24 28.50
N SER E 84 -24.74 1.35 29.67
CA SER E 84 -24.24 2.24 30.71
C SER E 84 -22.84 1.81 31.18
N VAL E 85 -22.66 0.52 31.43
CA VAL E 85 -21.36 0.06 31.94
C VAL E 85 -20.29 0.15 30.85
N MET E 86 -20.68 0.00 29.57
CA MET E 86 -19.70 0.15 28.50
C MET E 86 -19.32 1.61 28.26
N ILE E 87 -20.27 2.54 28.42
CA ILE E 87 -19.95 3.96 28.22
C ILE E 87 -19.27 4.57 29.44
N ARG E 88 -19.38 3.94 30.61
CA ARG E 88 -18.66 4.40 31.79
C ARG E 88 -17.45 3.52 32.12
N GLY E 89 -17.16 2.51 31.32
CA GLY E 89 -15.94 1.75 31.49
C GLY E 89 -14.88 2.14 30.48
N GLY E 90 -15.25 2.99 29.52
CA GLY E 90 -14.33 3.41 28.48
C GLY E 90 -13.65 4.72 28.74
N TYR E 91 -14.06 5.41 29.80
CA TYR E 91 -13.46 6.69 30.19
C TYR E 91 -12.52 6.56 31.38
N VAL E 92 -12.32 5.35 31.89
CA VAL E 92 -11.43 5.18 33.04
C VAL E 92 -9.98 5.45 32.65
N GLY E 93 -9.58 5.01 31.46
CA GLY E 93 -8.20 5.17 31.02
C GLY E 93 -7.87 6.54 30.45
N ARG E 94 -8.82 7.13 29.73
CA ARG E 94 -8.57 8.40 29.03
C ARG E 94 -8.90 9.58 29.95
N ASN E 95 -8.11 9.69 31.03
CA ASN E 95 -8.26 10.81 31.95
C ASN E 95 -7.35 11.94 31.51
N PRO E 96 -7.88 13.11 31.16
CA PRO E 96 -7.04 14.19 30.61
C PRO E 96 -6.31 15.01 31.66
N LYS E 97 -6.69 14.92 32.94
CA LYS E 97 -6.08 15.73 33.98
C LYS E 97 -5.32 14.93 35.02
N THR E 98 -5.43 13.61 35.04
CA THR E 98 -4.74 12.80 36.02
C THR E 98 -4.27 11.50 35.38
N GLY E 99 -2.99 11.17 35.58
CA GLY E 99 -2.45 9.91 35.11
C GLY E 99 -2.12 9.87 33.63
N ASP E 100 -1.04 9.17 33.30
CA ASP E 100 -0.63 8.94 31.91
C ASP E 100 -0.28 7.47 31.78
N LEU E 101 -1.01 6.76 30.91
CA LEU E 101 -0.92 5.30 30.88
C LEU E 101 0.50 4.82 30.59
N GLN E 102 1.13 5.36 29.54
CA GLN E 102 2.50 4.99 29.24
C GLN E 102 3.43 5.38 30.38
N LYS E 103 3.26 6.59 30.91
CA LYS E 103 4.07 7.02 32.06
C LYS E 103 3.69 6.26 33.32
N HIS E 104 2.44 5.80 33.44
CA HIS E 104 2.06 4.96 34.57
C HIS E 104 2.84 3.65 34.55
N LEU E 105 2.85 2.98 33.39
CA LEU E 105 3.64 1.76 33.27
C LEU E 105 5.12 2.04 33.50
N GLN E 106 5.62 3.15 32.96
CA GLN E 106 7.04 3.48 33.08
C GLN E 106 7.45 3.67 34.53
N ASN E 107 6.74 4.53 35.27
CA ASN E 107 7.15 4.80 36.64
C ASN E 107 6.81 3.65 37.57
N GLY E 108 5.79 2.85 37.26
CA GLY E 108 5.58 1.62 38.01
C GLY E 108 6.74 0.66 37.85
N TYR E 109 7.26 0.52 36.63
CA TYR E 109 8.42 -0.32 36.41
C TYR E 109 9.65 0.27 37.11
N GLU E 110 9.76 1.60 37.14
CA GLU E 110 10.85 2.23 37.88
C GLU E 110 10.76 1.91 39.37
N ARG E 111 9.55 1.93 39.93
CA ARG E 111 9.39 1.67 41.35
C ARG E 111 9.62 0.19 41.68
N VAL E 112 9.21 -0.73 40.81
CA VAL E 112 9.52 -2.14 41.05
C VAL E 112 11.01 -2.39 40.85
N GLN E 113 11.70 -1.47 40.16
CA GLN E 113 13.16 -1.46 40.05
C GLN E 113 13.75 -0.89 41.34
N THR E 114 15.00 -0.42 41.28
CA THR E 114 15.84 -0.06 42.41
C THR E 114 15.10 0.54 43.61
N GLY E 115 14.09 1.37 43.35
CA GLY E 115 13.27 1.91 44.41
C GLY E 115 12.52 0.85 45.19
N GLU E 116 11.69 1.30 46.11
CA GLU E 116 10.94 0.40 46.98
C GLU E 116 9.51 0.25 46.48
N LEU E 117 9.11 -0.99 46.19
CA LEU E 117 7.76 -1.36 45.80
C LEU E 117 7.69 -2.88 45.76
N GLU E 118 6.53 -3.43 46.12
CA GLU E 118 6.34 -4.87 46.06
C GLU E 118 6.20 -5.34 44.62
N THR E 119 5.19 -4.83 43.92
CA THR E 119 4.92 -5.27 42.54
C THR E 119 4.16 -4.19 41.81
N PHE E 120 4.14 -4.30 40.48
CA PHE E 120 3.36 -3.41 39.63
C PHE E 120 2.89 -4.24 38.43
N ARG E 121 1.69 -4.78 38.52
CA ARG E 121 1.19 -5.68 37.48
C ARG E 121 0.89 -4.91 36.21
N PHE E 122 1.39 -5.43 35.08
CA PHE E 122 1.23 -4.78 33.78
C PHE E 122 0.04 -5.39 33.04
N GLU E 123 -1.15 -5.09 33.54
CA GLU E 123 -2.39 -5.59 32.95
C GLU E 123 -2.86 -4.67 31.84
N GLU E 124 -3.44 -5.27 30.80
CA GLU E 124 -3.97 -4.51 29.67
C GLU E 124 -5.50 -4.54 29.66
N GLN E 130 -14.79 -2.63 25.98
CA GLN E 130 -15.59 -3.83 26.10
C GLN E 130 -16.57 -3.94 24.92
N SER E 131 -16.07 -4.42 23.79
CA SER E 131 -16.89 -4.54 22.59
C SER E 131 -17.99 -5.58 22.79
N LEU E 132 -19.13 -5.33 22.15
CA LEU E 132 -20.28 -6.21 22.22
C LEU E 132 -20.85 -6.42 20.83
N LEU E 133 -21.53 -7.55 20.63
CA LEU E 133 -22.10 -7.91 19.33
C LEU E 133 -23.50 -8.45 19.57
N LEU E 134 -24.51 -7.69 19.14
CA LEU E 134 -25.90 -8.10 19.26
C LEU E 134 -26.30 -8.87 18.01
N ILE E 135 -26.78 -10.10 18.19
CA ILE E 135 -27.24 -10.95 17.10
C ILE E 135 -28.71 -11.26 17.31
N GLY E 136 -29.53 -10.97 16.30
CA GLY E 136 -30.95 -11.23 16.39
C GLY E 136 -31.59 -11.10 15.03
N CYS E 137 -32.75 -11.75 14.91
CA CYS E 137 -33.49 -11.74 13.65
C CYS E 137 -33.96 -10.33 13.31
N SER E 138 -33.87 -9.98 12.03
CA SER E 138 -34.28 -8.66 11.59
C SER E 138 -35.78 -8.49 11.78
N GLY E 139 -36.17 -7.33 12.30
CA GLY E 139 -37.55 -7.07 12.65
C GLY E 139 -37.92 -7.34 14.08
N SER E 140 -36.95 -7.61 14.95
CA SER E 140 -37.21 -7.88 16.36
C SER E 140 -37.01 -6.65 17.23
N GLY E 141 -36.77 -5.48 16.63
CA GLY E 141 -36.63 -4.26 17.38
C GLY E 141 -35.24 -3.94 17.88
N LYS E 142 -34.20 -4.37 17.16
CA LYS E 142 -32.84 -4.03 17.57
C LYS E 142 -32.52 -2.57 17.27
N THR E 143 -32.93 -2.07 16.10
CA THR E 143 -32.62 -0.69 15.72
C THR E 143 -33.48 0.29 16.51
N THR E 144 -34.75 -0.03 16.72
CA THR E 144 -35.62 0.84 17.51
C THR E 144 -35.14 0.94 18.95
N SER E 145 -34.70 -0.19 19.53
CA SER E 145 -34.20 -0.18 20.89
C SER E 145 -32.96 0.71 21.01
N LEU E 146 -32.06 0.65 20.04
CA LEU E 146 -30.85 1.47 20.09
C LEU E 146 -31.09 2.92 19.70
N HIS E 147 -32.21 3.20 19.01
CA HIS E 147 -32.61 4.60 18.88
C HIS E 147 -33.17 5.13 20.19
N ARG E 148 -33.95 4.33 20.90
CA ARG E 148 -34.69 4.85 22.04
C ARG E 148 -33.84 4.92 23.30
N ILE E 149 -33.06 3.88 23.60
CA ILE E 149 -32.32 3.86 24.86
C ILE E 149 -31.05 4.69 24.79
N LEU E 150 -30.50 4.92 23.60
CA LEU E 150 -29.30 5.71 23.44
C LEU E 150 -29.58 7.20 23.30
N ALA E 151 -30.85 7.60 23.33
CA ALA E 151 -31.22 9.00 23.28
C ALA E 151 -31.24 9.67 24.65
N THR E 152 -31.13 8.89 25.73
CA THR E 152 -31.05 9.48 27.06
C THR E 152 -29.79 10.31 27.23
N TYR E 153 -28.65 9.81 26.76
CA TYR E 153 -27.41 10.55 26.85
C TYR E 153 -27.38 11.64 25.78
N PRO E 154 -27.14 12.90 26.15
CA PRO E 154 -26.98 13.95 25.14
C PRO E 154 -25.79 13.66 24.23
N GLN E 155 -25.94 14.04 22.97
CA GLN E 155 -24.97 13.65 21.95
C GLN E 155 -23.62 14.33 22.17
N VAL E 156 -23.59 15.65 22.11
CA VAL E 156 -22.36 16.43 22.18
C VAL E 156 -22.34 17.23 23.47
N ILE E 157 -21.21 17.16 24.19
CA ILE E 157 -21.00 17.91 25.43
C ILE E 157 -19.78 18.79 25.23
N TYR E 158 -19.93 20.07 25.55
CA TYR E 158 -18.86 21.05 25.37
C TYR E 158 -18.21 21.34 26.71
N HIS E 159 -16.89 21.14 26.79
CA HIS E 159 -16.13 21.45 27.99
C HIS E 159 -15.58 22.88 27.91
N ARG E 160 -15.18 23.39 29.07
CA ARG E 160 -14.67 24.77 29.17
C ARG E 160 -13.20 24.80 29.54
N GLU E 161 -12.80 24.17 30.66
CA GLU E 161 -11.40 24.21 31.07
C GLU E 161 -10.51 23.32 30.21
N LEU E 162 -11.12 22.47 29.38
CA LEU E 162 -10.47 21.93 28.19
C LEU E 162 -11.30 22.34 26.97
N ASN E 163 -10.64 22.90 25.96
CA ASN E 163 -11.30 23.32 24.73
C ASN E 163 -11.45 22.13 23.76
N VAL E 164 -12.18 21.12 24.23
CA VAL E 164 -12.42 19.91 23.45
C VAL E 164 -13.92 19.63 23.45
N GLU E 165 -14.36 18.91 22.43
CA GLU E 165 -15.76 18.51 22.29
C GLU E 165 -15.91 17.05 22.67
N GLN E 166 -16.99 16.73 23.40
CA GLN E 166 -17.24 15.39 23.90
C GLN E 166 -18.50 14.85 23.24
N VAL E 167 -18.34 13.80 22.45
CA VAL E 167 -19.47 13.10 21.82
C VAL E 167 -19.59 11.74 22.48
N VAL E 168 -20.76 11.48 23.07
CA VAL E 168 -20.95 10.24 23.81
C VAL E 168 -21.09 9.05 22.86
N TYR E 169 -21.91 9.18 21.84
CA TYR E 169 -22.16 8.10 20.90
C TYR E 169 -22.18 8.65 19.48
N LEU E 170 -21.91 7.78 18.51
CA LEU E 170 -21.98 8.13 17.10
C LEU E 170 -22.50 6.92 16.34
N LYS E 171 -23.59 7.10 15.60
CA LYS E 171 -24.26 6.01 14.90
C LYS E 171 -24.15 6.20 13.39
N ILE E 172 -23.85 5.10 12.70
CA ILE E 172 -23.72 5.10 11.24
C ILE E 172 -24.57 3.97 10.68
N ASP E 173 -25.29 4.26 9.60
CA ASP E 173 -26.14 3.29 8.93
C ASP E 173 -25.50 2.91 7.59
N CYS E 174 -25.36 1.61 7.35
CA CYS E 174 -24.75 1.14 6.11
C CYS E 174 -25.75 1.24 4.96
N SER E 175 -25.24 1.60 3.79
CA SER E 175 -26.08 1.75 2.61
C SER E 175 -26.31 0.39 1.94
N HIS E 176 -27.09 0.40 0.87
CA HIS E 176 -27.44 -0.83 0.16
C HIS E 176 -26.21 -1.41 -0.52
N ASN E 177 -25.73 -2.55 -0.01
CA ASN E 177 -24.60 -3.28 -0.57
C ASN E 177 -23.35 -2.39 -0.66
N GLY E 178 -22.92 -1.91 0.49
CA GLY E 178 -21.76 -1.02 0.56
C GLY E 178 -20.45 -1.76 0.50
N SER E 179 -19.37 -0.98 0.62
CA SER E 179 -18.01 -1.49 0.66
C SER E 179 -17.35 -1.14 1.99
N LEU E 180 -16.10 -1.56 2.14
CA LEU E 180 -15.39 -1.30 3.39
C LEU E 180 -15.09 0.19 3.57
N LYS E 181 -14.79 0.89 2.47
CA LYS E 181 -14.42 2.29 2.56
C LYS E 181 -15.61 3.17 2.93
N GLU E 182 -16.83 2.77 2.56
CA GLU E 182 -17.99 3.56 2.94
C GLU E 182 -18.21 3.57 4.44
N ILE E 183 -17.69 2.58 5.17
CA ILE E 183 -17.80 2.58 6.63
C ILE E 183 -17.12 3.82 7.21
N CYS E 184 -15.85 4.03 6.85
CA CYS E 184 -15.14 5.21 7.34
C CYS E 184 -15.68 6.49 6.71
N LEU E 185 -16.11 6.42 5.44
CA LEU E 185 -16.66 7.60 4.79
C LEU E 185 -17.90 8.11 5.54
N ASN E 186 -18.83 7.22 5.85
CA ASN E 186 -20.03 7.61 6.59
C ASN E 186 -19.76 7.83 8.07
N PHE E 187 -18.70 7.25 8.64
CA PHE E 187 -18.30 7.62 10.00
C PHE E 187 -17.86 9.07 10.05
N PHE E 188 -17.02 9.47 9.09
CA PHE E 188 -16.60 10.87 9.00
C PHE E 188 -17.81 11.77 8.71
N ARG E 189 -18.72 11.32 7.86
CA ARG E 189 -19.93 12.09 7.56
C ARG E 189 -20.78 12.31 8.81
N ALA E 190 -20.99 11.25 9.60
CA ALA E 190 -21.80 11.36 10.80
C ALA E 190 -21.12 12.24 11.84
N LEU E 191 -19.80 12.09 12.01
CA LEU E 191 -19.08 12.93 12.96
C LEU E 191 -19.13 14.39 12.55
N ASP E 192 -19.02 14.66 11.24
CA ASP E 192 -19.11 16.03 10.76
C ASP E 192 -20.50 16.62 10.96
N ARG E 193 -21.55 15.82 10.68
CA ARG E 193 -22.91 16.33 10.84
C ARG E 193 -23.25 16.56 12.31
N ALA E 194 -22.72 15.73 13.21
CA ALA E 194 -22.94 15.95 14.63
C ALA E 194 -22.11 17.12 15.17
N LEU E 195 -21.07 17.54 14.45
CA LEU E 195 -20.18 18.61 14.90
C LEU E 195 -20.51 19.95 14.23
N GLY E 196 -20.49 19.99 12.89
CA GLY E 196 -20.69 21.23 12.18
C GLY E 196 -19.39 21.80 11.64
N SER E 197 -18.53 20.93 11.11
CA SER E 197 -17.20 21.32 10.66
C SER E 197 -16.98 20.90 9.21
N ASN E 198 -15.74 20.95 8.74
CA ASN E 198 -15.38 20.52 7.39
C ASN E 198 -14.37 19.38 7.51
N TYR E 199 -14.89 18.16 7.63
CA TYR E 199 -14.05 16.95 7.72
C TYR E 199 -14.12 16.07 6.49
N GLU E 200 -15.15 16.23 5.64
CA GLU E 200 -15.41 15.26 4.59
C GLU E 200 -14.38 15.35 3.47
N ARG E 201 -14.05 16.57 3.03
CA ARG E 201 -13.20 16.72 1.84
C ARG E 201 -11.77 16.26 2.13
N ARG E 202 -11.23 16.61 3.29
CA ARG E 202 -9.86 16.23 3.62
C ARG E 202 -9.83 14.83 4.24
N TYR E 203 -8.73 14.13 4.01
CA TYR E 203 -8.43 12.80 4.54
C TYR E 203 -9.36 11.73 4.00
N GLY E 204 -10.25 12.06 3.08
CA GLY E 204 -11.15 11.08 2.51
C GLY E 204 -11.03 10.97 1.00
N LEU E 205 -9.86 11.32 0.47
CA LEU E 205 -9.62 11.25 -0.96
C LEU E 205 -9.46 9.81 -1.42
N LYS E 206 -9.59 9.60 -2.73
CA LYS E 206 -9.53 8.27 -3.30
C LYS E 206 -8.13 7.67 -3.24
N ARG E 207 -7.10 8.49 -3.06
CA ARG E 207 -5.73 7.98 -3.10
C ARG E 207 -5.46 7.05 -1.92
N HIS E 208 -5.94 7.41 -0.73
CA HIS E 208 -5.62 6.65 0.47
C HIS E 208 -6.33 5.30 0.49
N GLY E 209 -5.63 4.29 1.02
CA GLY E 209 -6.20 2.98 1.22
C GLY E 209 -6.91 2.85 2.55
N ILE E 210 -7.41 1.64 2.82
CA ILE E 210 -8.14 1.38 4.05
C ILE E 210 -7.22 1.45 5.26
N GLU E 211 -5.94 1.11 5.09
CA GLU E 211 -4.98 1.25 6.18
C GLU E 211 -4.87 2.71 6.61
N THR E 212 -4.79 3.62 5.63
CA THR E 212 -4.78 5.04 5.94
C THR E 212 -6.08 5.46 6.63
N MET E 213 -7.20 4.92 6.17
CA MET E 213 -8.49 5.21 6.80
C MET E 213 -8.47 4.85 8.28
N LEU E 214 -8.02 3.63 8.61
CA LEU E 214 -8.00 3.21 10.01
C LEU E 214 -7.00 4.02 10.83
N ALA E 215 -5.82 4.30 10.26
CA ALA E 215 -4.82 5.07 11.00
C ALA E 215 -5.31 6.49 11.29
N LEU E 216 -5.97 7.12 10.32
CA LEU E 216 -6.55 8.43 10.56
C LEU E 216 -7.69 8.37 11.56
N MET E 217 -8.51 7.31 11.47
CA MET E 217 -9.66 7.15 12.36
C MET E 217 -9.22 7.03 13.80
N SER E 218 -8.08 6.38 14.04
CA SER E 218 -7.59 6.22 15.41
C SER E 218 -7.43 7.58 16.07
N GLN E 219 -6.69 8.49 15.43
CA GLN E 219 -6.46 9.79 16.05
C GLN E 219 -7.72 10.63 16.05
N ILE E 220 -8.55 10.49 15.00
CA ILE E 220 -9.80 11.25 14.94
C ILE E 220 -10.69 10.90 16.11
N ALA E 221 -10.78 9.61 16.45
CA ALA E 221 -11.57 9.19 17.60
C ALA E 221 -10.92 9.60 18.92
N ASN E 222 -9.60 9.44 19.04
CA ASN E 222 -8.94 9.72 20.31
C ASN E 222 -8.85 11.20 20.64
N ALA E 223 -8.75 12.07 19.64
CA ALA E 223 -8.67 13.51 19.88
C ALA E 223 -9.95 14.03 20.51
N HIS E 224 -11.10 13.62 19.97
CA HIS E 224 -12.37 13.91 20.59
C HIS E 224 -12.61 12.95 21.76
N ALA E 225 -13.62 13.26 22.56
CA ALA E 225 -13.97 12.41 23.70
C ALA E 225 -15.07 11.44 23.28
N LEU E 226 -14.73 10.60 22.31
CA LEU E 226 -15.66 9.60 21.80
C LEU E 226 -15.75 8.43 22.77
N GLY E 227 -16.97 8.11 23.18
CA GLY E 227 -17.16 7.02 24.12
C GLY E 227 -17.63 5.72 23.49
N LEU E 228 -18.60 5.80 22.60
CA LEU E 228 -19.21 4.61 22.02
C LEU E 228 -19.44 4.82 20.53
N LEU E 229 -19.21 3.76 19.75
CA LEU E 229 -19.48 3.76 18.32
C LEU E 229 -20.34 2.55 17.99
N VAL E 230 -21.43 2.77 17.27
CA VAL E 230 -22.36 1.70 16.91
C VAL E 230 -22.49 1.65 15.39
N ILE E 231 -22.34 0.46 14.82
CA ILE E 231 -22.51 0.24 13.39
C ILE E 231 -23.83 -0.50 13.20
N ASP E 232 -24.76 0.15 12.51
CA ASP E 232 -26.14 -0.33 12.44
C ASP E 232 -26.42 -0.99 11.09
N GLU E 233 -27.25 -2.03 11.13
CA GLU E 233 -27.79 -2.71 9.95
C GLU E 233 -26.65 -3.26 9.06
N ILE E 234 -25.95 -4.25 9.62
CA ILE E 234 -24.84 -4.89 8.93
C ILE E 234 -25.36 -6.00 8.03
N GLN E 235 -26.68 -6.13 7.92
CA GLN E 235 -27.26 -7.03 6.93
C GLN E 235 -26.85 -6.68 5.51
N HIS E 236 -26.50 -5.40 5.28
CA HIS E 236 -25.93 -4.93 4.02
C HIS E 236 -24.45 -5.28 3.97
N LEU E 237 -23.69 -4.63 3.09
CA LEU E 237 -22.26 -4.88 2.92
C LEU E 237 -22.02 -6.33 2.48
N SER E 238 -22.49 -6.60 1.26
CA SER E 238 -22.41 -7.93 0.67
C SER E 238 -20.96 -8.40 0.58
N ARG E 239 -20.80 -9.71 0.37
CA ARG E 239 -19.51 -10.37 0.42
C ARG E 239 -18.80 -10.38 -0.92
N SER E 240 -19.37 -9.76 -1.96
CA SER E 240 -18.76 -9.72 -3.28
C SER E 240 -18.07 -8.40 -3.58
N ARG E 241 -18.78 -7.28 -3.43
CA ARG E 241 -18.18 -5.98 -3.69
C ARG E 241 -17.22 -5.56 -2.59
N SER E 242 -17.34 -6.13 -1.39
CA SER E 242 -16.48 -5.78 -0.28
C SER E 242 -15.16 -6.56 -0.27
N GLY E 243 -15.03 -7.59 -1.11
CA GLY E 243 -13.83 -8.40 -1.12
C GLY E 243 -14.07 -9.83 -0.68
N GLY E 244 -13.46 -10.22 0.43
CA GLY E 244 -13.60 -11.56 0.94
C GLY E 244 -14.13 -11.56 2.37
N SER E 245 -14.77 -12.67 2.75
CA SER E 245 -15.30 -12.80 4.10
C SER E 245 -14.19 -12.76 5.15
N GLN E 246 -13.11 -13.50 4.92
CA GLN E 246 -12.03 -13.57 5.90
C GLN E 246 -11.35 -12.22 6.05
N GLU E 247 -11.09 -11.53 4.93
CA GLU E 247 -10.47 -10.21 5.02
C GLU E 247 -11.41 -9.17 5.60
N MET E 248 -12.72 -9.30 5.38
CA MET E 248 -13.67 -8.42 6.06
C MET E 248 -13.62 -8.62 7.57
N LEU E 249 -13.57 -9.88 8.00
CA LEU E 249 -13.43 -10.17 9.43
C LEU E 249 -12.12 -9.60 9.98
N ASN E 250 -11.03 -9.73 9.23
CA ASN E 250 -9.75 -9.17 9.65
C ASN E 250 -9.84 -7.65 9.77
N PHE E 251 -10.50 -7.00 8.80
CA PHE E 251 -10.63 -5.55 8.86
C PHE E 251 -11.43 -5.12 10.08
N PHE E 252 -12.52 -5.83 10.39
CA PHE E 252 -13.29 -5.50 11.59
C PHE E 252 -12.46 -5.70 12.86
N VAL E 253 -11.76 -6.82 12.97
CA VAL E 253 -11.02 -7.10 14.20
C VAL E 253 -9.82 -6.16 14.35
N THR E 254 -9.30 -5.65 13.23
CA THR E 254 -8.25 -4.65 13.29
C THR E 254 -8.82 -3.27 13.66
N MET E 255 -10.01 -2.96 13.15
CA MET E 255 -10.65 -1.70 13.49
C MET E 255 -11.01 -1.62 14.97
N VAL E 256 -11.39 -2.76 15.57
CA VAL E 256 -11.67 -2.76 17.01
C VAL E 256 -10.41 -2.44 17.80
N ASN E 257 -9.27 -3.00 17.38
CA ASN E 257 -8.04 -2.88 18.18
C ASN E 257 -7.44 -1.49 18.06
N ILE E 258 -7.45 -0.89 16.87
CA ILE E 258 -6.66 0.31 16.65
C ILE E 258 -7.33 1.59 17.14
N ILE E 259 -8.64 1.58 17.36
CA ILE E 259 -9.33 2.80 17.79
C ILE E 259 -9.17 2.99 19.29
N GLY E 260 -9.50 1.96 20.07
CA GLY E 260 -9.35 2.01 21.51
C GLY E 260 -10.63 2.28 22.28
N VAL E 261 -11.65 2.82 21.64
CA VAL E 261 -12.92 3.09 22.31
C VAL E 261 -13.81 1.86 22.17
N PRO E 262 -14.72 1.61 23.11
CA PRO E 262 -15.65 0.50 22.93
C PRO E 262 -16.55 0.71 21.71
N VAL E 263 -16.78 -0.36 20.98
CA VAL E 263 -17.57 -0.33 19.76
C VAL E 263 -18.53 -1.52 19.77
N MET E 264 -19.75 -1.29 19.31
CA MET E 264 -20.79 -2.31 19.31
C MET E 264 -21.26 -2.56 17.88
N LEU E 265 -21.46 -3.84 17.55
CA LEU E 265 -21.94 -4.25 16.25
C LEU E 265 -23.26 -5.01 16.42
N ILE E 266 -24.21 -4.71 15.54
CA ILE E 266 -25.54 -5.34 15.57
C ILE E 266 -25.84 -5.86 14.17
N GLY E 267 -26.48 -7.02 14.11
CA GLY E 267 -26.79 -7.60 12.80
C GLY E 267 -27.59 -8.87 12.93
N THR E 268 -27.87 -9.45 11.76
CA THR E 268 -28.65 -10.66 11.61
C THR E 268 -27.80 -11.89 11.92
N PRO E 269 -28.43 -13.01 12.27
CA PRO E 269 -27.67 -14.26 12.49
C PRO E 269 -26.88 -14.72 11.28
N LYS E 270 -27.11 -14.17 10.09
CA LYS E 270 -26.23 -14.48 8.96
C LYS E 270 -24.82 -13.95 9.19
N ALA E 271 -24.69 -12.83 9.90
CA ALA E 271 -23.37 -12.29 10.23
C ALA E 271 -22.62 -13.18 11.22
N ARG E 272 -23.32 -14.09 11.90
CA ARG E 272 -22.63 -15.08 12.73
C ARG E 272 -21.71 -15.95 11.90
N GLU E 273 -22.04 -16.17 10.62
CA GLU E 273 -21.11 -16.82 9.71
C GLU E 273 -19.84 -16.00 9.55
N ILE E 274 -19.98 -14.67 9.46
CA ILE E 274 -18.82 -13.80 9.30
C ILE E 274 -17.96 -13.84 10.56
N PHE E 275 -18.58 -13.72 11.73
CA PHE E 275 -17.87 -13.60 12.99
C PHE E 275 -17.64 -14.94 13.68
N GLU E 276 -17.91 -16.06 13.01
CA GLU E 276 -17.80 -17.36 13.66
C GLU E 276 -16.38 -17.66 14.10
N ALA E 277 -15.39 -17.26 13.30
CA ALA E 277 -13.99 -17.52 13.66
C ALA E 277 -13.60 -16.78 14.93
N ASP E 278 -14.06 -15.54 15.09
CA ASP E 278 -13.72 -14.77 16.28
C ASP E 278 -14.48 -15.25 17.50
N LEU E 279 -15.78 -15.55 17.35
CA LEU E 279 -16.57 -16.02 18.48
C LEU E 279 -16.18 -17.43 18.92
N ARG E 280 -15.57 -18.22 18.02
CA ARG E 280 -15.20 -19.59 18.37
C ARG E 280 -14.10 -19.63 19.43
N SER E 281 -13.25 -18.61 19.48
CA SER E 281 -12.18 -18.55 20.47
C SER E 281 -12.79 -18.44 21.86
N ALA E 282 -12.71 -19.52 22.64
CA ALA E 282 -13.35 -19.59 23.95
C ALA E 282 -12.43 -18.96 25.01
N ARG E 283 -12.28 -17.64 24.91
CA ARG E 283 -11.51 -16.85 25.87
C ARG E 283 -12.40 -15.74 26.41
N ARG E 284 -11.86 -14.96 27.34
CA ARG E 284 -12.59 -13.85 27.93
C ARG E 284 -12.27 -12.51 27.30
N GLY E 285 -11.15 -12.39 26.61
CA GLY E 285 -10.78 -11.13 25.98
C GLY E 285 -10.67 -11.22 24.47
N ALA E 286 -11.33 -12.23 23.88
CA ALA E 286 -11.30 -12.40 22.44
C ALA E 286 -12.08 -11.33 21.69
N GLY E 287 -12.91 -10.56 22.39
CA GLY E 287 -13.70 -9.52 21.76
C GLY E 287 -15.03 -10.03 21.22
N PHE E 288 -15.90 -9.07 20.91
CA PHE E 288 -17.23 -9.33 20.36
C PHE E 288 -18.05 -10.21 21.30
N GLY E 289 -18.33 -9.69 22.49
CA GLY E 289 -19.29 -10.34 23.37
C GLY E 289 -20.65 -10.42 22.71
N ALA E 290 -21.26 -11.60 22.78
CA ALA E 290 -22.49 -11.87 22.06
C ALA E 290 -23.69 -11.78 23.01
N ILE E 291 -24.62 -10.90 22.68
CA ILE E 291 -25.92 -10.82 23.35
C ILE E 291 -26.98 -11.12 22.31
N PHE E 292 -27.73 -12.19 22.52
CA PHE E 292 -28.64 -12.72 21.50
C PHE E 292 -30.03 -12.10 21.67
N TRP E 293 -30.53 -11.48 20.60
CA TRP E 293 -31.89 -10.96 20.58
C TRP E 293 -32.84 -12.08 20.15
N ASP E 294 -33.56 -12.63 21.11
CA ASP E 294 -34.45 -13.76 20.91
C ASP E 294 -35.88 -13.28 20.64
N PRO E 295 -36.63 -14.01 19.83
CA PRO E 295 -38.04 -13.68 19.63
C PRO E 295 -38.84 -13.92 20.89
N ILE E 296 -40.04 -13.31 20.93
CA ILE E 296 -40.90 -13.41 22.10
C ILE E 296 -41.55 -14.79 22.12
N GLN E 297 -40.96 -15.71 22.88
CA GLN E 297 -41.47 -17.07 22.94
C GLN E 297 -42.61 -17.17 23.95
N GLN E 298 -43.65 -17.92 23.60
CA GLN E 298 -44.87 -17.94 24.39
C GLN E 298 -44.71 -18.76 25.66
N THR E 299 -44.30 -20.02 25.53
CA THR E 299 -44.28 -20.94 26.65
C THR E 299 -42.89 -21.00 27.26
N GLN E 300 -42.82 -20.83 28.59
CA GLN E 300 -41.58 -20.93 29.34
C GLN E 300 -41.78 -21.90 30.50
N ARG E 301 -40.91 -22.91 30.56
CA ARG E 301 -40.93 -23.92 31.63
C ARG E 301 -42.30 -24.60 31.72
N GLY E 302 -42.91 -24.86 30.58
CA GLY E 302 -44.25 -25.40 30.55
C GLY E 302 -45.32 -24.45 31.06
N LYS E 303 -45.12 -23.14 30.85
CA LYS E 303 -46.06 -22.12 31.29
C LYS E 303 -45.98 -20.96 30.32
N PRO E 304 -47.11 -20.37 29.92
CA PRO E 304 -47.07 -19.17 29.08
C PRO E 304 -46.26 -18.06 29.74
N ASN E 305 -45.49 -17.35 28.93
CA ASN E 305 -44.69 -16.25 29.44
C ASN E 305 -45.58 -15.11 29.90
N GLN E 306 -45.28 -14.57 31.09
CA GLN E 306 -46.04 -13.43 31.59
C GLN E 306 -45.82 -12.19 30.73
N GLU E 307 -44.63 -12.07 30.13
CA GLU E 307 -44.39 -10.95 29.21
C GLU E 307 -45.30 -11.02 28.00
N TRP E 308 -45.49 -12.22 27.45
CA TRP E 308 -46.39 -12.39 26.30
C TRP E 308 -47.82 -12.02 26.67
N ILE E 309 -48.28 -12.49 27.84
CA ILE E 309 -49.64 -12.21 28.28
C ILE E 309 -49.83 -10.70 28.48
N ALA E 310 -48.87 -10.06 29.14
CA ALA E 310 -48.97 -8.63 29.38
C ALA E 310 -48.94 -7.85 28.06
N PHE E 311 -48.08 -8.25 27.13
CA PHE E 311 -48.01 -7.57 25.83
C PHE E 311 -49.32 -7.69 25.08
N THR E 312 -49.90 -8.90 25.04
CA THR E 312 -51.17 -9.08 24.36
C THR E 312 -52.28 -8.26 25.02
N ASP E 313 -52.32 -8.25 26.35
CA ASP E 313 -53.36 -7.51 27.05
C ASP E 313 -53.23 -6.01 26.82
N ASN E 314 -52.00 -5.49 26.82
CA ASN E 314 -51.81 -4.06 26.58
C ASN E 314 -52.07 -3.70 25.12
N LEU E 315 -51.77 -4.60 24.18
CA LEU E 315 -51.99 -4.29 22.77
C LEU E 315 -53.48 -4.36 22.41
N TRP E 316 -54.24 -5.25 23.05
CA TRP E 316 -55.66 -5.36 22.76
C TRP E 316 -56.47 -4.19 23.27
N GLN E 317 -55.91 -3.34 24.12
CA GLN E 317 -56.64 -2.20 24.65
C GLN E 317 -56.58 -0.97 23.74
N LEU E 318 -55.80 -1.02 22.66
CA LEU E 318 -55.62 0.11 21.77
C LEU E 318 -56.41 -0.04 20.47
N GLN E 319 -57.37 -0.96 20.43
CA GLN E 319 -58.20 -1.14 19.25
C GLN E 319 -59.46 -0.29 19.38
N LEU E 320 -59.80 0.43 18.30
CA LEU E 320 -60.96 1.31 18.26
C LEU E 320 -61.99 0.69 17.32
N LEU E 321 -63.04 0.11 17.90
CA LEU E 321 -64.05 -0.59 17.13
C LEU E 321 -65.42 -0.30 17.73
N GLN E 322 -66.39 0.00 16.87
CA GLN E 322 -67.75 0.22 17.36
C GLN E 322 -68.40 -1.09 17.82
N ARG E 323 -68.17 -2.17 17.07
CA ARG E 323 -68.60 -3.50 17.50
C ARG E 323 -67.43 -4.22 18.19
N LYS E 324 -66.92 -3.58 19.23
CA LYS E 324 -65.70 -4.05 19.89
C LYS E 324 -65.95 -5.33 20.66
N ASP E 325 -64.92 -6.16 20.74
CA ASP E 325 -64.91 -7.36 21.57
C ASP E 325 -64.22 -7.03 22.88
N ALA E 326 -64.84 -7.43 23.99
CA ALA E 326 -64.35 -7.02 25.31
C ALA E 326 -63.01 -7.68 25.64
N LEU E 327 -63.00 -9.01 25.74
CA LEU E 327 -61.80 -9.74 26.14
C LEU E 327 -61.28 -10.55 24.96
N LEU E 328 -59.95 -10.62 24.85
CA LEU E 328 -59.31 -11.35 23.76
C LEU E 328 -59.33 -12.83 24.09
N SER E 329 -59.92 -13.63 23.20
CA SER E 329 -60.06 -15.06 23.45
C SER E 329 -58.74 -15.79 23.21
N ASP E 330 -58.59 -16.94 23.87
CA ASP E 330 -57.35 -17.68 23.82
C ASP E 330 -57.05 -18.22 22.43
N GLU E 331 -58.10 -18.51 21.64
CA GLU E 331 -57.89 -18.96 20.27
C GLU E 331 -57.19 -17.88 19.44
N VAL E 332 -57.47 -16.60 19.72
CA VAL E 332 -56.75 -15.52 19.05
C VAL E 332 -55.26 -15.58 19.39
N ARG E 333 -54.93 -15.85 20.66
CA ARG E 333 -53.53 -15.99 21.05
C ARG E 333 -52.88 -17.15 20.32
N ASP E 334 -53.58 -18.29 20.24
CA ASP E 334 -53.01 -19.46 19.58
C ASP E 334 -52.74 -19.19 18.11
N VAL E 335 -53.72 -18.62 17.40
CA VAL E 335 -53.52 -18.36 15.98
C VAL E 335 -52.50 -17.25 15.76
N TRP E 336 -52.40 -16.30 16.70
CA TRP E 336 -51.42 -15.23 16.56
C TRP E 336 -50.01 -15.76 16.72
N TYR E 337 -49.80 -16.67 17.68
CA TYR E 337 -48.49 -17.30 17.81
C TYR E 337 -48.20 -18.23 16.64
N GLU E 338 -49.23 -18.86 16.07
CA GLU E 338 -49.03 -19.68 14.88
C GLU E 338 -48.58 -18.83 13.70
N LEU E 339 -49.18 -17.66 13.52
CA LEU E 339 -48.90 -16.81 12.38
C LEU E 339 -47.75 -15.84 12.61
N SER E 340 -47.21 -15.76 13.82
CA SER E 340 -46.15 -14.81 14.13
C SER E 340 -44.89 -15.46 14.69
N GLN E 341 -45.04 -16.49 15.52
CA GLN E 341 -43.93 -17.21 16.15
C GLN E 341 -43.07 -16.32 17.04
N GLY E 342 -43.56 -15.14 17.41
CA GLY E 342 -42.86 -14.27 18.32
C GLY E 342 -42.09 -13.13 17.69
N VAL E 343 -42.11 -13.02 16.36
CA VAL E 343 -41.40 -11.92 15.70
C VAL E 343 -42.09 -10.61 16.02
N MET E 344 -41.31 -9.61 16.43
CA MET E 344 -41.88 -8.39 16.98
C MET E 344 -42.57 -7.56 15.91
N ASP E 345 -41.95 -7.41 14.73
CA ASP E 345 -42.53 -6.60 13.67
C ASP E 345 -43.83 -7.20 13.16
N ILE E 346 -43.90 -8.52 13.06
CA ILE E 346 -45.04 -9.17 12.42
C ILE E 346 -46.29 -9.08 13.29
N VAL E 347 -46.14 -9.05 14.61
CA VAL E 347 -47.31 -8.97 15.49
C VAL E 347 -48.04 -7.64 15.30
N VAL E 348 -47.30 -6.53 15.37
CA VAL E 348 -47.94 -5.22 15.23
C VAL E 348 -48.42 -5.00 13.80
N LYS E 349 -47.68 -5.51 12.80
CA LYS E 349 -48.14 -5.42 11.42
C LYS E 349 -49.43 -6.17 11.22
N LEU E 350 -49.53 -7.39 11.76
CA LEU E 350 -50.76 -8.16 11.67
C LEU E 350 -51.91 -7.42 12.34
N PHE E 351 -51.67 -6.86 13.52
CA PHE E 351 -52.73 -6.12 14.22
C PHE E 351 -53.24 -4.95 13.39
N VAL E 352 -52.31 -4.11 12.89
CA VAL E 352 -52.73 -2.90 12.21
C VAL E 352 -53.39 -3.24 10.86
N LEU E 353 -52.86 -4.23 10.14
CA LEU E 353 -53.45 -4.59 8.86
C LEU E 353 -54.83 -5.23 9.05
N ALA E 354 -54.98 -6.08 10.07
CA ALA E 354 -56.27 -6.69 10.34
C ALA E 354 -57.30 -5.63 10.72
N GLN E 355 -56.91 -4.67 11.57
CA GLN E 355 -57.86 -3.62 11.92
C GLN E 355 -58.22 -2.76 10.72
N LEU E 356 -57.23 -2.41 9.88
CA LEU E 356 -57.49 -1.57 8.72
C LEU E 356 -58.43 -2.26 7.73
N ARG E 357 -58.20 -3.56 7.48
CA ARG E 357 -59.07 -4.28 6.55
C ARG E 357 -60.42 -4.63 7.16
N ALA E 358 -60.52 -4.78 8.49
CA ALA E 358 -61.82 -4.97 9.10
C ALA E 358 -62.64 -3.68 9.08
N LEU E 359 -61.96 -2.53 9.11
CA LEU E 359 -62.68 -1.26 8.98
C LEU E 359 -63.23 -1.05 7.58
N ALA E 360 -62.75 -1.80 6.58
CA ALA E 360 -63.16 -1.63 5.20
C ALA E 360 -64.03 -2.76 4.65
N LEU E 361 -63.89 -3.97 5.17
CA LEU E 361 -64.65 -5.10 4.66
C LEU E 361 -66.14 -5.04 5.00
N GLY E 362 -66.54 -4.16 5.91
CA GLY E 362 -67.93 -4.01 6.29
C GLY E 362 -68.30 -4.68 7.59
N ASN E 363 -67.55 -5.71 7.99
CA ASN E 363 -67.77 -6.37 9.27
C ASN E 363 -66.71 -5.88 10.26
N GLU E 364 -67.16 -5.32 11.38
CA GLU E 364 -66.26 -4.70 12.35
C GLU E 364 -66.02 -5.67 13.50
N ARG E 365 -65.09 -6.59 13.27
CA ARG E 365 -64.67 -7.55 14.30
C ARG E 365 -63.38 -8.25 13.89
N ILE E 366 -62.41 -8.28 14.80
CA ILE E 366 -61.17 -9.00 14.55
C ILE E 366 -61.37 -10.48 14.92
N THR E 367 -61.20 -11.35 13.94
CA THR E 367 -61.47 -12.77 14.09
C THR E 367 -60.31 -13.57 13.52
N ALA E 368 -60.13 -14.79 14.04
CA ALA E 368 -59.03 -15.64 13.56
C ALA E 368 -59.18 -15.97 12.08
N GLY E 369 -60.41 -16.22 11.64
CA GLY E 369 -60.64 -16.43 10.22
C GLY E 369 -60.30 -15.22 9.38
N LEU E 370 -60.55 -14.03 9.90
CA LEU E 370 -60.08 -12.81 9.24
C LEU E 370 -58.57 -12.76 9.20
N LEU E 371 -57.91 -13.16 10.30
CA LEU E 371 -56.46 -13.14 10.38
C LEU E 371 -55.83 -14.10 9.37
N ARG E 372 -56.50 -15.22 9.07
CA ARG E 372 -56.00 -16.15 8.07
C ARG E 372 -55.82 -15.46 6.73
N GLN E 373 -56.86 -14.78 6.25
CA GLN E 373 -56.74 -14.13 4.95
C GLN E 373 -55.89 -12.86 5.01
N VAL E 374 -55.81 -12.20 6.17
CA VAL E 374 -54.83 -11.12 6.34
C VAL E 374 -53.42 -11.65 6.09
N TYR E 375 -53.10 -12.81 6.68
CA TYR E 375 -51.79 -13.40 6.49
C TYR E 375 -51.59 -13.87 5.05
N GLN E 376 -52.64 -14.40 4.42
CA GLN E 376 -52.51 -15.01 3.11
C GLN E 376 -52.62 -14.05 1.94
N ASP E 377 -53.07 -12.80 2.16
CA ASP E 377 -53.23 -11.88 1.05
C ASP E 377 -52.18 -10.78 0.98
N GLU E 378 -51.68 -10.30 2.12
CA GLU E 378 -50.79 -9.16 2.16
C GLU E 378 -49.38 -9.48 2.65
N LEU E 379 -49.24 -10.49 3.52
CA LEU E 379 -47.98 -10.80 4.19
C LEU E 379 -47.24 -11.93 3.48
N LYS E 380 -47.29 -11.93 2.15
CA LYS E 380 -46.76 -13.03 1.36
C LYS E 380 -45.26 -13.28 1.52
N PRO E 381 -44.36 -12.28 1.42
CA PRO E 381 -42.93 -12.62 1.30
C PRO E 381 -42.33 -13.36 2.49
N VAL E 382 -42.93 -13.28 3.67
CA VAL E 382 -42.28 -13.73 4.90
C VAL E 382 -42.73 -15.14 5.30
N HIS E 383 -43.30 -15.92 4.39
CA HIS E 383 -43.58 -17.32 4.69
C HIS E 383 -42.35 -18.15 5.02
N PRO E 384 -41.28 -18.14 4.20
CA PRO E 384 -40.15 -19.05 4.50
C PRO E 384 -39.50 -18.83 5.85
N MET E 385 -39.38 -17.58 6.30
CA MET E 385 -38.79 -17.33 7.61
C MET E 385 -39.67 -17.89 8.73
N LEU E 386 -40.99 -17.75 8.60
CA LEU E 386 -41.89 -18.33 9.59
C LEU E 386 -41.81 -19.85 9.60
N GLU E 387 -41.72 -20.45 8.41
CA GLU E 387 -41.56 -21.91 8.35
C GLU E 387 -40.26 -22.35 8.99
N ALA E 388 -39.18 -21.58 8.78
CA ALA E 388 -37.91 -21.87 9.42
C ALA E 388 -38.01 -21.78 10.94
N LEU E 389 -38.70 -20.75 11.44
CA LEU E 389 -38.88 -20.60 12.88
C LEU E 389 -39.69 -21.76 13.46
N ARG E 390 -40.72 -22.20 12.73
CA ARG E 390 -41.49 -23.35 13.20
C ARG E 390 -40.67 -24.65 13.13
N SER E 391 -39.74 -24.74 12.18
CA SER E 391 -38.91 -25.94 12.06
C SER E 391 -37.99 -26.10 13.26
N GLY E 392 -37.25 -25.05 13.60
CA GLY E 392 -36.36 -25.08 14.74
C GLY E 392 -34.92 -25.44 14.45
N ILE E 393 -34.52 -25.45 13.18
CA ILE E 393 -33.15 -25.79 12.79
C ILE E 393 -32.34 -24.50 12.72
N PRO E 394 -31.26 -24.37 13.50
CA PRO E 394 -30.47 -23.12 13.44
C PRO E 394 -29.90 -22.83 12.06
N GLU E 395 -29.47 -23.87 11.33
CA GLU E 395 -28.99 -23.65 9.97
C GLU E 395 -30.11 -23.16 9.06
N ARG E 396 -31.32 -23.70 9.23
CA ARG E 396 -32.46 -23.24 8.46
C ARG E 396 -32.80 -21.79 8.79
N ILE E 397 -32.66 -21.40 10.06
CA ILE E 397 -32.86 -20.00 10.44
C ILE E 397 -31.82 -19.11 9.79
N ALA E 398 -30.55 -19.53 9.80
CA ALA E 398 -29.50 -18.74 9.18
C ALA E 398 -29.60 -18.70 7.66
N ARG E 399 -30.31 -19.66 7.06
CA ARG E 399 -30.44 -19.68 5.60
C ARG E 399 -31.31 -18.53 5.11
N TYR E 400 -32.46 -18.31 5.74
CA TYR E 400 -33.49 -17.44 5.21
C TYR E 400 -33.78 -16.27 6.15
N SER E 401 -32.73 -15.61 6.64
CA SER E 401 -32.90 -14.41 7.44
C SER E 401 -32.91 -13.18 6.53
N ASP E 402 -33.12 -12.01 7.14
CA ASP E 402 -33.13 -10.72 6.44
C ASP E 402 -34.20 -10.70 5.35
N LEU E 403 -35.44 -10.93 5.77
CA LEU E 403 -36.61 -10.87 4.89
C LEU E 403 -37.73 -10.19 5.67
N VAL E 404 -37.80 -8.86 5.56
CA VAL E 404 -38.75 -8.06 6.34
C VAL E 404 -39.52 -7.18 5.35
N VAL E 405 -40.64 -7.69 4.84
CA VAL E 405 -41.78 -6.96 4.26
C VAL E 405 -41.40 -5.68 3.54
N PRO E 406 -40.76 -5.73 2.37
CA PRO E 406 -40.55 -4.51 1.59
C PRO E 406 -41.88 -3.93 1.10
N GLU E 407 -41.90 -2.61 0.94
CA GLU E 407 -43.03 -1.88 0.34
C GLU E 407 -44.31 -2.09 1.17
N ILE E 408 -44.28 -1.52 2.37
CA ILE E 408 -45.42 -1.53 3.28
C ILE E 408 -46.00 -0.15 3.49
N ASP E 409 -45.16 0.87 3.62
CA ASP E 409 -45.66 2.22 3.92
C ASP E 409 -46.54 2.75 2.79
N LYS E 410 -46.09 2.61 1.54
CA LYS E 410 -46.89 3.06 0.42
C LYS E 410 -48.15 2.20 0.25
N ARG E 411 -48.06 0.91 0.59
CA ARG E 411 -49.25 0.06 0.57
C ARG E 411 -50.29 0.57 1.56
N LEU E 412 -49.86 0.92 2.77
CA LEU E 412 -50.78 1.47 3.76
C LEU E 412 -51.36 2.80 3.29
N ILE E 413 -50.53 3.64 2.68
CA ILE E 413 -51.02 4.93 2.19
C ILE E 413 -52.10 4.73 1.12
N GLN E 414 -51.84 3.83 0.18
CA GLN E 414 -52.82 3.56 -0.87
C GLN E 414 -54.10 2.96 -0.29
N LEU E 415 -53.97 2.06 0.69
CA LEU E 415 -55.16 1.49 1.32
C LEU E 415 -55.97 2.56 2.04
N GLN E 416 -55.28 3.53 2.66
CA GLN E 416 -56.00 4.59 3.36
C GLN E 416 -56.73 5.51 2.39
N LEU E 417 -56.08 5.90 1.28
CA LEU E 417 -56.75 6.78 0.33
C LEU E 417 -57.81 6.06 -0.50
N ASP E 418 -57.74 4.73 -0.60
CA ASP E 418 -58.76 3.99 -1.34
C ASP E 418 -60.13 4.10 -0.68
N ILE E 419 -60.19 4.01 0.65
CA ILE E 419 -61.45 4.00 1.37
C ILE E 419 -61.88 5.38 1.82
N ALA E 420 -61.12 6.43 1.50
CA ALA E 420 -61.45 7.76 1.98
C ALA E 420 -62.77 8.26 1.40
N ALA E 421 -63.02 8.01 0.12
CA ALA E 421 -64.20 8.53 -0.57
C ALA E 421 -65.19 7.40 -0.76
N ILE E 422 -66.07 7.21 0.22
CA ILE E 422 -67.15 6.24 0.16
C ILE E 422 -68.42 6.88 0.69
N GLN E 423 -69.55 6.58 0.05
CA GLN E 423 -70.84 7.12 0.47
C GLN E 423 -71.71 6.11 1.20
N GLU E 424 -71.48 4.81 0.98
CA GLU E 424 -72.23 3.79 1.71
C GLU E 424 -71.78 3.76 3.16
N GLN E 425 -72.72 3.40 4.05
CA GLN E 425 -72.46 3.47 5.48
C GLN E 425 -72.98 2.23 6.16
N THR E 426 -72.36 1.90 7.29
CA THR E 426 -72.77 0.77 8.10
C THR E 426 -74.02 1.11 8.90
N PRO E 427 -74.77 0.10 9.36
CA PRO E 427 -75.94 0.41 10.21
C PRO E 427 -75.58 1.12 11.50
N GLU E 428 -74.38 0.88 12.02
CA GLU E 428 -73.99 1.45 13.31
C GLU E 428 -73.94 2.98 13.24
N GLU E 429 -73.45 3.54 12.14
CA GLU E 429 -73.28 4.98 12.08
C GLU E 429 -74.61 5.70 11.89
N LYS E 430 -75.51 5.16 11.05
CA LYS E 430 -76.82 5.78 10.93
C LYS E 430 -77.63 5.60 12.21
N ALA E 431 -77.40 4.50 12.94
CA ALA E 431 -77.95 4.39 14.28
C ALA E 431 -77.35 5.43 15.22
N LEU E 432 -76.07 5.73 15.04
CA LEU E 432 -75.39 6.74 15.86
C LEU E 432 -76.01 8.11 15.66
N GLN E 433 -76.28 8.47 14.41
CA GLN E 433 -76.84 9.78 14.09
C GLN E 433 -78.36 9.79 14.04
N GLU E 434 -79.02 8.89 14.78
CA GLU E 434 -80.47 9.00 14.94
C GLU E 434 -80.83 10.20 15.80
N LEU E 435 -80.26 10.27 17.00
CA LEU E 435 -80.42 11.42 17.88
C LEU E 435 -79.13 12.21 18.04
N ASP E 436 -78.03 11.71 17.47
CA ASP E 436 -76.73 12.37 17.38
C ASP E 436 -75.99 12.30 18.72
N THR E 437 -74.70 11.95 18.68
CA THR E 437 -73.90 11.80 19.89
C THR E 437 -73.17 13.11 20.18
N GLU E 438 -73.92 14.05 20.74
CA GLU E 438 -73.36 15.36 21.08
C GLU E 438 -72.64 15.25 22.43
N ASP E 439 -71.67 14.33 22.50
CA ASP E 439 -70.87 14.08 23.70
C ASP E 439 -71.75 13.77 24.91
N GLN E 440 -72.86 13.06 24.68
CA GLN E 440 -73.73 12.62 25.77
C GLN E 440 -74.17 11.17 25.59
N ARG E 441 -74.21 10.71 24.33
CA ARG E 441 -74.78 9.41 24.00
C ARG E 441 -73.72 8.31 23.93
N HIS E 442 -72.50 8.59 24.39
CA HIS E 442 -71.57 7.50 24.67
C HIS E 442 -72.15 6.54 25.69
N LEU E 443 -73.14 6.99 26.46
CA LEU E 443 -73.87 6.10 27.36
C LEU E 443 -74.49 4.93 26.61
N TYR E 444 -75.27 5.18 25.57
CA TYR E 444 -75.83 4.01 24.90
C TYR E 444 -74.81 3.39 23.97
N LEU E 445 -73.78 4.15 23.56
CA LEU E 445 -72.64 3.50 22.90
C LEU E 445 -72.10 2.36 23.75
N MET E 446 -72.00 2.59 25.05
CA MET E 446 -71.58 1.53 25.97
C MET E 446 -72.70 0.51 26.19
N LEU E 447 -73.94 0.98 26.38
CA LEU E 447 -75.00 0.13 26.91
C LEU E 447 -75.70 -0.70 25.85
N LYS E 448 -75.59 -0.32 24.57
CA LYS E 448 -76.42 -0.92 23.53
C LYS E 448 -76.21 -2.43 23.42
N GLU E 449 -75.01 -2.90 23.74
CA GLU E 449 -74.75 -4.33 23.65
C GLU E 449 -75.37 -5.07 24.83
N ASP E 450 -75.65 -6.36 24.60
CA ASP E 450 -76.16 -7.34 25.57
C ASP E 450 -77.65 -7.05 25.83
N TYR E 451 -78.14 -5.91 25.34
CA TYR E 451 -79.56 -5.66 25.23
C TYR E 451 -79.87 -5.36 23.77
N ASP E 452 -81.12 -4.99 23.48
CA ASP E 452 -81.57 -4.71 22.13
C ASP E 452 -81.67 -3.20 21.94
N SER E 453 -80.95 -2.68 20.94
CA SER E 453 -80.91 -1.24 20.73
C SER E 453 -82.27 -0.69 20.29
N SER E 454 -83.09 -1.53 19.65
CA SER E 454 -84.42 -1.07 19.22
C SER E 454 -85.27 -0.66 20.42
N LEU E 455 -85.15 -1.37 21.54
CA LEU E 455 -85.80 -1.00 22.79
C LEU E 455 -84.87 -0.28 23.76
N LEU E 456 -83.60 -0.09 23.40
CA LEU E 456 -82.68 0.60 24.30
C LEU E 456 -82.52 2.06 23.93
N ILE E 457 -82.82 2.44 22.68
CA ILE E 457 -82.86 3.86 22.34
C ILE E 457 -84.07 4.58 22.94
N PRO E 458 -85.24 3.93 23.18
CA PRO E 458 -86.28 4.64 23.96
C PRO E 458 -85.83 5.10 25.33
N THR E 459 -85.14 4.24 26.10
CA THR E 459 -84.77 4.64 27.45
C THR E 459 -83.79 5.80 27.44
N ILE E 460 -82.83 5.79 26.51
CA ILE E 460 -81.87 6.87 26.42
C ILE E 460 -82.55 8.16 26.00
N LYS E 461 -83.39 8.11 24.97
CA LYS E 461 -84.04 9.34 24.51
C LYS E 461 -84.97 9.91 25.58
N LYS E 462 -85.71 9.05 26.29
CA LYS E 462 -86.63 9.54 27.30
C LYS E 462 -85.90 10.04 28.54
N ALA E 463 -84.76 9.43 28.88
CA ALA E 463 -83.98 9.93 30.00
C ALA E 463 -83.36 11.28 29.69
N PHE E 464 -82.87 11.45 28.46
CA PHE E 464 -82.25 12.73 28.08
C PHE E 464 -83.29 13.82 27.92
N SER E 465 -84.47 13.49 27.37
CA SER E 465 -85.54 14.48 27.26
C SER E 465 -86.19 14.77 28.60
N GLN E 466 -86.13 13.82 29.53
CA GLN E 466 -86.74 14.00 30.85
C GLN E 466 -86.08 15.12 31.62
N ASN E 467 -84.75 15.19 31.58
CA ASN E 467 -84.00 16.18 32.35
C ASN E 467 -83.32 17.16 31.41
N PRO E 468 -83.55 18.46 31.57
CA PRO E 468 -82.90 19.43 30.66
C PRO E 468 -81.39 19.44 30.76
N THR E 469 -80.83 19.42 31.97
CA THR E 469 -79.37 19.44 32.12
C THR E 469 -78.96 18.68 33.37
N MET E 470 -78.52 17.43 33.18
CA MET E 470 -77.88 16.64 34.21
C MET E 470 -76.63 15.99 33.63
N THR E 471 -75.75 15.54 34.52
CA THR E 471 -74.56 14.83 34.11
C THR E 471 -74.92 13.48 33.49
N ARG E 472 -74.13 13.06 32.51
CA ARG E 472 -74.34 11.76 31.88
C ARG E 472 -74.20 10.64 32.92
N GLN E 473 -73.16 10.73 33.75
CA GLN E 473 -72.98 9.81 34.87
C GLN E 473 -74.20 9.82 35.79
N LYS E 474 -74.83 10.99 35.93
CA LYS E 474 -76.07 11.08 36.70
C LYS E 474 -77.20 10.36 35.97
N LEU E 475 -77.18 10.37 34.63
CA LEU E 475 -78.29 9.83 33.85
C LEU E 475 -78.22 8.32 33.67
N LEU E 476 -77.06 7.70 33.86
CA LEU E 476 -76.99 6.24 33.76
C LEU E 476 -77.94 5.51 34.72
N PRO E 477 -77.96 5.80 36.04
CA PRO E 477 -78.91 5.10 36.91
C PRO E 477 -80.36 5.36 36.54
N LEU E 478 -80.66 6.54 35.99
CA LEU E 478 -82.03 6.82 35.58
C LEU E 478 -82.46 5.95 34.42
N VAL E 479 -81.56 5.70 33.45
CA VAL E 479 -81.85 4.74 32.37
C VAL E 479 -82.07 3.35 32.94
N LEU E 480 -81.17 2.92 33.83
CA LEU E 480 -81.25 1.57 34.38
C LEU E 480 -82.54 1.38 35.17
N GLN E 481 -82.95 2.40 35.93
CA GLN E 481 -84.21 2.30 36.66
C GLN E 481 -85.41 2.50 35.75
N TRP E 482 -85.23 3.17 34.61
CA TRP E 482 -86.33 3.36 33.68
C TRP E 482 -86.77 2.02 33.11
N LEU E 483 -85.81 1.23 32.60
CA LEU E 483 -86.08 -0.21 32.38
C LEU E 483 -84.77 -1.00 32.43
N MET E 484 -84.55 -1.69 33.56
CA MET E 484 -83.72 -2.89 33.53
C MET E 484 -84.31 -3.94 32.60
N GLU E 485 -85.63 -4.10 32.62
CA GLU E 485 -86.33 -5.14 31.87
C GLU E 485 -86.08 -5.04 30.37
N THR F 4 2.56 -3.50 25.44
CA THR F 4 3.24 -3.17 26.68
C THR F 4 4.69 -2.81 26.41
N ARG F 5 4.93 -1.54 26.05
CA ARG F 5 6.25 -1.05 25.71
C ARG F 5 6.77 -0.20 26.86
N ILE F 6 7.93 -0.58 27.40
CA ILE F 6 8.53 0.09 28.54
C ILE F 6 10.02 0.27 28.29
N GLN F 7 10.52 1.48 28.54
CA GLN F 7 11.94 1.75 28.37
C GLN F 7 12.76 1.03 29.43
N ALA F 8 13.98 0.66 29.06
CA ALA F 8 14.83 -0.18 29.91
C ALA F 8 15.60 0.64 30.92
N VAL F 9 15.65 0.13 32.16
CA VAL F 9 16.48 0.68 33.22
C VAL F 9 17.25 -0.47 33.85
N TYR F 10 18.56 -0.32 33.97
CA TYR F 10 19.44 -1.41 34.34
C TYR F 10 19.64 -1.46 35.84
N ARG F 11 19.55 -2.67 36.41
CA ARG F 11 19.84 -2.91 37.81
C ARG F 11 20.54 -4.25 37.94
N ASP F 12 21.59 -4.29 38.75
CA ASP F 12 22.41 -5.48 38.86
C ASP F 12 21.72 -6.55 39.71
N THR F 13 22.26 -7.77 39.65
CA THR F 13 21.76 -8.90 40.40
C THR F 13 22.92 -9.54 41.17
N GLY F 14 22.59 -10.14 42.31
CA GLY F 14 23.60 -10.67 43.21
C GLY F 14 24.33 -11.90 42.70
N VAL F 15 23.70 -12.65 41.79
CA VAL F 15 24.30 -13.87 41.25
C VAL F 15 25.41 -13.50 40.27
N GLU F 16 26.52 -14.26 40.33
CA GLU F 16 27.72 -13.89 39.60
C GLU F 16 27.63 -14.19 38.11
N ALA F 17 26.90 -15.23 37.71
CA ALA F 17 26.84 -15.60 36.30
C ALA F 17 26.09 -14.57 35.47
N TYR F 18 25.43 -13.62 36.12
CA TYR F 18 24.58 -12.64 35.45
C TYR F 18 25.12 -11.24 35.69
N ARG F 19 26.46 -11.11 35.64
CA ARG F 19 27.14 -9.97 36.26
C ARG F 19 26.80 -8.66 35.54
N ASP F 20 26.95 -8.62 34.21
CA ASP F 20 26.73 -7.38 33.47
C ASP F 20 25.90 -7.62 32.21
N ASN F 21 25.07 -8.66 32.22
CA ASN F 21 24.25 -8.97 31.06
C ASN F 21 23.09 -7.98 30.95
N PRO F 22 22.91 -7.29 29.82
CA PRO F 22 21.83 -6.28 29.76
C PRO F 22 20.45 -6.89 29.70
N PHE F 23 20.29 -8.00 28.97
CA PHE F 23 18.97 -8.61 28.80
C PHE F 23 18.39 -9.06 30.14
N ILE F 24 19.23 -9.66 30.97
CA ILE F 24 18.78 -10.19 32.26
C ILE F 24 18.66 -9.08 33.30
N GLU F 25 19.39 -7.99 33.13
CA GLU F 25 19.32 -6.89 34.08
C GLU F 25 18.27 -5.86 33.70
N ALA F 26 17.60 -6.02 32.57
CA ALA F 26 16.48 -5.15 32.24
C ALA F 26 15.14 -5.66 32.76
N LEU F 27 15.12 -6.82 33.43
CA LEU F 27 13.92 -7.44 33.95
C LEU F 27 13.64 -6.99 35.38
N PRO F 28 12.41 -7.17 35.86
CA PRO F 28 12.13 -6.85 37.26
C PRO F 28 12.96 -7.72 38.19
N PRO F 29 13.29 -7.20 39.36
CA PRO F 29 14.16 -7.95 40.29
C PRO F 29 13.48 -9.21 40.82
N LEU F 30 14.32 -10.13 41.29
CA LEU F 30 13.86 -11.39 41.82
C LEU F 30 13.06 -11.20 43.10
N GLN F 31 12.11 -12.10 43.34
CA GLN F 31 11.24 -12.03 44.49
C GLN F 31 11.23 -13.37 45.22
N GLU F 32 11.10 -13.31 46.54
CA GLU F 32 11.04 -14.51 47.36
C GLU F 32 9.62 -15.07 47.37
N SER F 33 9.41 -16.12 48.17
CA SER F 33 8.10 -16.72 48.29
C SER F 33 7.10 -15.80 48.98
N VAL F 34 7.56 -14.84 49.77
CA VAL F 34 6.66 -13.91 50.43
C VAL F 34 5.98 -13.00 49.41
N ASN F 35 6.72 -12.58 48.39
CA ASN F 35 6.20 -11.66 47.39
C ASN F 35 5.65 -12.35 46.16
N SER F 36 6.24 -13.48 45.74
CA SER F 36 5.79 -14.15 44.52
C SER F 36 4.43 -14.80 44.70
N ALA F 37 4.11 -15.24 45.91
CA ALA F 37 2.82 -15.84 46.20
C ALA F 37 1.82 -14.86 46.79
N ALA F 38 2.19 -13.58 46.90
CA ALA F 38 1.29 -12.53 47.37
C ALA F 38 1.02 -11.46 46.33
N SER F 39 1.81 -11.39 45.26
CA SER F 39 1.50 -10.50 44.14
C SER F 39 0.47 -11.11 43.19
N LEU F 40 0.09 -12.36 43.41
CA LEU F 40 -0.92 -13.01 42.59
C LEU F 40 -2.32 -12.83 43.11
N LYS F 41 -2.48 -12.59 44.41
CA LYS F 41 -3.79 -12.53 45.04
C LYS F 41 -4.61 -11.36 44.50
N SER F 42 -5.87 -11.63 44.19
CA SER F 42 -6.78 -10.60 43.69
C SER F 42 -8.19 -10.95 44.15
N SER F 43 -8.92 -9.95 44.63
CA SER F 43 -10.27 -10.15 45.14
C SER F 43 -11.12 -8.95 44.79
N LEU F 44 -12.43 -9.15 44.86
CA LEU F 44 -13.39 -8.11 44.53
C LEU F 44 -13.62 -7.19 45.74
N GLN F 45 -14.13 -6.00 45.45
CA GLN F 45 -14.33 -5.01 46.51
C GLN F 45 -15.63 -5.28 47.29
N LEU F 46 -16.77 -5.18 46.61
CA LEU F 46 -18.08 -5.53 47.15
C LEU F 46 -18.35 -4.83 48.49
N THR F 47 -18.45 -3.51 48.40
CA THR F 47 -18.76 -2.70 49.57
C THR F 47 -20.19 -2.95 50.04
N SER F 48 -20.51 -2.42 51.22
CA SER F 48 -21.84 -2.62 51.80
C SER F 48 -22.92 -1.93 50.96
N SER F 49 -22.56 -0.86 50.25
CA SER F 49 -23.55 -0.15 49.43
C SER F 49 -23.95 -0.95 48.20
N ASP F 50 -23.09 -1.86 47.72
CA ASP F 50 -23.44 -2.69 46.58
C ASP F 50 -24.45 -3.78 46.94
N LEU F 51 -24.59 -4.10 48.23
CA LEU F 51 -25.58 -5.08 48.65
C LEU F 51 -27.00 -4.57 48.41
N GLN F 52 -27.24 -3.28 48.66
CA GLN F 52 -28.56 -2.67 48.45
C GLN F 52 -28.56 -2.01 47.08
N LYS F 53 -28.97 -2.76 46.06
CA LYS F 53 -29.01 -2.25 44.71
C LYS F 53 -29.99 -3.07 43.89
N SER F 54 -30.27 -2.58 42.67
CA SER F 54 -31.19 -3.28 41.78
C SER F 54 -30.62 -4.65 41.39
N ARG F 55 -31.51 -5.60 41.16
CA ARG F 55 -31.10 -6.99 40.97
C ARG F 55 -30.37 -7.21 39.65
N VAL F 56 -30.58 -6.37 38.64
CA VAL F 56 -29.86 -6.54 37.38
C VAL F 56 -28.38 -6.18 37.55
N ILE F 57 -28.11 -5.05 38.20
CA ILE F 57 -26.73 -4.66 38.47
C ILE F 57 -26.07 -5.67 39.41
N ARG F 58 -26.82 -6.16 40.39
CA ARG F 58 -26.31 -7.22 41.25
C ARG F 58 -25.97 -8.47 40.45
N ALA F 59 -26.82 -8.82 39.49
CA ALA F 59 -26.56 -10.00 38.66
C ALA F 59 -25.30 -9.82 37.83
N HIS F 60 -25.11 -8.63 37.26
CA HIS F 60 -23.88 -8.35 36.51
C HIS F 60 -22.65 -8.46 37.40
N THR F 61 -22.72 -7.85 38.59
CA THR F 61 -21.58 -7.86 39.51
C THR F 61 -21.27 -9.27 40.00
N ILE F 62 -22.30 -10.11 40.18
CA ILE F 62 -22.08 -11.44 40.73
C ILE F 62 -21.72 -12.44 39.64
N CYS F 63 -22.06 -12.15 38.37
CA CYS F 63 -21.53 -12.88 37.23
C CYS F 63 -20.09 -12.49 36.93
N ARG F 64 -19.66 -11.30 37.34
CA ARG F 64 -18.25 -10.92 37.17
C ARG F 64 -17.30 -11.68 38.13
N ILE F 65 -17.72 -12.72 38.82
CA ILE F 65 -16.87 -13.41 39.80
C ILE F 65 -15.77 -14.21 39.12
N PRO F 66 -16.07 -15.22 38.27
CA PRO F 66 -14.99 -16.11 37.83
C PRO F 66 -13.93 -15.42 36.98
N ASP F 67 -14.28 -14.33 36.29
CA ASP F 67 -13.30 -13.67 35.43
C ASP F 67 -12.27 -12.90 36.26
N ASP F 68 -12.67 -12.33 37.39
CA ASP F 68 -11.80 -11.48 38.19
C ASP F 68 -11.76 -11.97 39.63
N TYR F 69 -11.54 -13.27 39.81
CA TYR F 69 -11.30 -13.84 41.13
C TYR F 69 -10.20 -14.89 41.04
N PHE F 70 -9.28 -14.87 42.00
CA PHE F 70 -8.17 -15.80 42.02
C PHE F 70 -7.52 -15.77 43.40
N GLN F 71 -7.18 -16.95 43.92
CA GLN F 71 -6.45 -17.07 45.17
C GLN F 71 -5.22 -17.92 44.90
N PRO F 72 -4.01 -17.44 45.18
CA PRO F 72 -2.80 -18.22 44.90
C PRO F 72 -2.67 -19.39 45.87
N LEU F 73 -2.70 -20.59 45.32
CA LEU F 73 -2.65 -21.80 46.13
C LEU F 73 -1.21 -22.09 46.53
N GLY F 74 -0.97 -23.27 47.10
CA GLY F 74 0.35 -23.64 47.57
C GLY F 74 1.21 -24.31 46.51
N THR F 75 0.81 -24.18 45.24
CA THR F 75 1.54 -24.78 44.14
C THR F 75 2.01 -23.75 43.11
N HIS F 76 1.40 -22.56 43.08
CA HIS F 76 1.79 -21.54 42.12
C HIS F 76 3.22 -21.06 42.36
N LEU F 77 3.72 -21.17 43.59
CA LEU F 77 5.08 -20.73 43.89
C LEU F 77 6.11 -21.54 43.12
N LEU F 78 5.93 -22.86 43.06
CA LEU F 78 6.86 -23.71 42.33
C LEU F 78 6.87 -23.35 40.85
N LEU F 79 5.68 -23.15 40.26
CA LEU F 79 5.61 -22.77 38.85
C LEU F 79 6.25 -21.41 38.61
N SER F 80 6.05 -20.47 39.54
CA SER F 80 6.65 -19.14 39.39
C SER F 80 8.18 -19.23 39.42
N GLU F 81 8.74 -20.02 40.34
CA GLU F 81 10.19 -20.12 40.40
C GLU F 81 10.75 -20.86 39.20
N ARG F 82 10.05 -21.88 38.70
CA ARG F 82 10.51 -22.58 37.50
C ARG F 82 10.46 -21.67 36.28
N ILE F 83 9.41 -20.85 36.16
CA ILE F 83 9.33 -19.91 35.04
C ILE F 83 10.42 -18.87 35.14
N SER F 84 10.72 -18.40 36.35
CA SER F 84 11.80 -17.43 36.53
C SER F 84 13.14 -18.01 36.10
N VAL F 85 13.42 -19.25 36.54
CA VAL F 85 14.66 -19.91 36.15
C VAL F 85 14.72 -20.11 34.64
N MET F 86 13.60 -20.53 34.04
CA MET F 86 13.57 -20.80 32.60
C MET F 86 13.82 -19.52 31.79
N ILE F 87 13.17 -18.42 32.17
CA ILE F 87 13.31 -17.18 31.41
C ILE F 87 14.70 -16.58 31.62
N ARG F 88 15.21 -16.61 32.85
CA ARG F 88 16.49 -16.01 33.15
C ARG F 88 17.67 -16.95 32.86
N GLY F 89 17.40 -18.17 32.41
CA GLY F 89 18.48 -19.09 32.09
C GLY F 89 18.54 -19.41 30.61
N GLY F 90 18.10 -18.47 29.78
CA GLY F 90 18.13 -18.63 28.35
C GLY F 90 18.63 -17.38 27.66
N TYR F 91 19.07 -16.41 28.46
CA TYR F 91 19.66 -15.17 27.96
C TYR F 91 21.15 -15.06 28.25
N VAL F 92 21.77 -16.08 28.85
CA VAL F 92 23.19 -15.99 29.15
C VAL F 92 24.03 -16.43 27.96
N GLY F 93 23.48 -17.26 27.07
CA GLY F 93 24.17 -17.67 25.87
C GLY F 93 24.04 -16.70 24.70
N ARG F 94 23.14 -15.73 24.81
CA ARG F 94 22.92 -14.73 23.78
C ARG F 94 23.29 -13.34 24.29
N ASN F 95 24.40 -13.25 25.00
CA ASN F 95 24.84 -11.99 25.59
C ASN F 95 25.35 -11.05 24.50
N PRO F 96 24.80 -9.84 24.38
CA PRO F 96 25.38 -8.85 23.45
C PRO F 96 26.52 -8.05 24.04
N LYS F 97 26.94 -8.34 25.27
CA LYS F 97 28.06 -7.66 25.91
C LYS F 97 29.37 -8.19 25.31
N THR F 98 29.62 -7.76 24.07
CA THR F 98 30.80 -8.16 23.31
C THR F 98 31.38 -6.90 22.68
N GLY F 99 32.43 -6.36 23.30
CA GLY F 99 33.04 -5.14 22.81
C GLY F 99 34.02 -5.43 21.69
N ASP F 100 35.24 -4.87 21.79
CA ASP F 100 36.27 -5.10 20.79
C ASP F 100 36.88 -6.48 20.99
N LEU F 101 36.05 -7.50 20.72
CA LEU F 101 36.50 -8.88 20.82
C LEU F 101 37.53 -9.25 19.76
N GLN F 102 37.62 -8.46 18.69
CA GLN F 102 38.57 -8.75 17.62
C GLN F 102 39.99 -8.73 18.14
N LYS F 103 40.34 -7.73 18.95
CA LYS F 103 41.69 -7.65 19.50
C LYS F 103 41.98 -8.82 20.42
N HIS F 104 41.00 -9.20 21.26
CA HIS F 104 41.21 -10.32 22.17
C HIS F 104 41.44 -11.62 21.42
N LEU F 105 40.61 -11.89 20.41
CA LEU F 105 40.76 -13.13 19.63
C LEU F 105 42.08 -13.13 18.87
N GLN F 106 42.43 -12.01 18.24
CA GLN F 106 43.68 -11.95 17.49
C GLN F 106 44.89 -12.11 18.40
N ASN F 107 44.87 -11.48 19.58
CA ASN F 107 45.97 -11.61 20.52
C ASN F 107 46.09 -13.04 21.01
N GLY F 108 44.96 -13.69 21.33
CA GLY F 108 45.02 -15.09 21.74
C GLY F 108 45.57 -15.99 20.65
N TYR F 109 45.15 -15.75 19.41
CA TYR F 109 45.65 -16.56 18.29
C TYR F 109 47.15 -16.37 18.11
N GLU F 110 47.61 -15.12 18.09
CA GLU F 110 49.02 -14.84 17.87
C GLU F 110 49.88 -15.25 19.05
N ARG F 111 49.30 -15.39 20.24
CA ARG F 111 50.05 -15.82 21.41
C ARG F 111 50.05 -17.33 21.57
N VAL F 112 49.06 -18.03 21.01
CA VAL F 112 49.05 -19.48 21.04
C VAL F 112 49.78 -20.08 19.83
N GLN F 113 49.95 -19.31 18.75
CA GLN F 113 50.67 -19.82 17.59
C GLN F 113 52.16 -19.91 17.81
N THR F 114 52.69 -19.27 18.84
CA THR F 114 54.12 -19.33 19.17
C THR F 114 54.43 -20.40 20.20
N GLY F 115 53.43 -21.16 20.65
CA GLY F 115 53.65 -22.24 21.59
C GLY F 115 53.67 -21.86 23.04
N GLU F 116 53.35 -20.60 23.38
CA GLU F 116 53.38 -20.18 24.77
C GLU F 116 52.26 -20.81 25.57
N LEU F 117 51.04 -20.82 25.05
CA LEU F 117 49.89 -21.38 25.74
C LEU F 117 49.57 -22.76 25.18
N GLU F 118 49.00 -23.61 26.04
CA GLU F 118 48.62 -24.95 25.62
C GLU F 118 47.33 -24.95 24.81
N THR F 119 46.38 -24.05 25.13
CA THR F 119 45.07 -24.09 24.49
C THR F 119 44.42 -22.71 24.61
N PHE F 120 43.25 -22.58 24.00
CA PHE F 120 42.48 -21.35 24.03
C PHE F 120 41.02 -21.69 23.73
N ARG F 121 40.15 -20.69 23.87
CA ARG F 121 38.73 -20.83 23.57
C ARG F 121 38.32 -19.72 22.62
N PHE F 122 37.73 -20.08 21.48
CA PHE F 122 37.41 -19.13 20.43
C PHE F 122 35.92 -18.97 20.21
N GLU F 123 35.21 -20.07 19.93
CA GLU F 123 33.84 -19.98 19.46
C GLU F 123 32.89 -19.53 20.56
N GLU F 124 31.95 -18.65 20.20
CA GLU F 124 30.95 -18.14 21.12
C GLU F 124 29.63 -18.91 21.06
N ALA F 125 29.52 -19.91 20.20
CA ALA F 125 28.28 -20.66 20.04
C ALA F 125 28.03 -21.48 21.29
N ARG F 126 27.08 -21.04 22.11
CA ARG F 126 26.77 -21.71 23.37
C ARG F 126 25.32 -21.38 23.72
N SER F 127 24.42 -22.33 23.42
CA SER F 127 22.99 -22.11 23.64
C SER F 127 22.32 -23.47 23.78
N THR F 128 21.89 -23.80 25.00
CA THR F 128 21.20 -25.06 25.28
C THR F 128 19.72 -24.76 25.50
N ALA F 129 18.89 -25.07 24.50
CA ALA F 129 17.46 -24.85 24.63
C ALA F 129 16.87 -25.82 25.64
N GLN F 130 15.96 -25.31 26.47
CA GLN F 130 15.31 -26.09 27.50
C GLN F 130 13.80 -26.09 27.29
N SER F 131 13.14 -27.16 27.72
CA SER F 131 11.71 -27.29 27.54
C SER F 131 11.09 -27.97 28.75
N LEU F 132 9.79 -27.74 28.94
CA LEU F 132 9.05 -28.29 30.06
C LEU F 132 7.61 -28.55 29.61
N LEU F 133 6.98 -29.54 30.23
CA LEU F 133 5.59 -29.88 29.97
C LEU F 133 4.75 -29.54 31.19
N LEU F 134 3.59 -28.92 30.95
CA LEU F 134 2.68 -28.48 32.00
C LEU F 134 1.32 -29.08 31.71
N ILE F 135 1.02 -30.23 32.29
CA ILE F 135 -0.21 -30.97 31.99
C ILE F 135 -1.01 -31.19 33.26
N GLY F 136 -2.32 -30.97 33.16
CA GLY F 136 -3.24 -31.20 34.26
C GLY F 136 -4.64 -31.40 33.71
N CYS F 137 -5.54 -31.79 34.60
CA CYS F 137 -6.92 -32.03 34.21
C CYS F 137 -7.56 -30.73 33.69
N SER F 138 -8.58 -30.89 32.87
CA SER F 138 -9.23 -29.75 32.26
C SER F 138 -9.92 -28.89 33.32
N GLY F 139 -9.76 -27.58 33.20
CA GLY F 139 -10.34 -26.66 34.15
C GLY F 139 -9.62 -26.57 35.47
N SER F 140 -8.40 -27.08 35.58
CA SER F 140 -7.65 -27.10 36.83
C SER F 140 -6.63 -25.98 36.93
N GLY F 141 -6.78 -24.93 36.13
CA GLY F 141 -5.89 -23.79 36.25
C GLY F 141 -4.60 -23.89 35.46
N LYS F 142 -4.69 -24.00 34.14
CA LYS F 142 -3.51 -24.06 33.29
C LYS F 142 -3.32 -22.83 32.41
N THR F 143 -4.32 -21.96 32.29
CA THR F 143 -4.20 -20.77 31.45
C THR F 143 -4.37 -19.48 32.24
N THR F 144 -5.43 -19.37 33.04
CA THR F 144 -5.58 -18.24 33.93
C THR F 144 -4.53 -18.25 35.03
N SER F 145 -3.98 -19.43 35.33
CA SER F 145 -2.86 -19.58 36.25
C SER F 145 -1.52 -19.42 35.55
N LEU F 146 -1.50 -18.92 34.32
CA LEU F 146 -0.25 -18.67 33.60
C LEU F 146 -0.20 -17.22 33.13
N HIS F 147 -1.36 -16.68 32.75
CA HIS F 147 -1.42 -15.29 32.30
C HIS F 147 -0.95 -14.34 33.39
N ARG F 148 -1.37 -14.57 34.63
CA ARG F 148 -1.09 -13.65 35.72
C ARG F 148 0.21 -13.98 36.46
N ILE F 149 0.96 -14.96 35.99
CA ILE F 149 2.34 -15.16 36.40
C ILE F 149 3.31 -14.64 35.36
N LEU F 150 2.96 -14.75 34.08
CA LEU F 150 3.71 -14.05 33.05
C LEU F 150 3.53 -12.55 33.15
N ALA F 151 2.35 -12.10 33.60
CA ALA F 151 2.00 -10.67 33.53
C ALA F 151 2.89 -9.80 34.40
N THR F 152 3.56 -10.36 35.40
CA THR F 152 4.49 -9.56 36.20
C THR F 152 5.65 -9.04 35.36
N TYR F 153 6.03 -9.78 34.33
CA TYR F 153 7.10 -9.40 33.42
C TYR F 153 6.54 -8.52 32.29
N PRO F 154 7.14 -7.37 32.01
CA PRO F 154 6.70 -6.58 30.85
C PRO F 154 7.06 -7.29 29.55
N GLN F 155 6.11 -7.29 28.62
CA GLN F 155 6.28 -8.06 27.39
C GLN F 155 7.38 -7.50 26.51
N VAL F 156 7.34 -6.19 26.25
CA VAL F 156 8.27 -5.56 25.31
C VAL F 156 9.10 -4.54 26.08
N ILE F 157 10.42 -4.69 26.00
CA ILE F 157 11.38 -3.78 26.62
C ILE F 157 12.32 -3.28 25.53
N TYR F 158 12.52 -1.97 25.47
CA TYR F 158 13.40 -1.34 24.49
C TYR F 158 14.66 -0.85 25.18
N HIS F 159 15.81 -1.30 24.69
CA HIS F 159 17.09 -0.87 25.21
C HIS F 159 17.55 0.38 24.49
N ARG F 160 17.91 1.42 25.26
CA ARG F 160 18.42 2.64 24.65
C ARG F 160 19.84 2.46 24.14
N GLU F 161 20.70 1.80 24.93
CA GLU F 161 22.09 1.61 24.53
C GLU F 161 22.19 0.74 23.29
N LEU F 162 21.43 -0.35 23.24
CA LEU F 162 21.35 -1.19 22.07
C LEU F 162 20.20 -0.71 21.18
N ASN F 163 19.86 -1.48 20.16
CA ASN F 163 18.71 -1.17 19.31
C ASN F 163 17.92 -2.45 19.04
N VAL F 164 17.83 -3.31 20.05
CA VAL F 164 17.06 -4.55 19.94
C VAL F 164 15.88 -4.48 20.90
N GLU F 165 14.86 -5.27 20.59
CA GLU F 165 13.65 -5.35 21.38
C GLU F 165 13.56 -6.71 22.04
N GLN F 166 13.20 -6.73 23.32
CA GLN F 166 13.26 -7.94 24.15
C GLN F 166 11.84 -8.39 24.47
N VAL F 167 11.31 -9.26 23.61
CA VAL F 167 9.99 -9.86 23.82
C VAL F 167 10.16 -10.95 24.88
N VAL F 168 9.75 -10.63 26.12
CA VAL F 168 10.00 -11.54 27.24
C VAL F 168 9.22 -12.84 27.06
N TYR F 169 7.93 -12.74 26.73
CA TYR F 169 7.10 -13.93 26.54
C TYR F 169 6.28 -13.79 25.27
N LEU F 170 5.84 -14.94 24.76
CA LEU F 170 4.95 -14.98 23.61
C LEU F 170 4.05 -16.19 23.75
N LYS F 171 2.73 -15.97 23.73
CA LYS F 171 1.75 -17.00 23.97
C LYS F 171 1.02 -17.33 22.67
N ILE F 172 0.92 -18.61 22.36
CA ILE F 172 0.35 -19.08 21.10
C ILE F 172 -0.82 -20.01 21.43
N ASP F 173 -1.95 -19.78 20.76
CA ASP F 173 -3.13 -20.63 20.90
C ASP F 173 -3.35 -21.40 19.62
N CYS F 174 -3.52 -22.72 19.74
CA CYS F 174 -3.86 -23.55 18.59
C CYS F 174 -5.34 -23.41 18.28
N SER F 175 -5.69 -23.72 17.03
CA SER F 175 -7.06 -23.54 16.56
C SER F 175 -7.93 -24.70 17.08
N HIS F 176 -9.18 -24.73 16.63
CA HIS F 176 -10.10 -25.76 17.09
C HIS F 176 -9.74 -27.12 16.53
N ASN F 177 -9.42 -27.19 15.24
CA ASN F 177 -8.99 -28.45 14.63
C ASN F 177 -7.47 -28.61 14.71
N GLY F 178 -6.73 -27.67 14.13
CA GLY F 178 -5.29 -27.64 14.29
C GLY F 178 -4.50 -28.35 13.21
N SER F 179 -3.39 -27.74 12.81
CA SER F 179 -2.47 -28.34 11.86
C SER F 179 -1.09 -27.74 12.07
N LEU F 180 -0.07 -28.43 11.56
CA LEU F 180 1.30 -27.97 11.73
C LEU F 180 1.58 -26.66 10.99
N LYS F 181 0.79 -26.35 9.97
CA LYS F 181 0.92 -25.06 9.30
C LYS F 181 0.33 -23.94 10.16
N GLU F 182 -0.74 -24.24 10.89
CA GLU F 182 -1.45 -23.22 11.64
C GLU F 182 -0.66 -22.76 12.85
N ILE F 183 0.10 -23.64 13.49
CA ILE F 183 0.96 -23.22 14.60
C ILE F 183 2.03 -22.26 14.11
N CYS F 184 2.65 -22.58 12.97
CA CYS F 184 3.68 -21.72 12.41
C CYS F 184 3.10 -20.37 12.02
N LEU F 185 1.89 -20.35 11.45
CA LEU F 185 1.27 -19.08 11.11
C LEU F 185 0.89 -18.29 12.37
N ASN F 186 0.43 -18.99 13.40
CA ASN F 186 0.03 -18.32 14.64
C ASN F 186 1.21 -17.72 15.37
N PHE F 187 2.39 -18.32 15.23
CA PHE F 187 3.59 -17.68 15.78
C PHE F 187 3.77 -16.27 15.23
N PHE F 188 3.73 -16.14 13.91
CA PHE F 188 3.87 -14.82 13.29
C PHE F 188 2.70 -13.92 13.66
N ARG F 189 1.48 -14.48 13.71
CA ARG F 189 0.31 -13.66 14.03
C ARG F 189 0.41 -13.07 15.43
N ALA F 190 0.76 -13.88 16.42
CA ALA F 190 0.82 -13.36 17.79
C ALA F 190 2.05 -12.50 18.02
N LEU F 191 3.15 -12.75 17.28
CA LEU F 191 4.30 -11.86 17.42
C LEU F 191 4.03 -10.52 16.76
N ASP F 192 3.22 -10.49 15.69
CA ASP F 192 2.78 -9.25 15.09
C ASP F 192 1.64 -8.60 15.84
N ARG F 193 1.02 -9.30 16.78
CA ARG F 193 0.14 -8.66 17.75
C ARG F 193 0.90 -8.11 18.95
N ALA F 194 2.04 -8.72 19.31
CA ALA F 194 2.88 -8.15 20.36
C ALA F 194 3.54 -6.86 19.91
N LEU F 195 4.12 -6.87 18.71
CA LEU F 195 4.78 -5.72 18.12
C LEU F 195 3.92 -5.16 17.00
N GLY F 196 4.46 -4.19 16.27
CA GLY F 196 3.81 -3.71 15.06
C GLY F 196 4.66 -3.95 13.83
N SER F 197 4.25 -4.90 13.00
CA SER F 197 5.02 -5.27 11.82
C SER F 197 4.06 -5.81 10.77
N ASN F 198 4.60 -6.48 9.75
CA ASN F 198 3.82 -7.08 8.68
C ASN F 198 4.34 -8.48 8.35
N TYR F 199 4.64 -9.26 9.39
CA TYR F 199 5.28 -10.56 9.17
C TYR F 199 4.35 -11.56 8.50
N GLU F 200 3.05 -11.52 8.81
CA GLU F 200 2.15 -12.57 8.35
C GLU F 200 2.04 -12.62 6.83
N ARG F 201 2.30 -11.51 6.15
CA ARG F 201 2.27 -11.48 4.70
C ARG F 201 3.67 -11.50 4.07
N ARG F 202 4.68 -11.00 4.78
CA ARG F 202 6.03 -11.03 4.25
C ARG F 202 6.64 -12.43 4.31
N TYR F 203 6.40 -13.16 5.39
CA TYR F 203 7.03 -14.45 5.62
C TYR F 203 6.04 -15.61 5.61
N GLY F 204 4.95 -15.49 6.37
CA GLY F 204 4.00 -16.59 6.50
C GLY F 204 3.07 -16.74 5.31
N LEU F 205 3.60 -17.16 4.17
CA LEU F 205 2.81 -17.38 2.97
C LEU F 205 2.30 -18.81 2.95
N LYS F 206 1.75 -19.23 1.80
CA LYS F 206 1.21 -20.57 1.64
C LYS F 206 2.17 -21.52 0.94
N ARG F 207 3.00 -21.01 0.02
CA ARG F 207 3.90 -21.87 -0.75
C ARG F 207 5.01 -22.44 0.12
N HIS F 208 5.38 -21.77 1.21
CA HIS F 208 6.49 -22.22 2.02
C HIS F 208 6.17 -23.53 2.72
N GLY F 209 7.19 -24.38 2.85
CA GLY F 209 7.06 -25.63 3.57
C GLY F 209 7.29 -25.45 5.07
N ILE F 210 7.10 -26.55 5.79
CA ILE F 210 7.21 -26.51 7.25
C ILE F 210 8.62 -26.11 7.67
N GLU F 211 9.63 -26.70 7.04
CA GLU F 211 11.01 -26.41 7.41
C GLU F 211 11.37 -24.95 7.10
N THR F 212 10.83 -24.39 6.02
CA THR F 212 11.13 -23.01 5.67
C THR F 212 10.61 -22.05 6.73
N MET F 213 9.36 -22.24 7.17
CA MET F 213 8.83 -21.37 8.22
C MET F 213 9.52 -21.62 9.56
N LEU F 214 9.89 -22.87 9.85
CA LEU F 214 10.59 -23.14 11.10
C LEU F 214 11.98 -22.54 11.10
N ALA F 215 12.61 -22.42 9.93
CA ALA F 215 13.89 -21.74 9.83
C ALA F 215 13.74 -20.22 9.90
N LEU F 216 12.65 -19.67 9.34
CA LEU F 216 12.35 -18.26 9.54
C LEU F 216 12.06 -17.95 11.01
N MET F 217 11.55 -18.93 11.75
CA MET F 217 11.34 -18.76 13.18
C MET F 217 12.65 -18.44 13.90
N SER F 218 13.74 -19.11 13.51
CA SER F 218 15.03 -18.85 14.14
C SER F 218 15.50 -17.42 13.87
N GLN F 219 15.34 -16.95 12.63
CA GLN F 219 15.73 -15.59 12.31
C GLN F 219 14.90 -14.58 13.08
N ILE F 220 13.59 -14.80 13.20
CA ILE F 220 12.74 -13.87 13.93
C ILE F 220 13.06 -13.90 15.42
N ALA F 221 13.33 -15.08 15.97
CA ALA F 221 13.62 -15.22 17.39
C ALA F 221 15.03 -14.80 17.75
N ASN F 222 15.91 -14.62 16.77
CA ASN F 222 17.23 -14.05 17.03
C ASN F 222 17.32 -12.57 16.71
N ALA F 223 16.43 -12.05 15.87
CA ALA F 223 16.36 -10.61 15.66
C ALA F 223 15.92 -9.90 16.93
N HIS F 224 14.86 -10.39 17.55
CA HIS F 224 14.41 -9.91 18.86
C HIS F 224 14.69 -10.99 19.89
N ALA F 225 15.27 -10.60 21.03
CA ALA F 225 15.70 -11.54 22.05
C ALA F 225 14.47 -12.11 22.76
N LEU F 226 13.84 -13.08 22.10
CA LEU F 226 12.68 -13.74 22.67
C LEU F 226 13.07 -14.54 23.91
N GLY F 227 12.20 -14.53 24.92
CA GLY F 227 12.54 -15.11 26.20
C GLY F 227 11.85 -16.42 26.54
N LEU F 228 10.59 -16.56 26.17
CA LEU F 228 9.82 -17.76 26.53
C LEU F 228 8.66 -17.90 25.56
N LEU F 229 8.64 -19.01 24.82
CA LEU F 229 7.61 -19.28 23.82
C LEU F 229 6.72 -20.40 24.34
N VAL F 230 5.60 -20.05 24.96
CA VAL F 230 4.70 -21.02 25.56
C VAL F 230 3.64 -21.44 24.55
N ILE F 231 3.40 -22.75 24.47
CA ILE F 231 2.37 -23.33 23.63
C ILE F 231 1.30 -23.93 24.53
N ASP F 232 0.04 -23.55 24.30
CA ASP F 232 -1.08 -24.10 25.05
C ASP F 232 -2.13 -24.63 24.09
N GLU F 233 -3.10 -25.35 24.66
CA GLU F 233 -4.17 -26.00 23.89
C GLU F 233 -3.60 -26.95 22.83
N ILE F 234 -2.63 -27.76 23.25
CA ILE F 234 -2.16 -28.85 22.40
C ILE F 234 -3.26 -29.88 22.22
N GLN F 235 -4.11 -30.04 23.25
CA GLN F 235 -5.22 -30.98 23.19
C GLN F 235 -6.19 -30.70 22.04
N HIS F 236 -6.24 -29.46 21.56
CA HIS F 236 -7.15 -29.06 20.50
C HIS F 236 -6.59 -29.35 19.11
N LEU F 237 -5.61 -30.24 19.01
CA LEU F 237 -4.98 -30.56 17.74
C LEU F 237 -5.61 -31.83 17.16
N SER F 238 -6.10 -31.73 15.93
CA SER F 238 -6.64 -32.92 15.26
C SER F 238 -5.48 -33.78 14.78
N ARG F 239 -5.55 -35.08 15.09
CA ARG F 239 -4.46 -36.00 14.79
C ARG F 239 -4.49 -36.52 13.35
N SER F 240 -5.54 -36.23 12.58
CA SER F 240 -5.66 -36.72 11.22
C SER F 240 -5.32 -35.67 10.17
N ARG F 241 -5.08 -34.42 10.56
CA ARG F 241 -4.83 -33.34 9.63
C ARG F 241 -3.39 -32.81 9.70
N SER F 242 -2.47 -33.61 10.25
CA SER F 242 -1.06 -33.20 10.26
C SER F 242 -0.08 -34.29 9.86
N GLY F 243 -0.44 -35.56 9.93
CA GLY F 243 0.46 -36.62 9.52
C GLY F 243 0.49 -37.82 10.44
N GLY F 244 0.21 -37.61 11.72
CA GLY F 244 0.20 -38.70 12.69
C GLY F 244 0.91 -38.37 13.99
N SER F 245 0.83 -39.28 14.96
CA SER F 245 1.46 -39.04 16.26
C SER F 245 2.97 -38.91 16.13
N GLN F 246 3.58 -39.76 15.29
CA GLN F 246 5.01 -39.64 15.05
C GLN F 246 5.36 -38.32 14.38
N GLU F 247 4.50 -37.83 13.50
CA GLU F 247 4.74 -36.53 12.88
C GLU F 247 4.66 -35.40 13.90
N MET F 248 3.67 -35.44 14.80
CA MET F 248 3.60 -34.46 15.88
C MET F 248 4.88 -34.48 16.71
N LEU F 249 5.31 -35.69 17.10
CA LEU F 249 6.50 -35.83 17.92
C LEU F 249 7.73 -35.28 17.21
N ASN F 250 7.92 -35.64 15.94
CA ASN F 250 9.11 -35.19 15.21
C ASN F 250 9.09 -33.68 15.01
N PHE F 251 7.90 -33.10 14.75
CA PHE F 251 7.82 -31.65 14.59
C PHE F 251 8.15 -30.94 15.90
N PHE F 252 7.64 -31.43 17.03
CA PHE F 252 7.92 -30.76 18.29
C PHE F 252 9.33 -31.03 18.82
N VAL F 253 10.01 -32.06 18.32
CA VAL F 253 11.43 -32.21 18.62
C VAL F 253 12.30 -31.39 17.66
N THR F 254 11.81 -31.09 16.45
CA THR F 254 12.59 -30.32 15.49
C THR F 254 12.89 -28.91 16.01
N MET F 255 12.17 -28.46 17.04
CA MET F 255 12.37 -27.13 17.61
C MET F 255 13.57 -27.06 18.54
N VAL F 256 14.48 -28.05 18.48
CA VAL F 256 15.75 -27.93 19.20
C VAL F 256 16.74 -27.06 18.44
N ASN F 257 16.57 -26.92 17.12
CA ASN F 257 17.51 -26.13 16.33
C ASN F 257 17.34 -24.64 16.56
N ILE F 258 16.15 -24.20 16.95
CA ILE F 258 15.93 -22.77 17.19
C ILE F 258 16.74 -22.34 18.42
N ILE F 259 17.47 -21.25 18.28
CA ILE F 259 18.51 -20.90 19.25
C ILE F 259 17.88 -20.36 20.52
N GLY F 260 18.24 -20.94 21.66
CA GLY F 260 17.71 -20.50 22.93
C GLY F 260 16.21 -20.68 22.99
N VAL F 261 15.51 -19.57 23.21
CA VAL F 261 14.04 -19.45 23.25
C VAL F 261 13.39 -20.67 23.91
N PRO F 262 13.55 -20.84 25.22
CA PRO F 262 12.95 -22.00 25.90
C PRO F 262 11.44 -22.00 25.76
N VAL F 263 10.87 -23.19 25.59
CA VAL F 263 9.44 -23.36 25.39
C VAL F 263 8.86 -24.16 26.54
N MET F 264 7.54 -24.03 26.73
CA MET F 264 6.82 -24.79 27.74
C MET F 264 5.58 -25.40 27.09
N LEU F 265 5.34 -26.67 27.37
CA LEU F 265 4.28 -27.44 26.73
C LEU F 265 3.09 -27.59 27.68
N ILE F 266 1.88 -27.48 27.13
CA ILE F 266 0.65 -27.52 27.90
C ILE F 266 -0.32 -28.49 27.24
N GLY F 267 -0.89 -29.39 28.04
CA GLY F 267 -1.84 -30.35 27.51
C GLY F 267 -2.62 -31.01 28.62
N THR F 268 -3.52 -31.91 28.21
CA THR F 268 -4.32 -32.75 29.09
C THR F 268 -3.65 -34.10 29.29
N PRO F 269 -3.93 -34.79 30.40
CA PRO F 269 -3.30 -36.10 30.63
C PRO F 269 -3.54 -37.14 29.53
N LYS F 270 -4.50 -36.92 28.64
CA LYS F 270 -4.64 -37.79 27.47
C LYS F 270 -3.74 -37.37 26.33
N ALA F 271 -3.12 -36.19 26.41
CA ALA F 271 -2.12 -35.77 25.43
C ALA F 271 -0.70 -36.07 25.88
N ARG F 272 -0.52 -36.70 27.04
CA ARG F 272 0.79 -37.13 27.50
C ARG F 272 1.29 -38.35 26.74
N GLU F 273 0.39 -39.14 26.15
CA GLU F 273 0.78 -40.37 25.49
C GLU F 273 1.64 -40.15 24.25
N ILE F 274 1.48 -39.01 23.57
CA ILE F 274 2.27 -38.73 22.38
C ILE F 274 3.72 -38.44 22.78
N PHE F 275 3.91 -37.63 23.82
CA PHE F 275 5.25 -37.24 24.27
C PHE F 275 5.79 -38.27 25.26
N GLU F 276 5.87 -39.51 24.79
CA GLU F 276 6.32 -40.62 25.61
C GLU F 276 6.75 -41.76 24.69
N ALA F 277 7.45 -42.73 25.26
CA ALA F 277 7.95 -43.97 24.64
C ALA F 277 9.17 -43.74 23.76
N ASP F 278 9.68 -42.51 23.68
CA ASP F 278 10.92 -42.22 22.96
C ASP F 278 11.85 -41.46 23.90
N LEU F 279 13.09 -41.93 24.03
CA LEU F 279 13.98 -41.39 25.05
C LEU F 279 14.31 -39.92 24.81
N ARG F 280 14.60 -39.55 23.56
CA ARG F 280 14.95 -38.17 23.28
C ARG F 280 13.73 -37.27 23.41
N SER F 281 12.58 -37.73 22.91
CA SER F 281 11.34 -36.94 23.04
C SER F 281 10.94 -36.78 24.49
N ALA F 282 11.05 -37.86 25.28
CA ALA F 282 10.75 -37.77 26.70
C ALA F 282 11.73 -36.86 27.42
N ARG F 283 13.01 -36.92 27.04
CA ARG F 283 14.03 -36.08 27.66
C ARG F 283 13.76 -34.60 27.41
N ARG F 284 13.39 -34.25 26.17
CA ARG F 284 13.08 -32.85 25.89
C ARG F 284 11.75 -32.45 26.51
N GLY F 285 10.82 -33.40 26.63
CA GLY F 285 9.57 -33.11 27.32
C GLY F 285 9.78 -32.79 28.79
N ALA F 286 10.66 -33.54 29.44
CA ALA F 286 10.88 -33.33 30.88
C ALA F 286 11.60 -32.02 31.15
N GLY F 287 12.85 -31.90 30.72
CA GLY F 287 13.66 -30.74 31.04
C GLY F 287 13.75 -30.48 32.53
N PHE F 288 13.15 -29.39 32.99
CA PHE F 288 13.13 -29.05 34.41
C PHE F 288 12.04 -29.83 35.15
N GLY F 289 12.17 -31.15 35.11
CA GLY F 289 11.28 -32.02 35.85
C GLY F 289 9.92 -32.19 35.19
N ALA F 290 8.92 -32.41 36.03
CA ALA F 290 7.54 -32.51 35.59
C ALA F 290 6.65 -31.74 36.55
N ILE F 291 5.70 -30.98 35.99
CA ILE F 291 4.73 -30.24 36.78
C ILE F 291 3.35 -30.81 36.46
N PHE F 292 2.65 -31.28 37.50
CA PHE F 292 1.36 -31.97 37.36
C PHE F 292 0.31 -31.24 38.19
N TRP F 293 -0.45 -30.37 37.55
CA TRP F 293 -1.62 -29.80 38.21
C TRP F 293 -2.64 -30.89 38.50
N ASP F 294 -3.21 -30.84 39.70
CA ASP F 294 -4.16 -31.84 40.15
C ASP F 294 -5.29 -31.19 40.94
N PRO F 295 -6.45 -31.83 41.05
CA PRO F 295 -7.52 -31.27 41.89
C PRO F 295 -7.17 -31.30 43.35
N ILE F 296 -7.70 -30.33 44.09
CA ILE F 296 -7.41 -30.21 45.52
C ILE F 296 -8.10 -31.35 46.25
N GLN F 297 -7.32 -32.33 46.69
CA GLN F 297 -7.84 -33.41 47.51
C GLN F 297 -8.04 -32.90 48.93
N GLN F 298 -9.11 -33.38 49.57
CA GLN F 298 -9.51 -32.81 50.87
C GLN F 298 -8.51 -33.17 51.97
N THR F 299 -8.13 -34.44 52.06
CA THR F 299 -7.32 -34.94 53.17
C THR F 299 -6.04 -35.57 52.64
N GLN F 300 -5.00 -34.74 52.47
CA GLN F 300 -3.66 -35.28 52.23
C GLN F 300 -3.14 -35.99 53.47
N ARG F 301 -3.22 -35.33 54.62
CA ARG F 301 -2.90 -35.90 55.91
C ARG F 301 -4.19 -36.38 56.58
N GLY F 302 -4.09 -36.73 57.87
CA GLY F 302 -5.29 -37.08 58.61
C GLY F 302 -6.25 -35.91 58.74
N LYS F 303 -5.73 -34.73 59.07
CA LYS F 303 -6.52 -33.51 59.05
C LYS F 303 -6.72 -33.03 57.61
N PRO F 304 -7.89 -32.49 57.29
CA PRO F 304 -8.10 -31.96 55.94
C PRO F 304 -7.17 -30.80 55.64
N ASN F 305 -6.84 -30.65 54.36
CA ASN F 305 -5.87 -29.64 53.93
C ASN F 305 -6.36 -28.24 54.24
N GLN F 306 -5.46 -27.40 54.75
CA GLN F 306 -5.81 -26.04 55.10
C GLN F 306 -6.12 -25.19 53.87
N GLU F 307 -5.50 -25.50 52.72
CA GLU F 307 -5.70 -24.69 51.53
C GLU F 307 -7.13 -24.80 51.01
N TRP F 308 -7.70 -26.01 51.04
CA TRP F 308 -9.10 -26.19 50.68
C TRP F 308 -10.01 -25.38 51.59
N ILE F 309 -9.73 -25.40 52.89
CA ILE F 309 -10.56 -24.66 53.85
C ILE F 309 -10.48 -23.17 53.57
N ALA F 310 -9.26 -22.66 53.35
CA ALA F 310 -9.08 -21.24 53.09
C ALA F 310 -9.77 -20.81 51.80
N PHE F 311 -9.63 -21.60 50.74
CA PHE F 311 -10.25 -21.26 49.47
C PHE F 311 -11.77 -21.26 49.58
N THR F 312 -12.33 -22.29 50.24
CA THR F 312 -13.78 -22.36 50.40
C THR F 312 -14.30 -21.19 51.21
N ASP F 313 -13.63 -20.86 52.32
CA ASP F 313 -14.07 -19.74 53.16
C ASP F 313 -13.97 -18.42 52.42
N ASN F 314 -12.87 -18.20 51.69
CA ASN F 314 -12.69 -16.95 50.97
C ASN F 314 -13.71 -16.79 49.85
N LEU F 315 -14.07 -17.89 49.17
CA LEU F 315 -15.11 -17.79 48.15
C LEU F 315 -16.49 -17.59 48.79
N TRP F 316 -16.73 -18.20 49.96
CA TRP F 316 -18.02 -18.04 50.62
C TRP F 316 -18.22 -16.63 51.13
N GLN F 317 -17.14 -15.98 51.57
CA GLN F 317 -17.25 -14.64 52.13
C GLN F 317 -17.71 -13.60 51.10
N LEU F 318 -17.58 -13.90 49.81
CA LEU F 318 -17.79 -12.93 48.75
C LEU F 318 -19.20 -13.00 48.15
N GLN F 319 -20.11 -13.77 48.73
CA GLN F 319 -21.45 -13.90 48.18
C GLN F 319 -22.22 -12.59 48.29
N LEU F 320 -23.23 -12.45 47.43
CA LEU F 320 -24.13 -11.30 47.39
C LEU F 320 -25.56 -11.77 47.65
N LEU F 321 -25.97 -11.74 48.91
CA LEU F 321 -27.33 -12.13 49.29
C LEU F 321 -27.80 -11.22 50.42
N GLN F 322 -29.04 -10.76 50.34
CA GLN F 322 -29.59 -9.89 51.37
C GLN F 322 -29.70 -10.62 52.70
N ARG F 323 -30.27 -11.82 52.69
CA ARG F 323 -30.38 -12.67 53.88
C ARG F 323 -29.37 -13.80 53.71
N LYS F 324 -28.32 -13.79 54.54
CA LYS F 324 -27.22 -14.72 54.40
C LYS F 324 -26.89 -15.33 55.76
N ASP F 325 -26.44 -16.58 55.73
CA ASP F 325 -25.87 -17.21 56.91
C ASP F 325 -24.47 -16.65 57.18
N ALA F 326 -24.16 -16.41 58.45
CA ALA F 326 -22.93 -15.71 58.80
C ALA F 326 -21.70 -16.55 58.46
N LEU F 327 -21.70 -17.81 58.84
CA LEU F 327 -20.54 -18.68 58.70
C LEU F 327 -20.91 -19.93 57.90
N LEU F 328 -20.02 -20.32 57.00
CA LEU F 328 -20.21 -21.55 56.24
C LEU F 328 -20.16 -22.76 57.18
N SER F 329 -21.10 -23.67 57.00
CA SER F 329 -21.20 -24.87 57.82
C SER F 329 -20.55 -26.05 57.11
N ASP F 330 -20.22 -27.09 57.90
CA ASP F 330 -19.55 -28.27 57.36
C ASP F 330 -20.44 -29.03 56.39
N GLU F 331 -21.77 -28.92 56.53
CA GLU F 331 -22.66 -29.62 55.62
C GLU F 331 -22.55 -29.07 54.20
N VAL F 332 -22.58 -27.74 54.07
CA VAL F 332 -22.47 -27.12 52.75
C VAL F 332 -21.09 -27.38 52.17
N ARG F 333 -20.05 -27.32 52.99
CA ARG F 333 -18.70 -27.60 52.53
C ARG F 333 -18.59 -29.04 52.01
N ASP F 334 -19.14 -30.00 52.74
CA ASP F 334 -19.04 -31.39 52.35
C ASP F 334 -19.81 -31.66 51.06
N VAL F 335 -21.03 -31.14 50.96
CA VAL F 335 -21.80 -31.38 49.73
C VAL F 335 -21.16 -30.65 48.56
N TRP F 336 -20.56 -29.48 48.80
CA TRP F 336 -19.89 -28.73 47.75
C TRP F 336 -18.70 -29.52 47.21
N TYR F 337 -17.90 -30.08 48.11
CA TYR F 337 -16.76 -30.89 47.66
C TYR F 337 -17.22 -32.15 46.94
N GLU F 338 -18.25 -32.83 47.47
CA GLU F 338 -18.71 -34.05 46.83
C GLU F 338 -19.29 -33.79 45.45
N LEU F 339 -19.92 -32.63 45.26
CA LEU F 339 -20.41 -32.30 43.92
C LEU F 339 -19.27 -31.89 43.00
N SER F 340 -18.31 -31.12 43.49
CA SER F 340 -17.28 -30.56 42.63
C SER F 340 -16.07 -31.48 42.45
N GLN F 341 -15.72 -32.28 43.46
CA GLN F 341 -14.60 -33.22 43.41
C GLN F 341 -13.26 -32.52 43.17
N GLY F 342 -13.14 -31.26 43.62
CA GLY F 342 -11.86 -30.60 43.68
C GLY F 342 -11.41 -29.87 42.43
N VAL F 343 -12.12 -30.01 41.32
CA VAL F 343 -11.75 -29.31 40.10
C VAL F 343 -12.15 -27.85 40.24
N MET F 344 -11.18 -26.94 40.01
CA MET F 344 -11.42 -25.53 40.28
C MET F 344 -12.44 -24.93 39.32
N ASP F 345 -12.58 -25.48 38.12
CA ASP F 345 -13.59 -24.99 37.18
C ASP F 345 -15.00 -25.31 37.66
N ILE F 346 -15.16 -26.31 38.52
CA ILE F 346 -16.48 -26.74 38.96
C ILE F 346 -16.94 -25.98 40.20
N VAL F 347 -16.03 -25.71 41.13
CA VAL F 347 -16.40 -25.04 42.38
C VAL F 347 -17.00 -23.67 42.11
N VAL F 348 -16.31 -22.85 41.32
CA VAL F 348 -16.75 -21.47 41.10
C VAL F 348 -18.03 -21.44 40.29
N LYS F 349 -18.16 -22.33 39.29
CA LYS F 349 -19.37 -22.34 38.49
C LYS F 349 -20.58 -22.82 39.29
N LEU F 350 -20.38 -23.84 40.14
CA LEU F 350 -21.47 -24.26 41.03
C LEU F 350 -21.90 -23.10 41.92
N PHE F 351 -20.93 -22.38 42.51
CA PHE F 351 -21.29 -21.26 43.38
C PHE F 351 -22.06 -20.20 42.61
N VAL F 352 -21.55 -19.82 41.44
CA VAL F 352 -22.17 -18.73 40.67
C VAL F 352 -23.57 -19.10 40.22
N LEU F 353 -23.73 -20.31 39.68
CA LEU F 353 -25.05 -20.73 39.21
C LEU F 353 -26.03 -20.87 40.37
N ALA F 354 -25.56 -21.40 41.50
CA ALA F 354 -26.42 -21.55 42.67
C ALA F 354 -26.93 -20.21 43.16
N GLN F 355 -26.04 -19.22 43.29
CA GLN F 355 -26.50 -17.93 43.78
C GLN F 355 -27.35 -17.21 42.74
N LEU F 356 -27.02 -17.35 41.45
CA LEU F 356 -27.83 -16.72 40.40
C LEU F 356 -29.26 -17.23 40.43
N ARG F 357 -29.44 -18.56 40.50
CA ARG F 357 -30.79 -19.07 40.61
C ARG F 357 -31.39 -18.86 42.00
N ALA F 358 -30.56 -18.59 43.01
CA ALA F 358 -31.10 -18.21 44.31
C ALA F 358 -31.79 -16.85 44.25
N LEU F 359 -31.17 -15.88 43.57
CA LEU F 359 -31.92 -14.65 43.33
C LEU F 359 -33.08 -14.87 42.36
N ALA F 360 -32.91 -15.77 41.38
CA ALA F 360 -33.96 -15.96 40.39
C ALA F 360 -35.23 -16.53 41.01
N LEU F 361 -35.11 -17.54 41.88
CA LEU F 361 -36.28 -18.19 42.46
C LEU F 361 -36.78 -17.52 43.73
N GLY F 362 -36.05 -16.53 44.26
CA GLY F 362 -36.49 -15.80 45.42
C GLY F 362 -36.11 -16.39 46.77
N ASN F 363 -35.45 -17.55 46.79
CA ASN F 363 -35.01 -18.13 48.06
C ASN F 363 -33.99 -17.23 48.75
N GLU F 364 -33.07 -16.66 47.97
CA GLU F 364 -32.04 -15.73 48.46
C GLU F 364 -31.13 -16.37 49.51
N ARG F 365 -31.04 -17.70 49.53
CA ARG F 365 -30.16 -18.42 50.43
C ARG F 365 -29.50 -19.57 49.68
N ILE F 366 -28.23 -19.80 49.98
CA ILE F 366 -27.49 -20.92 49.41
C ILE F 366 -27.69 -22.12 50.31
N THR F 367 -28.25 -23.19 49.75
CA THR F 367 -28.56 -24.40 50.50
C THR F 367 -27.99 -25.61 49.77
N ALA F 368 -27.79 -26.69 50.54
CA ALA F 368 -27.24 -27.92 49.96
C ALA F 368 -28.18 -28.49 48.91
N GLY F 369 -29.49 -28.44 49.15
CA GLY F 369 -30.44 -28.94 48.17
C GLY F 369 -30.38 -28.18 46.86
N LEU F 370 -30.28 -26.85 46.93
CA LEU F 370 -30.19 -26.05 45.71
C LEU F 370 -28.88 -26.34 44.97
N LEU F 371 -27.78 -26.51 45.70
CA LEU F 371 -26.52 -26.87 45.06
C LEU F 371 -26.61 -28.21 44.37
N ARG F 372 -27.21 -29.21 45.02
CA ARG F 372 -27.35 -30.52 44.38
C ARG F 372 -28.27 -30.44 43.17
N GLN F 373 -29.33 -29.64 43.24
CA GLN F 373 -30.25 -29.51 42.12
C GLN F 373 -29.57 -28.83 40.94
N VAL F 374 -28.78 -27.78 41.17
CA VAL F 374 -28.07 -27.15 40.06
C VAL F 374 -27.00 -28.07 39.51
N TYR F 375 -26.38 -28.91 40.36
CA TYR F 375 -25.46 -29.92 39.88
C TYR F 375 -26.15 -30.91 38.95
N GLN F 376 -27.33 -31.39 39.34
CA GLN F 376 -28.05 -32.37 38.54
C GLN F 376 -28.72 -31.74 37.32
N ASP F 377 -28.87 -30.42 37.29
CA ASP F 377 -29.57 -29.75 36.21
C ASP F 377 -28.62 -29.19 35.14
N GLU F 378 -27.66 -28.37 35.54
CA GLU F 378 -26.92 -27.57 34.57
C GLU F 378 -25.56 -28.14 34.19
N LEU F 379 -24.95 -28.96 35.04
CA LEU F 379 -23.62 -29.51 34.77
C LEU F 379 -23.67 -30.97 34.33
N LYS F 380 -24.68 -31.34 33.54
CA LYS F 380 -24.79 -32.71 33.08
C LYS F 380 -23.64 -33.18 32.16
N PRO F 381 -23.14 -32.40 31.19
CA PRO F 381 -22.15 -32.98 30.27
C PRO F 381 -20.83 -33.37 30.93
N VAL F 382 -20.48 -32.79 32.07
CA VAL F 382 -19.21 -33.08 32.73
C VAL F 382 -19.35 -34.21 33.75
N HIS F 383 -20.52 -34.83 33.84
CA HIS F 383 -20.74 -35.91 34.81
C HIS F 383 -19.77 -37.08 34.70
N PRO F 384 -19.41 -37.59 33.51
CA PRO F 384 -18.44 -38.71 33.48
C PRO F 384 -17.11 -38.38 34.13
N MET F 385 -16.61 -37.16 33.95
CA MET F 385 -15.33 -36.79 34.55
C MET F 385 -15.40 -36.84 36.08
N LEU F 386 -16.44 -36.26 36.66
CA LEU F 386 -16.57 -36.25 38.11
C LEU F 386 -16.85 -37.66 38.64
N GLU F 387 -17.62 -38.46 37.91
CA GLU F 387 -17.85 -39.84 38.32
C GLU F 387 -16.55 -40.63 38.32
N ALA F 388 -15.70 -40.42 37.32
CA ALA F 388 -14.40 -41.08 37.29
C ALA F 388 -13.52 -40.60 38.44
N LEU F 389 -13.52 -39.30 38.71
CA LEU F 389 -12.72 -38.76 39.81
C LEU F 389 -13.23 -39.18 41.17
N ARG F 390 -14.50 -39.60 41.26
CA ARG F 390 -15.03 -40.13 42.52
C ARG F 390 -14.28 -41.39 42.94
N SER F 391 -14.00 -42.29 41.99
CA SER F 391 -13.26 -43.50 42.28
C SER F 391 -11.78 -43.40 41.96
N GLY F 392 -11.38 -42.48 41.09
CA GLY F 392 -9.98 -42.27 40.78
C GLY F 392 -9.28 -43.41 40.07
N ILE F 393 -9.93 -44.00 39.06
CA ILE F 393 -9.30 -45.03 38.25
C ILE F 393 -8.49 -44.35 37.15
N PRO F 394 -7.16 -44.54 37.13
CA PRO F 394 -6.32 -43.72 36.24
C PRO F 394 -6.63 -43.84 34.76
N GLU F 395 -6.86 -45.06 34.27
CA GLU F 395 -7.11 -45.24 32.84
C GLU F 395 -8.42 -44.58 32.41
N ARG F 396 -9.45 -44.68 33.26
CA ARG F 396 -10.72 -44.02 32.93
C ARG F 396 -10.61 -42.50 33.03
N ILE F 397 -9.78 -42.01 33.96
CA ILE F 397 -9.52 -40.57 34.03
C ILE F 397 -8.85 -40.09 32.75
N ALA F 398 -7.86 -40.85 32.26
CA ALA F 398 -7.21 -40.49 31.01
C ALA F 398 -8.16 -40.64 29.82
N ARG F 399 -9.14 -41.54 29.93
CA ARG F 399 -10.11 -41.70 28.85
C ARG F 399 -10.99 -40.46 28.71
N TYR F 400 -11.38 -39.86 29.83
CA TYR F 400 -12.23 -38.66 29.84
C TYR F 400 -11.53 -37.61 30.71
N SER F 401 -10.76 -36.73 30.08
CA SER F 401 -10.01 -35.71 30.80
C SER F 401 -10.08 -34.33 30.16
N ASP F 402 -10.86 -34.15 29.09
CA ASP F 402 -11.00 -32.85 28.44
C ASP F 402 -12.46 -32.60 28.10
N LEU F 403 -13.37 -32.97 29.01
CA LEU F 403 -14.81 -32.80 28.78
C LEU F 403 -15.24 -31.45 29.34
N VAL F 404 -14.91 -30.39 28.60
CA VAL F 404 -15.31 -29.04 28.99
C VAL F 404 -16.79 -28.86 28.71
N VAL F 405 -17.43 -27.99 29.49
CA VAL F 405 -18.85 -27.68 29.32
C VAL F 405 -19.01 -26.75 28.13
N PRO F 406 -19.74 -27.15 27.09
CA PRO F 406 -19.87 -26.29 25.91
C PRO F 406 -20.94 -25.22 26.09
N GLU F 407 -20.63 -24.02 25.60
CA GLU F 407 -21.55 -22.88 25.61
C GLU F 407 -22.05 -22.56 27.03
N ILE F 408 -21.15 -22.67 28.01
CA ILE F 408 -21.51 -22.34 29.38
C ILE F 408 -21.76 -20.83 29.52
N ASP F 409 -21.04 -20.01 28.73
CA ASP F 409 -21.22 -18.56 28.80
C ASP F 409 -22.61 -18.15 28.35
N LYS F 410 -23.13 -18.78 27.29
CA LYS F 410 -24.46 -18.43 26.80
C LYS F 410 -25.54 -18.74 27.82
N ARG F 411 -25.38 -19.84 28.56
CA ARG F 411 -26.35 -20.17 29.60
C ARG F 411 -26.36 -19.12 30.71
N LEU F 412 -25.19 -18.58 31.04
CA LEU F 412 -25.14 -17.52 32.05
C LEU F 412 -25.89 -16.28 31.58
N ILE F 413 -25.73 -15.91 30.31
CA ILE F 413 -26.47 -14.78 29.76
C ILE F 413 -27.95 -15.11 29.65
N GLN F 414 -28.27 -16.31 29.19
CA GLN F 414 -29.67 -16.71 29.05
C GLN F 414 -30.38 -16.75 30.39
N LEU F 415 -29.71 -17.26 31.43
CA LEU F 415 -30.29 -17.26 32.76
C LEU F 415 -30.40 -15.85 33.32
N GLN F 416 -29.52 -14.94 32.88
CA GLN F 416 -29.60 -13.55 33.33
C GLN F 416 -30.83 -12.85 32.75
N LEU F 417 -31.31 -13.30 31.59
CA LEU F 417 -32.52 -12.73 31.02
C LEU F 417 -33.73 -13.00 31.91
N ASP F 418 -33.73 -14.12 32.64
CA ASP F 418 -34.84 -14.43 33.53
C ASP F 418 -34.85 -13.54 34.78
N ILE F 419 -33.71 -12.95 35.13
CA ILE F 419 -33.66 -12.10 36.32
C ILE F 419 -34.42 -10.80 36.08
N ALA F 420 -34.22 -10.18 34.92
CA ALA F 420 -34.86 -8.89 34.64
C ALA F 420 -36.36 -9.02 34.45
N ALA F 421 -36.82 -10.13 33.86
CA ALA F 421 -38.24 -10.32 33.62
C ALA F 421 -39.02 -10.43 34.94
N ILE F 422 -38.48 -11.18 35.90
CA ILE F 422 -39.16 -11.35 37.19
C ILE F 422 -39.13 -10.06 37.98
N GLN F 423 -38.03 -9.29 37.89
CA GLN F 423 -37.89 -8.10 38.72
C GLN F 423 -38.95 -7.06 38.39
N GLU F 424 -39.25 -6.85 37.10
CA GLU F 424 -40.30 -5.90 36.75
C GLU F 424 -41.67 -6.47 37.08
N GLN F 425 -42.18 -6.14 38.26
CA GLN F 425 -43.52 -6.53 38.67
C GLN F 425 -44.18 -5.31 39.32
N THR F 426 -45.49 -5.21 39.14
CA THR F 426 -46.27 -4.08 39.65
C THR F 426 -47.45 -4.62 40.44
N PRO F 427 -47.32 -4.72 41.78
CA PRO F 427 -48.46 -5.20 42.58
C PRO F 427 -49.69 -4.31 42.49
N GLU F 428 -49.51 -3.00 42.31
CA GLU F 428 -50.66 -2.11 42.16
C GLU F 428 -51.46 -2.44 40.91
N GLU F 429 -50.77 -2.64 39.78
CA GLU F 429 -51.46 -3.06 38.56
C GLU F 429 -51.89 -4.51 38.62
N LYS F 430 -51.29 -5.30 39.51
CA LYS F 430 -51.73 -6.69 39.70
C LYS F 430 -52.97 -6.80 40.57
N ALA F 431 -53.43 -5.68 41.15
CA ALA F 431 -54.75 -5.67 41.77
C ALA F 431 -55.84 -5.89 40.74
N LEU F 432 -55.62 -5.44 39.50
CA LEU F 432 -56.48 -5.83 38.39
C LEU F 432 -56.38 -7.32 38.11
N GLN F 433 -55.17 -7.88 38.21
CA GLN F 433 -54.98 -9.31 38.03
C GLN F 433 -55.64 -10.13 39.12
N GLU F 434 -55.96 -9.51 40.26
CA GLU F 434 -56.64 -10.22 41.34
C GLU F 434 -58.04 -10.68 40.91
N LEU F 435 -58.64 -10.01 39.93
CA LEU F 435 -59.94 -10.41 39.42
C LEU F 435 -59.79 -11.73 38.67
N ASP F 436 -60.25 -12.82 39.30
CA ASP F 436 -60.14 -14.13 38.69
C ASP F 436 -61.25 -14.37 37.67
N THR F 437 -62.48 -14.03 38.04
CA THR F 437 -63.62 -14.24 37.15
C THR F 437 -63.57 -13.26 35.99
N GLU F 438 -63.75 -13.76 34.77
CA GLU F 438 -63.74 -12.89 33.60
C GLU F 438 -65.01 -12.07 33.50
N ASP F 439 -66.12 -12.53 34.09
CA ASP F 439 -67.36 -11.77 34.06
C ASP F 439 -67.21 -10.44 34.79
N GLN F 440 -66.55 -10.45 35.95
CA GLN F 440 -66.23 -9.20 36.62
C GLN F 440 -65.19 -8.40 35.84
N ARG F 441 -64.27 -9.09 35.16
CA ARG F 441 -63.34 -8.40 34.27
C ARG F 441 -64.08 -7.76 33.11
N HIS F 442 -65.14 -8.42 32.62
CA HIS F 442 -65.98 -7.83 31.59
C HIS F 442 -66.62 -6.53 32.09
N LEU F 443 -67.11 -6.54 33.33
CA LEU F 443 -67.77 -5.35 33.88
C LEU F 443 -66.78 -4.22 34.13
N TYR F 444 -65.50 -4.54 34.34
CA TYR F 444 -64.50 -3.53 34.62
C TYR F 444 -64.07 -2.77 33.37
N LEU F 445 -64.23 -3.37 32.20
CA LEU F 445 -63.60 -2.84 30.98
C LEU F 445 -64.14 -1.47 30.61
N MET F 446 -65.48 -1.31 30.57
CA MET F 446 -66.04 0.01 30.32
C MET F 446 -66.20 0.84 31.58
N LEU F 447 -65.84 0.28 32.74
CA LEU F 447 -65.95 0.98 34.02
C LEU F 447 -64.61 1.53 34.49
N LYS F 448 -63.59 1.53 33.63
CA LYS F 448 -62.26 2.00 34.00
C LYS F 448 -61.87 3.32 33.34
N GLU F 449 -62.48 3.66 32.21
CA GLU F 449 -62.11 4.88 31.50
C GLU F 449 -62.74 6.13 32.09
N ASP F 450 -63.98 6.02 32.57
CA ASP F 450 -64.69 7.15 33.16
C ASP F 450 -64.66 7.14 34.69
N TYR F 451 -64.90 5.99 35.29
CA TYR F 451 -64.90 5.88 36.74
C TYR F 451 -63.48 5.68 37.26
N ASP F 452 -63.15 6.38 38.35
CA ASP F 452 -61.85 6.24 38.97
C ASP F 452 -61.72 4.88 39.63
N SER F 453 -60.62 4.18 39.35
CA SER F 453 -60.40 2.83 39.87
C SER F 453 -59.66 2.95 41.20
N SER F 454 -60.43 3.03 42.29
CA SER F 454 -59.87 3.11 43.63
C SER F 454 -60.27 1.91 44.48
N LEU F 455 -61.56 1.59 44.55
CA LEU F 455 -62.05 0.45 45.33
C LEU F 455 -62.92 -0.47 44.46
N LEU F 456 -62.65 -0.51 43.16
CA LEU F 456 -63.47 -1.31 42.26
C LEU F 456 -63.33 -2.80 42.53
N ILE F 457 -62.10 -3.26 42.80
CA ILE F 457 -61.87 -4.69 43.00
C ILE F 457 -62.60 -5.24 44.22
N PRO F 458 -62.50 -4.65 45.41
CA PRO F 458 -63.20 -5.26 46.56
C PRO F 458 -64.70 -5.05 46.56
N THR F 459 -65.18 -3.95 45.99
CA THR F 459 -66.62 -3.69 45.99
C THR F 459 -67.37 -4.73 45.14
N ILE F 460 -66.83 -5.08 43.98
CA ILE F 460 -67.48 -6.10 43.15
C ILE F 460 -67.26 -7.50 43.73
N LYS F 461 -66.27 -7.69 44.60
CA LYS F 461 -66.10 -8.98 45.27
C LYS F 461 -67.23 -9.23 46.27
N LYS F 462 -67.74 -8.16 46.90
CA LYS F 462 -68.82 -8.31 47.86
C LYS F 462 -70.08 -8.84 47.20
N ALA F 463 -70.37 -8.39 45.98
CA ALA F 463 -71.56 -8.84 45.26
C ALA F 463 -71.48 -10.32 44.90
N PHE F 464 -70.27 -10.90 44.85
CA PHE F 464 -70.14 -12.32 44.56
C PHE F 464 -70.77 -13.17 45.66
N SER F 465 -70.61 -12.77 46.92
CA SER F 465 -71.17 -13.51 48.04
C SER F 465 -72.62 -13.14 48.32
N GLN F 466 -72.94 -11.84 48.29
CA GLN F 466 -74.32 -11.42 48.54
C GLN F 466 -75.25 -11.89 47.42
N ASN F 467 -74.82 -11.76 46.16
CA ASN F 467 -75.62 -12.23 45.04
C ASN F 467 -74.99 -13.51 44.50
N PRO F 468 -75.66 -14.66 44.59
CA PRO F 468 -75.02 -15.93 44.25
C PRO F 468 -74.58 -16.04 42.79
N THR F 469 -75.51 -15.89 41.86
CA THR F 469 -75.20 -16.01 40.44
C THR F 469 -76.33 -15.39 39.62
N MET F 470 -75.97 -14.44 38.75
CA MET F 470 -76.91 -13.72 37.92
C MET F 470 -76.12 -12.82 36.98
N THR F 471 -76.71 -12.50 35.83
CA THR F 471 -76.00 -11.94 34.69
C THR F 471 -75.36 -10.59 35.00
N ARG F 472 -74.33 -10.26 34.22
CA ARG F 472 -73.53 -9.07 34.47
C ARG F 472 -74.35 -7.80 34.23
N GLN F 473 -75.02 -7.70 33.08
CA GLN F 473 -75.74 -6.49 32.75
C GLN F 473 -76.96 -6.28 33.63
N LYS F 474 -77.37 -7.28 34.40
CA LYS F 474 -78.35 -7.07 35.46
C LYS F 474 -77.69 -6.72 36.79
N LEU F 475 -76.41 -7.10 36.96
CA LEU F 475 -75.68 -6.75 38.17
C LEU F 475 -75.35 -5.26 38.20
N LEU F 476 -74.91 -4.70 37.08
CA LEU F 476 -74.47 -3.31 37.07
C LEU F 476 -75.53 -2.29 37.48
N PRO F 477 -76.81 -2.40 37.10
CA PRO F 477 -77.79 -1.47 37.68
C PRO F 477 -77.89 -1.56 39.20
N LEU F 478 -77.74 -2.77 39.76
CA LEU F 478 -77.68 -2.90 41.21
C LEU F 478 -76.33 -2.44 41.73
N VAL F 479 -75.25 -2.75 41.02
CA VAL F 479 -73.91 -2.36 41.46
C VAL F 479 -73.75 -0.84 41.43
N LEU F 480 -74.22 -0.20 40.37
CA LEU F 480 -74.06 1.25 40.23
C LEU F 480 -74.83 2.03 41.27
N GLN F 481 -75.85 1.44 41.88
CA GLN F 481 -76.64 2.14 42.89
C GLN F 481 -75.79 2.45 44.13
N TRP F 482 -75.03 1.45 44.60
CA TRP F 482 -74.18 1.63 45.77
C TRP F 482 -72.72 1.90 45.41
N LEU F 483 -72.39 1.97 44.12
CA LEU F 483 -71.01 2.24 43.72
C LEU F 483 -70.56 3.62 44.15
N MET F 484 -71.45 4.61 44.05
CA MET F 484 -71.14 5.98 44.44
C MET F 484 -71.88 6.43 45.68
N GLU F 485 -73.11 6.00 45.88
CA GLU F 485 -73.92 6.42 47.02
C GLU F 485 -75.01 5.41 47.34
N ALA G 3 -27.23 3.97 -25.81
CA ALA G 3 -27.81 3.40 -24.60
C ALA G 3 -29.27 3.82 -24.43
N THR G 4 -29.88 4.26 -25.53
CA THR G 4 -31.28 4.69 -25.53
C THR G 4 -32.16 3.46 -25.79
N ARG G 5 -32.35 2.68 -24.72
CA ARG G 5 -33.07 1.42 -24.83
C ARG G 5 -34.53 1.68 -25.21
N ILE G 6 -34.94 1.17 -26.36
CA ILE G 6 -36.30 1.33 -26.86
C ILE G 6 -36.84 -0.05 -27.21
N GLN G 7 -37.99 -0.39 -26.61
CA GLN G 7 -38.61 -1.67 -26.89
C GLN G 7 -39.21 -1.68 -28.30
N ALA G 8 -39.33 -2.88 -28.86
CA ALA G 8 -39.68 -3.05 -30.26
C ALA G 8 -41.18 -3.30 -30.43
N VAL G 9 -41.80 -2.55 -31.33
CA VAL G 9 -43.17 -2.79 -31.77
C VAL G 9 -43.14 -3.08 -33.27
N TYR G 10 -43.95 -4.04 -33.70
CA TYR G 10 -43.84 -4.62 -35.03
C TYR G 10 -44.88 -4.00 -35.95
N ARG G 11 -44.42 -3.44 -37.07
CA ARG G 11 -45.28 -2.95 -38.13
C ARG G 11 -45.22 -3.92 -39.31
N ASP G 12 -45.81 -3.52 -40.44
CA ASP G 12 -45.78 -4.31 -41.66
C ASP G 12 -45.22 -3.49 -42.81
N THR G 13 -44.54 -4.17 -43.73
CA THR G 13 -43.97 -3.54 -44.92
C THR G 13 -44.62 -4.14 -46.16
N GLY G 14 -44.40 -3.46 -47.29
CA GLY G 14 -44.98 -3.88 -48.55
C GLY G 14 -44.10 -4.74 -49.43
N VAL G 15 -42.82 -4.85 -49.11
CA VAL G 15 -41.89 -5.62 -49.94
C VAL G 15 -42.01 -7.10 -49.58
N GLU G 16 -42.06 -7.95 -50.62
CA GLU G 16 -42.19 -9.39 -50.39
C GLU G 16 -40.96 -9.95 -49.69
N ALA G 17 -39.76 -9.49 -50.06
CA ALA G 17 -38.54 -10.04 -49.49
C ALA G 17 -38.33 -9.64 -48.03
N TYR G 18 -39.06 -8.64 -47.54
CA TYR G 18 -38.90 -8.15 -46.17
C TYR G 18 -40.12 -8.48 -45.30
N ARG G 19 -40.83 -9.56 -45.62
CA ARG G 19 -42.13 -9.79 -45.01
C ARG G 19 -42.04 -10.26 -43.57
N ASP G 20 -41.00 -11.02 -43.21
CA ASP G 20 -40.94 -11.67 -41.90
C ASP G 20 -39.64 -11.45 -41.14
N ASN G 21 -38.84 -10.46 -41.51
CA ASN G 21 -37.59 -10.19 -40.80
C ASN G 21 -37.81 -9.13 -39.73
N PRO G 22 -37.76 -9.48 -38.44
CA PRO G 22 -38.05 -8.49 -37.40
C PRO G 22 -37.16 -7.26 -37.44
N PHE G 23 -35.91 -7.41 -37.89
CA PHE G 23 -35.02 -6.27 -38.04
C PHE G 23 -35.52 -5.26 -39.06
N ILE G 24 -36.42 -5.67 -39.97
CA ILE G 24 -36.82 -4.78 -41.06
C ILE G 24 -38.11 -4.01 -40.77
N GLU G 25 -38.97 -4.49 -39.86
CA GLU G 25 -40.08 -3.68 -39.39
C GLU G 25 -39.87 -3.15 -37.98
N ALA G 26 -38.75 -3.47 -37.35
CA ALA G 26 -38.38 -2.79 -36.11
C ALA G 26 -37.84 -1.39 -36.36
N LEU G 27 -37.46 -1.10 -37.61
CA LEU G 27 -36.98 0.22 -37.98
C LEU G 27 -38.13 1.20 -38.18
N PRO G 28 -37.87 2.50 -38.09
CA PRO G 28 -38.90 3.48 -38.43
C PRO G 28 -39.27 3.38 -39.89
N PRO G 29 -40.49 3.77 -40.26
CA PRO G 29 -40.91 3.64 -41.66
C PRO G 29 -40.12 4.53 -42.60
N LEU G 30 -40.03 4.08 -43.86
CA LEU G 30 -39.32 4.83 -44.88
C LEU G 30 -39.98 6.20 -45.09
N GLN G 31 -39.15 7.23 -45.17
CA GLN G 31 -39.61 8.61 -45.31
C GLN G 31 -39.53 9.00 -46.78
N GLU G 32 -40.66 9.43 -47.34
CA GLU G 32 -40.69 9.82 -48.75
C GLU G 32 -39.96 11.15 -48.95
N SER G 33 -39.64 11.43 -50.22
CA SER G 33 -38.68 12.47 -50.54
C SER G 33 -39.16 13.88 -50.18
N VAL G 34 -40.47 14.10 -50.07
CA VAL G 34 -40.96 15.45 -49.82
C VAL G 34 -40.69 15.88 -48.37
N ASN G 35 -41.07 15.04 -47.41
CA ASN G 35 -40.90 15.40 -46.00
C ASN G 35 -39.59 14.88 -45.41
N SER G 36 -38.82 14.10 -46.15
CA SER G 36 -37.53 13.63 -45.63
C SER G 36 -36.57 14.78 -45.42
N ALA G 37 -36.54 15.73 -46.36
CA ALA G 37 -35.68 16.91 -46.21
C ALA G 37 -36.12 17.75 -45.02
N ALA G 38 -37.44 17.95 -44.86
CA ALA G 38 -37.94 18.68 -43.71
C ALA G 38 -37.68 17.94 -42.39
N SER G 39 -37.53 16.62 -42.43
CA SER G 39 -37.19 15.86 -41.23
C SER G 39 -35.79 16.20 -40.74
N LEU G 40 -34.89 16.59 -41.64
CA LEU G 40 -33.51 16.90 -41.30
C LEU G 40 -33.31 18.36 -40.89
N LYS G 41 -34.37 19.16 -40.88
CA LYS G 41 -34.25 20.57 -40.54
C LYS G 41 -34.18 20.76 -39.04
N SER G 42 -33.25 21.61 -38.60
CA SER G 42 -33.12 21.98 -37.20
C SER G 42 -32.87 23.48 -37.11
N SER G 43 -33.51 24.13 -36.13
CA SER G 43 -33.37 25.57 -35.97
C SER G 43 -33.59 25.92 -34.51
N LEU G 44 -33.13 27.11 -34.14
CA LEU G 44 -33.25 27.61 -32.77
C LEU G 44 -34.59 28.29 -32.58
N GLN G 45 -34.94 28.49 -31.30
CA GLN G 45 -36.22 29.09 -30.95
C GLN G 45 -36.29 30.59 -31.21
N LEU G 46 -35.14 31.27 -31.27
CA LEU G 46 -35.06 32.69 -31.61
C LEU G 46 -35.89 33.56 -30.67
N THR G 47 -37.11 33.90 -31.09
CA THR G 47 -38.02 34.82 -30.41
C THR G 47 -37.47 36.24 -30.36
N SER G 48 -38.35 37.22 -30.20
CA SER G 48 -37.97 38.63 -30.18
C SER G 48 -37.62 39.13 -28.79
N SER G 49 -37.78 38.31 -27.75
CA SER G 49 -37.46 38.74 -26.40
C SER G 49 -35.95 38.92 -26.20
N ASP G 50 -35.12 38.28 -27.02
CA ASP G 50 -33.68 38.41 -26.91
C ASP G 50 -33.15 39.68 -27.55
N LEU G 51 -33.97 40.40 -28.32
CA LEU G 51 -33.54 41.62 -28.97
C LEU G 51 -33.44 42.80 -28.00
N GLN G 52 -34.00 42.67 -26.80
CA GLN G 52 -34.03 43.78 -25.85
C GLN G 52 -33.34 43.42 -24.54
N LYS G 53 -32.17 42.80 -24.62
CA LYS G 53 -31.44 42.42 -23.41
C LYS G 53 -29.97 42.83 -23.51
N SER G 54 -29.15 42.35 -22.58
CA SER G 54 -27.77 42.81 -22.47
C SER G 54 -26.94 42.31 -23.66
N ARG G 55 -25.75 42.92 -23.81
CA ARG G 55 -24.88 42.59 -24.93
C ARG G 55 -24.40 41.14 -24.86
N VAL G 56 -23.92 40.72 -23.68
CA VAL G 56 -23.42 39.36 -23.53
C VAL G 56 -24.52 38.32 -23.67
N ILE G 57 -25.76 38.66 -23.27
CA ILE G 57 -26.86 37.72 -23.42
C ILE G 57 -27.17 37.48 -24.89
N ARG G 58 -27.07 38.52 -25.72
CA ARG G 58 -27.28 38.35 -27.15
C ARG G 58 -26.10 37.66 -27.82
N ALA G 59 -24.87 37.97 -27.39
CA ALA G 59 -23.69 37.36 -28.01
C ALA G 59 -23.61 35.87 -27.71
N HIS G 60 -23.86 35.48 -26.46
CA HIS G 60 -23.77 34.09 -26.04
C HIS G 60 -24.87 33.22 -26.64
N THR G 61 -25.95 33.82 -27.15
CA THR G 61 -27.00 33.07 -27.82
C THR G 61 -26.95 33.20 -29.34
N ILE G 62 -26.18 34.15 -29.88
CA ILE G 62 -25.97 34.21 -31.32
C ILE G 62 -24.75 33.40 -31.74
N CYS G 63 -23.79 33.18 -30.84
CA CYS G 63 -22.62 32.37 -31.19
C CYS G 63 -22.93 30.89 -31.32
N ARG G 64 -24.13 30.47 -30.95
CA ARG G 64 -24.51 29.05 -31.00
C ARG G 64 -25.13 28.63 -32.33
N ILE G 65 -25.34 29.55 -33.26
CA ILE G 65 -26.01 29.23 -34.52
C ILE G 65 -25.22 28.29 -35.44
N PRO G 66 -23.87 28.20 -35.39
CA PRO G 66 -23.22 27.15 -36.20
C PRO G 66 -23.58 25.74 -35.77
N ASP G 67 -24.11 25.55 -34.56
CA ASP G 67 -24.50 24.23 -34.08
C ASP G 67 -25.98 23.95 -34.27
N ASP G 68 -26.83 24.98 -34.26
CA ASP G 68 -28.27 24.80 -34.30
C ASP G 68 -28.89 25.12 -35.66
N TYR G 69 -28.07 25.32 -36.69
CA TYR G 69 -28.56 25.66 -38.02
C TYR G 69 -28.26 24.51 -38.98
N PHE G 70 -29.23 24.17 -39.82
CA PHE G 70 -29.07 23.09 -40.78
C PHE G 70 -30.01 23.32 -41.96
N GLN G 71 -29.47 23.29 -43.17
CA GLN G 71 -30.25 23.37 -44.40
C GLN G 71 -29.74 22.31 -45.35
N PRO G 72 -30.54 21.31 -45.72
CA PRO G 72 -30.04 20.25 -46.59
C PRO G 72 -29.86 20.72 -48.02
N LEU G 73 -28.96 20.05 -48.73
CA LEU G 73 -28.64 20.37 -50.10
C LEU G 73 -29.35 19.40 -51.05
N GLY G 74 -29.04 19.50 -52.34
CA GLY G 74 -29.68 18.64 -53.32
C GLY G 74 -29.27 17.18 -53.17
N THR G 75 -28.01 16.93 -52.88
CA THR G 75 -27.51 15.55 -52.76
C THR G 75 -28.01 14.84 -51.51
N HIS G 76 -28.64 15.57 -50.57
CA HIS G 76 -29.07 14.95 -49.32
C HIS G 76 -30.18 13.94 -49.55
N LEU G 77 -31.11 14.22 -50.47
CA LEU G 77 -32.19 13.27 -50.75
C LEU G 77 -31.65 11.99 -51.37
N LEU G 78 -30.72 12.11 -52.33
CA LEU G 78 -30.11 10.94 -52.92
C LEU G 78 -29.32 10.15 -51.88
N LEU G 79 -28.60 10.85 -50.99
CA LEU G 79 -27.88 10.17 -49.93
C LEU G 79 -28.83 9.44 -48.98
N SER G 80 -29.99 10.05 -48.70
CA SER G 80 -30.98 9.40 -47.83
C SER G 80 -31.53 8.14 -48.47
N GLU G 81 -31.86 8.21 -49.76
CA GLU G 81 -32.33 7.02 -50.46
C GLU G 81 -31.25 5.94 -50.47
N ARG G 82 -30.00 6.33 -50.73
CA ARG G 82 -28.92 5.36 -50.77
C ARG G 82 -28.70 4.70 -49.43
N ILE G 83 -28.67 5.49 -48.34
CA ILE G 83 -28.41 4.91 -47.03
C ILE G 83 -29.58 4.04 -46.59
N SER G 84 -30.81 4.44 -46.92
CA SER G 84 -31.95 3.59 -46.60
C SER G 84 -31.89 2.26 -47.33
N VAL G 85 -31.51 2.29 -48.61
CA VAL G 85 -31.37 1.04 -49.36
C VAL G 85 -30.25 0.18 -48.78
N MET G 86 -29.13 0.81 -48.42
CA MET G 86 -28.00 0.07 -47.86
C MET G 86 -28.36 -0.61 -46.55
N ILE G 87 -29.09 0.10 -45.67
CA ILE G 87 -29.38 -0.47 -44.37
C ILE G 87 -30.52 -1.48 -44.44
N ARG G 88 -31.54 -1.22 -45.25
CA ARG G 88 -32.64 -2.18 -45.40
C ARG G 88 -32.17 -3.45 -46.09
N GLY G 89 -31.34 -3.32 -47.13
CA GLY G 89 -30.85 -4.48 -47.84
C GLY G 89 -29.82 -5.31 -47.09
N GLY G 90 -29.26 -4.77 -46.02
CA GLY G 90 -28.32 -5.50 -45.19
C GLY G 90 -28.97 -6.38 -44.15
N TYR G 91 -30.28 -6.58 -44.23
CA TYR G 91 -31.02 -7.43 -43.30
C TYR G 91 -31.85 -8.50 -43.97
N VAL G 92 -32.04 -8.45 -45.29
CA VAL G 92 -32.91 -9.42 -45.95
C VAL G 92 -32.34 -10.82 -45.87
N GLY G 93 -31.02 -10.96 -45.96
CA GLY G 93 -30.37 -12.24 -45.85
C GLY G 93 -30.02 -12.68 -44.44
N ARG G 94 -30.37 -11.90 -43.42
CA ARG G 94 -30.00 -12.18 -42.04
C ARG G 94 -31.24 -12.23 -41.15
N ASN G 95 -32.26 -12.95 -41.62
CA ASN G 95 -33.50 -13.10 -40.87
C ASN G 95 -33.40 -14.28 -39.92
N PRO G 96 -33.54 -14.09 -38.61
CA PRO G 96 -33.48 -15.22 -37.68
C PRO G 96 -34.79 -15.98 -37.59
N LYS G 97 -35.90 -15.30 -37.91
CA LYS G 97 -37.21 -15.95 -37.85
C LYS G 97 -37.30 -17.08 -38.86
N THR G 98 -36.80 -16.87 -40.08
CA THR G 98 -36.73 -17.93 -41.07
C THR G 98 -35.52 -18.82 -40.89
N GLY G 99 -34.63 -18.49 -39.95
CA GLY G 99 -33.44 -19.29 -39.71
C GLY G 99 -32.33 -19.01 -40.71
N ASP G 100 -32.03 -17.74 -40.94
CA ASP G 100 -30.95 -17.34 -41.83
C ASP G 100 -29.82 -16.59 -41.14
N LEU G 101 -30.12 -15.81 -40.10
CA LEU G 101 -29.06 -15.21 -39.30
C LEU G 101 -28.24 -16.28 -38.60
N GLN G 102 -28.89 -17.36 -38.17
CA GLN G 102 -28.18 -18.48 -37.58
C GLN G 102 -27.18 -19.08 -38.56
N LYS G 103 -27.55 -19.15 -39.84
CA LYS G 103 -26.63 -19.66 -40.85
C LYS G 103 -25.40 -18.77 -40.97
N HIS G 104 -25.59 -17.45 -40.92
CA HIS G 104 -24.47 -16.52 -41.00
C HIS G 104 -23.62 -16.50 -39.74
N LEU G 105 -24.13 -17.01 -38.61
CA LEU G 105 -23.49 -16.84 -37.33
C LEU G 105 -23.04 -18.14 -36.69
N GLN G 106 -23.69 -19.26 -37.00
CA GLN G 106 -23.20 -20.55 -36.54
C GLN G 106 -21.83 -20.86 -37.17
N ASN G 107 -21.67 -20.57 -38.46
CA ASN G 107 -20.39 -20.78 -39.12
C ASN G 107 -19.35 -19.72 -38.75
N GLY G 108 -19.76 -18.66 -38.05
CA GLY G 108 -18.80 -17.66 -37.62
C GLY G 108 -17.77 -18.19 -36.66
N TYR G 109 -18.12 -19.23 -35.89
CA TYR G 109 -17.16 -19.87 -35.01
C TYR G 109 -16.02 -20.52 -35.78
N GLU G 110 -16.23 -20.87 -37.05
CA GLU G 110 -15.18 -21.48 -37.85
C GLU G 110 -14.04 -20.49 -38.12
N ARG G 111 -14.38 -19.23 -38.41
CA ARG G 111 -13.34 -18.24 -38.69
C ARG G 111 -12.46 -17.98 -37.48
N VAL G 112 -13.07 -17.82 -36.30
CA VAL G 112 -12.26 -17.62 -35.10
C VAL G 112 -11.48 -18.90 -34.77
N GLN G 113 -12.07 -20.07 -35.01
CA GLN G 113 -11.34 -21.32 -34.81
C GLN G 113 -10.17 -21.45 -35.79
N THR G 114 -10.39 -21.08 -37.05
CA THR G 114 -9.36 -21.27 -38.07
C THR G 114 -8.42 -20.08 -38.17
N GLY G 115 -8.96 -18.86 -38.14
CA GLY G 115 -8.17 -17.66 -38.33
C GLY G 115 -8.22 -17.07 -39.72
N GLU G 116 -8.80 -17.78 -40.69
CA GLU G 116 -8.90 -17.31 -42.06
C GLU G 116 -10.32 -16.83 -42.33
N LEU G 117 -10.44 -15.64 -42.94
CA LEU G 117 -11.74 -15.01 -43.11
C LEU G 117 -12.60 -15.72 -44.15
N GLU G 118 -11.98 -16.32 -45.17
CA GLU G 118 -12.70 -16.86 -46.31
C GLU G 118 -13.23 -18.27 -46.10
N THR G 119 -13.03 -18.85 -44.93
CA THR G 119 -13.52 -20.20 -44.66
C THR G 119 -15.05 -20.21 -44.60
N PHE G 120 -15.65 -21.25 -45.18
CA PHE G 120 -17.09 -21.41 -45.19
C PHE G 120 -17.48 -22.77 -44.61
N ARG G 121 -18.59 -22.78 -43.90
CA ARG G 121 -19.16 -23.99 -43.30
C ARG G 121 -20.56 -24.29 -43.81
N PHE G 122 -21.42 -23.28 -43.92
CA PHE G 122 -22.77 -23.44 -44.43
C PHE G 122 -22.86 -22.77 -45.79
N GLU G 123 -23.23 -23.53 -46.81
CA GLU G 123 -23.34 -22.98 -48.16
C GLU G 123 -24.54 -22.07 -48.32
N GLU G 124 -25.54 -22.18 -47.43
CA GLU G 124 -26.71 -21.32 -47.50
C GLU G 124 -26.43 -19.88 -47.06
N ALA G 125 -25.25 -19.63 -46.47
CA ALA G 125 -24.90 -18.28 -46.04
C ALA G 125 -24.59 -17.41 -47.24
N ARG G 126 -25.39 -16.37 -47.44
CA ARG G 126 -25.21 -15.44 -48.55
C ARG G 126 -25.22 -14.01 -48.02
N SER G 127 -24.20 -13.24 -48.37
CA SER G 127 -24.07 -11.87 -47.90
C SER G 127 -24.60 -10.92 -48.96
N THR G 128 -25.42 -9.96 -48.53
CA THR G 128 -26.05 -8.98 -49.42
C THR G 128 -25.82 -7.57 -48.86
N ALA G 129 -24.79 -6.91 -49.37
CA ALA G 129 -24.49 -5.54 -48.97
C ALA G 129 -23.77 -4.83 -50.11
N GLN G 130 -23.92 -3.51 -50.15
CA GLN G 130 -23.26 -2.68 -51.15
C GLN G 130 -22.33 -1.70 -50.46
N SER G 131 -21.10 -1.60 -50.96
CA SER G 131 -20.10 -0.71 -50.39
C SER G 131 -20.22 0.66 -51.03
N LEU G 132 -20.21 1.70 -50.20
CA LEU G 132 -20.24 3.08 -50.67
C LEU G 132 -19.04 3.82 -50.12
N LEU G 133 -18.35 4.56 -50.98
CA LEU G 133 -17.14 5.29 -50.61
C LEU G 133 -17.36 6.77 -50.93
N LEU G 134 -17.57 7.57 -49.90
CA LEU G 134 -17.88 8.99 -50.06
C LEU G 134 -16.60 9.81 -49.96
N ILE G 135 -16.41 10.73 -50.91
CA ILE G 135 -15.23 11.58 -50.98
C ILE G 135 -15.69 13.03 -51.02
N GLY G 136 -15.13 13.85 -50.14
CA GLY G 136 -15.42 15.26 -50.12
C GLY G 136 -14.31 16.04 -49.45
N CYS G 137 -14.13 17.28 -49.88
CA CYS G 137 -13.13 18.14 -49.26
C CYS G 137 -13.55 18.53 -47.85
N SER G 138 -12.56 18.81 -47.01
CA SER G 138 -12.82 19.23 -45.65
C SER G 138 -13.56 20.57 -45.64
N GLY G 139 -14.60 20.66 -44.82
CA GLY G 139 -15.44 21.83 -44.76
C GLY G 139 -16.73 21.73 -45.54
N SER G 140 -16.91 20.68 -46.34
CA SER G 140 -18.16 20.50 -47.08
C SER G 140 -19.31 20.16 -46.14
N GLY G 141 -19.03 19.58 -44.99
CA GLY G 141 -20.05 19.25 -44.03
C GLY G 141 -20.60 17.84 -44.17
N LYS G 142 -19.70 16.87 -44.40
CA LYS G 142 -20.13 15.49 -44.56
C LYS G 142 -20.46 14.84 -43.20
N THR G 143 -19.70 15.18 -42.16
CA THR G 143 -19.88 14.53 -40.86
C THR G 143 -21.22 14.90 -40.23
N THR G 144 -21.52 16.20 -40.14
CA THR G 144 -22.76 16.62 -39.50
C THR G 144 -23.97 16.20 -40.32
N SER G 145 -23.85 16.16 -41.65
CA SER G 145 -24.92 15.63 -42.47
C SER G 145 -25.17 14.15 -42.17
N LEU G 146 -24.09 13.39 -41.95
CA LEU G 146 -24.24 11.98 -41.59
C LEU G 146 -24.91 11.82 -40.23
N HIS G 147 -24.54 12.65 -39.25
CA HIS G 147 -25.23 12.60 -37.96
C HIS G 147 -26.69 12.96 -38.09
N ARG G 148 -27.01 13.98 -38.89
CA ARG G 148 -28.41 14.35 -39.07
C ARG G 148 -29.19 13.26 -39.80
N ILE G 149 -28.55 12.56 -40.72
CA ILE G 149 -29.26 11.55 -41.51
C ILE G 149 -29.40 10.25 -40.73
N LEU G 150 -28.51 9.97 -39.77
CA LEU G 150 -28.63 8.79 -38.93
C LEU G 150 -29.34 9.09 -37.60
N ALA G 151 -29.68 10.34 -37.34
CA ALA G 151 -30.48 10.66 -36.16
C ALA G 151 -31.93 10.20 -36.29
N THR G 152 -32.36 9.79 -37.49
CA THR G 152 -33.71 9.28 -37.65
C THR G 152 -33.86 7.91 -37.02
N TYR G 153 -32.83 7.07 -37.11
CA TYR G 153 -32.88 5.73 -36.57
C TYR G 153 -32.56 5.73 -35.07
N PRO G 154 -33.22 4.86 -34.30
CA PRO G 154 -33.08 4.91 -32.84
C PRO G 154 -31.91 4.09 -32.30
N GLN G 155 -30.94 3.75 -33.15
CA GLN G 155 -29.75 3.01 -32.77
C GLN G 155 -30.09 1.65 -32.15
N VAL G 156 -30.17 1.58 -30.83
CA VAL G 156 -30.40 0.31 -30.14
C VAL G 156 -31.89 0.06 -29.99
N ILE G 157 -32.32 -1.14 -30.36
CA ILE G 157 -33.71 -1.58 -30.23
C ILE G 157 -33.70 -2.96 -29.59
N TYR G 158 -34.57 -3.16 -28.60
CA TYR G 158 -34.65 -4.43 -27.86
C TYR G 158 -35.92 -5.15 -28.25
N HIS G 159 -35.77 -6.38 -28.76
CA HIS G 159 -36.90 -7.21 -29.14
C HIS G 159 -37.42 -7.97 -27.93
N ARG G 160 -38.57 -8.64 -28.11
CA ARG G 160 -39.23 -9.36 -27.02
C ARG G 160 -38.93 -10.85 -27.04
N GLU G 161 -39.29 -11.55 -28.11
CA GLU G 161 -39.04 -12.98 -28.17
C GLU G 161 -37.56 -13.29 -28.36
N LEU G 162 -36.91 -12.58 -29.28
CA LEU G 162 -35.47 -12.67 -29.45
C LEU G 162 -34.79 -11.66 -28.54
N ASN G 163 -33.86 -12.15 -27.71
CA ASN G 163 -33.18 -11.30 -26.74
C ASN G 163 -32.08 -10.44 -27.37
N VAL G 164 -32.03 -10.35 -28.69
CA VAL G 164 -30.96 -9.64 -29.37
C VAL G 164 -31.16 -8.14 -29.23
N GLU G 165 -30.09 -7.43 -28.87
CA GLU G 165 -30.08 -5.96 -28.80
C GLU G 165 -29.52 -5.46 -30.12
N GLN G 166 -30.40 -5.22 -31.09
CA GLN G 166 -29.98 -4.78 -32.41
C GLN G 166 -29.41 -3.38 -32.35
N VAL G 167 -28.26 -3.18 -33.00
CA VAL G 167 -27.63 -1.87 -33.11
C VAL G 167 -27.73 -1.42 -34.57
N VAL G 168 -28.43 -0.32 -34.82
CA VAL G 168 -28.64 0.13 -36.19
C VAL G 168 -27.35 0.62 -36.81
N TYR G 169 -26.60 1.47 -36.11
CA TYR G 169 -25.38 2.01 -36.68
C TYR G 169 -24.35 2.22 -35.59
N LEU G 170 -23.08 2.20 -35.99
CA LEU G 170 -21.97 2.46 -35.08
C LEU G 170 -20.84 3.10 -35.89
N LYS G 171 -20.43 4.30 -35.51
CA LYS G 171 -19.43 5.06 -36.24
C LYS G 171 -18.08 4.96 -35.54
N ILE G 172 -17.06 4.53 -36.28
CA ILE G 172 -15.69 4.48 -35.78
C ILE G 172 -14.84 5.44 -36.59
N ASP G 173 -13.59 5.58 -36.19
CA ASP G 173 -12.64 6.45 -36.87
C ASP G 173 -11.25 5.82 -36.86
N CYS G 174 -10.44 6.22 -37.85
CA CYS G 174 -9.10 5.68 -38.01
C CYS G 174 -8.11 6.45 -37.13
N SER G 175 -7.13 5.71 -36.61
CA SER G 175 -6.09 6.32 -35.79
C SER G 175 -5.07 7.05 -36.66
N HIS G 176 -4.32 7.95 -36.03
CA HIS G 176 -3.29 8.69 -36.75
C HIS G 176 -2.14 7.79 -37.16
N ASN G 177 -1.83 6.77 -36.36
CA ASN G 177 -0.74 5.85 -36.70
C ASN G 177 -1.13 4.89 -37.81
N GLY G 178 -2.43 4.60 -37.96
CA GLY G 178 -2.86 3.64 -38.95
C GLY G 178 -2.41 2.22 -38.66
N SER G 179 -2.23 1.87 -37.40
CA SER G 179 -1.72 0.56 -37.03
C SER G 179 -2.77 -0.52 -37.26
N LEU G 180 -2.28 -1.76 -37.38
CA LEU G 180 -3.17 -2.91 -37.49
C LEU G 180 -3.88 -3.19 -36.17
N LYS G 181 -3.22 -2.88 -35.05
CA LYS G 181 -3.73 -3.18 -33.72
C LYS G 181 -4.81 -2.20 -33.26
N GLU G 182 -4.91 -1.03 -33.87
CA GLU G 182 -5.72 0.05 -33.31
C GLU G 182 -7.15 0.09 -33.84
N ILE G 183 -7.41 -0.41 -35.05
CA ILE G 183 -8.77 -0.35 -35.59
C ILE G 183 -9.71 -1.23 -34.79
N CYS G 184 -9.29 -2.45 -34.47
CA CYS G 184 -10.14 -3.35 -33.69
C CYS G 184 -10.37 -2.79 -32.28
N LEU G 185 -9.32 -2.22 -31.67
CA LEU G 185 -9.49 -1.62 -30.35
C LEU G 185 -10.42 -0.42 -30.39
N ASN G 186 -10.36 0.38 -31.46
CA ASN G 186 -11.29 1.50 -31.59
C ASN G 186 -12.73 1.01 -31.76
N PHE G 187 -12.92 -0.04 -32.55
CA PHE G 187 -14.26 -0.62 -32.69
C PHE G 187 -14.78 -1.13 -31.35
N PHE G 188 -13.94 -1.81 -30.59
CA PHE G 188 -14.38 -2.39 -29.32
C PHE G 188 -14.58 -1.31 -28.25
N ARG G 189 -13.84 -0.20 -28.32
CA ARG G 189 -14.05 0.90 -27.40
C ARG G 189 -15.17 1.82 -27.82
N ALA G 190 -15.65 1.73 -29.06
CA ALA G 190 -16.83 2.46 -29.48
C ALA G 190 -18.11 1.65 -29.36
N LEU G 191 -18.03 0.33 -29.35
CA LEU G 191 -19.23 -0.48 -29.21
C LEU G 191 -19.76 -0.47 -27.79
N ASP G 192 -18.88 -0.52 -26.79
CA ASP G 192 -19.32 -0.49 -25.40
C ASP G 192 -19.74 0.91 -24.96
N ARG G 193 -19.35 1.95 -25.71
CA ARG G 193 -19.77 3.30 -25.37
C ARG G 193 -21.24 3.52 -25.68
N ALA G 194 -21.78 2.82 -26.68
CA ALA G 194 -23.17 2.95 -27.06
C ALA G 194 -24.03 1.77 -26.64
N LEU G 195 -23.48 0.85 -25.84
CA LEU G 195 -24.23 -0.30 -25.38
C LEU G 195 -24.10 -0.55 -23.88
N GLY G 196 -23.03 -0.08 -23.23
CA GLY G 196 -22.91 -0.17 -21.79
C GLY G 196 -22.33 -1.45 -21.25
N SER G 197 -21.77 -2.30 -22.11
CA SER G 197 -21.13 -3.53 -21.65
C SER G 197 -19.63 -3.30 -21.47
N ASN G 198 -18.88 -4.37 -21.25
CA ASN G 198 -17.42 -4.33 -21.12
C ASN G 198 -16.84 -5.33 -22.12
N TYR G 199 -16.65 -4.87 -23.36
CA TYR G 199 -16.03 -5.69 -24.39
C TYR G 199 -14.53 -5.46 -24.51
N GLU G 200 -14.05 -4.29 -24.06
CA GLU G 200 -12.62 -3.98 -24.15
C GLU G 200 -11.79 -4.94 -23.32
N ARG G 201 -12.24 -5.24 -22.10
CA ARG G 201 -11.52 -6.19 -21.26
C ARG G 201 -11.64 -7.61 -21.79
N ARG G 202 -12.79 -7.96 -22.36
CA ARG G 202 -13.01 -9.33 -22.82
C ARG G 202 -12.26 -9.64 -24.11
N TYR G 203 -12.03 -8.64 -24.96
CA TYR G 203 -11.43 -8.87 -26.27
C TYR G 203 -10.11 -8.15 -26.49
N GLY G 204 -9.88 -7.01 -25.83
CA GLY G 204 -8.67 -6.25 -26.07
C GLY G 204 -7.57 -6.46 -25.03
N LEU G 205 -7.95 -6.90 -23.83
CA LEU G 205 -6.95 -7.07 -22.76
C LEU G 205 -6.05 -8.26 -23.02
N LYS G 206 -6.62 -9.39 -23.43
CA LYS G 206 -5.83 -10.59 -23.65
C LYS G 206 -4.95 -10.44 -24.90
N ARG G 207 -3.79 -11.07 -24.85
CA ARG G 207 -2.88 -11.04 -25.99
C ARG G 207 -3.48 -11.78 -27.18
N HIS G 208 -3.33 -11.19 -28.37
CA HIS G 208 -3.92 -11.75 -29.58
C HIS G 208 -3.09 -11.33 -30.78
N GLY G 209 -3.25 -12.07 -31.87
CA GLY G 209 -2.66 -11.69 -33.14
C GLY G 209 -3.48 -10.64 -33.86
N ILE G 210 -2.97 -10.23 -35.02
CA ILE G 210 -3.67 -9.24 -35.83
C ILE G 210 -4.95 -9.84 -36.41
N GLU G 211 -4.80 -10.91 -37.20
CA GLU G 211 -5.96 -11.54 -37.83
C GLU G 211 -6.95 -12.08 -36.82
N THR G 212 -6.49 -12.41 -35.61
CA THR G 212 -7.42 -12.88 -34.57
C THR G 212 -8.44 -11.80 -34.23
N MET G 213 -7.97 -10.60 -33.89
CA MET G 213 -8.91 -9.51 -33.61
C MET G 213 -9.66 -9.10 -34.86
N LEU G 214 -8.99 -9.13 -36.03
CA LEU G 214 -9.68 -8.81 -37.27
C LEU G 214 -10.79 -9.80 -37.59
N ALA G 215 -10.77 -10.99 -36.98
CA ALA G 215 -11.86 -11.95 -37.12
C ALA G 215 -12.91 -11.81 -36.02
N LEU G 216 -12.51 -11.64 -34.77
CA LEU G 216 -13.49 -11.46 -33.70
C LEU G 216 -14.29 -10.17 -33.87
N MET G 217 -13.72 -9.16 -34.52
CA MET G 217 -14.49 -7.94 -34.74
C MET G 217 -15.70 -8.19 -35.64
N SER G 218 -15.49 -8.91 -36.75
CA SER G 218 -16.62 -9.31 -37.60
C SER G 218 -17.52 -10.32 -36.88
N GLN G 219 -16.94 -11.18 -36.04
CA GLN G 219 -17.75 -12.12 -35.28
C GLN G 219 -18.73 -11.40 -34.37
N ILE G 220 -18.28 -10.34 -33.70
CA ILE G 220 -19.17 -9.53 -32.89
C ILE G 220 -20.14 -8.73 -33.76
N ALA G 221 -19.66 -8.23 -34.90
CA ALA G 221 -20.53 -7.51 -35.82
C ALA G 221 -21.67 -8.37 -36.37
N ASN G 222 -21.50 -9.70 -36.35
CA ASN G 222 -22.61 -10.59 -36.66
C ASN G 222 -23.30 -11.14 -35.41
N ALA G 223 -22.68 -11.02 -34.24
CA ALA G 223 -23.36 -11.42 -33.01
C ALA G 223 -24.51 -10.47 -32.69
N HIS G 224 -24.25 -9.17 -32.77
CA HIS G 224 -25.31 -8.17 -32.73
C HIS G 224 -25.81 -7.89 -34.14
N ALA G 225 -27.07 -7.45 -34.23
CA ALA G 225 -27.65 -7.11 -35.53
C ALA G 225 -27.14 -5.75 -35.97
N LEU G 226 -25.84 -5.72 -36.27
CA LEU G 226 -25.16 -4.48 -36.65
C LEU G 226 -25.63 -4.06 -38.04
N GLY G 227 -26.48 -3.04 -38.10
CA GLY G 227 -27.01 -2.62 -39.38
C GLY G 227 -25.98 -1.95 -40.27
N LEU G 228 -25.16 -1.08 -39.71
CA LEU G 228 -24.21 -0.29 -40.49
C LEU G 228 -23.01 0.06 -39.65
N LEU G 229 -21.82 -0.18 -40.20
CA LEU G 229 -20.55 0.25 -39.61
C LEU G 229 -19.92 1.23 -40.58
N VAL G 230 -19.94 2.51 -40.23
CA VAL G 230 -19.44 3.58 -41.08
C VAL G 230 -18.10 4.06 -40.52
N ILE G 231 -17.12 4.21 -41.40
CA ILE G 231 -15.77 4.63 -41.04
C ILE G 231 -15.55 6.05 -41.53
N ASP G 232 -15.13 6.93 -40.63
CA ASP G 232 -14.78 8.30 -40.97
C ASP G 232 -13.27 8.46 -40.98
N GLU G 233 -12.81 9.43 -41.79
CA GLU G 233 -11.40 9.80 -41.87
C GLU G 233 -10.53 8.61 -42.27
N ILE G 234 -10.80 8.08 -43.47
CA ILE G 234 -9.98 7.00 -44.02
C ILE G 234 -8.72 7.53 -44.68
N GLN G 235 -8.55 8.86 -44.74
CA GLN G 235 -7.38 9.46 -45.39
C GLN G 235 -6.09 9.23 -44.62
N HIS G 236 -6.18 8.82 -43.35
CA HIS G 236 -4.99 8.66 -42.52
C HIS G 236 -4.14 7.46 -42.93
N LEU G 237 -4.63 6.61 -43.83
CA LEU G 237 -3.86 5.45 -44.26
C LEU G 237 -2.64 5.82 -45.09
N SER G 238 -2.60 7.05 -45.63
CA SER G 238 -1.43 7.47 -46.40
C SER G 238 -0.20 7.57 -45.50
N ARG G 239 -0.37 8.10 -44.28
CA ARG G 239 0.72 8.17 -43.31
C ARG G 239 0.99 6.84 -42.63
N SER G 240 0.12 5.85 -42.81
CA SER G 240 0.31 4.54 -42.18
C SER G 240 1.52 3.83 -42.77
N ARG G 241 1.94 2.77 -42.10
CA ARG G 241 3.11 2.02 -42.49
C ARG G 241 2.92 1.36 -43.86
N SER G 242 3.99 1.32 -44.63
CA SER G 242 3.95 0.71 -45.96
C SER G 242 3.72 -0.79 -45.86
N GLY G 243 2.99 -1.32 -46.84
CA GLY G 243 2.64 -2.72 -46.88
C GLY G 243 1.36 -3.09 -46.17
N GLY G 244 0.77 -2.15 -45.43
CA GLY G 244 -0.48 -2.40 -44.74
C GLY G 244 -1.57 -1.43 -45.16
N SER G 245 -1.21 -0.48 -46.04
CA SER G 245 -2.19 0.50 -46.50
C SER G 245 -3.31 -0.16 -47.29
N GLN G 246 -2.96 -1.12 -48.15
CA GLN G 246 -3.96 -1.85 -48.92
C GLN G 246 -4.70 -2.87 -48.07
N GLU G 247 -4.07 -3.35 -46.99
CA GLU G 247 -4.60 -4.46 -46.21
C GLU G 247 -5.96 -4.12 -45.61
N MET G 248 -6.08 -2.92 -45.05
CA MET G 248 -7.37 -2.45 -44.57
C MET G 248 -8.39 -2.40 -45.70
N LEU G 249 -7.95 -2.02 -46.90
CA LEU G 249 -8.86 -1.92 -48.03
C LEU G 249 -9.43 -3.28 -48.42
N ASN G 250 -8.59 -4.31 -48.55
CA ASN G 250 -9.18 -5.60 -48.90
C ASN G 250 -9.94 -6.21 -47.72
N PHE G 251 -9.60 -5.84 -46.48
CA PHE G 251 -10.44 -6.27 -45.36
C PHE G 251 -11.84 -5.65 -45.46
N PHE G 252 -11.91 -4.35 -45.77
CA PHE G 252 -13.22 -3.71 -45.92
C PHE G 252 -13.98 -4.29 -47.10
N VAL G 253 -13.27 -4.71 -48.15
CA VAL G 253 -13.93 -5.44 -49.23
C VAL G 253 -14.47 -6.77 -48.72
N THR G 254 -13.70 -7.45 -47.87
CA THR G 254 -14.11 -8.77 -47.38
C THR G 254 -15.37 -8.69 -46.53
N MET G 255 -15.45 -7.68 -45.65
CA MET G 255 -16.59 -7.59 -44.74
C MET G 255 -17.90 -7.38 -45.50
N VAL G 256 -17.88 -6.53 -46.52
CA VAL G 256 -19.11 -6.22 -47.25
C VAL G 256 -19.55 -7.42 -48.10
N ASN G 257 -18.60 -8.08 -48.76
CA ASN G 257 -18.92 -9.08 -49.76
C ASN G 257 -18.97 -10.51 -49.24
N ILE G 258 -18.51 -10.76 -48.00
CA ILE G 258 -18.51 -12.09 -47.42
C ILE G 258 -19.21 -12.11 -46.07
N ILE G 259 -18.81 -11.23 -45.16
CA ILE G 259 -19.37 -11.24 -43.80
C ILE G 259 -20.85 -10.87 -43.83
N GLY G 260 -21.20 -9.80 -44.54
CA GLY G 260 -22.57 -9.35 -44.62
C GLY G 260 -22.89 -8.08 -43.88
N VAL G 261 -21.91 -7.26 -43.54
CA VAL G 261 -22.10 -6.02 -42.81
C VAL G 261 -21.90 -4.86 -43.76
N PRO G 262 -22.90 -4.03 -44.01
CA PRO G 262 -22.70 -2.86 -44.88
C PRO G 262 -21.72 -1.87 -44.24
N VAL G 263 -20.91 -1.24 -45.08
CA VAL G 263 -19.85 -0.34 -44.63
C VAL G 263 -19.76 0.84 -45.60
N MET G 264 -19.64 2.05 -45.04
CA MET G 264 -19.51 3.27 -45.81
C MET G 264 -18.22 3.98 -45.43
N LEU G 265 -17.51 4.51 -46.43
CA LEU G 265 -16.21 5.14 -46.24
C LEU G 265 -16.30 6.64 -46.48
N ILE G 266 -15.52 7.40 -45.70
CA ILE G 266 -15.43 8.84 -45.85
C ILE G 266 -13.96 9.25 -45.77
N GLY G 267 -13.53 10.10 -46.69
CA GLY G 267 -12.17 10.61 -46.67
C GLY G 267 -12.01 11.75 -47.66
N THR G 268 -10.87 12.43 -47.54
CA THR G 268 -10.52 13.49 -48.46
C THR G 268 -10.10 12.89 -49.80
N PRO G 269 -10.19 13.67 -50.90
CA PRO G 269 -9.75 13.14 -52.21
C PRO G 269 -8.29 12.74 -52.29
N LYS G 270 -7.51 12.97 -51.23
CA LYS G 270 -6.14 12.48 -51.21
C LYS G 270 -6.07 10.96 -51.05
N ALA G 271 -7.15 10.33 -50.60
CA ALA G 271 -7.22 8.88 -50.49
C ALA G 271 -7.60 8.20 -51.80
N ARG G 272 -7.90 8.98 -52.84
CA ARG G 272 -8.27 8.39 -54.12
C ARG G 272 -7.11 7.61 -54.73
N GLU G 273 -5.89 8.13 -54.61
CA GLU G 273 -4.72 7.41 -55.10
C GLU G 273 -4.50 6.13 -54.30
N ILE G 274 -4.72 6.18 -52.99
CA ILE G 274 -4.59 4.99 -52.15
C ILE G 274 -5.60 3.94 -52.56
N PHE G 275 -6.84 4.35 -52.81
CA PHE G 275 -7.88 3.43 -53.26
C PHE G 275 -7.56 2.85 -54.64
N PHE G 288 -19.34 -1.34 -56.43
CA PHE G 288 -19.44 -0.45 -55.28
C PHE G 288 -19.93 0.93 -55.71
N GLY G 289 -20.73 1.56 -54.86
CA GLY G 289 -21.25 2.87 -55.17
C GLY G 289 -20.17 3.94 -55.17
N ALA G 290 -20.38 4.97 -56.00
CA ALA G 290 -19.43 6.08 -56.12
C ALA G 290 -20.24 7.37 -56.20
N ILE G 291 -20.23 8.14 -55.11
CA ILE G 291 -20.92 9.42 -55.05
C ILE G 291 -19.93 10.48 -54.59
N PHE G 292 -19.79 11.54 -55.37
CA PHE G 292 -18.85 12.62 -55.08
C PHE G 292 -19.62 13.91 -54.82
N TRP G 293 -19.06 14.75 -53.95
CA TRP G 293 -19.65 16.03 -53.59
C TRP G 293 -18.68 17.14 -53.95
N ASP G 294 -19.20 18.22 -54.52
CA ASP G 294 -18.39 19.34 -54.96
C ASP G 294 -18.95 20.64 -54.40
N PRO G 295 -18.09 21.66 -54.23
CA PRO G 295 -18.57 22.95 -53.75
C PRO G 295 -19.61 23.56 -54.70
N ILE G 296 -20.58 24.25 -54.10
CA ILE G 296 -21.68 24.83 -54.87
C ILE G 296 -21.26 26.16 -55.48
N GLN G 297 -21.92 26.53 -56.57
CA GLN G 297 -21.63 27.77 -57.28
C GLN G 297 -22.92 28.52 -57.59
N GLN G 298 -22.85 29.53 -58.46
CA GLN G 298 -24.04 30.20 -58.99
C GLN G 298 -24.38 29.72 -60.39
N THR G 299 -23.46 29.87 -61.33
CA THR G 299 -23.77 29.66 -62.75
C THR G 299 -23.93 28.17 -63.05
N GLN G 300 -25.18 27.73 -63.22
CA GLN G 300 -25.45 26.40 -63.75
C GLN G 300 -25.39 26.40 -65.27
N ARG G 301 -26.26 27.18 -65.91
CA ARG G 301 -26.18 27.46 -67.33
C ARG G 301 -26.03 28.95 -67.60
N GLY G 302 -26.98 29.77 -67.12
CA GLY G 302 -26.88 31.21 -67.25
C GLY G 302 -27.40 31.95 -66.04
N LYS G 303 -27.83 31.22 -65.01
CA LYS G 303 -28.48 31.80 -63.85
C LYS G 303 -27.81 31.31 -62.57
N PRO G 304 -27.89 32.09 -61.49
CA PRO G 304 -27.42 31.60 -60.20
C PRO G 304 -28.27 30.45 -59.69
N ASN G 305 -27.65 29.58 -58.89
CA ASN G 305 -28.35 28.40 -58.39
C ASN G 305 -29.32 28.79 -57.28
N GLN G 306 -30.57 28.34 -57.44
CA GLN G 306 -31.57 28.54 -56.40
C GLN G 306 -31.17 27.86 -55.10
N GLU G 307 -30.41 26.76 -55.18
CA GLU G 307 -29.91 26.12 -53.96
C GLU G 307 -29.00 27.05 -53.17
N TRP G 308 -28.04 27.69 -53.85
CA TRP G 308 -27.17 28.65 -53.18
C TRP G 308 -27.95 29.84 -52.65
N ILE G 309 -28.91 30.34 -53.43
CA ILE G 309 -29.70 31.48 -52.99
C ILE G 309 -30.50 31.14 -51.75
N ALA G 310 -31.13 29.96 -51.73
CA ALA G 310 -31.92 29.52 -50.59
C ALA G 310 -31.04 29.31 -49.36
N PHE G 311 -29.85 28.71 -49.54
CA PHE G 311 -28.95 28.50 -48.41
C PHE G 311 -28.51 29.83 -47.82
N THR G 312 -28.14 30.78 -48.67
CA THR G 312 -27.72 32.09 -48.18
C THR G 312 -28.85 32.80 -47.46
N ASP G 313 -30.08 32.72 -48.00
CA ASP G 313 -31.22 33.36 -47.33
C ASP G 313 -31.52 32.70 -45.99
N ASN G 314 -31.47 31.37 -45.94
CA ASN G 314 -31.75 30.67 -44.69
C ASN G 314 -30.70 31.02 -43.64
N LEU G 315 -29.45 31.21 -44.06
CA LEU G 315 -28.43 31.69 -43.12
C LEU G 315 -28.67 33.13 -42.70
N TRP G 316 -29.05 33.99 -43.64
CA TRP G 316 -29.09 35.43 -43.39
C TRP G 316 -30.28 35.84 -42.54
N GLN G 317 -31.46 35.27 -42.78
CA GLN G 317 -32.59 35.68 -41.94
C GLN G 317 -32.55 35.09 -40.51
N LEU G 318 -31.46 34.49 -40.05
CA LEU G 318 -31.31 34.11 -38.65
C LEU G 318 -30.51 35.13 -37.85
N GLN G 319 -30.47 36.38 -38.28
CA GLN G 319 -29.69 37.41 -37.61
C GLN G 319 -30.35 37.82 -36.29
N LEU G 320 -29.54 38.47 -35.45
CA LEU G 320 -30.00 38.95 -34.14
C LEU G 320 -29.66 40.42 -33.90
N LEU G 321 -29.08 41.10 -34.89
CA LEU G 321 -28.74 42.51 -34.72
C LEU G 321 -29.99 43.37 -34.58
N GLN G 322 -29.87 44.43 -33.79
CA GLN G 322 -31.00 45.34 -33.57
C GLN G 322 -31.42 46.02 -34.87
N ARG G 323 -30.45 46.44 -35.67
CA ARG G 323 -30.72 47.08 -36.96
C ARG G 323 -30.42 46.09 -38.08
N LYS G 324 -31.38 45.91 -38.98
CA LYS G 324 -31.25 44.94 -40.05
C LYS G 324 -32.14 45.35 -41.22
N ASP G 325 -31.58 45.32 -42.42
CA ASP G 325 -32.34 45.62 -43.62
C ASP G 325 -33.20 44.43 -44.02
N ALA G 326 -34.19 44.69 -44.88
CA ALA G 326 -35.15 43.66 -45.24
C ALA G 326 -34.55 42.62 -46.18
N LEU G 327 -33.73 43.06 -47.15
CA LEU G 327 -33.24 42.18 -48.19
C LEU G 327 -31.72 42.30 -48.30
N LEU G 328 -31.10 41.23 -48.79
CA LEU G 328 -29.67 41.18 -49.04
C LEU G 328 -29.35 41.72 -50.42
N SER G 329 -28.08 42.03 -50.65
CA SER G 329 -27.63 42.69 -51.86
C SER G 329 -26.85 41.73 -52.75
N ASP G 330 -26.96 41.96 -54.07
CA ASP G 330 -26.21 41.18 -55.03
C ASP G 330 -24.70 41.38 -54.84
N GLU G 331 -24.28 42.61 -54.58
CA GLU G 331 -22.87 42.87 -54.31
C GLU G 331 -22.39 42.14 -53.07
N VAL G 332 -23.22 42.12 -52.02
CA VAL G 332 -22.85 41.41 -50.79
C VAL G 332 -22.74 39.92 -51.05
N ARG G 333 -23.67 39.36 -51.83
CA ARG G 333 -23.60 37.94 -52.18
C ARG G 333 -22.35 37.63 -53.00
N ASP G 334 -22.02 38.50 -53.95
CA ASP G 334 -20.81 38.31 -54.75
C ASP G 334 -19.55 38.37 -53.90
N VAL G 335 -19.52 39.31 -52.93
CA VAL G 335 -18.39 39.40 -52.02
C VAL G 335 -18.29 38.15 -51.16
N TRP G 336 -19.44 37.66 -50.67
CA TRP G 336 -19.46 36.43 -49.88
C TRP G 336 -18.86 35.27 -50.66
N TYR G 337 -19.28 35.09 -51.92
CA TYR G 337 -18.72 33.99 -52.71
C TYR G 337 -17.25 34.24 -53.03
N GLU G 338 -16.87 35.46 -53.41
CA GLU G 338 -15.46 35.69 -53.73
C GLU G 338 -14.57 35.54 -52.50
N LEU G 339 -15.13 35.62 -51.29
CA LEU G 339 -14.34 35.43 -50.09
C LEU G 339 -14.37 34.01 -49.56
N SER G 340 -15.37 33.21 -49.92
CA SER G 340 -15.43 31.81 -49.47
C SER G 340 -14.98 30.80 -50.51
N GLN G 341 -15.32 31.02 -51.79
CA GLN G 341 -14.93 30.19 -52.94
C GLN G 341 -15.32 28.72 -52.80
N GLY G 342 -16.59 28.46 -52.47
CA GLY G 342 -17.15 27.14 -52.59
C GLY G 342 -17.21 26.34 -51.32
N VAL G 343 -16.22 26.49 -50.43
CA VAL G 343 -16.28 25.79 -49.16
C VAL G 343 -17.41 26.38 -48.33
N MET G 344 -18.09 25.53 -47.57
CA MET G 344 -19.42 25.87 -47.06
C MET G 344 -19.44 26.22 -45.57
N ASP G 345 -18.47 25.73 -44.79
CA ASP G 345 -18.38 26.12 -43.39
C ASP G 345 -17.85 27.54 -43.23
N ILE G 346 -16.97 27.98 -44.13
CA ILE G 346 -16.36 29.30 -44.02
C ILE G 346 -17.41 30.40 -44.10
N VAL G 347 -18.48 30.17 -44.87
CA VAL G 347 -19.57 31.16 -44.93
C VAL G 347 -20.14 31.40 -43.55
N VAL G 348 -20.47 30.32 -42.83
CA VAL G 348 -21.06 30.45 -41.50
C VAL G 348 -20.05 31.03 -40.51
N LYS G 349 -18.78 30.62 -40.64
CA LYS G 349 -17.77 31.15 -39.72
C LYS G 349 -17.59 32.66 -39.90
N LEU G 350 -17.54 33.11 -41.16
CA LEU G 350 -17.44 34.54 -41.42
C LEU G 350 -18.69 35.27 -40.95
N PHE G 351 -19.86 34.66 -41.13
CA PHE G 351 -21.11 35.26 -40.67
C PHE G 351 -21.08 35.49 -39.16
N VAL G 352 -20.76 34.43 -38.40
CA VAL G 352 -20.78 34.55 -36.95
C VAL G 352 -19.69 35.49 -36.45
N LEU G 353 -18.53 35.51 -37.12
CA LEU G 353 -17.50 36.47 -36.77
C LEU G 353 -17.96 37.89 -37.04
N ALA G 354 -18.75 38.09 -38.10
CA ALA G 354 -19.26 39.42 -38.41
C ALA G 354 -20.20 39.91 -37.31
N GLN G 355 -21.15 39.07 -36.89
CA GLN G 355 -21.99 39.53 -35.78
C GLN G 355 -21.20 39.68 -34.48
N LEU G 356 -20.21 38.84 -34.22
CA LEU G 356 -19.41 39.01 -33.01
C LEU G 356 -18.67 40.34 -33.02
N ARG G 357 -18.08 40.68 -34.17
CA ARG G 357 -17.43 41.99 -34.34
C ARG G 357 -18.43 43.12 -34.15
N ALA G 358 -19.63 42.99 -34.71
CA ALA G 358 -20.62 44.05 -34.58
C ALA G 358 -21.01 44.26 -33.12
N LEU G 359 -21.22 43.16 -32.38
CA LEU G 359 -21.55 43.27 -30.97
C LEU G 359 -20.41 43.89 -30.17
N ALA G 360 -19.16 43.50 -30.46
CA ALA G 360 -18.03 44.07 -29.75
C ALA G 360 -17.87 45.56 -30.04
N LEU G 361 -18.08 45.96 -31.30
CA LEU G 361 -17.85 47.34 -31.70
C LEU G 361 -18.98 48.27 -31.25
N GLY G 362 -20.21 47.78 -31.20
CA GLY G 362 -21.35 48.61 -30.86
C GLY G 362 -22.20 49.03 -32.04
N ASN G 363 -21.70 48.84 -33.26
CA ASN G 363 -22.49 49.10 -34.46
C ASN G 363 -23.43 47.91 -34.69
N GLU G 364 -24.73 48.17 -34.67
CA GLU G 364 -25.74 47.13 -34.73
C GLU G 364 -26.15 46.79 -36.17
N ARG G 365 -25.30 47.06 -37.15
CA ARG G 365 -25.57 46.70 -38.53
C ARG G 365 -24.29 46.19 -39.18
N ILE G 366 -24.46 45.38 -40.23
CA ILE G 366 -23.35 44.71 -40.90
C ILE G 366 -23.03 45.44 -42.20
N THR G 367 -21.74 45.63 -42.46
CA THR G 367 -21.26 46.29 -43.67
C THR G 367 -20.15 45.46 -44.29
N ALA G 368 -20.05 45.53 -45.63
CA ALA G 368 -19.08 44.72 -46.35
C ALA G 368 -17.64 45.17 -46.07
N GLY G 369 -17.43 46.46 -45.84
CA GLY G 369 -16.10 46.93 -45.50
C GLY G 369 -15.58 46.31 -44.21
N LEU G 370 -16.40 46.36 -43.15
CA LEU G 370 -16.03 45.71 -41.91
C LEU G 370 -16.03 44.19 -42.05
N LEU G 371 -16.81 43.63 -42.97
CA LEU G 371 -16.76 42.19 -43.22
C LEU G 371 -15.40 41.77 -43.75
N ARG G 372 -14.88 42.48 -44.76
CA ARG G 372 -13.56 42.11 -45.24
C ARG G 372 -12.46 42.52 -44.27
N GLN G 373 -12.70 43.54 -43.43
CA GLN G 373 -11.78 43.82 -42.33
C GLN G 373 -11.70 42.65 -41.36
N VAL G 374 -12.86 42.06 -41.02
CA VAL G 374 -12.90 40.88 -40.17
C VAL G 374 -12.16 39.73 -40.82
N TYR G 375 -12.39 39.51 -42.12
CA TYR G 375 -11.67 38.48 -42.85
C TYR G 375 -10.17 38.67 -42.75
N GLN G 376 -9.71 39.91 -42.95
CA GLN G 376 -8.27 40.19 -42.90
C GLN G 376 -7.70 40.00 -41.51
N ASP G 377 -8.46 40.37 -40.47
CA ASP G 377 -7.90 40.39 -39.12
C ASP G 377 -8.08 39.09 -38.36
N GLU G 378 -9.32 38.63 -38.21
CA GLU G 378 -9.64 37.56 -37.27
C GLU G 378 -9.47 36.16 -37.84
N LEU G 379 -9.13 36.03 -39.12
CA LEU G 379 -9.03 34.72 -39.76
C LEU G 379 -7.68 34.54 -40.43
N LYS G 380 -6.62 34.99 -39.77
CA LYS G 380 -5.29 34.91 -40.37
C LYS G 380 -4.84 33.50 -40.76
N PRO G 381 -5.03 32.45 -39.96
CA PRO G 381 -4.56 31.13 -40.38
C PRO G 381 -5.18 30.60 -41.66
N VAL G 382 -6.45 30.93 -41.94
CA VAL G 382 -7.17 30.23 -43.00
C VAL G 382 -6.96 30.88 -44.37
N HIS G 383 -6.29 32.03 -44.46
CA HIS G 383 -6.08 32.66 -45.76
C HIS G 383 -5.42 31.79 -46.81
N PRO G 384 -4.25 31.14 -46.57
CA PRO G 384 -3.49 30.59 -47.71
C PRO G 384 -4.29 29.68 -48.64
N MET G 385 -5.12 28.79 -48.09
CA MET G 385 -6.00 27.97 -48.92
C MET G 385 -6.96 28.85 -49.73
N LEU G 386 -7.48 29.91 -49.11
CA LEU G 386 -8.50 30.73 -49.75
C LEU G 386 -7.93 31.55 -50.90
N GLU G 387 -6.75 32.18 -50.72
CA GLU G 387 -6.14 32.82 -51.90
C GLU G 387 -5.60 31.81 -52.91
N ALA G 388 -5.21 30.59 -52.50
CA ALA G 388 -4.85 29.57 -53.49
C ALA G 388 -6.04 29.24 -54.38
N LEU G 389 -7.24 29.13 -53.77
CA LEU G 389 -8.45 28.88 -54.55
C LEU G 389 -8.84 30.11 -55.37
N ARG G 390 -8.69 31.31 -54.81
CA ARG G 390 -9.10 32.53 -55.51
C ARG G 390 -8.22 32.81 -56.72
N SER G 391 -6.96 32.36 -56.69
CA SER G 391 -6.09 32.51 -57.84
C SER G 391 -6.66 31.80 -59.06
N GLY G 392 -7.23 30.62 -58.87
CA GLY G 392 -7.86 29.88 -59.93
C GLY G 392 -6.92 29.11 -60.82
N ILE G 393 -5.62 29.17 -60.57
CA ILE G 393 -4.66 28.43 -61.40
C ILE G 393 -4.78 26.95 -61.09
N PRO G 394 -4.83 26.08 -62.11
CA PRO G 394 -4.81 24.64 -61.83
C PRO G 394 -3.59 24.18 -61.06
N GLU G 395 -2.42 24.78 -61.34
CA GLU G 395 -1.22 24.44 -60.58
C GLU G 395 -1.36 24.82 -59.12
N ARG G 396 -1.90 26.02 -58.85
CA ARG G 396 -2.09 26.44 -57.46
C ARG G 396 -3.10 25.55 -56.75
N ILE G 397 -4.16 25.15 -57.45
CA ILE G 397 -5.15 24.25 -56.85
C ILE G 397 -4.53 22.90 -56.54
N ALA G 398 -3.74 22.36 -57.48
CA ALA G 398 -3.10 21.07 -57.26
C ALA G 398 -2.01 21.13 -56.20
N ARG G 399 -1.45 22.30 -55.94
CA ARG G 399 -0.43 22.43 -54.90
C ARG G 399 -1.04 22.21 -53.52
N TYR G 400 -0.15 21.90 -52.57
CA TYR G 400 -0.51 21.63 -51.18
C TYR G 400 -1.44 20.42 -51.08
N SER G 401 -2.03 20.21 -49.90
CA SER G 401 -2.79 18.99 -49.64
C SER G 401 -4.15 19.32 -49.04
N ASP G 402 -5.05 18.32 -49.12
CA ASP G 402 -6.41 18.41 -48.57
C ASP G 402 -7.17 19.61 -49.14
N LEU G 403 -7.16 19.73 -50.46
CA LEU G 403 -7.91 20.76 -51.17
C LEU G 403 -8.75 20.10 -52.24
N VAL G 404 -9.90 20.72 -52.53
CA VAL G 404 -10.81 20.17 -53.53
C VAL G 404 -10.17 20.27 -54.91
N VAL G 405 -10.34 19.21 -55.70
CA VAL G 405 -9.75 19.15 -57.03
C VAL G 405 -10.66 18.36 -57.98
N MET H 1 -22.59 -9.69 -19.62
CA MET H 1 -23.32 -10.30 -20.72
C MET H 1 -24.62 -9.54 -21.00
N ARG H 2 -24.70 -8.90 -22.16
CA ARG H 2 -25.87 -8.10 -22.53
C ARG H 2 -26.72 -8.74 -23.61
N ASN H 3 -26.39 -9.96 -24.03
CA ASN H 3 -27.14 -10.63 -25.10
C ASN H 3 -27.13 -12.13 -24.80
N PHE H 4 -28.19 -12.61 -24.18
CA PHE H 4 -28.33 -14.02 -23.81
C PHE H 4 -29.52 -14.63 -24.55
N PRO H 5 -29.30 -15.56 -25.49
CA PRO H 5 -30.43 -16.08 -26.27
C PRO H 5 -31.33 -16.98 -25.44
N VAL H 6 -32.60 -17.02 -25.83
CA VAL H 6 -33.62 -17.78 -25.11
C VAL H 6 -33.55 -19.25 -25.51
N PRO H 7 -33.95 -20.17 -24.64
CA PRO H 7 -33.95 -21.59 -25.00
C PRO H 7 -35.11 -21.94 -25.93
N TYR H 8 -34.96 -23.10 -26.58
CA TYR H 8 -35.96 -23.61 -27.49
C TYR H 8 -36.90 -24.58 -26.73
N SER H 9 -37.72 -25.32 -27.47
CA SER H 9 -38.58 -26.32 -26.87
C SER H 9 -37.79 -27.59 -26.59
N ASN H 10 -38.07 -28.21 -25.44
CA ASN H 10 -37.34 -29.38 -24.96
C ASN H 10 -35.83 -29.11 -24.94
N GLU H 11 -35.47 -27.92 -24.44
CA GLU H 11 -34.10 -27.46 -24.44
C GLU H 11 -33.51 -27.60 -23.04
N LEU H 12 -32.32 -28.18 -22.96
CA LEU H 12 -31.58 -28.22 -21.71
C LEU H 12 -30.72 -26.98 -21.59
N ILE H 13 -30.63 -26.45 -20.36
CA ILE H 13 -29.94 -25.19 -20.15
C ILE H 13 -28.46 -25.29 -20.46
N TYR H 14 -27.88 -26.50 -20.40
CA TYR H 14 -26.50 -26.69 -20.81
C TYR H 14 -26.33 -26.35 -22.29
N SER H 15 -27.26 -26.81 -23.13
CA SER H 15 -27.19 -26.49 -24.55
C SER H 15 -27.39 -25.00 -24.79
N THR H 16 -28.29 -24.36 -24.03
CA THR H 16 -28.53 -22.94 -24.18
C THR H 16 -27.28 -22.12 -23.86
N ILE H 17 -26.64 -22.41 -22.72
CA ILE H 17 -25.45 -21.67 -22.34
C ILE H 17 -24.28 -21.99 -23.27
N ALA H 18 -24.19 -23.23 -23.76
CA ALA H 18 -23.16 -23.56 -24.74
C ALA H 18 -23.35 -22.78 -26.03
N ARG H 19 -24.59 -22.65 -26.50
CA ARG H 19 -24.85 -21.88 -27.70
C ARG H 19 -24.59 -20.39 -27.47
N ALA H 20 -24.90 -19.90 -26.27
CA ALA H 20 -24.59 -18.51 -25.94
C ALA H 20 -23.10 -18.26 -25.97
N GLY H 21 -22.30 -19.19 -25.44
CA GLY H 21 -20.85 -19.06 -25.53
C GLY H 21 -20.34 -19.17 -26.95
N VAL H 22 -20.96 -20.04 -27.75
CA VAL H 22 -20.54 -20.23 -29.14
C VAL H 22 -20.83 -18.97 -29.96
N TYR H 23 -21.94 -18.29 -29.66
CA TYR H 23 -22.34 -17.13 -30.47
C TYR H 23 -21.29 -16.03 -30.43
N GLN H 24 -20.71 -15.77 -29.27
CA GLN H 24 -19.73 -14.69 -29.12
C GLN H 24 -18.31 -15.14 -29.45
N GLY H 25 -18.10 -16.41 -29.80
CA GLY H 25 -16.78 -16.89 -30.17
C GLY H 25 -15.78 -16.91 -29.04
N ILE H 26 -16.18 -17.33 -27.85
CA ILE H 26 -15.29 -17.45 -26.70
C ILE H 26 -14.64 -18.82 -26.78
N VAL H 27 -13.40 -18.86 -27.26
CA VAL H 27 -12.71 -20.14 -27.43
C VAL H 27 -12.13 -20.64 -26.10
N SER H 28 -11.85 -19.73 -25.16
CA SER H 28 -11.30 -20.12 -23.88
C SER H 28 -12.41 -20.47 -22.91
N PRO H 29 -12.51 -21.72 -22.45
CA PRO H 29 -13.61 -22.08 -21.53
C PRO H 29 -13.58 -21.31 -20.22
N LYS H 30 -12.39 -21.03 -19.68
CA LYS H 30 -12.31 -20.25 -18.45
C LYS H 30 -12.89 -18.86 -18.64
N GLN H 31 -12.57 -18.23 -19.78
CA GLN H 31 -13.15 -16.92 -20.10
C GLN H 31 -14.66 -17.01 -20.22
N LEU H 32 -15.16 -18.11 -20.81
CA LEU H 32 -16.61 -18.29 -20.94
C LEU H 32 -17.28 -18.37 -19.58
N LEU H 33 -16.72 -19.17 -18.67
CA LEU H 33 -17.29 -19.28 -17.33
C LEU H 33 -17.17 -17.97 -16.56
N ASP H 34 -16.10 -17.21 -16.80
CA ASP H 34 -15.99 -15.89 -16.19
C ASP H 34 -17.09 -14.96 -16.68
N GLU H 35 -17.38 -15.00 -17.99
CA GLU H 35 -18.35 -14.06 -18.55
C GLU H 35 -19.78 -14.44 -18.19
N VAL H 36 -20.11 -15.73 -18.22
CA VAL H 36 -21.50 -16.13 -18.02
C VAL H 36 -21.84 -16.34 -16.54
N TYR H 37 -20.87 -16.69 -15.71
CA TYR H 37 -21.13 -17.00 -14.30
C TYR H 37 -20.39 -16.09 -13.33
N GLY H 38 -19.16 -15.70 -13.65
CA GLY H 38 -18.36 -14.87 -12.77
C GLY H 38 -17.48 -15.63 -11.80
N ASN H 39 -17.55 -16.95 -11.78
CA ASN H 39 -16.72 -17.78 -10.91
C ASN H 39 -16.11 -18.91 -11.71
N ARG H 40 -14.84 -19.22 -11.41
CA ARG H 40 -14.10 -20.25 -12.13
C ARG H 40 -14.23 -21.63 -11.51
N LYS H 41 -14.94 -21.75 -10.38
CA LYS H 41 -14.99 -23.00 -9.63
C LYS H 41 -16.37 -23.65 -9.71
N VAL H 42 -16.98 -23.59 -10.89
CA VAL H 42 -18.25 -24.26 -11.17
C VAL H 42 -18.02 -25.31 -12.24
N VAL H 43 -18.51 -26.52 -12.01
CA VAL H 43 -18.27 -27.66 -12.89
C VAL H 43 -19.46 -27.85 -13.81
N ALA H 44 -19.20 -28.30 -15.03
CA ALA H 44 -20.25 -28.59 -15.99
C ALA H 44 -21.12 -29.74 -15.49
N THR H 45 -22.43 -29.57 -15.63
CA THR H 45 -23.40 -30.57 -15.18
C THR H 45 -24.56 -30.61 -16.15
N LEU H 46 -24.62 -31.64 -16.98
CA LEU H 46 -25.73 -31.84 -17.89
C LEU H 46 -26.83 -32.60 -17.15
N GLY H 47 -27.99 -31.98 -17.02
CA GLY H 47 -29.05 -32.54 -16.20
C GLY H 47 -28.80 -32.27 -14.73
N LEU H 48 -29.84 -31.85 -14.02
CA LEU H 48 -29.75 -31.46 -12.61
C LEU H 48 -28.63 -30.42 -12.45
N PRO H 49 -28.84 -29.19 -12.90
CA PRO H 49 -27.74 -28.22 -12.98
C PRO H 49 -27.29 -27.69 -11.63
N SER H 50 -26.40 -26.70 -11.65
CA SER H 50 -25.92 -26.06 -10.43
C SER H 50 -25.68 -24.58 -10.72
N HIS H 51 -25.63 -23.80 -9.63
CA HIS H 51 -25.39 -22.36 -9.70
C HIS H 51 -26.44 -21.64 -10.53
N LEU H 52 -27.65 -22.20 -10.59
CA LEU H 52 -28.72 -21.62 -11.37
C LEU H 52 -29.29 -20.40 -10.64
N GLY H 53 -29.80 -19.45 -11.42
CA GLY H 53 -30.25 -18.18 -10.88
C GLY H 53 -29.54 -17.07 -11.63
N VAL H 54 -28.27 -17.29 -11.95
CA VAL H 54 -27.54 -16.37 -12.82
C VAL H 54 -28.19 -16.34 -14.20
N ILE H 55 -28.62 -17.52 -14.69
CA ILE H 55 -29.30 -17.58 -15.98
C ILE H 55 -30.61 -16.82 -15.92
N ALA H 56 -31.37 -16.97 -14.83
CA ALA H 56 -32.62 -16.23 -14.69
C ALA H 56 -32.37 -14.72 -14.65
N ARG H 57 -31.30 -14.30 -13.98
CA ARG H 57 -30.93 -12.89 -13.98
C ARG H 57 -30.56 -12.42 -15.38
N HIS H 58 -29.87 -13.27 -16.14
CA HIS H 58 -29.53 -12.92 -17.53
C HIS H 58 -30.78 -12.75 -18.38
N LEU H 59 -31.76 -13.64 -18.20
CA LEU H 59 -33.02 -13.59 -18.95
C LEU H 59 -34.12 -12.88 -18.16
N HIS H 60 -33.74 -11.93 -17.30
CA HIS H 60 -34.73 -11.23 -16.49
C HIS H 60 -35.55 -10.24 -17.31
N GLN H 61 -34.95 -9.66 -18.35
CA GLN H 61 -35.62 -8.59 -19.10
C GLN H 61 -36.87 -9.11 -19.80
N THR H 62 -36.82 -10.30 -20.38
CA THR H 62 -38.00 -10.88 -20.99
C THR H 62 -38.99 -11.31 -19.92
N GLY H 63 -40.28 -10.99 -20.13
CA GLY H 63 -41.27 -11.22 -19.10
C GLY H 63 -41.75 -12.64 -18.97
N ARG H 64 -41.75 -13.39 -20.07
CA ARG H 64 -42.36 -14.72 -20.06
C ARG H 64 -41.54 -15.72 -19.25
N TYR H 65 -40.22 -15.57 -19.22
CA TYR H 65 -39.35 -16.54 -18.57
C TYR H 65 -39.11 -16.17 -17.11
N ALA H 66 -39.06 -17.19 -16.27
CA ALA H 66 -38.81 -17.03 -14.84
C ALA H 66 -38.12 -18.28 -14.33
N VAL H 67 -37.55 -18.18 -13.13
CA VAL H 67 -36.70 -19.25 -12.60
C VAL H 67 -37.50 -20.53 -12.42
N GLN H 68 -38.73 -20.42 -11.90
CA GLN H 68 -39.55 -21.60 -11.66
C GLN H 68 -39.85 -22.34 -12.96
N GLN H 69 -40.11 -21.59 -14.04
CA GLN H 69 -40.32 -22.20 -15.35
C GLN H 69 -39.08 -22.95 -15.81
N LEU H 70 -37.90 -22.37 -15.61
CA LEU H 70 -36.66 -23.03 -16.00
C LEU H 70 -36.44 -24.32 -15.21
N ILE H 71 -36.76 -24.33 -13.92
CA ILE H 71 -36.65 -25.57 -13.15
C ILE H 71 -37.64 -26.61 -13.64
N TYR H 72 -38.90 -26.21 -13.85
CA TYR H 72 -39.95 -27.18 -14.09
C TYR H 72 -40.02 -27.67 -15.54
N GLU H 73 -39.41 -26.96 -16.49
CA GLU H 73 -39.51 -27.35 -17.89
C GLU H 73 -38.17 -27.64 -18.55
N HIS H 74 -37.12 -26.89 -18.21
CA HIS H 74 -35.85 -26.97 -18.91
C HIS H 74 -34.83 -27.85 -18.20
N THR H 75 -35.25 -28.62 -17.21
CA THR H 75 -34.36 -29.54 -16.49
C THR H 75 -34.98 -30.93 -16.48
N LEU H 76 -34.30 -31.86 -15.82
CA LEU H 76 -34.80 -33.22 -15.64
C LEU H 76 -35.56 -33.40 -14.33
N PHE H 77 -35.85 -32.29 -13.63
CA PHE H 77 -36.60 -32.38 -12.38
C PHE H 77 -37.97 -33.04 -12.53
N PRO H 78 -38.75 -32.82 -13.60
CA PRO H 78 -40.01 -33.58 -13.74
C PRO H 78 -39.84 -35.09 -13.68
N LEU H 79 -38.73 -35.62 -14.19
CA LEU H 79 -38.48 -37.06 -14.12
C LEU H 79 -38.26 -37.54 -12.69
N TYR H 80 -37.93 -36.63 -11.77
CA TYR H 80 -37.67 -36.98 -10.38
C TYR H 80 -38.60 -36.32 -9.39
N ALA H 81 -39.51 -35.44 -9.83
CA ALA H 81 -40.32 -34.68 -8.90
C ALA H 81 -41.36 -35.53 -8.17
N PRO H 82 -42.25 -36.28 -8.85
CA PRO H 82 -43.28 -37.01 -8.10
C PRO H 82 -42.74 -38.10 -7.20
N PHE H 83 -41.63 -38.74 -7.59
CA PHE H 83 -41.12 -39.88 -6.82
C PHE H 83 -40.38 -39.43 -5.56
N VAL H 84 -39.81 -38.23 -5.56
CA VAL H 84 -38.87 -37.86 -4.50
C VAL H 84 -39.59 -37.44 -3.22
N GLY H 85 -40.80 -36.87 -3.32
CA GLY H 85 -41.54 -36.43 -2.16
C GLY H 85 -42.00 -34.99 -2.31
N LYS H 86 -42.31 -34.37 -1.17
CA LYS H 86 -42.77 -32.98 -1.15
C LYS H 86 -41.79 -32.06 -0.43
N GLU H 87 -41.46 -32.36 0.83
CA GLU H 87 -40.62 -31.45 1.61
C GLU H 87 -39.19 -31.42 1.07
N ARG H 88 -38.61 -32.58 0.79
CA ARG H 88 -37.27 -32.60 0.23
C ARG H 88 -37.27 -32.13 -1.22
N ARG H 89 -38.37 -32.29 -1.94
CA ARG H 89 -38.49 -31.70 -3.27
C ARG H 89 -38.47 -30.18 -3.20
N ASP H 90 -39.20 -29.60 -2.24
CA ASP H 90 -39.17 -28.15 -2.06
C ASP H 90 -37.78 -27.68 -1.63
N GLU H 91 -37.12 -28.46 -0.77
CA GLU H 91 -35.75 -28.12 -0.38
C GLU H 91 -34.82 -28.16 -1.59
N ALA H 92 -35.00 -29.13 -2.47
CA ALA H 92 -34.22 -29.20 -3.70
C ALA H 92 -34.48 -27.98 -4.57
N ILE H 93 -35.75 -27.57 -4.68
CA ILE H 93 -36.08 -26.38 -5.48
C ILE H 93 -35.40 -25.14 -4.89
N ARG H 94 -35.44 -25.01 -3.56
CA ARG H 94 -34.81 -23.87 -2.90
C ARG H 94 -33.29 -23.87 -3.12
N LEU H 95 -32.65 -25.04 -3.02
CA LEU H 95 -31.20 -25.11 -3.20
C LEU H 95 -30.79 -25.05 -4.66
N MET H 96 -31.73 -25.20 -5.60
CA MET H 96 -31.42 -25.00 -7.01
C MET H 96 -30.93 -23.58 -7.27
N GLU H 97 -31.54 -22.59 -6.63
CA GLU H 97 -31.17 -21.20 -6.84
C GLU H 97 -29.83 -20.86 -6.22
N TYR H 98 -29.33 -21.69 -5.29
CA TYR H 98 -28.07 -21.42 -4.62
C TYR H 98 -26.90 -21.98 -5.44
N GLN H 99 -25.71 -21.95 -4.87
CA GLN H 99 -24.49 -22.30 -5.58
C GLN H 99 -24.02 -23.72 -5.34
N ALA H 100 -24.78 -24.52 -4.59
CA ALA H 100 -24.37 -25.88 -4.26
C ALA H 100 -24.48 -26.81 -5.47
N GLN H 101 -23.47 -27.65 -5.66
CA GLN H 101 -23.48 -28.64 -6.72
C GLN H 101 -23.48 -30.07 -6.16
N GLY H 102 -22.50 -30.41 -5.32
CA GLY H 102 -22.47 -31.76 -4.77
C GLY H 102 -23.60 -32.02 -3.81
N ALA H 103 -23.97 -31.02 -3.00
CA ALA H 103 -25.06 -31.19 -2.05
C ALA H 103 -26.37 -31.46 -2.77
N VAL H 104 -26.60 -30.79 -3.90
CA VAL H 104 -27.82 -31.01 -4.68
C VAL H 104 -27.87 -32.44 -5.19
N HIS H 105 -26.74 -32.95 -5.69
CA HIS H 105 -26.71 -34.32 -6.19
C HIS H 105 -26.88 -35.34 -5.06
N LEU H 106 -26.37 -35.04 -3.86
CA LEU H 106 -26.39 -36.01 -2.78
C LEU H 106 -27.71 -36.02 -2.00
N MET H 107 -28.38 -34.88 -1.85
CA MET H 107 -29.57 -34.83 -1.01
C MET H 107 -30.78 -35.48 -1.68
N LEU H 108 -30.84 -35.46 -3.01
CA LEU H 108 -31.89 -36.17 -3.73
C LEU H 108 -31.51 -37.64 -3.79
N GLY H 109 -32.14 -38.45 -2.94
CA GLY H 109 -31.80 -39.86 -2.87
C GLY H 109 -32.08 -40.60 -4.16
N VAL H 110 -33.18 -40.25 -4.83
CA VAL H 110 -33.48 -40.86 -6.13
C VAL H 110 -32.46 -40.42 -7.17
N ALA H 111 -31.95 -39.20 -7.06
CA ALA H 111 -30.94 -38.68 -7.98
C ALA H 111 -29.53 -38.82 -7.44
N ALA H 112 -29.35 -39.50 -6.31
CA ALA H 112 -28.02 -39.70 -5.71
C ALA H 112 -27.32 -40.86 -6.42
N SER H 113 -26.98 -40.62 -7.69
CA SER H 113 -26.29 -41.61 -8.50
C SER H 113 -24.82 -41.75 -8.12
N ARG H 114 -24.28 -40.83 -7.32
CA ARG H 114 -22.89 -40.86 -6.87
C ARG H 114 -21.94 -40.87 -8.07
N VAL H 115 -21.50 -42.05 -8.49
CA VAL H 115 -20.62 -42.16 -9.64
C VAL H 115 -21.45 -42.00 -10.92
N LYS H 116 -20.87 -41.33 -11.92
CA LYS H 116 -21.57 -41.09 -13.17
C LYS H 116 -21.72 -42.38 -13.96
N SER H 117 -22.87 -42.54 -14.61
CA SER H 117 -23.16 -43.69 -15.45
C SER H 117 -23.56 -43.21 -16.84
N ASP H 118 -22.88 -43.72 -17.86
CA ASP H 118 -23.12 -43.35 -19.26
C ASP H 118 -22.98 -41.83 -19.44
N ASN H 119 -21.77 -41.35 -19.19
CA ASN H 119 -21.47 -39.93 -19.20
C ASN H 119 -21.10 -39.38 -20.57
N ARG H 120 -21.00 -40.25 -21.58
CA ARG H 120 -20.63 -39.81 -22.91
C ARG H 120 -21.77 -39.05 -23.58
N PHE H 121 -21.41 -38.25 -24.58
CA PHE H 121 -22.40 -37.48 -25.33
C PHE H 121 -23.11 -38.36 -26.35
N ARG H 122 -24.36 -38.01 -26.64
CA ARG H 122 -25.21 -38.79 -27.53
C ARG H 122 -25.93 -37.86 -28.50
N TYR H 123 -26.31 -38.41 -29.65
CA TYR H 123 -27.14 -37.67 -30.61
C TYR H 123 -28.04 -38.65 -31.35
N CYS H 124 -29.09 -38.10 -31.96
CA CYS H 124 -30.08 -38.84 -32.71
C CYS H 124 -29.88 -38.64 -34.21
N PRO H 125 -29.80 -39.71 -35.00
CA PRO H 125 -29.45 -39.56 -36.43
C PRO H 125 -30.53 -38.87 -37.26
N ASP H 126 -31.76 -39.35 -37.20
CA ASP H 126 -32.84 -38.85 -38.03
C ASP H 126 -33.53 -37.65 -37.40
N CYS H 127 -33.02 -37.15 -36.28
CA CYS H 127 -33.67 -36.13 -35.49
C CYS H 127 -32.95 -34.78 -35.54
N VAL H 128 -31.62 -34.80 -35.60
CA VAL H 128 -30.86 -33.56 -35.80
C VAL H 128 -31.12 -33.00 -37.19
N ALA H 129 -31.34 -33.85 -38.19
CA ALA H 129 -31.71 -33.36 -39.51
C ALA H 129 -33.04 -32.63 -39.48
N LEU H 130 -34.01 -33.16 -38.74
CA LEU H 130 -35.28 -32.44 -38.56
C LEU H 130 -35.07 -31.14 -37.82
N GLN H 131 -34.19 -31.15 -36.80
CA GLN H 131 -33.87 -29.92 -36.09
C GLN H 131 -33.32 -28.85 -37.04
N LEU H 132 -32.40 -29.24 -37.91
CA LEU H 132 -31.82 -28.29 -38.85
C LEU H 132 -32.83 -27.84 -39.90
N ASN H 133 -33.73 -28.73 -40.32
CA ASN H 133 -34.73 -28.37 -41.33
C ASN H 133 -35.85 -27.51 -40.76
N ARG H 134 -36.07 -27.54 -39.44
CA ARG H 134 -37.10 -26.69 -38.85
C ARG H 134 -36.53 -25.36 -38.36
N TYR H 135 -35.57 -25.40 -37.45
CA TYR H 135 -35.05 -24.20 -36.81
C TYR H 135 -33.74 -23.70 -37.40
N GLY H 136 -33.03 -24.53 -38.15
CA GLY H 136 -31.69 -24.17 -38.56
C GLY H 136 -30.67 -24.26 -37.46
N GLU H 137 -30.98 -24.99 -36.39
CA GLU H 137 -30.12 -25.09 -35.22
C GLU H 137 -30.11 -26.53 -34.72
N ALA H 138 -28.93 -27.00 -34.31
CA ALA H 138 -28.77 -28.31 -33.72
C ALA H 138 -28.43 -28.16 -32.25
N PHE H 139 -29.21 -28.82 -31.39
CA PHE H 139 -29.07 -28.64 -29.95
C PHE H 139 -29.40 -29.94 -29.24
N TRP H 140 -28.90 -30.05 -28.02
CA TRP H 140 -29.22 -31.19 -27.16
C TRP H 140 -30.62 -31.05 -26.59
N GLN H 141 -31.25 -32.19 -26.33
CA GLN H 141 -32.60 -32.21 -25.78
C GLN H 141 -32.65 -33.10 -24.54
N ARG H 142 -33.63 -32.82 -23.68
CA ARG H 142 -33.88 -33.67 -22.53
C ARG H 142 -34.40 -35.05 -22.94
N ASP H 143 -34.97 -35.17 -24.14
CA ASP H 143 -35.48 -36.45 -24.59
C ASP H 143 -34.36 -37.48 -24.78
N TRP H 144 -33.24 -37.06 -25.37
CA TRP H 144 -32.11 -37.96 -25.54
C TRP H 144 -31.47 -38.32 -24.20
N TYR H 145 -31.36 -37.34 -23.31
CA TYR H 145 -30.62 -37.52 -22.05
C TYR H 145 -31.53 -38.07 -20.95
N LEU H 146 -32.10 -39.23 -21.23
CA LEU H 146 -32.79 -39.97 -20.18
C LEU H 146 -31.77 -40.53 -19.19
N PRO H 147 -32.16 -40.72 -17.93
CA PRO H 147 -31.19 -41.22 -16.94
C PRO H 147 -30.62 -42.59 -17.26
N ALA H 148 -31.39 -43.48 -17.88
CA ALA H 148 -30.89 -44.82 -18.17
C ALA H 148 -31.13 -45.32 -19.57
N LEU H 149 -32.00 -44.69 -20.37
CA LEU H 149 -32.29 -45.17 -21.71
C LEU H 149 -31.74 -44.20 -22.75
N PRO H 150 -30.72 -44.59 -23.53
CA PRO H 150 -30.19 -43.73 -24.59
C PRO H 150 -30.90 -43.92 -25.92
N TYR H 151 -32.23 -43.75 -25.92
CA TYR H 151 -33.04 -43.89 -27.13
C TYR H 151 -33.95 -42.69 -27.27
N CYS H 152 -33.96 -42.09 -28.46
CA CYS H 152 -34.95 -41.07 -28.79
C CYS H 152 -36.33 -41.72 -28.81
N PRO H 153 -37.35 -41.12 -28.20
CA PRO H 153 -38.62 -41.84 -28.04
C PRO H 153 -39.40 -42.03 -29.34
N LYS H 154 -39.27 -41.13 -30.29
CA LYS H 154 -39.88 -41.33 -31.60
C LYS H 154 -38.96 -42.08 -32.56
N HIS H 155 -37.73 -42.37 -32.16
CA HIS H 155 -36.74 -43.03 -33.00
C HIS H 155 -36.35 -44.37 -32.41
N GLY H 156 -35.39 -45.04 -33.03
CA GLY H 156 -34.95 -46.34 -32.57
C GLY H 156 -33.88 -46.30 -31.51
N ALA H 157 -32.76 -45.64 -31.81
CA ALA H 157 -31.65 -45.56 -30.87
C ALA H 157 -30.79 -44.34 -31.20
N LEU H 158 -30.00 -43.92 -30.22
CA LEU H 158 -29.05 -42.84 -30.40
C LEU H 158 -27.71 -43.40 -30.86
N VAL H 159 -26.81 -42.50 -31.24
CA VAL H 159 -25.47 -42.86 -31.69
C VAL H 159 -24.47 -42.27 -30.70
N PHE H 160 -23.64 -43.12 -30.12
CA PHE H 160 -22.58 -42.68 -29.22
C PHE H 160 -21.35 -42.27 -30.03
N PHE H 161 -20.51 -41.46 -29.40
CA PHE H 161 -19.24 -41.06 -30.02
C PHE H 161 -18.28 -40.66 -28.90
N ASP H 162 -17.13 -40.12 -29.29
CA ASP H 162 -16.05 -39.83 -28.34
C ASP H 162 -16.40 -38.61 -27.49
N ARG H 163 -15.47 -38.28 -26.60
CA ARG H 163 -15.53 -37.12 -25.71
C ARG H 163 -16.64 -37.21 -24.67
N ALA H 164 -16.40 -36.61 -23.51
CA ALA H 164 -17.38 -36.58 -22.43
C ALA H 164 -16.97 -35.50 -21.45
N VAL H 165 -17.87 -35.19 -20.51
CA VAL H 165 -17.54 -34.22 -19.48
C VAL H 165 -16.49 -34.76 -18.51
N ASP H 166 -16.31 -36.08 -18.48
CA ASP H 166 -15.28 -36.68 -17.62
C ASP H 166 -13.89 -36.25 -18.09
N ASP H 167 -13.66 -36.23 -19.41
CA ASP H 167 -12.34 -35.86 -19.93
C ASP H 167 -11.99 -34.42 -19.57
N HIS H 168 -12.95 -33.50 -19.70
CA HIS H 168 -12.72 -32.09 -19.36
C HIS H 168 -13.95 -31.62 -18.60
N ARG H 169 -13.76 -31.31 -17.32
CA ARG H 169 -14.86 -30.93 -16.43
C ARG H 169 -15.20 -29.44 -16.50
N HIS H 170 -14.47 -28.66 -17.30
CA HIS H 170 -14.69 -27.22 -17.35
C HIS H 170 -14.87 -26.72 -18.78
N GLN H 171 -15.40 -27.58 -19.66
CA GLN H 171 -15.59 -27.21 -21.06
C GLN H 171 -17.03 -27.39 -21.46
N PHE H 172 -17.48 -26.53 -22.37
CA PHE H 172 -18.84 -26.56 -22.91
C PHE H 172 -18.76 -26.84 -24.40
N TRP H 173 -19.45 -27.89 -24.84
CA TRP H 173 -19.41 -28.33 -26.23
C TRP H 173 -20.80 -28.35 -26.82
N ALA H 174 -20.91 -27.99 -28.09
CA ALA H 174 -22.18 -27.98 -28.82
C ALA H 174 -22.07 -28.86 -30.05
N LEU H 175 -23.19 -29.50 -30.40
CA LEU H 175 -23.22 -30.38 -31.55
C LEU H 175 -23.05 -29.60 -32.84
N GLY H 176 -22.38 -30.21 -33.81
CA GLY H 176 -22.17 -29.59 -35.09
C GLY H 176 -22.51 -30.53 -36.23
N HIS H 177 -22.69 -29.95 -37.41
CA HIS H 177 -23.01 -30.71 -38.61
C HIS H 177 -21.80 -31.40 -39.21
N THR H 178 -20.59 -31.08 -38.76
CA THR H 178 -19.39 -31.74 -39.28
C THR H 178 -19.31 -33.20 -38.88
N GLU H 179 -20.04 -33.61 -37.84
CA GLU H 179 -20.11 -35.01 -37.43
C GLU H 179 -21.23 -35.67 -38.21
N LEU H 180 -20.90 -36.12 -39.42
CA LEU H 180 -21.90 -36.72 -40.30
C LEU H 180 -22.39 -38.05 -39.75
N LEU H 181 -23.66 -38.32 -39.96
CA LEU H 181 -24.27 -39.56 -39.47
C LEU H 181 -23.78 -40.76 -40.28
N SER H 182 -23.64 -41.89 -39.61
CA SER H 182 -23.26 -43.14 -40.24
C SER H 182 -24.25 -44.22 -39.80
N ASP H 183 -25.00 -44.75 -40.77
CA ASP H 183 -26.01 -45.77 -40.48
C ASP H 183 -25.37 -47.14 -40.32
N TYR H 184 -25.98 -47.96 -39.46
CA TYR H 184 -25.52 -49.31 -39.21
C TYR H 184 -26.68 -50.15 -38.72
N PRO H 185 -26.74 -51.44 -39.11
CA PRO H 185 -27.86 -52.28 -38.68
C PRO H 185 -27.79 -52.61 -37.19
N LYS H 186 -28.75 -52.11 -36.43
CA LYS H 186 -28.85 -52.35 -35.00
C LYS H 186 -30.18 -53.02 -34.69
N ASP H 187 -30.12 -54.06 -33.85
CA ASP H 187 -31.34 -54.77 -33.47
C ASP H 187 -32.22 -53.87 -32.61
N SER H 188 -33.42 -53.57 -33.10
CA SER H 188 -34.36 -52.70 -32.42
C SER H 188 -35.57 -53.51 -31.99
N LEU H 189 -35.94 -53.39 -30.72
CA LEU H 189 -37.11 -54.08 -30.18
C LEU H 189 -38.28 -53.12 -30.12
N SER H 190 -39.49 -53.66 -30.35
CA SER H 190 -40.69 -52.87 -30.12
C SER H 190 -40.86 -52.52 -28.65
N GLN H 191 -40.30 -53.32 -27.74
CA GLN H 191 -40.40 -53.07 -26.32
C GLN H 191 -39.67 -51.77 -25.92
N LEU H 192 -38.47 -51.55 -26.45
CA LEU H 192 -37.70 -50.38 -26.05
C LEU H 192 -38.31 -49.09 -26.60
N THR H 193 -38.71 -49.09 -27.87
CA THR H 193 -39.38 -47.90 -28.40
C THR H 193 -40.74 -47.71 -27.74
N ALA H 194 -41.40 -48.80 -27.35
CA ALA H 194 -42.67 -48.68 -26.63
C ALA H 194 -42.46 -47.98 -25.29
N LEU H 195 -41.46 -48.42 -24.52
CA LEU H 195 -41.23 -47.78 -23.22
C LEU H 195 -40.76 -46.33 -23.40
N ALA H 196 -39.98 -46.07 -24.45
CA ALA H 196 -39.51 -44.70 -24.68
C ALA H 196 -40.65 -43.77 -25.00
N ALA H 197 -41.51 -44.14 -25.96
CA ALA H 197 -42.67 -43.33 -26.30
C ALA H 197 -43.74 -43.36 -25.22
N TYR H 198 -43.66 -44.30 -24.29
CA TYR H 198 -44.63 -44.37 -23.19
C TYR H 198 -44.23 -43.47 -22.04
N ILE H 199 -42.93 -43.37 -21.75
CA ILE H 199 -42.44 -42.48 -20.69
C ILE H 199 -42.15 -41.08 -21.20
N ALA H 200 -42.11 -40.88 -22.52
CA ALA H 200 -41.92 -39.53 -23.05
C ALA H 200 -42.99 -38.53 -22.64
N PRO H 201 -44.30 -38.84 -22.67
CA PRO H 201 -45.30 -37.83 -22.26
C PRO H 201 -45.20 -37.42 -20.80
N LEU H 202 -44.52 -38.21 -19.95
CA LEU H 202 -44.37 -37.81 -18.55
C LEU H 202 -43.51 -36.57 -18.41
N LEU H 203 -42.57 -36.36 -19.33
CA LEU H 203 -41.67 -35.21 -19.22
C LEU H 203 -42.44 -33.90 -19.40
N ASP H 204 -43.28 -33.82 -20.43
CA ASP H 204 -44.08 -32.62 -20.68
C ASP H 204 -45.49 -32.80 -20.11
N ALA H 205 -45.54 -32.85 -18.77
CA ALA H 205 -46.80 -33.04 -18.05
C ALA H 205 -46.91 -31.96 -16.98
N PRO H 206 -47.92 -31.07 -17.07
CA PRO H 206 -48.07 -30.04 -16.03
C PRO H 206 -48.71 -30.54 -14.74
N ARG H 207 -49.39 -31.69 -14.77
CA ARG H 207 -50.06 -32.20 -13.58
C ARG H 207 -49.08 -32.66 -12.50
N ALA H 208 -47.84 -32.97 -12.87
CA ALA H 208 -46.84 -33.39 -11.90
C ALA H 208 -46.17 -32.21 -11.19
N GLN H 209 -46.55 -30.98 -11.54
CA GLN H 209 -45.92 -29.80 -10.94
C GLN H 209 -46.29 -29.66 -9.46
N GLU H 210 -47.53 -30.02 -9.09
CA GLU H 210 -47.97 -29.90 -7.72
C GLU H 210 -48.51 -31.20 -7.14
N LEU H 211 -48.32 -32.33 -7.82
CA LEU H 211 -48.86 -33.61 -7.38
C LEU H 211 -47.73 -34.58 -7.10
N SER H 212 -47.73 -35.15 -5.90
CA SER H 212 -46.75 -36.13 -5.48
C SER H 212 -47.23 -36.85 -4.22
N PRO H 213 -47.16 -38.18 -4.17
CA PRO H 213 -47.48 -38.90 -2.95
C PRO H 213 -46.23 -39.14 -2.10
N SER H 214 -46.46 -39.65 -0.89
CA SER H 214 -45.41 -39.89 0.08
C SER H 214 -45.00 -41.35 0.09
N LEU H 215 -43.89 -41.63 0.78
CA LEU H 215 -43.34 -42.98 0.80
C LEU H 215 -44.34 -43.97 1.39
N GLU H 216 -44.86 -43.68 2.58
CA GLU H 216 -45.92 -44.51 3.14
C GLU H 216 -47.17 -44.48 2.28
N GLN H 217 -47.47 -43.31 1.69
CA GLN H 217 -48.57 -43.23 0.73
C GLN H 217 -48.30 -44.10 -0.48
N TRP H 218 -47.05 -44.10 -0.97
CA TRP H 218 -46.68 -45.00 -2.07
C TRP H 218 -46.95 -46.45 -1.69
N THR H 219 -46.52 -46.85 -0.49
CA THR H 219 -46.70 -48.24 -0.08
C THR H 219 -48.18 -48.60 -0.01
N LEU H 220 -48.97 -47.77 0.69
CA LEU H 220 -50.39 -48.06 0.88
C LEU H 220 -51.12 -48.09 -0.45
N PHE H 221 -50.78 -47.19 -1.36
CA PHE H 221 -51.36 -47.23 -2.70
C PHE H 221 -50.98 -48.52 -3.41
N TYR H 222 -49.74 -49.00 -3.19
CA TYR H 222 -49.34 -50.25 -3.80
C TYR H 222 -50.18 -51.42 -3.31
N GLN H 223 -50.39 -51.52 -1.98
CA GLN H 223 -51.26 -52.62 -1.53
C GLN H 223 -52.70 -52.44 -1.98
N ARG H 224 -53.18 -51.20 -2.11
CA ARG H 224 -54.53 -51.02 -2.62
C ARG H 224 -54.66 -51.54 -4.06
N LEU H 225 -53.72 -51.18 -4.92
CA LEU H 225 -53.74 -51.68 -6.29
C LEU H 225 -53.54 -53.19 -6.34
N ALA H 226 -52.67 -53.73 -5.47
CA ALA H 226 -52.45 -55.16 -5.45
C ALA H 226 -53.71 -55.93 -5.02
N GLN H 227 -54.42 -55.40 -4.01
CA GLN H 227 -55.66 -56.03 -3.59
C GLN H 227 -56.73 -55.92 -4.66
N ASP H 228 -56.78 -54.79 -5.37
CA ASP H 228 -57.75 -54.64 -6.45
C ASP H 228 -57.46 -55.61 -7.59
N LEU H 229 -56.18 -55.78 -7.94
CA LEU H 229 -55.79 -56.66 -9.04
C LEU H 229 -55.72 -58.13 -8.62
N GLY H 230 -55.71 -58.43 -7.34
CA GLY H 230 -55.68 -59.81 -6.89
C GLY H 230 -54.38 -60.54 -7.12
N LEU H 231 -53.28 -59.81 -7.29
CA LEU H 231 -51.97 -60.43 -7.49
C LEU H 231 -51.25 -60.74 -6.18
N THR H 232 -51.81 -60.33 -5.04
CA THR H 232 -51.22 -60.57 -3.74
C THR H 232 -52.15 -61.45 -2.92
N LYS H 233 -51.60 -62.51 -2.34
CA LYS H 233 -52.36 -63.43 -1.51
C LYS H 233 -52.54 -62.83 -0.12
N SER H 234 -52.99 -63.65 0.84
CA SER H 234 -53.15 -63.19 2.22
C SER H 234 -51.75 -63.01 2.81
N LYS H 235 -51.31 -61.74 2.84
CA LYS H 235 -49.96 -61.32 3.23
C LYS H 235 -48.88 -62.25 2.68
N HIS H 236 -49.05 -62.68 1.43
CA HIS H 236 -48.12 -63.59 0.78
C HIS H 236 -47.96 -63.18 -0.68
N ILE H 237 -46.88 -63.68 -1.29
CA ILE H 237 -46.57 -63.41 -2.69
C ILE H 237 -46.54 -64.73 -3.45
N ARG H 238 -47.09 -64.72 -4.67
CA ARG H 238 -47.20 -65.95 -5.46
C ARG H 238 -45.82 -66.46 -5.90
N HIS H 239 -44.87 -65.55 -6.12
CA HIS H 239 -43.48 -65.85 -6.48
C HIS H 239 -43.34 -66.41 -7.89
N ASP H 240 -44.45 -66.64 -8.58
CA ASP H 240 -44.37 -67.17 -9.93
C ASP H 240 -45.18 -66.38 -10.94
N LEU H 241 -46.37 -65.88 -10.55
CA LEU H 241 -47.24 -65.21 -11.51
C LEU H 241 -46.64 -63.87 -11.96
N VAL H 242 -46.13 -63.08 -11.02
CA VAL H 242 -45.52 -61.80 -11.39
C VAL H 242 -44.27 -62.03 -12.22
N ALA H 243 -43.47 -63.02 -11.86
CA ALA H 243 -42.24 -63.30 -12.62
C ALA H 243 -42.57 -63.74 -14.05
N GLU H 244 -43.54 -64.63 -14.22
CA GLU H 244 -43.91 -65.08 -15.56
C GLU H 244 -44.55 -63.96 -16.37
N ARG H 245 -45.33 -63.09 -15.71
CA ARG H 245 -45.89 -61.94 -16.42
C ARG H 245 -44.79 -61.01 -16.91
N VAL H 246 -43.78 -60.75 -16.07
CA VAL H 246 -42.66 -59.90 -16.47
C VAL H 246 -41.90 -60.54 -17.62
N ARG H 247 -41.63 -61.85 -17.53
CA ARG H 247 -40.87 -62.52 -18.58
C ARG H 247 -41.63 -62.60 -19.90
N GLN H 248 -42.97 -62.70 -19.84
CA GLN H 248 -43.75 -62.79 -21.06
C GLN H 248 -43.94 -61.42 -21.70
N THR H 249 -44.31 -60.42 -20.90
CA THR H 249 -44.52 -59.09 -21.45
C THR H 249 -43.20 -58.42 -21.84
N PHE H 250 -42.15 -58.66 -21.07
CA PHE H 250 -40.86 -58.01 -21.28
C PHE H 250 -39.76 -59.04 -21.48
N SER H 251 -38.90 -58.78 -22.45
CA SER H 251 -37.79 -59.69 -22.71
C SER H 251 -36.75 -59.60 -21.60
N ASP H 252 -36.14 -60.74 -21.29
CA ASP H 252 -35.10 -60.78 -20.25
C ASP H 252 -33.88 -59.97 -20.67
N GLU H 253 -33.49 -60.05 -21.95
CA GLU H 253 -32.36 -59.26 -22.42
C GLU H 253 -32.62 -57.77 -22.33
N ALA H 254 -33.89 -57.36 -22.50
CA ALA H 254 -34.24 -55.95 -22.30
C ALA H 254 -33.97 -55.51 -20.87
N LEU H 255 -34.35 -56.34 -19.89
CA LEU H 255 -34.07 -56.02 -18.50
C LEU H 255 -32.57 -56.05 -18.20
N GLU H 256 -31.83 -56.93 -18.87
CA GLU H 256 -30.38 -56.92 -18.72
C GLU H 256 -29.77 -55.63 -19.24
N LYS H 257 -30.26 -55.15 -20.39
CA LYS H 257 -29.78 -53.88 -20.94
C LYS H 257 -30.18 -52.70 -20.05
N LEU H 258 -31.36 -52.77 -19.42
CA LEU H 258 -31.84 -51.70 -18.56
C LEU H 258 -31.16 -51.67 -17.19
N ASP H 259 -30.12 -52.47 -16.99
CA ASP H 259 -29.41 -52.56 -15.71
C ASP H 259 -30.35 -52.95 -14.57
N LEU H 260 -31.32 -53.81 -14.86
CA LEU H 260 -32.36 -54.22 -13.91
C LEU H 260 -32.54 -55.73 -13.97
N LYS H 261 -31.42 -56.46 -13.85
CA LYS H 261 -31.44 -57.90 -13.94
C LYS H 261 -32.34 -58.51 -12.86
N LEU H 262 -33.04 -59.58 -13.23
CA LEU H 262 -33.95 -60.26 -12.31
C LEU H 262 -33.16 -61.21 -11.41
N ALA H 263 -33.51 -61.22 -10.13
CA ALA H 263 -32.84 -62.02 -9.11
C ALA H 263 -33.88 -62.74 -8.25
N GLU H 264 -34.83 -63.42 -8.90
CA GLU H 264 -35.91 -64.09 -8.19
C GLU H 264 -35.41 -65.21 -7.29
N ASN H 265 -34.18 -65.69 -7.48
CA ASN H 265 -33.62 -66.70 -6.60
C ASN H 265 -33.44 -66.16 -5.19
N LYS H 266 -32.98 -64.92 -5.06
CA LYS H 266 -32.75 -64.29 -3.77
C LYS H 266 -33.92 -63.37 -3.40
N ASP H 267 -34.09 -63.17 -2.09
CA ASP H 267 -35.16 -62.30 -1.61
C ASP H 267 -34.86 -60.82 -1.82
N THR H 268 -33.58 -60.44 -1.83
CA THR H 268 -33.19 -59.05 -2.00
C THR H 268 -33.21 -58.71 -3.49
N CYS H 269 -34.32 -58.14 -3.94
CA CYS H 269 -34.47 -57.75 -5.34
C CYS H 269 -35.33 -56.50 -5.42
N TRP H 270 -35.28 -55.83 -6.57
CA TRP H 270 -35.98 -54.56 -6.73
C TRP H 270 -37.48 -54.73 -6.67
N LEU H 271 -38.02 -55.69 -7.43
CA LEU H 271 -39.47 -55.87 -7.47
C LEU H 271 -40.00 -56.41 -6.15
N LYS H 272 -39.21 -57.21 -5.44
CA LYS H 272 -39.64 -57.70 -4.13
C LYS H 272 -39.62 -56.58 -3.09
N SER H 273 -38.63 -55.69 -3.18
CA SER H 273 -38.62 -54.54 -2.29
C SER H 273 -39.79 -53.59 -2.58
N ILE H 274 -40.15 -53.46 -3.86
CA ILE H 274 -41.37 -52.72 -4.20
C ILE H 274 -42.59 -53.42 -3.63
N PHE H 275 -42.65 -54.75 -3.72
CA PHE H 275 -43.76 -55.50 -3.17
C PHE H 275 -43.78 -55.46 -1.65
N ARG H 276 -42.63 -55.22 -1.02
CA ARG H 276 -42.57 -54.98 0.41
C ARG H 276 -42.72 -53.48 0.65
N LYS H 277 -42.50 -53.05 1.89
CA LYS H 277 -42.53 -51.63 2.19
C LYS H 277 -41.36 -50.92 1.52
N HIS H 278 -41.64 -49.73 0.98
CA HIS H 278 -40.62 -48.96 0.27
C HIS H 278 -39.75 -48.24 1.28
N ARG H 279 -38.47 -48.63 1.34
CA ARG H 279 -37.51 -48.04 2.27
C ARG H 279 -36.49 -47.16 1.55
N LYS H 280 -36.70 -46.87 0.27
CA LYS H 280 -35.76 -46.09 -0.51
C LYS H 280 -36.49 -45.49 -1.70
N ALA H 281 -36.02 -44.33 -2.15
CA ALA H 281 -36.58 -43.67 -3.34
C ALA H 281 -36.07 -44.41 -4.58
N PHE H 282 -36.83 -45.41 -5.01
CA PHE H 282 -36.42 -46.23 -6.13
C PHE H 282 -36.56 -45.45 -7.44
N SER H 283 -35.93 -45.99 -8.49
CA SER H 283 -35.84 -45.31 -9.77
C SER H 283 -37.18 -45.32 -10.48
N TYR H 284 -37.25 -44.56 -11.59
CA TYR H 284 -38.49 -44.44 -12.34
C TYR H 284 -38.82 -45.73 -13.08
N LEU H 285 -37.80 -46.40 -13.62
CA LEU H 285 -38.02 -47.62 -14.39
C LEU H 285 -38.59 -48.73 -13.52
N GLN H 286 -38.12 -48.84 -12.28
CA GLN H 286 -38.56 -49.93 -11.41
C GLN H 286 -40.04 -49.79 -11.06
N HIS H 287 -40.60 -48.59 -11.14
CA HIS H 287 -42.04 -48.42 -10.95
C HIS H 287 -42.81 -48.51 -12.25
N SER H 288 -42.23 -47.97 -13.34
CA SER H 288 -42.91 -47.99 -14.63
C SER H 288 -43.09 -49.41 -15.13
N ILE H 289 -42.11 -50.28 -14.90
CA ILE H 289 -42.24 -51.68 -15.31
C ILE H 289 -43.34 -52.37 -14.53
N VAL H 290 -43.47 -52.08 -13.24
CA VAL H 290 -44.56 -52.66 -12.45
C VAL H 290 -45.91 -52.18 -12.95
N TRP H 291 -46.04 -50.89 -13.26
CA TRP H 291 -47.31 -50.43 -13.84
C TRP H 291 -47.58 -51.10 -15.17
N GLN H 292 -46.58 -51.24 -16.03
CA GLN H 292 -46.79 -51.86 -17.33
C GLN H 292 -47.20 -53.32 -17.21
N ALA H 293 -46.55 -54.07 -16.31
CA ALA H 293 -46.92 -55.46 -16.11
C ALA H 293 -48.31 -55.59 -15.49
N LEU H 294 -48.64 -54.70 -14.54
CA LEU H 294 -49.95 -54.74 -13.92
C LEU H 294 -51.04 -54.25 -14.87
N LEU H 295 -50.76 -53.17 -15.61
CA LEU H 295 -51.73 -52.58 -16.53
C LEU H 295 -50.99 -52.02 -17.73
N PRO H 296 -51.00 -52.72 -18.86
CA PRO H 296 -50.33 -52.23 -20.08
C PRO H 296 -51.20 -51.37 -20.97
N LYS H 297 -52.37 -50.93 -20.51
CA LYS H 297 -53.29 -50.12 -21.30
C LYS H 297 -53.65 -48.84 -20.55
N LEU H 298 -52.63 -48.17 -20.03
CA LEU H 298 -52.84 -46.94 -19.24
C LEU H 298 -51.65 -46.02 -19.46
N THR H 299 -51.91 -44.87 -20.08
CA THR H 299 -50.86 -43.88 -20.34
C THR H 299 -50.31 -43.32 -19.03
N VAL H 300 -49.06 -42.86 -19.06
CA VAL H 300 -48.40 -42.40 -17.85
C VAL H 300 -49.13 -41.23 -17.21
N ILE H 301 -49.71 -40.34 -18.01
CA ILE H 301 -50.41 -39.19 -17.45
C ILE H 301 -51.63 -39.64 -16.65
N GLU H 302 -52.48 -40.46 -17.27
CA GLU H 302 -53.64 -40.97 -16.54
C GLU H 302 -53.23 -41.94 -15.45
N ALA H 303 -52.12 -42.65 -15.63
CA ALA H 303 -51.62 -43.54 -14.58
C ALA H 303 -51.26 -42.77 -13.32
N LEU H 304 -50.50 -41.67 -13.48
CA LEU H 304 -50.15 -40.86 -12.32
C LEU H 304 -51.38 -40.14 -11.77
N GLN H 305 -52.32 -39.75 -12.63
CA GLN H 305 -53.54 -39.13 -12.14
C GLN H 305 -54.33 -40.08 -11.24
N GLN H 306 -54.50 -41.33 -11.67
CA GLN H 306 -55.23 -42.29 -10.87
C GLN H 306 -54.42 -42.82 -9.69
N ALA H 307 -53.09 -42.73 -9.75
CA ALA H 307 -52.29 -43.10 -8.60
C ALA H 307 -52.36 -42.05 -7.50
N SER H 308 -52.31 -40.76 -7.88
CA SER H 308 -52.41 -39.69 -6.91
C SER H 308 -53.85 -39.43 -6.47
N ALA H 309 -54.85 -39.85 -7.26
CA ALA H 309 -56.23 -39.61 -6.88
C ALA H 309 -56.67 -40.50 -5.72
N LEU H 310 -56.31 -41.78 -5.76
CA LEU H 310 -56.69 -42.70 -4.70
C LEU H 310 -55.47 -43.16 -3.91
N ALA I 3 11.41 21.58 24.80
CA ALA I 3 10.57 21.77 25.97
C ALA I 3 10.79 23.14 26.59
N THR I 4 11.41 24.04 25.84
CA THR I 4 11.68 25.40 26.30
C THR I 4 10.37 26.18 26.23
N ARG I 5 9.60 26.09 27.32
CA ARG I 5 8.24 26.63 27.36
C ARG I 5 8.27 28.07 27.87
N ILE I 6 7.77 29.00 27.06
CA ILE I 6 7.62 30.39 27.45
C ILE I 6 6.14 30.76 27.32
N GLN I 7 5.58 31.36 28.37
CA GLN I 7 4.20 31.82 28.32
C GLN I 7 4.04 32.87 27.22
N ALA I 8 3.01 32.70 26.41
CA ALA I 8 2.82 33.57 25.25
C ALA I 8 2.40 34.96 25.68
N VAL I 9 3.08 35.98 25.13
CA VAL I 9 2.69 37.37 25.30
C VAL I 9 2.38 37.95 23.94
N TYR I 10 1.47 38.91 23.90
CA TYR I 10 0.96 39.48 22.66
C TYR I 10 1.46 40.91 22.50
N ARG I 11 1.98 41.22 21.32
CA ARG I 11 2.51 42.54 21.02
C ARG I 11 2.00 42.99 19.66
N ASP I 12 1.93 44.31 19.48
CA ASP I 12 1.39 44.87 18.25
C ASP I 12 2.44 44.87 17.15
N THR I 13 2.07 44.34 15.99
CA THR I 13 2.92 44.32 14.81
C THR I 13 2.37 45.30 13.78
N GLY I 14 3.24 46.13 13.21
CA GLY I 14 2.80 47.16 12.28
C GLY I 14 2.20 46.62 11.00
N VAL I 15 2.45 45.35 10.67
CA VAL I 15 1.87 44.77 9.46
C VAL I 15 0.41 44.47 9.70
N GLU I 16 -0.46 44.98 8.82
CA GLU I 16 -1.89 44.78 8.97
C GLU I 16 -2.33 43.37 8.63
N ALA I 17 -1.49 42.60 7.92
CA ALA I 17 -1.87 41.25 7.54
C ALA I 17 -1.85 40.30 8.73
N TYR I 18 -0.95 40.53 9.69
CA TYR I 18 -0.80 39.65 10.84
C TYR I 18 -1.66 40.06 12.03
N ARG I 19 -2.51 41.06 11.87
CA ARG I 19 -3.34 41.54 12.97
C ARG I 19 -4.37 40.49 13.37
N ASP I 20 -4.52 40.29 14.70
CA ASP I 20 -5.49 39.36 15.28
C ASP I 20 -5.24 37.92 14.86
N ASN I 21 -3.97 37.53 14.73
CA ASN I 21 -3.60 36.13 14.56
C ASN I 21 -2.82 35.67 15.78
N PRO I 22 -3.42 34.90 16.68
CA PRO I 22 -2.75 34.59 17.96
C PRO I 22 -1.45 33.82 17.81
N PHE I 23 -1.21 33.18 16.67
CA PHE I 23 0.01 32.39 16.49
C PHE I 23 1.21 33.22 16.07
N ILE I 24 1.01 34.48 15.67
CA ILE I 24 2.08 35.28 15.05
C ILE I 24 2.73 36.22 16.05
N GLU I 25 1.93 36.98 16.82
CA GLU I 25 2.52 37.99 17.70
C GLU I 25 3.28 37.40 18.88
N ALA I 26 3.19 36.10 19.12
CA ALA I 26 4.01 35.47 20.14
C ALA I 26 5.48 35.44 19.75
N LEU I 27 5.79 35.61 18.48
CA LEU I 27 7.17 35.64 18.01
C LEU I 27 7.85 36.95 18.42
N PRO I 28 9.18 36.96 18.46
CA PRO I 28 9.88 38.20 18.77
C PRO I 28 9.55 39.27 17.76
N PRO I 29 9.48 40.53 18.19
CA PRO I 29 9.08 41.61 17.28
C PRO I 29 10.13 41.87 16.21
N LEU I 30 9.68 42.56 15.15
CA LEU I 30 10.54 42.83 14.00
C LEU I 30 11.54 43.94 14.28
N GLN I 31 11.22 44.87 15.18
CA GLN I 31 12.08 46.03 15.41
C GLN I 31 13.43 45.60 15.99
N GLU I 32 13.42 44.71 16.96
CA GLU I 32 14.65 44.25 17.59
C GLU I 32 15.29 43.06 16.86
N SER I 33 14.61 42.49 15.87
CA SER I 33 15.15 41.36 15.13
C SER I 33 15.94 41.78 13.90
N VAL I 34 15.96 43.07 13.57
CA VAL I 34 16.75 43.53 12.42
C VAL I 34 18.23 43.34 12.68
N ASN I 35 18.70 43.72 13.86
CA ASN I 35 20.09 43.54 14.25
C ASN I 35 20.37 42.20 14.91
N SER I 36 19.34 41.36 15.08
CA SER I 36 19.54 40.07 15.73
C SER I 36 20.47 39.18 14.94
N ALA I 37 20.28 39.10 13.62
CA ALA I 37 21.13 38.26 12.79
C ALA I 37 22.56 38.76 12.76
N ALA I 38 22.75 40.09 12.71
CA ALA I 38 24.09 40.66 12.79
C ALA I 38 24.67 40.56 14.19
N SER I 39 23.87 40.23 15.19
CA SER I 39 24.36 40.03 16.55
C SER I 39 24.95 38.65 16.78
N LEU I 40 24.96 37.79 15.77
CA LEU I 40 25.59 36.48 15.89
C LEU I 40 27.10 36.53 15.76
N LYS I 41 27.67 37.70 15.48
CA LYS I 41 29.12 37.84 15.44
C LYS I 41 29.73 37.50 16.80
N SER I 42 30.75 36.65 16.79
CA SER I 42 31.38 36.19 18.02
C SER I 42 32.88 36.27 17.88
N SER I 43 33.56 36.59 18.97
CA SER I 43 35.01 36.66 19.00
C SER I 43 35.52 36.06 20.30
N LEU I 44 36.53 35.20 20.19
CA LEU I 44 37.18 34.61 21.36
C LEU I 44 38.25 35.58 21.87
N GLN I 45 37.77 36.72 22.38
CA GLN I 45 38.66 37.79 22.82
C GLN I 45 39.50 37.34 24.01
N LEU I 46 40.78 37.71 23.99
CA LEU I 46 41.72 37.34 25.03
C LEU I 46 42.57 38.55 25.39
N THR I 47 43.06 38.54 26.62
CA THR I 47 43.94 39.59 27.13
C THR I 47 45.38 39.27 26.74
N SER I 48 46.19 40.33 26.62
CA SER I 48 47.61 40.14 26.27
C SER I 48 48.34 39.32 27.32
N SER I 49 47.85 39.29 28.56
CA SER I 49 48.46 38.45 29.58
C SER I 49 48.19 36.97 29.35
N ASP I 50 47.18 36.63 28.54
CA ASP I 50 46.91 35.23 28.23
C ASP I 50 48.01 34.63 27.37
N LEU I 51 48.64 35.43 26.51
CA LEU I 51 49.73 34.93 25.69
C LEU I 51 50.97 34.60 26.51
N GLN I 52 51.11 35.23 27.68
CA GLN I 52 52.24 34.99 28.56
C GLN I 52 52.20 33.61 29.23
N LYS I 53 51.06 32.92 29.18
CA LYS I 53 50.90 31.65 29.88
C LYS I 53 51.60 30.54 29.13
N SER I 54 51.42 29.31 29.59
CA SER I 54 52.07 28.14 29.00
C SER I 54 51.51 27.85 27.61
N ARG I 55 52.29 27.10 26.83
CA ARG I 55 51.91 26.80 25.45
C ARG I 55 50.68 25.91 25.38
N VAL I 56 50.48 25.03 26.36
CA VAL I 56 49.32 24.16 26.37
C VAL I 56 48.04 24.97 26.48
N ILE I 57 48.06 26.00 27.34
CA ILE I 57 46.86 26.82 27.53
C ILE I 57 46.50 27.57 26.26
N ARG I 58 47.50 28.17 25.58
CA ARG I 58 47.19 28.89 24.36
C ARG I 58 46.76 27.94 23.25
N ALA I 59 47.35 26.74 23.20
CA ALA I 59 46.91 25.75 22.22
C ALA I 59 45.47 25.33 22.46
N HIS I 60 45.08 25.15 23.74
CA HIS I 60 43.71 24.77 24.06
C HIS I 60 42.73 25.90 23.78
N THR I 61 43.17 27.16 23.93
CA THR I 61 42.30 28.26 23.55
C THR I 61 42.17 28.37 22.03
N ILE I 62 43.25 28.07 21.30
CA ILE I 62 43.24 28.18 19.85
C ILE I 62 42.38 27.09 19.22
N CYS I 63 42.42 25.87 19.78
CA CYS I 63 41.65 24.79 19.17
C CYS I 63 40.15 25.00 19.29
N ARG I 64 39.69 25.97 20.09
CA ARG I 64 38.29 26.33 20.16
C ARG I 64 37.88 27.35 19.11
N ILE I 65 38.82 27.83 18.30
CA ILE I 65 38.46 28.76 17.21
C ILE I 65 37.48 28.14 16.22
N PRO I 66 37.64 26.89 15.75
CA PRO I 66 36.64 26.34 14.81
C PRO I 66 35.25 26.17 15.42
N ASP I 67 35.08 26.53 16.70
CA ASP I 67 33.79 26.44 17.36
C ASP I 67 33.18 27.80 17.66
N ASP I 68 33.93 28.71 18.29
CA ASP I 68 33.39 29.99 18.74
C ASP I 68 33.53 31.10 17.72
N TYR I 69 34.21 30.88 16.60
CA TYR I 69 34.44 31.92 15.61
C TYR I 69 33.34 31.89 14.56
N PHE I 70 32.73 33.05 14.33
CA PHE I 70 31.66 33.18 13.33
C PHE I 70 31.64 34.61 12.82
N GLN I 71 31.93 34.78 11.55
CA GLN I 71 31.85 36.09 10.89
C GLN I 71 30.70 36.10 9.90
N PRO I 72 29.65 36.86 10.13
CA PRO I 72 28.59 36.98 9.13
C PRO I 72 29.08 37.68 7.88
N LEU I 73 28.51 37.29 6.74
CA LEU I 73 28.83 37.88 5.45
C LEU I 73 27.53 38.40 4.82
N GLY I 74 27.63 38.86 3.57
CA GLY I 74 26.46 39.28 2.83
C GLY I 74 25.54 38.14 2.46
N THR I 75 26.05 36.91 2.46
CA THR I 75 25.26 35.72 2.18
C THR I 75 24.63 35.13 3.43
N HIS I 76 24.77 35.79 4.58
CA HIS I 76 24.27 35.28 5.84
C HIS I 76 23.15 36.13 6.43
N LEU I 77 23.12 37.43 6.13
CA LEU I 77 22.00 38.27 6.53
C LEU I 77 20.77 38.01 5.67
N LEU I 78 20.98 37.80 4.37
CA LEU I 78 19.86 37.56 3.46
C LEU I 78 19.15 36.26 3.79
N LEU I 79 19.91 35.22 4.16
CA LEU I 79 19.28 33.95 4.54
C LEU I 79 18.43 34.11 5.79
N SER I 80 18.93 34.86 6.78
CA SER I 80 18.15 35.08 8.00
C SER I 80 16.89 35.87 7.70
N GLU I 81 16.99 36.90 6.86
CA GLU I 81 15.80 37.67 6.49
C GLU I 81 14.79 36.80 5.74
N ARG I 82 15.27 35.96 4.81
CA ARG I 82 14.39 35.07 4.08
C ARG I 82 13.70 34.09 5.01
N ILE I 83 14.43 33.52 5.96
CA ILE I 83 13.83 32.55 6.88
C ILE I 83 12.81 33.22 7.78
N SER I 84 13.12 34.43 8.28
CA SER I 84 12.16 35.16 9.10
C SER I 84 10.88 35.47 8.33
N VAL I 85 11.02 35.96 7.10
CA VAL I 85 9.85 36.30 6.30
C VAL I 85 9.04 35.04 5.96
N MET I 86 9.73 33.96 5.63
CA MET I 86 9.06 32.72 5.24
C MET I 86 8.30 32.11 6.40
N ILE I 87 8.87 32.15 7.60
CA ILE I 87 8.16 31.65 8.78
C ILE I 87 6.98 32.55 9.12
N ARG I 88 7.20 33.87 9.12
CA ARG I 88 6.13 34.79 9.50
C ARG I 88 4.98 34.77 8.51
N GLY I 89 5.25 34.52 7.24
CA GLY I 89 4.20 34.45 6.25
C GLY I 89 3.48 33.12 6.16
N GLY I 90 3.94 32.12 6.90
CA GLY I 90 3.32 30.81 6.92
C GLY I 90 2.20 30.64 7.92
N TYR I 91 1.86 31.69 8.65
CA TYR I 91 0.79 31.64 9.65
C TYR I 91 -0.39 32.52 9.26
N VAL I 92 -0.49 32.96 8.00
CA VAL I 92 -1.62 33.78 7.57
C VAL I 92 -2.88 32.96 7.30
N GLY I 93 -2.75 31.64 7.24
CA GLY I 93 -3.90 30.78 6.98
C GLY I 93 -4.57 30.26 8.24
N ARG I 94 -3.76 29.70 9.15
CA ARG I 94 -4.28 29.06 10.35
C ARG I 94 -4.52 30.13 11.43
N ASN I 95 -5.60 30.87 11.25
CA ASN I 95 -6.00 31.88 12.24
C ASN I 95 -7.15 31.31 13.06
N PRO I 96 -6.94 30.96 14.33
CA PRO I 96 -8.04 30.40 15.13
C PRO I 96 -9.19 31.37 15.38
N LYS I 97 -8.96 32.68 15.27
CA LYS I 97 -10.02 33.66 15.48
C LYS I 97 -10.89 33.85 14.24
N THR I 98 -10.53 33.24 13.12
CA THR I 98 -11.27 33.38 11.87
C THR I 98 -11.63 32.01 11.34
N GLY I 99 -12.77 31.91 10.66
CA GLY I 99 -13.22 30.65 10.10
C GLY I 99 -12.27 30.12 9.05
N ASP I 100 -12.47 28.85 8.70
CA ASP I 100 -11.60 28.17 7.76
C ASP I 100 -11.71 28.80 6.37
N LEU I 101 -10.62 28.68 5.60
CA LEU I 101 -10.59 29.28 4.27
C LEU I 101 -11.59 28.60 3.33
N GLN I 102 -11.94 27.34 3.59
CA GLN I 102 -12.99 26.69 2.80
C GLN I 102 -14.33 27.39 3.00
N LYS I 103 -14.64 27.74 4.25
CA LYS I 103 -15.87 28.47 4.53
C LYS I 103 -15.85 29.85 3.88
N HIS I 104 -14.70 30.52 3.92
CA HIS I 104 -14.58 31.83 3.27
C HIS I 104 -14.77 31.71 1.76
N LEU I 105 -14.21 30.67 1.15
CA LEU I 105 -14.39 30.46 -0.29
C LEU I 105 -15.85 30.18 -0.62
N GLN I 106 -16.52 29.37 0.21
CA GLN I 106 -17.94 29.11 -0.02
C GLN I 106 -18.77 30.39 0.11
N ASN I 107 -18.45 31.23 1.10
CA ASN I 107 -19.15 32.50 1.25
C ASN I 107 -18.89 33.41 0.05
N GLY I 108 -17.65 33.43 -0.44
CA GLY I 108 -17.34 34.23 -1.61
C GLY I 108 -18.07 33.75 -2.85
N TYR I 109 -18.21 32.43 -3.01
CA TYR I 109 -18.97 31.90 -4.13
C TYR I 109 -20.45 32.25 -3.99
N GLU I 110 -20.98 32.17 -2.77
CA GLU I 110 -22.37 32.57 -2.54
C GLU I 110 -22.58 34.04 -2.91
N ARG I 111 -21.61 34.89 -2.58
CA ARG I 111 -21.75 36.32 -2.85
C ARG I 111 -21.52 36.65 -4.33
N VAL I 112 -20.65 35.93 -5.03
CA VAL I 112 -20.51 36.12 -6.47
C VAL I 112 -21.68 35.50 -7.22
N GLN I 113 -22.47 34.67 -6.54
CA GLN I 113 -23.76 34.22 -7.05
C GLN I 113 -24.77 35.34 -6.86
N THR I 114 -26.06 35.03 -6.89
CA THR I 114 -27.16 35.99 -6.95
C THR I 114 -27.00 37.23 -6.08
N GLY I 115 -26.27 37.12 -4.96
CA GLY I 115 -25.98 38.29 -4.17
C GLY I 115 -25.19 39.33 -4.94
N GLU I 116 -25.38 40.60 -4.57
CA GLU I 116 -24.85 41.71 -5.37
C GLU I 116 -23.39 41.94 -5.01
N LEU I 117 -22.49 41.37 -5.81
CA LEU I 117 -21.07 41.70 -5.76
C LEU I 117 -20.46 41.40 -7.11
N GLU I 118 -19.35 42.07 -7.42
CA GLU I 118 -18.74 41.95 -8.75
C GLU I 118 -18.20 40.55 -8.98
N THR I 119 -17.19 40.14 -8.19
CA THR I 119 -16.55 38.85 -8.40
C THR I 119 -15.70 38.51 -7.18
N PHE I 120 -15.18 37.29 -7.18
CA PHE I 120 -14.28 36.80 -6.15
C PHE I 120 -13.25 35.90 -6.80
N ARG I 121 -12.00 36.01 -6.35
CA ARG I 121 -10.89 35.25 -6.91
C ARG I 121 -10.71 33.95 -6.14
N PHE I 122 -10.91 32.83 -6.82
CA PHE I 122 -10.77 31.50 -6.21
C PHE I 122 -9.33 31.01 -6.34
N GLU I 123 -8.41 31.78 -5.79
CA GLU I 123 -6.98 31.48 -5.85
C GLU I 123 -6.50 31.00 -4.48
N GLU I 124 -5.55 30.08 -4.50
CA GLU I 124 -4.98 29.53 -3.27
C GLU I 124 -3.57 30.06 -3.03
N GLN I 130 5.24 27.52 -0.08
CA GLN I 130 6.43 28.12 -0.69
C GLN I 130 7.71 27.43 -0.22
N SER I 131 7.88 26.18 -0.65
CA SER I 131 9.07 25.43 -0.29
C SER I 131 10.31 26.06 -0.90
N LEU I 132 11.44 25.89 -0.21
CA LEU I 132 12.70 26.45 -0.65
C LEU I 132 13.80 25.43 -0.38
N LEU I 133 14.86 25.50 -1.19
CA LEU I 133 16.00 24.61 -1.02
C LEU I 133 17.28 25.43 -0.98
N LEU I 134 18.21 25.00 -0.12
CA LEU I 134 19.49 25.67 0.07
C LEU I 134 20.59 24.70 -0.38
N ILE I 135 20.96 24.79 -1.65
CA ILE I 135 22.01 23.96 -2.23
C ILE I 135 23.29 24.79 -2.37
N GLY I 136 24.40 24.21 -1.97
CA GLY I 136 25.68 24.89 -2.07
C GLY I 136 26.81 23.91 -1.89
N CYS I 137 28.03 24.42 -2.06
CA CYS I 137 29.22 23.58 -1.92
C CYS I 137 29.32 23.05 -0.50
N SER I 138 29.62 21.76 -0.39
CA SER I 138 29.73 21.12 0.92
C SER I 138 30.86 21.76 1.72
N GLY I 139 30.57 22.07 2.98
CA GLY I 139 31.53 22.76 3.83
C GLY I 139 31.49 24.26 3.75
N SER I 140 30.41 24.86 3.26
CA SER I 140 30.28 26.30 3.18
C SER I 140 29.74 26.92 4.45
N GLY I 141 29.34 26.11 5.44
CA GLY I 141 28.82 26.64 6.68
C GLY I 141 27.32 26.82 6.69
N LYS I 142 26.59 25.74 6.37
CA LYS I 142 25.14 25.80 6.25
C LYS I 142 24.45 25.46 7.57
N THR I 143 24.70 24.24 8.08
CA THR I 143 24.02 23.77 9.28
C THR I 143 24.37 24.61 10.49
N THR I 144 25.65 24.97 10.64
CA THR I 144 26.06 25.80 11.77
C THR I 144 25.43 27.19 11.70
N SER I 145 25.32 27.75 10.50
CA SER I 145 24.67 29.05 10.35
C SER I 145 23.19 28.97 10.71
N LEU I 146 22.50 27.92 10.25
CA LEU I 146 21.07 27.82 10.51
C LEU I 146 20.78 27.55 11.99
N HIS I 147 21.59 26.71 12.63
CA HIS I 147 21.39 26.39 14.04
C HIS I 147 21.42 27.63 14.91
N ARG I 148 22.18 28.65 14.53
CA ARG I 148 22.32 29.83 15.35
C ARG I 148 21.54 31.04 14.83
N ILE I 149 21.06 31.00 13.58
CA ILE I 149 20.08 32.00 13.16
C ILE I 149 18.66 31.61 13.53
N LEU I 150 18.42 30.35 13.91
CA LEU I 150 17.13 29.97 14.46
C LEU I 150 17.11 30.01 15.98
N ALA I 151 18.09 30.63 16.61
CA ALA I 151 18.14 30.69 18.07
C ALA I 151 17.25 31.80 18.63
N THR I 152 16.97 32.84 17.83
CA THR I 152 16.17 33.96 18.33
C THR I 152 14.71 33.57 18.52
N TYR I 153 14.24 32.55 17.82
CA TYR I 153 12.85 32.12 17.92
C TYR I 153 12.73 31.01 18.95
N PRO I 154 11.93 31.18 20.01
CA PRO I 154 11.71 30.08 20.95
C PRO I 154 11.01 28.92 20.26
N GLN I 155 11.46 27.70 20.57
CA GLN I 155 11.00 26.53 19.83
C GLN I 155 9.54 26.23 20.13
N VAL I 156 9.15 26.22 21.40
CA VAL I 156 7.80 25.90 21.82
C VAL I 156 7.24 27.11 22.58
N ILE I 157 6.12 27.65 22.10
CA ILE I 157 5.41 28.73 22.76
C ILE I 157 4.05 28.21 23.18
N TYR I 158 3.76 28.29 24.47
CA TYR I 158 2.53 27.72 25.02
C TYR I 158 1.44 28.78 25.13
N HIS I 159 0.26 28.46 24.64
CA HIS I 159 -0.89 29.35 24.68
C HIS I 159 -1.80 28.94 25.83
N ARG I 160 -2.22 29.93 26.64
CA ARG I 160 -3.07 29.66 27.79
C ARG I 160 -4.54 29.91 27.54
N GLU I 161 -4.88 30.89 26.70
CA GLU I 161 -6.28 31.13 26.37
C GLU I 161 -6.90 29.93 25.66
N LEU I 162 -6.16 29.33 24.72
CA LEU I 162 -6.54 28.07 24.11
C LEU I 162 -5.71 26.96 24.73
N ASN I 163 -5.82 25.76 24.18
CA ASN I 163 -4.94 24.64 24.53
C ASN I 163 -4.30 24.17 23.25
N VAL I 164 -3.24 24.86 22.84
CA VAL I 164 -2.52 24.58 21.60
C VAL I 164 -1.05 24.94 21.81
N GLU I 165 -0.16 23.98 21.58
CA GLU I 165 1.27 24.21 21.70
C GLU I 165 1.83 24.59 20.34
N GLN I 166 2.42 25.78 20.24
CA GLN I 166 2.95 26.30 18.99
C GLN I 166 4.41 25.90 18.85
N VAL I 167 4.68 24.92 18.00
CA VAL I 167 6.04 24.51 17.67
C VAL I 167 6.51 25.45 16.55
N VAL I 168 7.29 26.47 16.91
CA VAL I 168 7.66 27.51 15.95
C VAL I 168 8.49 26.92 14.81
N TYR I 169 9.52 26.15 15.16
CA TYR I 169 10.32 25.49 14.15
C TYR I 169 10.77 24.12 14.66
N LEU I 170 11.02 23.22 13.72
CA LEU I 170 11.57 21.90 14.02
C LEU I 170 12.71 21.63 13.05
N LYS I 171 13.67 20.81 13.49
CA LYS I 171 14.85 20.52 12.69
C LYS I 171 15.05 19.01 12.62
N ILE I 172 15.40 18.54 11.42
CA ILE I 172 15.64 17.13 11.17
C ILE I 172 17.06 16.97 10.66
N ASP I 173 17.62 15.77 10.85
CA ASP I 173 18.94 15.44 10.35
C ASP I 173 18.94 14.00 9.86
N CYS I 174 19.59 13.77 8.73
CA CYS I 174 19.63 12.45 8.12
C CYS I 174 20.86 11.69 8.58
N SER I 175 20.95 10.42 8.17
CA SER I 175 22.07 9.55 8.51
C SER I 175 22.65 8.98 7.22
N HIS I 176 23.75 8.24 7.36
CA HIS I 176 24.42 7.68 6.21
C HIS I 176 23.58 6.55 5.60
N ASN I 177 23.42 6.58 4.28
CA ASN I 177 22.71 5.55 3.52
C ASN I 177 21.29 5.33 4.03
N GLY I 178 20.62 6.43 4.40
CA GLY I 178 19.25 6.34 4.85
C GLY I 178 18.25 6.34 3.71
N SER I 179 16.98 6.13 4.07
CA SER I 179 15.89 6.12 3.12
C SER I 179 14.82 7.13 3.55
N LEU I 180 13.70 7.13 2.82
CA LEU I 180 12.62 8.06 3.12
C LEU I 180 11.93 7.75 4.44
N LYS I 181 11.79 6.46 4.78
CA LYS I 181 11.15 6.07 6.02
C LYS I 181 11.93 6.58 7.23
N GLU I 182 13.26 6.62 7.12
CA GLU I 182 14.07 7.09 8.23
C GLU I 182 13.78 8.56 8.54
N ILE I 183 13.65 9.40 7.51
CA ILE I 183 13.30 10.80 7.74
C ILE I 183 11.86 10.91 8.23
N CYS I 184 10.95 10.10 7.66
CA CYS I 184 9.56 10.15 8.06
C CYS I 184 9.39 9.82 9.54
N LEU I 185 10.24 8.95 10.08
CA LEU I 185 10.18 8.64 11.51
C LEU I 185 10.99 9.63 12.34
N ASN I 186 12.11 10.12 11.79
CA ASN I 186 12.91 11.12 12.50
C ASN I 186 12.15 12.42 12.69
N PHE I 187 11.16 12.72 11.85
CA PHE I 187 10.34 13.90 12.11
C PHE I 187 9.61 13.78 13.45
N PHE I 188 8.96 12.63 13.70
CA PHE I 188 8.33 12.42 15.01
C PHE I 188 9.36 12.30 16.12
N ARG I 189 10.53 11.73 15.84
CA ARG I 189 11.58 11.71 16.86
C ARG I 189 11.96 13.13 17.31
N ALA I 190 12.13 14.03 16.34
CA ALA I 190 12.44 15.42 16.67
C ALA I 190 11.27 16.11 17.36
N LEU I 191 10.05 15.82 16.90
CA LEU I 191 8.86 16.42 17.51
C LEU I 191 8.72 16.01 18.97
N ASP I 192 8.99 14.74 19.28
CA ASP I 192 8.92 14.25 20.65
C ASP I 192 10.10 14.69 21.49
N ARG I 193 11.26 14.95 20.87
CA ARG I 193 12.33 15.61 21.58
C ARG I 193 11.98 17.06 21.90
N ALA I 194 11.10 17.66 21.09
CA ALA I 194 10.67 19.04 21.32
C ALA I 194 9.57 19.14 22.38
N LEU I 195 8.59 18.26 22.34
CA LEU I 195 7.45 18.35 23.25
C LEU I 195 7.56 17.42 24.45
N GLY I 196 8.18 16.26 24.29
CA GLY I 196 8.29 15.30 25.37
C GLY I 196 7.19 14.27 25.43
N SER I 197 6.18 14.36 24.57
CA SER I 197 5.08 13.40 24.55
C SER I 197 5.53 12.12 23.84
N ASN I 198 4.62 11.15 23.77
CA ASN I 198 4.85 9.94 22.99
C ASN I 198 4.07 10.00 21.66
N TYR I 199 4.52 10.89 20.78
CA TYR I 199 3.90 11.01 19.47
C TYR I 199 4.35 9.95 18.48
N GLU I 200 5.39 9.17 18.81
CA GLU I 200 5.87 8.13 17.91
C GLU I 200 5.85 6.74 18.53
N ARG I 201 5.45 6.63 19.80
CA ARG I 201 5.42 5.31 20.43
C ARG I 201 4.30 4.44 19.89
N ARG I 202 3.22 5.05 19.38
CA ARG I 202 2.15 4.28 18.77
C ARG I 202 1.73 4.80 17.40
N TYR I 203 2.17 5.99 16.98
CA TYR I 203 1.85 6.53 15.68
C TYR I 203 2.91 6.24 14.62
N GLY I 204 3.99 5.56 14.99
CA GLY I 204 5.08 5.32 14.08
C GLY I 204 5.49 3.87 13.95
N LEU I 205 4.51 2.97 13.97
CA LEU I 205 4.79 1.54 13.88
C LEU I 205 5.26 1.16 12.48
N LYS I 206 5.93 0.01 12.40
CA LYS I 206 6.44 -0.50 11.13
C LYS I 206 5.32 -0.89 10.17
N ARG I 207 4.10 -1.09 10.68
CA ARG I 207 3.02 -1.60 9.84
C ARG I 207 2.59 -0.60 8.78
N HIS I 208 2.68 0.69 9.07
CA HIS I 208 2.16 1.71 8.16
C HIS I 208 3.09 1.92 6.98
N GLY I 209 2.49 2.11 5.80
CA GLY I 209 3.24 2.43 4.61
C GLY I 209 3.55 3.92 4.52
N ILE I 210 4.19 4.29 3.40
CA ILE I 210 4.67 5.66 3.25
C ILE I 210 3.51 6.63 3.08
N GLU I 211 2.51 6.26 2.28
CA GLU I 211 1.35 7.15 2.07
C GLU I 211 0.57 7.35 3.35
N THR I 212 0.30 6.26 4.06
CA THR I 212 -0.41 6.36 5.34
C THR I 212 0.40 7.14 6.37
N MET I 213 1.71 6.92 6.41
CA MET I 213 2.54 7.58 7.40
C MET I 213 2.55 9.09 7.16
N LEU I 214 2.62 9.49 5.90
CA LEU I 214 2.54 10.92 5.56
C LEU I 214 1.17 11.50 5.84
N ALA I 215 0.11 10.72 5.61
CA ALA I 215 -1.23 11.17 5.96
C ALA I 215 -1.34 11.42 7.47
N LEU I 216 -0.70 10.57 8.27
CA LEU I 216 -0.62 10.82 9.70
C LEU I 216 0.22 12.05 10.02
N MET I 217 1.30 12.27 9.25
CA MET I 217 2.12 13.45 9.44
C MET I 217 1.33 14.73 9.24
N SER I 218 0.51 14.78 8.19
CA SER I 218 -0.13 16.03 7.81
C SER I 218 -1.11 16.52 8.87
N GLN I 219 -1.88 15.60 9.47
CA GLN I 219 -2.90 16.01 10.42
C GLN I 219 -2.28 16.52 11.72
N ILE I 220 -1.19 15.92 12.16
CA ILE I 220 -0.52 16.40 13.37
C ILE I 220 0.29 17.66 13.08
N ALA I 221 0.73 17.85 11.84
CA ALA I 221 1.40 19.09 11.49
C ALA I 221 0.42 20.25 11.37
N ASN I 222 -0.83 19.96 11.02
CA ASN I 222 -1.86 20.99 10.91
C ASN I 222 -2.52 21.30 12.25
N ALA I 223 -2.79 20.28 13.07
CA ALA I 223 -3.41 20.52 14.37
C ALA I 223 -2.44 21.26 15.30
N HIS I 224 -1.21 20.77 15.40
CA HIS I 224 -0.19 21.50 16.14
C HIS I 224 0.29 22.68 15.32
N ALA I 225 0.37 23.85 15.95
CA ALA I 225 0.84 25.04 15.25
C ALA I 225 2.32 24.87 14.93
N LEU I 226 2.62 24.57 13.67
CA LEU I 226 3.98 24.34 13.21
C LEU I 226 4.28 25.28 12.06
N GLY I 227 5.40 25.98 12.12
CA GLY I 227 5.72 26.99 11.13
C GLY I 227 6.81 26.60 10.14
N LEU I 228 7.86 25.95 10.61
CA LEU I 228 9.02 25.67 9.78
C LEU I 228 9.49 24.24 10.01
N LEU I 229 9.69 23.51 8.91
CA LEU I 229 10.21 22.15 8.94
C LEU I 229 11.43 22.10 8.02
N VAL I 230 12.62 21.95 8.61
CA VAL I 230 13.87 21.99 7.88
C VAL I 230 14.47 20.58 7.88
N ILE I 231 14.78 20.07 6.69
CA ILE I 231 15.46 18.79 6.53
C ILE I 231 16.88 19.08 6.04
N ASP I 232 17.86 18.59 6.78
CA ASP I 232 19.26 18.90 6.50
C ASP I 232 20.02 17.62 6.12
N GLU I 233 21.17 17.82 5.48
CA GLU I 233 22.08 16.75 5.11
C GLU I 233 21.38 15.68 4.26
N ILE I 234 20.66 16.14 3.23
CA ILE I 234 20.00 15.24 2.30
C ILE I 234 21.00 14.52 1.42
N GLN I 235 22.24 15.01 1.33
CA GLN I 235 23.27 14.34 0.54
C GLN I 235 23.59 12.97 1.10
N HIS I 236 23.42 12.77 2.41
CA HIS I 236 23.70 11.48 3.03
C HIS I 236 22.66 10.42 2.69
N LEU I 237 21.52 10.80 2.11
CA LEU I 237 20.48 9.83 1.78
C LEU I 237 20.91 9.01 0.57
N SER I 238 20.76 7.69 0.67
CA SER I 238 21.15 6.79 -0.41
C SER I 238 20.08 6.75 -1.49
N ARG I 239 20.55 6.82 -2.74
CA ARG I 239 19.65 6.85 -3.89
C ARG I 239 19.17 5.44 -4.26
N SER I 240 20.10 4.51 -4.45
CA SER I 240 19.75 3.17 -4.92
C SER I 240 18.86 2.43 -3.92
N ARG I 241 19.04 2.67 -2.62
CA ARG I 241 18.20 2.01 -1.62
C ARG I 241 16.75 2.45 -1.75
N SER I 242 16.52 3.76 -1.97
CA SER I 242 15.16 4.23 -2.19
C SER I 242 14.66 3.88 -3.58
N GLY I 243 15.53 3.97 -4.59
CA GLY I 243 15.15 3.63 -5.95
C GLY I 243 15.59 4.65 -6.97
N GLY I 244 14.77 4.85 -7.99
CA GLY I 244 15.09 5.83 -9.02
C GLY I 244 14.91 7.25 -8.53
N SER I 245 15.39 8.19 -9.36
CA SER I 245 15.31 9.61 -9.03
C SER I 245 13.91 10.19 -9.27
N GLN I 246 13.01 9.45 -9.91
CA GLN I 246 11.68 9.97 -10.15
C GLN I 246 10.86 9.99 -8.86
N GLU I 247 10.74 8.85 -8.19
CA GLU I 247 10.05 8.82 -6.91
C GLU I 247 10.82 9.58 -5.83
N MET I 248 12.13 9.76 -6.01
CA MET I 248 12.89 10.65 -5.13
C MET I 248 12.28 12.04 -5.10
N LEU I 249 11.97 12.59 -6.28
CA LEU I 249 11.33 13.89 -6.34
C LEU I 249 9.85 13.81 -6.00
N ASN I 250 9.19 12.70 -6.35
CA ASN I 250 7.76 12.57 -6.08
C ASN I 250 7.46 12.58 -4.59
N PHE I 251 8.30 11.89 -3.79
CA PHE I 251 8.09 11.88 -2.35
C PHE I 251 8.20 13.27 -1.75
N PHE I 252 9.21 14.05 -2.18
CA PHE I 252 9.36 15.39 -1.66
C PHE I 252 8.23 16.29 -2.12
N VAL I 253 7.75 16.10 -3.36
CA VAL I 253 6.64 16.90 -3.87
C VAL I 253 5.38 16.64 -3.05
N THR I 254 5.07 15.36 -2.80
CA THR I 254 3.87 15.05 -2.03
C THR I 254 4.04 15.37 -0.55
N MET I 255 5.28 15.45 -0.06
CA MET I 255 5.50 15.91 1.31
C MET I 255 5.25 17.41 1.44
N VAL I 256 5.73 18.18 0.47
CA VAL I 256 5.49 19.62 0.49
C VAL I 256 4.02 19.94 0.29
N ASN I 257 3.36 19.24 -0.64
CA ASN I 257 2.02 19.63 -1.07
C ASN I 257 0.99 19.41 0.03
N ILE I 258 1.03 18.25 0.70
CA ILE I 258 -0.09 17.89 1.56
C ILE I 258 0.03 18.54 2.94
N ILE I 259 1.25 18.76 3.44
CA ILE I 259 1.41 19.30 4.79
C ILE I 259 0.98 20.77 4.84
N GLY I 260 1.40 21.56 3.85
CA GLY I 260 0.97 22.94 3.75
C GLY I 260 1.79 23.95 4.53
N VAL I 261 2.79 23.53 5.28
CA VAL I 261 3.63 24.45 6.04
C VAL I 261 4.84 24.82 5.19
N PRO I 262 5.45 25.98 5.40
CA PRO I 262 6.72 26.27 4.72
C PRO I 262 7.78 25.25 5.10
N VAL I 263 8.57 24.83 4.11
CA VAL I 263 9.55 23.76 4.27
C VAL I 263 10.84 24.16 3.56
N MET I 264 11.97 23.98 4.24
CA MET I 264 13.28 24.26 3.67
C MET I 264 14.11 22.98 3.59
N LEU I 265 14.86 22.85 2.50
CA LEU I 265 15.76 21.73 2.29
C LEU I 265 17.17 22.25 2.10
N ILE I 266 18.15 21.54 2.65
CA ILE I 266 19.55 21.92 2.57
C ILE I 266 20.38 20.71 2.13
N GLY I 267 21.17 20.88 1.09
CA GLY I 267 21.99 19.81 0.57
C GLY I 267 23.13 20.28 -0.30
N THR I 268 23.51 19.43 -1.26
CA THR I 268 24.63 19.66 -2.14
C THR I 268 24.15 19.71 -3.59
N PRO I 269 24.97 20.17 -4.54
CA PRO I 269 24.58 20.12 -5.95
C PRO I 269 24.28 18.71 -6.45
N LYS I 270 24.73 17.67 -5.74
CA LYS I 270 24.35 16.31 -6.12
C LYS I 270 22.86 16.05 -5.95
N ALA I 271 22.16 16.91 -5.20
CA ALA I 271 20.69 16.86 -5.15
C ALA I 271 20.05 17.81 -6.15
N ARG I 272 20.81 18.75 -6.69
CA ARG I 272 20.27 19.65 -7.71
C ARG I 272 19.90 18.89 -8.97
N GLU I 273 20.69 17.87 -9.32
CA GLU I 273 20.33 17.03 -10.46
C GLU I 273 19.07 16.22 -10.17
N ILE I 274 18.81 15.90 -8.91
CA ILE I 274 17.55 15.26 -8.54
C ILE I 274 16.40 16.24 -8.70
N PHE I 275 16.59 17.48 -8.25
CA PHE I 275 15.55 18.50 -8.28
C PHE I 275 15.60 19.36 -9.52
N GLU I 276 16.22 18.88 -10.60
CA GLU I 276 16.25 19.65 -11.85
C GLU I 276 14.84 19.87 -12.39
N ALA I 277 13.98 18.86 -12.30
CA ALA I 277 12.58 19.04 -12.62
C ALA I 277 11.92 19.93 -11.56
N ASP I 278 10.92 20.68 -12.00
CA ASP I 278 10.18 21.67 -11.22
C ASP I 278 11.02 22.89 -10.86
N LEU I 279 12.29 22.93 -11.28
CA LEU I 279 13.18 24.04 -10.95
C LEU I 279 13.80 24.62 -12.20
N ARG I 280 14.09 23.78 -13.19
CA ARG I 280 14.66 24.26 -14.45
C ARG I 280 13.69 25.21 -15.15
N SER I 281 12.40 24.86 -15.17
CA SER I 281 11.38 25.77 -15.66
C SER I 281 10.92 26.68 -14.53
N ALA I 282 10.79 27.97 -14.84
CA ALA I 282 10.41 28.95 -13.84
C ALA I 282 8.99 28.68 -13.37
N ARG I 283 8.85 28.16 -12.16
CA ARG I 283 7.54 27.84 -11.57
C ARG I 283 7.45 28.53 -10.21
N ARG I 284 7.00 29.78 -10.21
CA ARG I 284 6.83 30.51 -8.97
C ARG I 284 5.61 30.04 -8.19
N GLY I 285 4.59 29.54 -8.88
CA GLY I 285 3.44 29.00 -8.17
C GLY I 285 3.75 27.71 -7.43
N ALA I 286 4.56 26.85 -8.04
CA ALA I 286 4.90 25.58 -7.40
C ALA I 286 5.89 25.76 -6.26
N GLY I 287 6.73 26.79 -6.33
CA GLY I 287 7.72 27.03 -5.29
C GLY I 287 9.10 26.55 -5.68
N PHE I 288 9.81 25.93 -4.72
CA PHE I 288 11.16 25.42 -4.93
C PHE I 288 12.11 26.50 -5.42
N GLY I 289 11.99 27.70 -4.84
CA GLY I 289 12.95 28.74 -5.15
C GLY I 289 14.33 28.37 -4.66
N ALA I 290 15.35 28.74 -5.44
CA ALA I 290 16.71 28.31 -5.21
C ALA I 290 17.57 29.47 -4.72
N ILE I 291 18.41 29.18 -3.73
CA ILE I 291 19.40 30.13 -3.22
C ILE I 291 20.74 29.42 -3.19
N PHE I 292 21.71 29.94 -3.94
CA PHE I 292 23.00 29.30 -4.10
C PHE I 292 24.02 29.92 -3.15
N TRP I 293 24.83 29.07 -2.54
CA TRP I 293 26.01 29.50 -1.79
C TRP I 293 27.28 29.06 -2.51
N ASP I 294 28.24 29.95 -2.57
CA ASP I 294 29.50 29.74 -3.27
C ASP I 294 30.65 30.10 -2.35
N PRO I 295 31.84 29.56 -2.60
CA PRO I 295 33.00 29.95 -1.80
C PRO I 295 33.32 31.43 -1.98
N ILE I 296 33.97 32.00 -0.96
CA ILE I 296 34.27 33.43 -0.96
C ILE I 296 35.20 33.74 -2.12
N GLN I 297 34.69 34.48 -3.10
CA GLN I 297 35.47 34.84 -4.28
C GLN I 297 36.47 35.92 -3.91
N GLN I 298 37.76 35.60 -4.00
CA GLN I 298 38.79 36.57 -3.65
C GLN I 298 38.79 37.75 -4.60
N THR I 299 38.56 37.50 -5.89
CA THR I 299 38.51 38.54 -6.91
C THR I 299 37.07 38.88 -7.20
N GLN I 300 36.70 40.16 -7.06
CA GLN I 300 35.36 40.65 -7.32
C GLN I 300 35.45 41.74 -8.38
N ARG I 301 35.00 41.43 -9.60
CA ARG I 301 35.02 42.37 -10.72
C ARG I 301 36.42 42.94 -10.97
N GLY I 302 37.42 42.07 -10.90
CA GLY I 302 38.79 42.50 -11.10
C GLY I 302 39.43 43.17 -9.89
N LYS I 303 38.75 43.17 -8.75
CA LYS I 303 39.22 43.80 -7.53
C LYS I 303 39.09 42.83 -6.37
N PRO I 304 39.92 42.93 -5.35
CA PRO I 304 39.82 42.01 -4.23
C PRO I 304 38.63 42.28 -3.30
N ASN I 305 37.98 41.21 -2.88
CA ASN I 305 36.72 41.31 -2.18
C ASN I 305 36.91 41.88 -0.78
N GLN I 306 35.98 42.77 -0.39
CA GLN I 306 36.07 43.40 0.93
C GLN I 306 35.79 42.40 2.04
N GLU I 307 34.85 41.48 1.81
CA GLU I 307 34.53 40.48 2.83
C GLU I 307 35.73 39.60 3.12
N TRP I 308 36.48 39.22 2.07
CA TRP I 308 37.67 38.41 2.29
C TRP I 308 38.72 39.15 3.11
N ILE I 309 38.98 40.42 2.79
CA ILE I 309 40.01 41.17 3.50
C ILE I 309 39.58 41.63 4.87
N ALA I 310 38.28 41.58 5.18
CA ALA I 310 37.83 41.83 6.55
C ALA I 310 37.84 40.57 7.39
N PHE I 311 37.37 39.45 6.82
CA PHE I 311 37.41 38.18 7.52
C PHE I 311 38.84 37.75 7.79
N THR I 312 39.74 37.94 6.81
CA THR I 312 41.14 37.61 7.01
C THR I 312 41.77 38.50 8.08
N ASP I 313 41.42 39.78 8.12
CA ASP I 313 41.94 40.67 9.15
C ASP I 313 41.48 40.24 10.54
N ASN I 314 40.18 39.95 10.69
CA ASN I 314 39.66 39.54 11.98
C ASN I 314 40.26 38.21 12.43
N LEU I 315 40.42 37.26 11.50
CA LEU I 315 41.09 36.00 11.81
C LEU I 315 42.57 36.19 12.11
N TRP I 316 43.19 37.21 11.52
CA TRP I 316 44.61 37.46 11.70
C TRP I 316 44.91 38.11 13.04
N GLN I 317 43.98 38.91 13.57
CA GLN I 317 44.26 39.59 14.83
C GLN I 317 44.21 38.63 16.02
N LEU I 318 43.64 37.45 15.86
CA LEU I 318 43.44 36.49 16.96
C LEU I 318 44.41 35.31 16.89
N GLN I 319 45.68 35.56 16.57
CA GLN I 319 46.70 34.51 16.57
C GLN I 319 47.61 34.70 17.77
N LEU I 320 47.89 33.60 18.48
CA LEU I 320 48.71 33.61 19.69
C LEU I 320 50.03 32.92 19.39
N LEU I 321 51.09 33.71 19.22
CA LEU I 321 52.44 33.19 19.01
C LEU I 321 53.43 34.12 19.71
N GLN I 322 54.65 33.60 19.92
CA GLN I 322 55.66 34.34 20.65
C GLN I 322 56.36 35.36 19.75
N ARG I 323 57.02 34.90 18.69
CA ARG I 323 57.76 35.76 17.77
C ARG I 323 57.03 35.93 16.44
N LYS I 324 55.71 36.03 16.52
CA LYS I 324 54.87 36.11 15.32
C LYS I 324 55.12 37.41 14.55
N ASP I 325 54.92 37.33 13.24
CA ASP I 325 54.84 38.52 12.40
C ASP I 325 53.38 38.97 12.38
N ALA I 326 53.09 40.09 13.05
CA ALA I 326 51.71 40.48 13.29
C ALA I 326 51.00 41.00 12.05
N LEU I 327 51.72 41.32 10.98
CA LEU I 327 51.13 41.90 9.77
C LEU I 327 51.17 40.90 8.63
N LEU I 328 50.06 40.81 7.90
CA LEU I 328 49.92 39.93 6.76
C LEU I 328 50.54 40.55 5.50
N SER I 329 51.08 39.68 4.65
CA SER I 329 51.57 40.05 3.33
C SER I 329 50.61 39.56 2.26
N ASP I 330 50.82 40.04 1.04
CA ASP I 330 49.95 39.66 -0.08
C ASP I 330 50.10 38.20 -0.46
N GLU I 331 51.32 37.65 -0.37
CA GLU I 331 51.56 36.28 -0.82
C GLU I 331 50.96 35.27 0.15
N VAL I 332 51.06 35.53 1.46
CA VAL I 332 50.49 34.63 2.45
C VAL I 332 48.97 34.59 2.32
N ARG I 333 48.36 35.74 2.02
CA ARG I 333 46.92 35.77 1.77
C ARG I 333 46.58 35.08 0.45
N ASP I 334 47.44 35.23 -0.56
CA ASP I 334 47.16 34.66 -1.87
C ASP I 334 47.22 33.14 -1.86
N VAL I 335 48.16 32.56 -1.12
CA VAL I 335 48.31 31.11 -1.13
C VAL I 335 47.13 30.40 -0.47
N TRP I 336 46.37 31.08 0.40
CA TRP I 336 45.17 30.47 0.95
C TRP I 336 44.14 30.18 -0.14
N TYR I 337 43.96 31.10 -1.08
CA TYR I 337 42.99 30.89 -2.14
C TYR I 337 43.47 29.87 -3.17
N GLU I 338 44.75 29.52 -3.17
CA GLU I 338 45.25 28.49 -4.07
C GLU I 338 45.29 27.12 -3.41
N LEU I 339 45.48 27.05 -2.09
CA LEU I 339 45.49 25.79 -1.37
C LEU I 339 44.14 25.42 -0.77
N SER I 340 43.16 26.33 -0.79
CA SER I 340 41.90 26.10 -0.10
C SER I 340 40.70 26.43 -0.96
N GLN I 341 40.87 27.34 -1.92
CA GLN I 341 39.86 27.83 -2.86
C GLN I 341 38.76 28.64 -2.18
N GLY I 342 38.87 28.92 -0.89
CA GLY I 342 37.98 29.85 -0.22
C GLY I 342 36.80 29.24 0.51
N VAL I 343 36.59 27.92 0.38
CA VAL I 343 35.49 27.28 1.10
C VAL I 343 35.75 27.39 2.60
N MET I 344 34.70 27.75 3.35
CA MET I 344 34.86 28.08 4.76
C MET I 344 35.26 26.87 5.61
N ASP I 345 35.06 25.66 5.11
CA ASP I 345 35.37 24.47 5.90
C ASP I 345 36.86 24.37 6.20
N ILE I 346 37.71 24.64 5.21
CA ILE I 346 39.13 24.33 5.34
C ILE I 346 40.02 25.57 5.42
N VAL I 347 39.46 26.78 5.33
CA VAL I 347 40.28 27.98 5.52
C VAL I 347 40.71 28.11 6.97
N VAL I 348 39.74 28.11 7.89
CA VAL I 348 40.06 28.17 9.31
C VAL I 348 40.72 26.87 9.76
N LYS I 349 40.42 25.74 9.10
CA LYS I 349 41.14 24.50 9.38
C LYS I 349 42.62 24.65 9.06
N LEU I 350 42.94 25.22 7.90
CA LEU I 350 44.33 25.45 7.54
C LEU I 350 45.01 26.38 8.52
N PHE I 351 44.32 27.46 8.92
CA PHE I 351 44.91 28.38 9.90
C PHE I 351 45.20 27.69 11.22
N VAL I 352 44.22 26.94 11.74
CA VAL I 352 44.39 26.34 13.06
C VAL I 352 45.41 25.21 13.03
N LEU I 353 45.51 24.47 11.93
CA LEU I 353 46.55 23.45 11.84
C LEU I 353 47.92 24.10 11.69
N ALA I 354 48.00 25.20 10.94
CA ALA I 354 49.28 25.89 10.76
C ALA I 354 49.79 26.43 12.08
N GLN I 355 48.90 26.98 12.92
CA GLN I 355 49.35 27.51 14.21
C GLN I 355 49.88 26.40 15.11
N LEU I 356 49.19 25.27 15.16
CA LEU I 356 49.68 24.14 15.97
C LEU I 356 51.01 23.60 15.45
N ARG I 357 51.17 23.50 14.13
CA ARG I 357 52.45 23.02 13.61
C ARG I 357 53.57 24.03 13.86
N ALA I 358 53.26 25.33 13.83
CA ALA I 358 54.26 26.34 14.15
C ALA I 358 54.59 26.37 15.64
N LEU I 359 53.67 25.90 16.48
CA LEU I 359 53.94 25.82 17.91
C LEU I 359 55.13 24.89 18.21
N ALA I 360 55.20 23.76 17.52
CA ALA I 360 56.15 22.70 17.84
C ALA I 360 57.30 22.57 16.85
N LEU I 361 57.06 22.82 15.55
CA LEU I 361 58.07 22.53 14.54
C LEU I 361 59.32 23.40 14.72
N GLY I 362 59.17 24.71 14.58
CA GLY I 362 60.32 25.58 14.58
C GLY I 362 60.07 26.97 15.14
N ASN I 363 60.53 27.99 14.43
CA ASN I 363 60.34 29.37 14.87
C ASN I 363 58.86 29.69 15.01
N GLU I 364 58.53 30.41 16.08
CA GLU I 364 57.13 30.66 16.44
C GLU I 364 56.59 31.84 15.62
N ARG I 365 56.43 31.59 14.33
CA ARG I 365 55.84 32.55 13.42
C ARG I 365 55.16 31.80 12.29
N ILE I 366 54.17 32.44 11.68
CA ILE I 366 53.40 31.84 10.59
C ILE I 366 53.93 32.40 9.27
N THR I 367 54.30 31.50 8.37
CA THR I 367 54.78 31.84 7.04
C THR I 367 53.98 31.08 5.99
N ALA I 368 54.21 31.42 4.73
CA ALA I 368 53.49 30.76 3.66
C ALA I 368 54.01 29.35 3.40
N GLY I 369 55.29 29.09 3.71
CA GLY I 369 55.87 27.80 3.40
C GLY I 369 55.26 26.65 4.17
N LEU I 370 54.99 26.85 5.46
CA LEU I 370 54.43 25.79 6.29
C LEU I 370 53.00 25.44 5.89
N LEU I 371 52.27 26.37 5.27
CA LEU I 371 50.95 26.04 4.76
C LEU I 371 51.03 24.99 3.66
N ARG I 372 52.09 25.03 2.84
CA ARG I 372 52.29 23.97 1.86
C ARG I 372 52.52 22.63 2.54
N GLN I 373 53.29 22.62 3.64
CA GLN I 373 53.48 21.38 4.39
C GLN I 373 52.15 20.84 4.89
N VAL I 374 51.32 21.71 5.46
CA VAL I 374 50.00 21.27 5.96
C VAL I 374 49.16 20.70 4.82
N TYR I 375 49.12 21.43 3.70
CA TYR I 375 48.22 21.06 2.60
C TYR I 375 48.66 19.76 1.93
N GLN I 376 49.95 19.59 1.69
CA GLN I 376 50.46 18.39 1.04
C GLN I 376 50.82 17.28 2.03
N ASP I 377 50.55 17.46 3.32
CA ASP I 377 50.77 16.37 4.27
C ASP I 377 49.47 15.85 4.88
N GLU I 378 48.63 16.73 5.44
CA GLU I 378 47.49 16.25 6.23
C GLU I 378 46.14 16.51 5.60
N LEU I 379 45.96 17.59 4.83
CA LEU I 379 44.68 17.86 4.18
C LEU I 379 44.66 17.15 2.82
N LYS I 380 44.74 15.82 2.91
CA LYS I 380 44.81 14.93 1.75
C LYS I 380 43.47 14.66 1.06
N PRO I 381 42.46 14.11 1.74
CA PRO I 381 41.36 13.45 1.01
C PRO I 381 40.53 14.37 0.12
N VAL I 382 40.48 15.67 0.40
CA VAL I 382 39.57 16.56 -0.33
C VAL I 382 40.28 17.15 -1.54
N HIS I 383 41.42 16.57 -1.92
CA HIS I 383 42.10 16.99 -3.13
C HIS I 383 41.26 16.90 -4.40
N PRO I 384 40.43 15.87 -4.64
CA PRO I 384 39.55 15.91 -5.82
C PRO I 384 38.63 17.13 -5.85
N MET I 385 38.07 17.51 -4.70
CA MET I 385 37.21 18.69 -4.66
C MET I 385 38.01 19.96 -4.95
N LEU I 386 39.22 20.05 -4.40
CA LEU I 386 40.06 21.22 -4.67
C LEU I 386 40.44 21.31 -6.14
N GLU I 387 40.78 20.18 -6.76
CA GLU I 387 41.10 20.18 -8.18
C GLU I 387 39.90 20.57 -9.03
N ALA I 388 38.71 20.06 -8.67
CA ALA I 388 37.50 20.42 -9.40
C ALA I 388 37.21 21.91 -9.27
N LEU I 389 37.41 22.46 -8.07
CA LEU I 389 37.17 23.89 -7.85
C LEU I 389 38.18 24.74 -8.60
N ARG I 390 39.45 24.31 -8.63
CA ARG I 390 40.47 25.04 -9.37
C ARG I 390 40.19 25.03 -10.87
N SER I 391 39.75 23.88 -11.40
CA SER I 391 39.45 23.79 -12.82
C SER I 391 38.28 24.69 -13.20
N GLY I 392 37.33 24.85 -12.29
CA GLY I 392 36.15 25.65 -12.56
C GLY I 392 35.06 24.94 -13.34
N ILE I 393 35.25 23.67 -13.68
CA ILE I 393 34.25 22.91 -14.42
C ILE I 393 33.10 22.55 -13.49
N PRO I 394 31.87 22.96 -13.80
CA PRO I 394 30.74 22.64 -12.90
C PRO I 394 30.50 21.15 -12.73
N GLU I 395 30.75 20.35 -13.77
CA GLU I 395 30.51 18.91 -13.68
C GLU I 395 31.39 18.27 -12.61
N ARG I 396 32.69 18.57 -12.65
CA ARG I 396 33.61 17.99 -11.67
C ARG I 396 33.33 18.50 -10.27
N ILE I 397 32.93 19.76 -10.13
CA ILE I 397 32.57 20.30 -8.82
C ILE I 397 31.36 19.58 -8.26
N ALA I 398 30.35 19.34 -9.10
CA ALA I 398 29.14 18.69 -8.62
C ALA I 398 29.38 17.23 -8.27
N ARG I 399 30.12 16.51 -9.13
CA ARG I 399 30.25 15.06 -8.96
C ARG I 399 31.33 14.66 -7.98
N TYR I 400 32.19 15.59 -7.54
CA TYR I 400 33.16 15.33 -6.48
C TYR I 400 32.85 16.09 -5.19
N SER I 401 31.57 16.21 -4.84
CA SER I 401 31.16 16.74 -3.55
C SER I 401 30.98 15.59 -2.56
N ASP I 402 30.34 15.86 -1.42
CA ASP I 402 29.86 14.93 -0.40
C ASP I 402 30.96 14.36 0.49
N LEU I 403 32.24 14.68 0.26
CA LEU I 403 33.30 14.22 1.13
C LEU I 403 33.62 15.27 2.18
N VAL I 404 33.77 14.84 3.44
CA VAL I 404 33.76 15.76 4.58
C VAL I 404 34.94 15.54 5.51
N VAL I 405 35.98 14.85 5.02
CA VAL I 405 37.23 14.56 5.74
C VAL I 405 36.97 14.18 7.19
N PRO I 406 36.48 12.94 7.44
CA PRO I 406 36.05 12.58 8.79
C PRO I 406 37.20 12.37 9.78
N GLU I 407 36.85 11.91 10.99
CA GLU I 407 37.81 11.64 12.06
C GLU I 407 38.59 12.89 12.46
N ILE I 408 37.91 14.04 12.45
CA ILE I 408 38.55 15.28 12.85
C ILE I 408 38.80 15.33 14.36
N ASP I 409 37.92 14.70 15.15
CA ASP I 409 38.06 14.74 16.61
C ASP I 409 39.31 14.00 17.06
N LYS I 410 39.61 12.86 16.45
CA LYS I 410 40.82 12.13 16.79
C LYS I 410 42.07 12.94 16.43
N ARG I 411 42.05 13.61 15.28
CA ARG I 411 43.16 14.49 14.93
C ARG I 411 43.33 15.61 15.95
N LEU I 412 42.21 16.20 16.38
CA LEU I 412 42.27 17.30 17.35
C LEU I 412 42.86 16.84 18.67
N ILE I 413 42.39 15.71 19.18
CA ILE I 413 42.90 15.24 20.47
C ILE I 413 44.35 14.80 20.35
N GLN I 414 44.74 14.20 19.23
CA GLN I 414 46.14 13.77 19.09
C GLN I 414 47.08 14.96 18.93
N LEU I 415 46.64 16.02 18.25
CA LEU I 415 47.50 17.20 18.15
C LEU I 415 47.58 17.92 19.48
N GLN I 416 46.49 17.89 20.27
CA GLN I 416 46.56 18.46 21.62
C GLN I 416 47.50 17.66 22.52
N LEU I 417 47.54 16.35 22.36
CA LEU I 417 48.41 15.51 23.19
C LEU I 417 49.86 15.55 22.75
N ASP I 418 50.12 15.73 21.45
CA ASP I 418 51.46 15.54 20.92
C ASP I 418 52.46 16.61 21.38
N ILE I 419 51.96 17.75 21.86
CA ILE I 419 52.84 18.86 22.22
C ILE I 419 53.55 18.59 23.53
N ALA I 420 53.15 17.50 24.21
CA ALA I 420 53.74 17.18 25.51
C ALA I 420 55.22 16.83 25.39
N ALA I 421 55.59 16.09 24.35
CA ALA I 421 56.93 15.53 24.23
C ALA I 421 57.89 16.55 23.61
N ILE I 422 58.00 17.69 24.29
CA ILE I 422 58.97 18.71 23.91
C ILE I 422 59.76 19.12 25.16
N GLN I 423 60.91 18.47 25.35
CA GLN I 423 61.76 18.80 26.50
C GLN I 423 62.58 20.05 26.26
N GLU I 424 62.99 20.29 25.01
CA GLU I 424 63.82 21.45 24.70
C GLU I 424 63.06 22.74 24.88
N GLN I 425 63.76 23.79 25.33
CA GLN I 425 63.18 25.11 25.53
C GLN I 425 63.78 26.08 24.52
N THR I 426 62.91 26.76 23.77
CA THR I 426 63.33 27.89 22.97
C THR I 426 63.77 29.03 23.90
N PRO I 427 64.81 29.78 23.51
CA PRO I 427 65.35 30.81 24.42
C PRO I 427 64.32 31.82 24.93
N GLU I 428 63.30 32.14 24.12
CA GLU I 428 62.32 33.15 24.55
C GLU I 428 61.58 32.71 25.81
N GLU I 429 60.99 31.52 25.79
CA GLU I 429 60.19 31.12 26.94
C GLU I 429 61.08 30.69 28.11
N LYS I 430 62.29 30.19 27.84
CA LYS I 430 63.18 29.88 28.96
C LYS I 430 63.63 31.17 29.66
N ALA I 431 63.84 32.24 28.88
CA ALA I 431 64.10 33.54 29.49
C ALA I 431 62.91 34.03 30.28
N LEU I 432 61.70 33.78 29.76
CA LEU I 432 60.49 34.13 30.50
C LEU I 432 60.40 33.40 31.83
N GLN I 433 60.71 32.10 31.84
CA GLN I 433 60.58 31.31 33.07
C GLN I 433 61.68 31.62 34.07
N GLU I 434 62.93 31.78 33.61
CA GLU I 434 64.00 32.11 34.54
C GLU I 434 63.75 33.48 35.18
N LEU I 435 63.12 34.39 34.44
CA LEU I 435 62.56 35.60 35.03
C LEU I 435 61.36 35.25 35.91
N ASP I 436 61.26 35.90 37.06
CA ASP I 436 60.10 35.75 37.91
C ASP I 436 58.85 36.21 37.16
N THR I 437 57.74 35.50 37.36
CA THR I 437 56.51 35.77 36.62
C THR I 437 55.65 36.79 37.37
N GLU I 438 56.15 38.02 37.41
CA GLU I 438 55.37 39.15 37.90
C GLU I 438 54.45 39.73 36.84
N ASP I 439 54.49 39.20 35.61
CA ASP I 439 53.67 39.65 34.50
C ASP I 439 53.91 41.12 34.17
N GLN I 440 55.16 41.56 34.35
CA GLN I 440 55.64 42.83 33.83
C GLN I 440 56.24 42.68 32.45
N ARG I 441 56.16 41.48 31.87
CA ARG I 441 56.73 41.16 30.57
C ARG I 441 55.88 41.65 29.42
N HIS I 442 54.80 42.38 29.68
CA HIS I 442 54.08 43.06 28.61
C HIS I 442 55.01 44.04 27.89
N LEU I 443 55.87 44.73 28.64
CA LEU I 443 56.89 45.58 28.03
C LEU I 443 57.88 44.76 27.22
N TYR I 444 58.26 43.59 27.74
CA TYR I 444 59.21 42.73 27.03
C TYR I 444 58.64 42.29 25.68
N LEU I 445 57.37 41.92 25.65
CA LEU I 445 56.73 41.53 24.40
C LEU I 445 56.48 42.74 23.50
N MET I 446 56.21 43.91 24.10
CA MET I 446 55.97 45.12 23.32
C MET I 446 57.22 45.57 22.58
N LEU I 447 58.37 45.57 23.26
CA LEU I 447 59.58 46.19 22.74
C LEU I 447 60.63 45.14 22.34
N LYS I 448 60.20 44.00 21.82
CA LYS I 448 61.14 42.94 21.48
C LYS I 448 62.06 43.34 20.33
N GLU I 449 61.48 43.96 19.29
CA GLU I 449 62.24 44.16 18.05
C GLU I 449 63.35 45.19 18.22
N ASP I 450 63.08 46.29 18.94
CA ASP I 450 63.97 47.44 18.92
C ASP I 450 65.32 47.13 19.56
N TYR I 451 65.32 46.40 20.67
CA TYR I 451 66.56 46.14 21.41
C TYR I 451 66.70 44.65 21.69
N ASP I 452 67.96 44.25 21.89
CA ASP I 452 68.28 42.84 22.11
C ASP I 452 67.89 42.40 23.51
N SER I 453 67.50 41.13 23.63
CA SER I 453 67.06 40.59 24.91
C SER I 453 68.15 40.65 25.97
N SER I 454 69.41 40.45 25.55
CA SER I 454 70.52 40.46 26.49
C SER I 454 70.64 41.80 27.18
N LEU I 455 70.37 42.90 26.47
CA LEU I 455 70.41 44.21 27.08
C LEU I 455 69.20 44.44 27.97
N LEU I 456 68.06 43.81 27.65
CA LEU I 456 66.79 44.15 28.27
C LEU I 456 66.49 43.33 29.52
N ILE I 457 66.41 42.00 29.41
CA ILE I 457 65.85 41.21 30.51
C ILE I 457 66.69 41.27 31.80
N PRO I 458 68.03 41.22 31.75
CA PRO I 458 68.76 41.45 33.02
C PRO I 458 68.50 42.82 33.61
N THR I 459 68.36 43.83 32.75
CA THR I 459 68.09 45.19 33.22
C THR I 459 66.72 45.28 33.86
N ILE I 460 65.71 44.61 33.27
CA ILE I 460 64.39 44.67 33.88
C ILE I 460 64.36 43.86 35.18
N LYS I 461 65.16 42.80 35.28
CA LYS I 461 65.31 42.13 36.57
C LYS I 461 65.86 43.10 37.61
N LYS I 462 66.90 43.84 37.25
CA LYS I 462 67.52 44.77 38.20
C LYS I 462 66.54 45.88 38.60
N ALA I 463 65.75 46.37 37.64
CA ALA I 463 64.79 47.43 37.94
C ALA I 463 63.64 46.92 38.80
N PHE I 464 63.10 45.74 38.47
CA PHE I 464 62.00 45.17 39.23
C PHE I 464 62.43 44.68 40.60
N SER I 465 63.75 44.51 40.81
CA SER I 465 64.24 44.25 42.16
C SER I 465 63.90 45.41 43.10
N GLN I 466 64.07 46.65 42.63
CA GLN I 466 63.61 47.83 43.34
C GLN I 466 62.83 48.71 42.36
N ASN I 467 61.59 48.33 42.09
CA ASN I 467 60.69 49.19 41.34
C ASN I 467 60.31 50.40 42.20
N PRO I 468 60.28 51.60 41.63
CA PRO I 468 59.83 52.78 42.41
C PRO I 468 58.40 52.67 42.90
N THR I 469 57.50 52.13 42.08
CA THR I 469 56.10 52.03 42.43
C THR I 469 55.50 50.80 41.76
N MET I 470 54.46 50.24 42.38
CA MET I 470 53.82 49.03 41.90
C MET I 470 53.04 49.22 40.60
N THR I 471 52.79 50.46 40.19
CA THR I 471 51.89 50.72 39.07
C THR I 471 52.50 50.22 37.76
N ARG I 472 51.62 49.76 36.86
CA ARG I 472 52.05 49.29 35.55
C ARG I 472 51.16 49.93 34.49
N GLN I 473 51.80 50.26 33.36
CA GLN I 473 51.23 50.85 32.15
C GLN I 473 50.90 52.33 32.38
N LYS I 474 50.88 52.75 33.65
CA LYS I 474 51.05 54.16 33.97
C LYS I 474 52.51 54.48 34.23
N LEU I 475 53.26 53.51 34.78
CA LEU I 475 54.67 53.67 35.09
C LEU I 475 55.55 53.02 34.03
N LEU I 476 54.98 52.62 32.89
CA LEU I 476 55.78 52.01 31.83
C LEU I 476 56.89 52.89 31.28
N PRO I 477 56.69 54.19 30.99
CA PRO I 477 57.76 54.96 30.35
C PRO I 477 59.06 55.05 31.16
N LEU I 478 58.99 55.08 32.49
CA LEU I 478 60.19 55.26 33.30
C LEU I 478 61.17 54.11 33.12
N VAL I 479 60.67 52.87 33.06
CA VAL I 479 61.52 51.72 32.80
C VAL I 479 62.23 51.88 31.47
N LEU I 480 61.50 52.38 30.46
CA LEU I 480 62.09 52.64 29.16
C LEU I 480 63.22 53.66 29.24
N GLN I 481 63.05 54.70 30.07
CA GLN I 481 64.11 55.68 30.25
C GLN I 481 65.33 55.05 30.91
N TRP I 482 65.12 54.15 31.88
CA TRP I 482 66.24 53.34 32.34
C TRP I 482 66.70 52.35 31.28
N LEU I 483 65.76 51.86 30.46
CA LEU I 483 66.08 50.86 29.45
C LEU I 483 66.99 51.46 28.37
N MET I 484 66.71 52.68 27.93
CA MET I 484 67.50 53.29 26.86
C MET I 484 68.93 53.56 27.33
N GLU I 485 69.10 54.05 28.55
CA GLU I 485 70.42 54.28 29.11
C GLU I 485 70.58 53.56 30.45
N THR J 4 -10.22 21.03 -4.08
CA THR J 4 -10.97 22.16 -3.56
C THR J 4 -12.40 22.10 -4.10
N ARG J 5 -13.24 21.33 -3.42
CA ARG J 5 -14.60 21.05 -3.90
C ARG J 5 -15.56 22.06 -3.28
N ILE J 6 -15.98 23.04 -4.09
CA ILE J 6 -16.95 24.05 -3.65
C ILE J 6 -18.36 23.51 -3.89
N GLN J 7 -19.23 23.66 -2.89
CA GLN J 7 -20.62 23.25 -3.03
C GLN J 7 -21.31 24.08 -4.10
N ALA J 8 -22.30 23.46 -4.76
CA ALA J 8 -22.94 24.05 -5.93
C ALA J 8 -24.27 24.71 -5.56
N VAL J 9 -24.46 25.93 -6.05
CA VAL J 9 -25.74 26.64 -5.95
C VAL J 9 -26.04 27.25 -7.31
N TYR J 10 -27.30 27.18 -7.72
CA TYR J 10 -27.68 27.50 -9.09
C TYR J 10 -28.35 28.87 -9.17
N ARG J 11 -28.21 29.50 -10.34
CA ARG J 11 -28.82 30.79 -10.61
C ARG J 11 -29.26 30.84 -12.06
N ASP J 12 -30.46 31.39 -12.29
CA ASP J 12 -31.03 31.41 -13.64
C ASP J 12 -30.28 32.40 -14.53
N THR J 13 -30.18 32.04 -15.80
CA THR J 13 -29.43 32.84 -16.77
C THR J 13 -30.35 33.38 -17.85
N GLY J 14 -29.98 34.53 -18.41
CA GLY J 14 -30.82 35.18 -19.40
C GLY J 14 -30.97 34.37 -20.68
N VAL J 15 -29.90 33.73 -21.12
CA VAL J 15 -29.95 32.94 -22.36
C VAL J 15 -30.87 31.74 -22.18
N GLU J 16 -31.70 31.49 -23.17
CA GLU J 16 -32.68 30.40 -23.12
C GLU J 16 -32.11 29.07 -23.57
N ALA J 17 -30.92 29.05 -24.18
CA ALA J 17 -30.30 27.80 -24.60
C ALA J 17 -29.82 26.96 -23.43
N TYR J 18 -29.78 27.52 -22.22
CA TYR J 18 -29.34 26.83 -21.01
C TYR J 18 -30.38 26.99 -19.91
N ARG J 19 -31.64 26.76 -20.27
CA ARG J 19 -32.73 26.96 -19.31
C ARG J 19 -32.61 26.00 -18.14
N ASP J 20 -32.29 24.74 -18.40
CA ASP J 20 -32.27 23.72 -17.34
C ASP J 20 -30.94 22.97 -17.28
N ASN J 21 -29.86 23.55 -17.82
CA ASN J 21 -28.57 22.88 -17.79
C ASN J 21 -27.89 23.14 -16.45
N PRO J 22 -27.60 22.11 -15.66
CA PRO J 22 -26.98 22.35 -14.34
C PRO J 22 -25.51 22.72 -14.42
N PHE J 23 -24.78 22.13 -15.36
CA PHE J 23 -23.34 22.34 -15.44
C PHE J 23 -22.96 23.77 -15.80
N ILE J 24 -23.85 24.53 -16.42
CA ILE J 24 -23.56 25.93 -16.69
C ILE J 24 -24.06 26.84 -15.57
N GLU J 25 -25.20 26.49 -14.95
CA GLU J 25 -25.74 27.32 -13.88
C GLU J 25 -24.99 27.15 -12.57
N ALA J 26 -24.20 26.08 -12.44
CA ALA J 26 -23.37 25.89 -11.25
C ALA J 26 -22.11 26.76 -11.28
N LEU J 27 -21.95 27.59 -12.30
CA LEU J 27 -20.78 28.42 -12.51
C LEU J 27 -21.05 29.87 -12.10
N PRO J 28 -20.02 30.70 -12.03
CA PRO J 28 -20.23 32.13 -11.82
C PRO J 28 -21.08 32.70 -12.94
N PRO J 29 -21.82 33.78 -12.67
CA PRO J 29 -22.72 34.34 -13.69
C PRO J 29 -21.95 34.87 -14.88
N LEU J 30 -22.68 34.94 -16.01
CA LEU J 30 -22.10 35.47 -17.24
C LEU J 30 -21.60 36.90 -17.03
N GLN J 31 -20.37 37.15 -17.45
CA GLN J 31 -19.68 38.39 -17.12
C GLN J 31 -20.22 39.53 -17.98
N GLU J 32 -20.95 40.46 -17.35
CA GLU J 32 -21.34 41.69 -18.02
C GLU J 32 -20.07 42.50 -18.29
N SER J 33 -19.69 42.58 -19.56
CA SER J 33 -18.36 43.09 -19.93
C SER J 33 -18.30 44.61 -19.79
N VAL J 34 -18.42 45.06 -18.54
CA VAL J 34 -18.17 46.45 -18.19
C VAL J 34 -17.01 46.49 -17.21
N ASN J 35 -16.90 45.46 -16.37
CA ASN J 35 -15.80 45.31 -15.43
C ASN J 35 -15.39 43.84 -15.34
N SER J 36 -15.45 43.13 -16.47
CA SER J 36 -15.05 41.73 -16.48
C SER J 36 -13.57 41.55 -16.21
N ALA J 37 -12.74 42.41 -16.81
CA ALA J 37 -11.30 42.37 -16.60
C ALA J 37 -10.80 43.45 -15.66
N ALA J 38 -11.72 44.21 -15.04
CA ALA J 38 -11.31 45.23 -14.08
C ALA J 38 -10.76 44.60 -12.80
N SER J 39 -11.28 43.43 -12.41
CA SER J 39 -10.76 42.75 -11.23
C SER J 39 -9.36 42.19 -11.46
N LEU J 40 -8.96 42.01 -12.71
CA LEU J 40 -7.62 41.54 -13.02
C LEU J 40 -6.55 42.53 -12.58
N LYS J 41 -6.89 43.82 -12.47
CA LYS J 41 -5.93 44.85 -12.11
C LYS J 41 -5.37 44.60 -10.72
N SER J 42 -4.04 44.52 -10.62
CA SER J 42 -3.35 44.29 -9.36
C SER J 42 -2.15 45.21 -9.25
N SER J 43 -1.94 45.74 -8.05
CA SER J 43 -0.79 46.59 -7.77
C SER J 43 -0.44 46.45 -6.30
N LEU J 44 0.85 46.26 -6.01
CA LEU J 44 1.29 46.12 -4.64
C LEU J 44 1.16 47.46 -3.93
N GLN J 45 0.96 47.41 -2.61
CA GLN J 45 0.44 48.55 -1.87
C GLN J 45 1.34 49.78 -1.98
N LEU J 46 2.64 49.62 -1.73
CA LEU J 46 3.60 50.72 -1.70
C LEU J 46 3.14 51.82 -0.73
N THR J 47 3.02 51.44 0.54
CA THR J 47 2.67 52.40 1.58
C THR J 47 3.80 53.41 1.76
N SER J 48 3.43 54.64 2.14
CA SER J 48 4.40 55.72 2.27
C SER J 48 5.43 55.46 3.35
N SER J 49 5.10 54.64 4.35
CA SER J 49 6.03 54.33 5.43
C SER J 49 7.14 53.38 5.01
N ASP J 50 7.01 52.71 3.86
CA ASP J 50 8.02 51.77 3.41
C ASP J 50 9.23 52.45 2.76
N LEU J 51 9.18 53.77 2.55
CA LEU J 51 10.29 54.46 1.93
C LEU J 51 11.53 54.43 2.82
N GLN J 52 11.38 54.79 4.09
CA GLN J 52 12.48 54.78 5.04
C GLN J 52 12.55 53.38 5.64
N LYS J 53 13.39 52.53 5.06
CA LYS J 53 13.47 51.14 5.45
C LYS J 53 14.84 50.60 5.05
N SER J 54 15.18 49.44 5.61
CA SER J 54 16.48 48.82 5.35
C SER J 54 16.58 48.41 3.88
N ARG J 55 17.83 48.36 3.40
CA ARG J 55 18.07 48.05 1.99
C ARG J 55 17.67 46.63 1.63
N VAL J 56 17.80 45.68 2.57
CA VAL J 56 17.50 44.29 2.28
C VAL J 56 16.01 44.11 1.98
N ILE J 57 15.15 44.69 2.82
CA ILE J 57 13.71 44.55 2.63
C ILE J 57 13.26 45.28 1.37
N ARG J 58 13.84 46.45 1.10
CA ARG J 58 13.51 47.18 -0.12
C ARG J 58 13.93 46.40 -1.36
N ALA J 59 15.10 45.77 -1.32
CA ALA J 59 15.54 44.92 -2.43
C ALA J 59 14.62 43.72 -2.59
N HIS J 60 14.14 43.16 -1.48
CA HIS J 60 13.19 42.05 -1.55
C HIS J 60 11.90 42.49 -2.22
N THR J 61 11.40 43.67 -1.88
CA THR J 61 10.20 44.19 -2.53
C THR J 61 10.45 44.44 -4.02
N ILE J 62 11.64 44.95 -4.36
CA ILE J 62 11.98 45.17 -5.76
C ILE J 62 11.96 43.86 -6.53
N CYS J 63 12.53 42.80 -5.94
CA CYS J 63 12.49 41.50 -6.58
C CYS J 63 11.06 40.94 -6.64
N ARG J 64 10.21 41.33 -5.68
CA ARG J 64 8.84 40.84 -5.66
C ARG J 64 7.92 41.59 -6.62
N ILE J 65 8.35 42.77 -7.12
CA ILE J 65 7.52 43.55 -8.03
C ILE J 65 6.93 42.74 -9.20
N PRO J 66 7.70 41.97 -9.97
CA PRO J 66 7.11 41.34 -11.16
C PRO J 66 5.97 40.37 -10.86
N ASP J 67 5.97 39.72 -9.71
CA ASP J 67 4.92 38.74 -9.40
C ASP J 67 3.60 39.44 -9.07
N ASP J 68 3.65 40.53 -8.31
CA ASP J 68 2.45 41.15 -7.77
C ASP J 68 1.92 42.29 -8.65
N TYR J 69 2.49 42.51 -9.82
CA TYR J 69 2.05 43.57 -10.72
C TYR J 69 1.49 42.95 -11.99
N PHE J 70 0.30 43.37 -12.38
CA PHE J 70 -0.36 42.84 -13.58
C PHE J 70 -1.28 43.91 -14.12
N GLN J 71 -0.88 44.55 -15.23
CA GLN J 71 -1.65 45.64 -15.81
C GLN J 71 -2.62 45.07 -16.83
N PRO J 72 -3.93 45.19 -16.62
CA PRO J 72 -4.89 44.71 -17.63
C PRO J 72 -4.93 45.64 -18.83
N LEU J 73 -4.61 45.10 -20.00
CA LEU J 73 -4.63 45.87 -21.23
C LEU J 73 -6.03 45.86 -21.85
N GLY J 74 -6.18 46.54 -22.98
CA GLY J 74 -7.44 46.55 -23.68
C GLY J 74 -7.68 45.35 -24.59
N THR J 75 -6.66 44.52 -24.81
CA THR J 75 -6.80 43.33 -25.63
C THR J 75 -7.11 42.09 -24.81
N HIS J 76 -7.05 42.17 -23.48
CA HIS J 76 -7.44 41.05 -22.63
C HIS J 76 -8.94 40.85 -22.59
N LEU J 77 -9.72 41.89 -22.90
CA LEU J 77 -11.18 41.77 -22.90
C LEU J 77 -11.65 40.76 -23.95
N LEU J 78 -11.06 40.82 -25.15
CA LEU J 78 -11.43 39.87 -26.20
C LEU J 78 -11.09 38.45 -25.81
N LEU J 79 -9.91 38.24 -25.21
CA LEU J 79 -9.52 36.90 -24.79
C LEU J 79 -10.45 36.38 -23.69
N SER J 80 -10.78 37.22 -22.71
CA SER J 80 -11.70 36.80 -21.65
C SER J 80 -13.07 36.47 -22.20
N GLU J 81 -13.57 37.29 -23.13
CA GLU J 81 -14.87 37.01 -23.73
C GLU J 81 -14.85 35.70 -24.50
N ARG J 82 -13.78 35.45 -25.27
CA ARG J 82 -13.67 34.19 -26.01
C ARG J 82 -13.63 33.00 -25.07
N ILE J 83 -12.85 33.10 -23.99
CA ILE J 83 -12.76 32.00 -23.03
C ILE J 83 -14.12 31.72 -22.41
N SER J 84 -14.84 32.78 -22.04
CA SER J 84 -16.19 32.59 -21.48
C SER J 84 -17.11 31.91 -22.49
N VAL J 85 -17.05 32.34 -23.76
CA VAL J 85 -17.94 31.77 -24.77
C VAL J 85 -17.66 30.29 -24.97
N MET J 86 -16.40 29.92 -25.18
CA MET J 86 -16.14 28.52 -25.51
C MET J 86 -15.93 27.64 -24.28
N ILE J 87 -16.06 28.17 -23.07
CA ILE J 87 -16.20 27.33 -21.89
C ILE J 87 -17.67 27.12 -21.52
N ARG J 88 -18.50 28.16 -21.57
CA ARG J 88 -19.92 28.02 -21.27
C ARG J 88 -20.76 27.84 -22.52
N GLY J 89 -20.15 27.43 -23.63
CA GLY J 89 -20.89 27.11 -24.84
C GLY J 89 -20.72 25.67 -25.27
N GLY J 90 -19.74 24.98 -24.70
CA GLY J 90 -19.45 23.60 -25.01
C GLY J 90 -20.12 22.58 -24.11
N TYR J 91 -21.08 22.99 -23.29
CA TYR J 91 -21.75 22.10 -22.36
C TYR J 91 -23.15 21.69 -22.82
N VAL J 92 -23.50 21.97 -24.08
CA VAL J 92 -24.83 21.59 -24.58
C VAL J 92 -24.94 20.07 -24.71
N GLY J 93 -23.88 19.42 -25.16
CA GLY J 93 -23.90 17.99 -25.40
C GLY J 93 -23.55 17.11 -24.23
N ARG J 94 -23.28 17.69 -23.07
CA ARG J 94 -22.92 16.96 -21.86
C ARG J 94 -23.90 17.25 -20.73
N ASN J 95 -25.16 17.49 -21.09
CA ASN J 95 -26.20 17.84 -20.13
C ASN J 95 -26.63 16.60 -19.34
N PRO J 96 -26.54 16.65 -18.01
CA PRO J 96 -27.07 15.55 -17.19
C PRO J 96 -28.54 15.69 -16.83
N LYS J 97 -29.14 16.84 -17.08
CA LYS J 97 -30.55 17.08 -16.77
C LYS J 97 -31.40 16.37 -17.80
N THR J 98 -31.48 15.05 -17.66
CA THR J 98 -32.28 14.20 -18.54
C THR J 98 -33.35 13.52 -17.69
N GLY J 99 -34.62 13.78 -18.01
CA GLY J 99 -35.73 13.19 -17.28
C GLY J 99 -35.93 11.74 -17.67
N ASP J 100 -37.17 11.27 -17.47
CA ASP J 100 -37.55 9.91 -17.82
C ASP J 100 -37.70 9.82 -19.34
N LEU J 101 -36.54 9.76 -20.02
CA LEU J 101 -36.53 9.73 -21.47
C LEU J 101 -36.99 8.40 -22.04
N GLN J 102 -37.05 7.35 -21.22
CA GLN J 102 -37.53 6.05 -21.70
C GLN J 102 -38.96 6.15 -22.21
N LYS J 103 -39.84 6.78 -21.42
CA LYS J 103 -41.24 6.93 -21.82
C LYS J 103 -41.39 7.80 -23.05
N HIS J 104 -40.63 8.90 -23.12
CA HIS J 104 -40.71 9.78 -24.28
C HIS J 104 -40.25 9.07 -25.55
N LEU J 105 -39.13 8.35 -25.47
CA LEU J 105 -38.64 7.62 -26.64
C LEU J 105 -39.60 6.51 -27.04
N GLN J 106 -40.16 5.79 -26.07
CA GLN J 106 -41.12 4.74 -26.39
C GLN J 106 -42.37 5.31 -27.05
N ASN J 107 -42.87 6.44 -26.54
CA ASN J 107 -44.05 7.06 -27.13
C ASN J 107 -43.77 7.54 -28.54
N GLY J 108 -42.60 8.14 -28.77
CA GLY J 108 -42.23 8.55 -30.11
C GLY J 108 -42.12 7.37 -31.07
N TYR J 109 -41.53 6.28 -30.59
CA TYR J 109 -41.41 5.07 -31.41
C TYR J 109 -42.79 4.50 -31.75
N GLU J 110 -43.70 4.50 -30.78
CA GLU J 110 -45.06 4.02 -31.05
C GLU J 110 -45.78 4.92 -32.05
N ARG J 111 -45.63 6.23 -31.92
CA ARG J 111 -46.38 7.15 -32.77
C ARG J 111 -45.79 7.31 -34.16
N VAL J 112 -44.50 7.02 -34.34
CA VAL J 112 -43.92 7.17 -35.67
C VAL J 112 -44.28 5.99 -36.57
N GLN J 113 -44.58 4.83 -35.99
CA GLN J 113 -44.88 3.64 -36.78
C GLN J 113 -46.34 3.53 -37.17
N THR J 114 -47.26 4.13 -36.40
CA THR J 114 -48.68 4.02 -36.68
C THR J 114 -49.18 5.04 -37.69
N GLY J 115 -48.31 5.95 -38.15
CA GLY J 115 -48.68 6.91 -39.17
C GLY J 115 -49.05 8.28 -38.66
N GLU J 116 -49.29 8.43 -37.36
CA GLU J 116 -49.62 9.75 -36.81
C GLU J 116 -48.48 10.74 -37.00
N LEU J 117 -47.26 10.30 -36.74
CA LEU J 117 -46.07 11.10 -37.01
C LEU J 117 -45.20 10.38 -38.03
N GLU J 118 -44.48 11.16 -38.84
CA GLU J 118 -43.66 10.62 -39.90
C GLU J 118 -42.17 10.74 -39.64
N THR J 119 -41.76 11.51 -38.63
CA THR J 119 -40.34 11.64 -38.31
C THR J 119 -40.18 12.10 -36.87
N PHE J 120 -39.04 11.73 -36.29
CA PHE J 120 -38.67 12.16 -34.94
C PHE J 120 -37.18 11.89 -34.75
N ARG J 121 -36.48 12.82 -34.11
CA ARG J 121 -35.06 12.63 -33.85
C ARG J 121 -34.85 11.83 -32.58
N PHE J 122 -34.00 10.79 -32.66
CA PHE J 122 -33.73 9.92 -31.53
C PHE J 122 -32.28 9.98 -31.06
N GLU J 123 -31.45 10.85 -31.62
CA GLU J 123 -30.02 10.84 -31.37
C GLU J 123 -29.63 11.98 -30.44
N GLU J 124 -28.78 11.67 -29.46
CA GLU J 124 -28.26 12.66 -28.53
C GLU J 124 -26.77 12.92 -28.76
N ALA J 125 -26.13 12.19 -29.67
CA ALA J 125 -24.71 12.36 -29.94
C ALA J 125 -24.49 13.67 -30.71
N ARG J 126 -24.65 14.77 -29.98
CA ARG J 126 -24.56 16.12 -30.51
C ARG J 126 -23.50 16.88 -29.70
N SER J 127 -22.27 16.88 -30.20
CA SER J 127 -21.17 17.54 -29.52
C SER J 127 -20.24 18.14 -30.56
N THR J 128 -20.22 19.47 -30.67
CA THR J 128 -19.36 20.18 -31.60
C THR J 128 -18.16 20.72 -30.82
N ALA J 129 -17.00 20.09 -31.02
CA ALA J 129 -15.79 20.51 -30.31
C ALA J 129 -15.24 21.79 -30.90
N GLN J 130 -14.68 22.63 -30.02
CA GLN J 130 -14.09 23.90 -30.41
C GLN J 130 -12.59 23.88 -30.11
N SER J 131 -11.80 24.49 -30.98
CA SER J 131 -10.36 24.55 -30.79
C SER J 131 -9.86 25.95 -31.15
N LEU J 132 -8.71 26.32 -30.58
CA LEU J 132 -8.20 27.68 -30.72
C LEU J 132 -6.71 27.69 -30.43
N LEU J 133 -5.95 28.40 -31.26
CA LEU J 133 -4.55 28.70 -31.00
C LEU J 133 -4.40 30.09 -30.40
N LEU J 134 -3.40 30.26 -29.55
CA LEU J 134 -3.00 31.58 -29.05
C LEU J 134 -1.53 31.75 -29.44
N ILE J 135 -1.29 32.53 -30.50
CA ILE J 135 0.03 32.67 -31.09
C ILE J 135 0.55 34.08 -30.82
N GLY J 136 1.78 34.17 -30.35
CA GLY J 136 2.40 35.46 -30.10
C GLY J 136 3.86 35.28 -29.74
N CYS J 137 4.59 36.40 -29.82
CA CYS J 137 6.00 36.39 -29.49
C CYS J 137 6.20 36.05 -28.02
N SER J 138 7.26 35.30 -27.73
CA SER J 138 7.54 34.89 -26.36
C SER J 138 7.90 36.11 -25.51
N GLY J 139 7.46 36.09 -24.26
CA GLY J 139 7.63 37.22 -23.37
C GLY J 139 6.46 38.19 -23.35
N SER J 140 5.43 37.97 -24.16
CA SER J 140 4.29 38.86 -24.18
C SER J 140 3.27 38.54 -23.09
N GLY J 141 3.51 37.52 -22.27
CA GLY J 141 2.61 37.19 -21.18
C GLY J 141 1.46 36.31 -21.59
N LYS J 142 1.76 35.13 -22.14
CA LYS J 142 0.73 34.20 -22.57
C LYS J 142 0.36 33.17 -21.51
N THR J 143 1.02 33.19 -20.35
CA THR J 143 0.74 32.23 -19.29
C THR J 143 0.22 32.89 -18.03
N THR J 144 0.87 33.95 -17.54
CA THR J 144 0.35 34.64 -16.37
C THR J 144 -0.97 35.35 -16.68
N SER J 145 -1.08 35.94 -17.88
CA SER J 145 -2.30 36.61 -18.31
C SER J 145 -3.36 35.63 -18.78
N LEU J 146 -3.12 34.34 -18.61
CA LEU J 146 -4.15 33.32 -18.77
C LEU J 146 -4.52 32.69 -17.44
N HIS J 147 -3.54 32.47 -16.55
CA HIS J 147 -3.85 31.98 -15.22
C HIS J 147 -4.65 33.00 -14.43
N ARG J 148 -4.33 34.29 -14.59
CA ARG J 148 -5.08 35.33 -13.89
C ARG J 148 -6.54 35.36 -14.35
N ILE J 149 -6.77 35.19 -15.65
CA ILE J 149 -8.15 35.18 -16.15
C ILE J 149 -8.87 33.92 -15.70
N LEU J 150 -8.21 32.76 -15.77
CA LEU J 150 -8.87 31.51 -15.46
C LEU J 150 -8.99 31.23 -13.98
N ALA J 151 -8.36 32.05 -13.12
CA ALA J 151 -8.55 31.89 -11.68
C ALA J 151 -9.90 32.40 -11.20
N THR J 152 -10.63 33.16 -12.04
CA THR J 152 -11.95 33.62 -11.65
C THR J 152 -12.95 32.47 -11.59
N TYR J 153 -12.78 31.45 -12.43
CA TYR J 153 -13.69 30.31 -12.47
C TYR J 153 -13.21 29.25 -11.49
N PRO J 154 -14.08 28.74 -10.61
CA PRO J 154 -13.68 27.66 -9.71
C PRO J 154 -13.28 26.41 -10.49
N GLN J 155 -12.22 25.75 -10.02
CA GLN J 155 -11.73 24.58 -10.73
C GLN J 155 -12.61 23.35 -10.47
N VAL J 156 -13.13 23.21 -9.25
CA VAL J 156 -13.93 22.04 -8.86
C VAL J 156 -15.24 22.52 -8.28
N ILE J 157 -16.35 21.99 -8.78
CA ILE J 157 -17.67 22.26 -8.23
C ILE J 157 -18.36 20.92 -7.99
N TYR J 158 -18.91 20.75 -6.80
CA TYR J 158 -19.49 19.49 -6.37
C TYR J 158 -21.01 19.62 -6.27
N HIS J 159 -21.72 18.68 -6.89
CA HIS J 159 -23.17 18.63 -6.84
C HIS J 159 -23.61 17.65 -5.75
N ARG J 160 -24.52 18.11 -4.88
CA ARG J 160 -25.00 17.23 -3.82
C ARG J 160 -25.95 16.17 -4.36
N GLU J 161 -26.86 16.56 -5.25
CA GLU J 161 -27.84 15.60 -5.78
C GLU J 161 -27.16 14.50 -6.60
N LEU J 162 -26.23 14.87 -7.46
CA LEU J 162 -25.48 13.91 -8.25
C LEU J 162 -24.21 13.52 -7.51
N ASN J 163 -23.31 12.79 -8.19
CA ASN J 163 -22.01 12.43 -7.64
C ASN J 163 -20.93 12.70 -8.68
N VAL J 164 -21.03 13.84 -9.37
CA VAL J 164 -20.14 14.18 -10.47
C VAL J 164 -19.58 15.57 -10.22
N GLU J 165 -18.37 15.82 -10.73
CA GLU J 165 -17.69 17.10 -10.58
C GLU J 165 -17.40 17.70 -11.95
N GLN J 166 -17.34 19.02 -12.00
CA GLN J 166 -17.03 19.76 -13.23
C GLN J 166 -15.64 20.41 -13.09
N VAL J 167 -14.63 19.76 -13.69
CA VAL J 167 -13.29 20.32 -13.74
C VAL J 167 -13.29 21.39 -14.81
N VAL J 168 -13.46 22.65 -14.40
CA VAL J 168 -13.71 23.72 -15.35
C VAL J 168 -12.48 23.98 -16.22
N TYR J 169 -11.31 24.08 -15.60
CA TYR J 169 -10.07 24.30 -16.33
C TYR J 169 -9.01 23.32 -15.83
N LEU J 170 -8.19 22.84 -16.77
CA LEU J 170 -7.09 21.95 -16.46
C LEU J 170 -5.88 22.42 -17.25
N LYS J 171 -4.80 22.74 -16.54
CA LYS J 171 -3.63 23.39 -17.13
C LYS J 171 -2.48 22.41 -17.23
N ILE J 172 -1.82 22.39 -18.40
CA ILE J 172 -0.68 21.51 -18.65
C ILE J 172 0.43 22.32 -19.29
N ASP J 173 1.67 22.05 -18.87
CA ASP J 173 2.85 22.63 -19.50
C ASP J 173 3.81 21.51 -19.89
N CYS J 174 4.42 21.64 -21.07
CA CYS J 174 5.36 20.66 -21.55
C CYS J 174 6.72 20.84 -20.88
N SER J 175 7.55 19.81 -20.96
CA SER J 175 8.89 19.87 -20.40
C SER J 175 9.84 20.57 -21.37
N HIS J 176 11.09 20.70 -20.96
CA HIS J 176 12.08 21.40 -21.78
C HIS J 176 12.37 20.63 -23.06
N ASN J 177 12.58 19.31 -22.96
CA ASN J 177 12.76 18.50 -24.14
C ASN J 177 11.41 18.14 -24.78
N GLY J 178 10.54 17.48 -24.03
CA GLY J 178 9.21 17.17 -24.49
C GLY J 178 9.17 16.00 -25.45
N SER J 179 8.02 15.35 -25.49
CA SER J 179 7.80 14.21 -26.37
C SER J 179 6.30 14.07 -26.62
N LEU J 180 5.93 13.06 -27.41
CA LEU J 180 4.54 12.79 -27.73
C LEU J 180 3.83 12.01 -26.63
N LYS J 181 4.55 11.57 -25.60
CA LYS J 181 3.98 10.85 -24.47
C LYS J 181 4.01 11.66 -23.18
N GLU J 182 4.90 12.66 -23.10
CA GLU J 182 5.01 13.45 -21.88
C GLU J 182 3.76 14.29 -21.66
N ILE J 183 3.13 14.79 -22.72
CA ILE J 183 1.88 15.54 -22.57
C ILE J 183 0.78 14.63 -22.04
N CYS J 184 0.69 13.41 -22.57
CA CYS J 184 -0.31 12.45 -22.09
C CYS J 184 -0.09 12.14 -20.61
N LEU J 185 1.16 11.94 -20.20
CA LEU J 185 1.42 11.68 -18.79
C LEU J 185 1.16 12.91 -17.93
N ASN J 186 1.43 14.10 -18.47
CA ASN J 186 1.23 15.32 -17.72
C ASN J 186 -0.25 15.62 -17.51
N PHE J 187 -1.12 15.14 -18.40
CA PHE J 187 -2.55 15.26 -18.15
C PHE J 187 -2.95 14.51 -16.88
N PHE J 188 -2.47 13.27 -16.74
CA PHE J 188 -2.70 12.52 -15.51
C PHE J 188 -2.09 13.23 -14.31
N ARG J 189 -0.86 13.74 -14.48
CA ARG J 189 -0.17 14.39 -13.37
C ARG J 189 -0.92 15.63 -12.89
N ALA J 190 -1.48 16.40 -13.82
CA ALA J 190 -2.20 17.61 -13.45
C ALA J 190 -3.58 17.32 -12.86
N LEU J 191 -4.27 16.29 -13.39
CA LEU J 191 -5.59 15.99 -12.86
C LEU J 191 -5.51 15.31 -11.50
N ASP J 192 -4.45 14.53 -11.24
CA ASP J 192 -4.28 13.95 -9.92
C ASP J 192 -3.90 15.00 -8.88
N ARG J 193 -3.45 16.17 -9.32
CA ARG J 193 -3.17 17.28 -8.42
C ARG J 193 -4.36 18.21 -8.26
N ALA J 194 -5.19 18.34 -9.30
CA ALA J 194 -6.40 19.14 -9.17
C ALA J 194 -7.37 18.54 -8.17
N LEU J 195 -7.67 17.25 -8.31
CA LEU J 195 -8.50 16.53 -7.38
C LEU J 195 -7.63 15.70 -6.44
N GLY J 196 -8.27 14.92 -5.58
CA GLY J 196 -7.57 13.95 -4.78
C GLY J 196 -7.88 12.53 -5.22
N SER J 197 -6.99 11.92 -5.99
CA SER J 197 -7.22 10.60 -6.55
C SER J 197 -5.88 10.00 -6.95
N ASN J 198 -5.94 8.87 -7.66
CA ASN J 198 -4.76 8.13 -8.11
C ASN J 198 -4.90 7.75 -9.59
N TYR J 199 -5.30 8.72 -10.41
CA TYR J 199 -5.54 8.45 -11.82
C TYR J 199 -4.24 8.10 -12.56
N GLU J 200 -3.13 8.72 -12.18
CA GLU J 200 -1.87 8.52 -12.91
C GLU J 200 -1.40 7.07 -12.80
N ARG J 201 -1.48 6.49 -11.60
CA ARG J 201 -1.08 5.10 -11.44
C ARG J 201 -2.14 4.13 -11.96
N ARG J 202 -3.41 4.53 -11.94
CA ARG J 202 -4.47 3.62 -12.40
C ARG J 202 -4.51 3.50 -13.91
N TYR J 203 -4.34 4.62 -14.62
CA TYR J 203 -4.49 4.64 -16.07
C TYR J 203 -3.21 4.98 -16.81
N GLY J 204 -2.45 5.97 -16.34
CA GLY J 204 -1.24 6.38 -17.03
C GLY J 204 -0.09 5.41 -16.87
N LEU J 205 -0.22 4.23 -17.46
CA LEU J 205 0.77 3.18 -17.34
C LEU J 205 1.77 3.23 -18.49
N LYS J 206 2.96 2.66 -18.24
CA LYS J 206 4.02 2.66 -19.24
C LYS J 206 3.70 1.75 -20.43
N ARG J 207 3.03 0.62 -20.18
CA ARG J 207 2.80 -0.37 -21.21
C ARG J 207 1.91 0.14 -22.34
N HIS J 208 0.95 1.00 -22.01
CA HIS J 208 -0.02 1.47 -23.00
C HIS J 208 0.64 2.32 -24.07
N GLY J 209 0.09 2.26 -25.28
CA GLY J 209 0.54 3.11 -26.37
C GLY J 209 -0.08 4.50 -26.32
N ILE J 210 0.43 5.37 -27.18
CA ILE J 210 0.00 6.77 -27.18
C ILE J 210 -1.50 6.87 -27.46
N GLU J 211 -1.99 6.09 -28.42
CA GLU J 211 -3.42 6.09 -28.69
C GLU J 211 -4.22 5.58 -27.51
N THR J 212 -3.64 4.67 -26.70
CA THR J 212 -4.35 4.15 -25.55
C THR J 212 -4.57 5.23 -24.50
N MET J 213 -3.53 6.02 -24.19
CA MET J 213 -3.73 7.13 -23.26
C MET J 213 -4.62 8.21 -23.86
N LEU J 214 -4.52 8.44 -25.17
CA LEU J 214 -5.41 9.43 -25.79
C LEU J 214 -6.87 9.00 -25.72
N ALA J 215 -7.14 7.69 -25.80
CA ALA J 215 -8.49 7.19 -25.67
C ALA J 215 -8.97 7.21 -24.22
N LEU J 216 -8.08 6.88 -23.28
CA LEU J 216 -8.44 6.97 -21.86
C LEU J 216 -8.70 8.41 -21.44
N MET J 217 -8.08 9.37 -22.13
CA MET J 217 -8.39 10.78 -21.89
C MET J 217 -9.85 11.07 -22.15
N SER J 218 -10.43 10.43 -23.18
CA SER J 218 -11.85 10.63 -23.46
C SER J 218 -12.72 10.19 -22.28
N GLN J 219 -12.46 8.99 -21.75
CA GLN J 219 -13.24 8.49 -20.62
C GLN J 219 -13.04 9.38 -19.40
N ILE J 220 -11.80 9.79 -19.13
CA ILE J 220 -11.53 10.59 -17.94
C ILE J 220 -12.18 11.96 -18.03
N ALA J 221 -12.09 12.61 -19.19
CA ALA J 221 -12.65 13.94 -19.35
C ALA J 221 -14.15 13.94 -19.60
N ASN J 222 -14.75 12.79 -19.92
CA ASN J 222 -16.20 12.70 -20.08
C ASN J 222 -16.91 12.16 -18.84
N ALA J 223 -16.19 11.46 -17.96
CA ALA J 223 -16.79 11.09 -16.68
C ALA J 223 -17.11 12.34 -15.87
N HIS J 224 -16.20 13.30 -15.84
CA HIS J 224 -16.46 14.62 -15.28
C HIS J 224 -16.90 15.58 -16.38
N ALA J 225 -17.38 16.75 -15.95
CA ALA J 225 -17.83 17.78 -16.88
C ALA J 225 -16.71 18.77 -17.19
N LEU J 226 -15.64 18.25 -17.78
CA LEU J 226 -14.47 19.06 -18.08
C LEU J 226 -14.84 20.13 -19.11
N GLY J 227 -14.28 21.33 -18.94
CA GLY J 227 -14.68 22.46 -19.75
C GLY J 227 -13.58 23.06 -20.60
N LEU J 228 -12.33 22.89 -20.20
CA LEU J 228 -11.22 23.47 -20.95
C LEU J 228 -9.97 22.64 -20.68
N LEU J 229 -9.08 22.58 -21.68
CA LEU J 229 -7.86 21.79 -21.59
C LEU J 229 -6.75 22.60 -22.26
N VAL J 230 -6.02 23.36 -21.46
CA VAL J 230 -4.96 24.23 -21.95
C VAL J 230 -3.65 23.46 -22.00
N ILE J 231 -3.14 23.24 -23.20
CA ILE J 231 -1.80 22.71 -23.40
C ILE J 231 -0.93 23.89 -23.82
N ASP J 232 0.01 24.28 -22.96
CA ASP J 232 0.75 25.52 -23.10
C ASP J 232 2.22 25.25 -23.34
N GLU J 233 2.86 26.16 -24.06
CA GLU J 233 4.28 26.08 -24.42
C GLU J 233 4.59 24.80 -25.20
N ILE J 234 3.97 24.68 -26.37
CA ILE J 234 4.34 23.64 -27.32
C ILE J 234 5.65 23.95 -28.03
N GLN J 235 6.19 25.15 -27.83
CA GLN J 235 7.46 25.53 -28.45
C GLN J 235 8.61 24.68 -27.94
N HIS J 236 8.53 24.19 -26.71
CA HIS J 236 9.61 23.39 -26.12
C HIS J 236 9.65 21.96 -26.66
N LEU J 237 8.64 21.54 -27.41
CA LEU J 237 8.62 20.18 -27.95
C LEU J 237 9.78 19.97 -28.91
N SER J 238 10.60 18.97 -28.63
CA SER J 238 11.76 18.69 -29.47
C SER J 238 11.31 17.95 -30.73
N ARG J 239 11.51 18.58 -31.89
CA ARG J 239 11.11 17.96 -33.15
C ARG J 239 11.94 16.72 -33.45
N SER J 240 13.21 16.70 -33.02
CA SER J 240 14.04 15.52 -33.24
C SER J 240 13.57 14.34 -32.38
N ARG J 241 13.12 14.61 -31.16
CA ARG J 241 12.60 13.57 -30.28
C ARG J 241 11.11 13.34 -30.47
N SER J 242 10.43 14.14 -31.29
CA SER J 242 9.01 13.93 -31.54
C SER J 242 8.80 12.84 -32.59
N GLY J 243 9.42 12.99 -33.76
CA GLY J 243 9.27 12.03 -34.83
C GLY J 243 9.20 12.70 -36.19
N GLY J 244 8.92 13.99 -36.20
CA GLY J 244 8.83 14.73 -37.45
C GLY J 244 7.99 15.97 -37.27
N SER J 245 7.84 16.70 -38.38
CA SER J 245 7.06 17.91 -38.44
C SER J 245 5.66 17.69 -39.00
N GLN J 246 5.26 16.44 -39.16
CA GLN J 246 3.93 16.10 -39.68
C GLN J 246 3.12 15.24 -38.72
N GLU J 247 3.74 14.25 -38.07
CA GLU J 247 3.00 13.46 -37.10
C GLU J 247 2.65 14.24 -35.85
N MET J 248 3.36 15.33 -35.56
CA MET J 248 2.93 16.25 -34.52
C MET J 248 1.57 16.84 -34.85
N LEU J 249 1.40 17.29 -36.10
CA LEU J 249 0.10 17.78 -36.54
C LEU J 249 -0.94 16.67 -36.53
N ASN J 250 -0.55 15.47 -36.98
CA ASN J 250 -1.49 14.35 -37.02
C ASN J 250 -1.92 13.89 -35.63
N PHE J 251 -1.11 14.17 -34.61
CA PHE J 251 -1.52 13.90 -33.23
C PHE J 251 -2.36 15.04 -32.66
N PHE J 252 -2.00 16.29 -32.97
CA PHE J 252 -2.72 17.42 -32.40
C PHE J 252 -4.08 17.64 -33.06
N VAL J 253 -4.30 17.11 -34.26
CA VAL J 253 -5.62 17.23 -34.89
C VAL J 253 -6.44 16.00 -34.53
N THR J 254 -5.91 15.17 -33.64
CA THR J 254 -6.62 13.96 -33.18
C THR J 254 -7.29 14.26 -31.84
N MET J 255 -7.83 15.47 -31.73
CA MET J 255 -8.65 15.87 -30.59
C MET J 255 -10.14 15.64 -30.83
N VAL J 256 -10.49 14.99 -31.94
CA VAL J 256 -11.89 14.67 -32.20
C VAL J 256 -12.37 13.56 -31.26
N ASN J 257 -11.52 12.57 -30.98
CA ASN J 257 -11.95 11.39 -30.24
C ASN J 257 -12.20 11.68 -28.77
N ILE J 258 -11.82 12.85 -28.26
CA ILE J 258 -12.19 13.28 -26.92
C ILE J 258 -13.43 14.16 -27.05
N ILE J 259 -14.53 13.72 -26.44
CA ILE J 259 -15.83 14.33 -26.70
C ILE J 259 -15.91 15.70 -26.04
N GLY J 260 -16.40 16.69 -26.78
CA GLY J 260 -16.48 18.05 -26.29
C GLY J 260 -15.11 18.63 -26.03
N VAL J 261 -14.82 18.94 -24.76
CA VAL J 261 -13.51 19.33 -24.24
C VAL J 261 -12.81 20.31 -25.19
N PRO J 262 -13.21 21.58 -25.19
CA PRO J 262 -12.58 22.54 -26.10
C PRO J 262 -11.13 22.82 -25.75
N VAL J 263 -10.22 22.31 -26.57
CA VAL J 263 -8.78 22.39 -26.31
C VAL J 263 -8.25 23.71 -26.83
N MET J 264 -7.33 24.31 -26.07
CA MET J 264 -6.66 25.54 -26.46
C MET J 264 -5.16 25.31 -26.40
N LEU J 265 -4.44 25.77 -27.43
CA LEU J 265 -3.00 25.61 -27.53
C LEU J 265 -2.35 26.98 -27.65
N ILE J 266 -1.20 27.15 -27.00
CA ILE J 266 -0.45 28.41 -27.01
C ILE J 266 0.97 28.11 -27.47
N GLY J 267 1.48 28.95 -28.36
CA GLY J 267 2.83 28.75 -28.86
C GLY J 267 3.36 29.97 -29.58
N THR J 268 4.68 30.02 -29.69
CA THR J 268 5.36 31.08 -30.43
C THR J 268 5.21 30.84 -31.93
N PRO J 269 5.39 31.88 -32.75
CA PRO J 269 5.29 31.71 -34.21
C PRO J 269 6.25 30.67 -34.80
N LYS J 270 7.21 30.15 -34.04
CA LYS J 270 8.03 29.04 -34.54
C LYS J 270 7.18 27.81 -34.78
N ALA J 271 6.15 27.60 -33.96
CA ALA J 271 5.20 26.51 -34.19
C ALA J 271 4.06 26.91 -35.11
N ARG J 272 3.92 28.20 -35.42
CA ARG J 272 2.88 28.63 -36.35
C ARG J 272 3.13 28.07 -37.75
N GLU J 273 4.39 28.09 -38.20
CA GLU J 273 4.71 27.47 -39.48
C GLU J 273 4.53 25.97 -39.42
N ILE J 274 4.70 25.37 -38.23
CA ILE J 274 4.50 23.94 -38.08
C ILE J 274 3.03 23.57 -38.27
N PHE J 275 2.14 24.31 -37.60
CA PHE J 275 0.71 24.00 -37.62
C PHE J 275 0.01 24.53 -38.86
N GLU J 276 0.73 24.87 -39.93
CA GLU J 276 0.13 25.34 -41.17
C GLU J 276 0.77 24.60 -42.34
N ALA J 277 0.16 23.47 -42.72
CA ALA J 277 0.59 22.70 -43.87
C ALA J 277 -0.55 22.27 -44.78
N ASP J 278 -1.80 22.36 -44.33
CA ASP J 278 -2.93 21.89 -45.12
C ASP J 278 -4.21 22.55 -44.63
N LEU J 279 -5.29 22.36 -45.39
CA LEU J 279 -6.56 22.99 -45.07
C LEU J 279 -7.16 22.42 -43.79
N ARG J 280 -7.17 21.10 -43.64
CA ARG J 280 -7.94 20.49 -42.57
C ARG J 280 -7.35 20.81 -41.20
N SER J 281 -6.01 20.73 -41.07
CA SER J 281 -5.39 21.06 -39.80
C SER J 281 -5.53 22.54 -39.47
N ALA J 282 -5.41 23.41 -40.48
CA ALA J 282 -5.61 24.84 -40.24
C ALA J 282 -7.04 25.13 -39.82
N ARG J 283 -8.01 24.36 -40.35
CA ARG J 283 -9.39 24.54 -39.94
C ARG J 283 -9.62 24.07 -38.51
N ARG J 284 -9.16 22.87 -38.17
CA ARG J 284 -9.57 22.25 -36.91
C ARG J 284 -8.66 22.58 -35.73
N GLY J 285 -7.36 22.75 -35.96
CA GLY J 285 -6.48 23.17 -34.87
C GLY J 285 -6.88 24.54 -34.33
N ALA J 286 -7.16 25.48 -35.21
CA ALA J 286 -7.70 26.78 -34.86
C ALA J 286 -9.13 26.81 -35.40
N GLY J 287 -10.07 26.29 -34.60
CA GLY J 287 -11.43 26.15 -35.07
C GLY J 287 -12.14 27.47 -35.31
N PHE J 288 -11.98 28.42 -34.38
CA PHE J 288 -12.71 29.68 -34.42
C PHE J 288 -11.74 30.83 -34.15
N GLY J 289 -11.08 31.27 -35.22
CA GLY J 289 -10.10 32.35 -35.11
C GLY J 289 -8.81 31.89 -34.46
N ALA J 290 -7.86 32.83 -34.39
CA ALA J 290 -6.61 32.61 -33.68
C ALA J 290 -6.08 33.98 -33.25
N ILE J 291 -6.26 34.31 -31.97
CA ILE J 291 -5.82 35.61 -31.46
C ILE J 291 -4.31 35.70 -31.54
N PHE J 292 -3.82 36.80 -32.08
CA PHE J 292 -2.39 37.07 -32.20
C PHE J 292 -2.00 38.16 -31.20
N TRP J 293 -0.96 37.89 -30.41
CA TRP J 293 -0.42 38.88 -29.49
C TRP J 293 0.79 39.54 -30.14
N ASP J 294 0.74 40.86 -30.25
CA ASP J 294 1.84 41.63 -30.81
C ASP J 294 2.38 42.59 -29.76
N PRO J 295 3.68 42.91 -29.82
CA PRO J 295 4.23 43.90 -28.88
C PRO J 295 3.54 45.24 -29.02
N ILE J 296 3.34 45.90 -27.89
CA ILE J 296 2.64 47.18 -27.90
C ILE J 296 3.53 48.25 -28.55
N GLN J 297 2.89 49.17 -29.27
CA GLN J 297 3.57 50.24 -29.98
C GLN J 297 3.30 51.55 -29.25
N GLN J 298 4.16 52.54 -29.50
CA GLN J 298 3.89 53.89 -28.99
C GLN J 298 2.62 54.46 -29.60
N THR J 299 2.45 54.30 -30.92
CA THR J 299 1.30 54.85 -31.60
C THR J 299 0.77 53.86 -32.62
N GLN J 300 -0.55 53.68 -32.61
CA GLN J 300 -1.27 52.96 -33.66
C GLN J 300 -1.99 53.89 -34.59
N ARG J 301 -2.58 54.95 -34.04
CA ARG J 301 -3.14 56.07 -34.78
C ARG J 301 -2.10 57.18 -34.84
N GLY J 302 -2.53 58.37 -35.27
CA GLY J 302 -1.62 59.51 -35.25
C GLY J 302 -1.14 59.86 -33.86
N LYS J 303 -2.06 59.90 -32.89
CA LYS J 303 -1.72 60.17 -31.50
C LYS J 303 -1.05 58.93 -30.88
N PRO J 304 -0.07 59.13 -29.99
CA PRO J 304 0.51 58.00 -29.27
C PRO J 304 -0.53 57.27 -28.44
N ASN J 305 -0.39 55.95 -28.37
CA ASN J 305 -1.35 55.12 -27.67
C ASN J 305 -1.38 55.46 -26.19
N GLN J 306 -2.60 55.63 -25.64
CA GLN J 306 -2.76 55.97 -24.24
C GLN J 306 -2.54 54.79 -23.32
N GLU J 307 -2.68 53.56 -23.82
CA GLU J 307 -2.42 52.39 -22.99
C GLU J 307 -0.97 52.32 -22.54
N TRP J 308 -0.04 52.61 -23.46
CA TRP J 308 1.38 52.63 -23.11
C TRP J 308 1.68 53.71 -22.09
N ILE J 309 1.08 54.90 -22.25
CA ILE J 309 1.30 55.99 -21.32
C ILE J 309 0.78 55.62 -19.94
N ALA J 310 -0.42 55.03 -19.88
CA ALA J 310 -0.98 54.62 -18.60
C ALA J 310 -0.14 53.55 -17.92
N PHE J 311 0.33 52.57 -18.70
CA PHE J 311 1.17 51.52 -18.13
C PHE J 311 2.48 52.08 -17.60
N THR J 312 3.12 52.98 -18.36
CA THR J 312 4.37 53.58 -17.90
C THR J 312 4.15 54.41 -16.64
N ASP J 313 3.07 55.19 -16.59
CA ASP J 313 2.80 55.98 -15.40
C ASP J 313 2.54 55.11 -14.19
N ASN J 314 1.74 54.04 -14.36
CA ASN J 314 1.44 53.15 -13.25
C ASN J 314 2.68 52.43 -12.75
N LEU J 315 3.55 52.00 -13.66
CA LEU J 315 4.77 51.33 -13.24
C LEU J 315 5.75 52.32 -12.59
N TRP J 316 5.76 53.57 -13.06
CA TRP J 316 6.65 54.57 -12.47
C TRP J 316 6.19 54.96 -11.07
N GLN J 317 4.88 55.03 -10.85
CA GLN J 317 4.36 55.36 -9.52
C GLN J 317 4.73 54.31 -8.48
N LEU J 318 4.99 53.08 -8.90
CA LEU J 318 5.33 51.98 -8.01
C LEU J 318 6.77 52.07 -7.51
N GLN J 319 7.57 53.00 -8.04
CA GLN J 319 8.98 53.10 -7.69
C GLN J 319 9.17 53.33 -6.20
N LEU J 320 10.22 52.73 -5.65
CA LEU J 320 10.56 52.86 -4.23
C LEU J 320 12.05 53.19 -4.10
N LEU J 321 12.33 54.47 -3.89
CA LEU J 321 13.68 54.98 -3.66
C LEU J 321 13.60 56.19 -2.74
N GLN J 322 14.71 56.45 -2.03
CA GLN J 322 14.77 57.62 -1.18
C GLN J 322 14.69 58.91 -1.98
N ARG J 323 15.47 59.00 -3.06
CA ARG J 323 15.48 60.17 -3.94
C ARG J 323 14.71 59.81 -5.21
N LYS J 324 13.44 60.22 -5.27
CA LYS J 324 12.58 59.94 -6.41
C LYS J 324 12.09 61.23 -7.03
N ASP J 325 12.10 61.27 -8.36
CA ASP J 325 11.57 62.40 -9.12
C ASP J 325 10.15 62.08 -9.56
N ALA J 326 9.19 62.90 -9.12
CA ALA J 326 7.80 62.68 -9.46
C ALA J 326 7.55 62.86 -10.96
N LEU J 327 8.14 63.88 -11.55
CA LEU J 327 7.95 64.15 -12.97
C LEU J 327 8.74 63.16 -13.82
N LEU J 328 8.09 62.61 -14.84
CA LEU J 328 8.73 61.68 -15.77
C LEU J 328 9.05 62.43 -17.06
N SER J 329 10.34 62.55 -17.37
CA SER J 329 10.76 63.19 -18.61
C SER J 329 10.43 62.29 -19.79
N ASP J 330 10.06 62.92 -20.91
CA ASP J 330 9.69 62.16 -22.10
C ASP J 330 10.86 61.37 -22.68
N GLU J 331 12.10 61.79 -22.40
CA GLU J 331 13.26 61.03 -22.86
C GLU J 331 13.32 59.65 -22.23
N VAL J 332 12.88 59.53 -20.97
CA VAL J 332 12.85 58.23 -20.31
C VAL J 332 11.86 57.30 -21.00
N ARG J 333 10.67 57.82 -21.35
CA ARG J 333 9.72 57.02 -22.11
C ARG J 333 10.27 56.65 -23.48
N ASP J 334 10.96 57.60 -24.13
CA ASP J 334 11.55 57.32 -25.44
C ASP J 334 12.58 56.22 -25.37
N VAL J 335 13.44 56.23 -24.34
CA VAL J 335 14.45 55.19 -24.23
C VAL J 335 13.82 53.86 -23.82
N TRP J 336 12.75 53.89 -23.01
CA TRP J 336 12.06 52.64 -22.71
C TRP J 336 11.53 52.00 -23.99
N TYR J 337 10.88 52.80 -24.86
CA TYR J 337 10.42 52.23 -26.12
C TYR J 337 11.57 51.79 -27.02
N GLU J 338 12.63 52.60 -27.12
CA GLU J 338 13.69 52.27 -28.06
C GLU J 338 14.51 51.07 -27.61
N LEU J 339 14.48 50.75 -26.32
CA LEU J 339 15.28 49.64 -25.84
C LEU J 339 14.44 48.41 -25.50
N SER J 340 13.11 48.55 -25.39
CA SER J 340 12.25 47.42 -25.06
C SER J 340 11.21 47.11 -26.13
N GLN J 341 11.05 47.99 -27.13
CA GLN J 341 10.15 47.83 -28.28
C GLN J 341 8.77 47.30 -27.92
N GLY J 342 8.31 47.57 -26.70
CA GLY J 342 6.98 47.19 -26.29
C GLY J 342 6.80 45.76 -25.85
N VAL J 343 7.86 44.95 -25.83
CA VAL J 343 7.75 43.59 -25.32
C VAL J 343 7.51 43.64 -23.82
N MET J 344 6.46 42.95 -23.37
CA MET J 344 6.00 43.12 -22.00
C MET J 344 7.01 42.61 -20.99
N ASP J 345 7.63 41.46 -21.27
CA ASP J 345 8.60 40.89 -20.34
C ASP J 345 9.82 41.79 -20.20
N ILE J 346 10.30 42.35 -21.31
CA ILE J 346 11.58 43.06 -21.32
C ILE J 346 11.49 44.35 -20.50
N VAL J 347 10.38 45.09 -20.63
CA VAL J 347 10.30 46.40 -20.00
C VAL J 347 10.27 46.27 -18.47
N VAL J 348 9.52 45.30 -17.94
CA VAL J 348 9.39 45.19 -16.49
C VAL J 348 10.70 44.71 -15.88
N LYS J 349 11.38 43.74 -16.52
CA LYS J 349 12.66 43.29 -16.00
C LYS J 349 13.72 44.38 -16.13
N LEU J 350 13.69 45.15 -17.21
CA LEU J 350 14.63 46.26 -17.34
C LEU J 350 14.44 47.27 -16.22
N PHE J 351 13.18 47.62 -15.92
CA PHE J 351 12.92 48.56 -14.84
C PHE J 351 13.35 47.99 -13.49
N VAL J 352 13.08 46.70 -13.24
CA VAL J 352 13.45 46.09 -11.97
C VAL J 352 14.97 46.08 -11.80
N LEU J 353 15.70 45.69 -12.85
CA LEU J 353 17.16 45.69 -12.77
C LEU J 353 17.73 47.09 -12.60
N ALA J 354 17.13 48.09 -13.26
CA ALA J 354 17.59 49.46 -13.07
C ALA J 354 17.38 49.91 -11.63
N GLN J 355 16.19 49.64 -11.07
CA GLN J 355 15.93 50.03 -9.69
C GLN J 355 16.80 49.27 -8.70
N LEU J 356 17.16 48.03 -9.02
CA LEU J 356 18.02 47.25 -8.13
C LEU J 356 19.46 47.73 -8.19
N ARG J 357 19.95 48.06 -9.40
CA ARG J 357 21.31 48.55 -9.56
C ARG J 357 21.47 49.97 -9.02
N ALA J 358 20.39 50.74 -8.95
CA ALA J 358 20.46 52.08 -8.37
C ALA J 358 20.89 52.01 -6.90
N LEU J 359 20.39 51.03 -6.16
CA LEU J 359 20.85 50.82 -4.78
C LEU J 359 22.32 50.44 -4.75
N ALA J 360 22.75 49.57 -5.67
CA ALA J 360 24.12 49.08 -5.65
C ALA J 360 25.13 50.19 -5.92
N LEU J 361 24.87 51.02 -6.93
CA LEU J 361 25.82 52.09 -7.24
C LEU J 361 25.73 53.26 -6.27
N GLY J 362 24.61 53.39 -5.56
CA GLY J 362 24.46 54.44 -4.59
C GLY J 362 24.06 55.79 -5.13
N ASN J 363 23.88 55.92 -6.45
CA ASN J 363 23.40 57.17 -7.03
C ASN J 363 21.98 57.48 -6.55
N GLU J 364 21.18 56.43 -6.32
CA GLU J 364 19.85 56.55 -5.72
C GLU J 364 18.95 57.43 -6.59
N ARG J 365 19.07 57.25 -7.90
CA ARG J 365 18.22 57.92 -8.89
C ARG J 365 18.24 57.11 -10.17
N ILE J 366 17.15 57.18 -10.92
CA ILE J 366 17.00 56.45 -12.17
C ILE J 366 17.24 57.44 -13.31
N THR J 367 18.20 57.12 -14.18
CA THR J 367 18.52 57.92 -15.34
C THR J 367 18.46 57.05 -16.60
N ALA J 368 18.30 57.71 -17.74
CA ALA J 368 18.28 56.98 -19.01
C ALA J 368 19.62 56.30 -19.28
N GLY J 369 20.72 56.97 -18.97
CA GLY J 369 22.03 56.37 -19.16
C GLY J 369 22.24 55.12 -18.33
N LEU J 370 21.71 55.11 -17.10
CA LEU J 370 21.76 53.91 -16.26
C LEU J 370 21.04 52.75 -16.91
N LEU J 371 19.85 53.03 -17.49
CA LEU J 371 19.17 52.04 -18.31
C LEU J 371 20.06 51.56 -19.43
N ARG J 372 20.86 52.48 -20.00
CA ARG J 372 21.77 52.07 -21.08
C ARG J 372 22.81 51.06 -20.60
N GLN J 373 23.54 51.36 -19.51
CA GLN J 373 24.61 50.40 -19.21
C GLN J 373 24.04 49.11 -18.64
N VAL J 374 22.89 49.16 -17.95
CA VAL J 374 22.31 47.88 -17.55
C VAL J 374 21.88 47.09 -18.78
N TYR J 375 21.43 47.78 -19.83
CA TYR J 375 21.09 47.10 -21.08
C TYR J 375 22.30 46.43 -21.72
N GLN J 376 23.39 47.15 -21.93
CA GLN J 376 24.54 46.44 -22.50
C GLN J 376 25.30 45.58 -21.51
N ASP J 377 24.93 45.58 -20.22
CA ASP J 377 25.64 44.77 -19.24
C ASP J 377 24.96 43.43 -18.94
N GLU J 378 23.63 43.42 -18.73
CA GLU J 378 22.99 42.23 -18.19
C GLU J 378 21.98 41.57 -19.14
N LEU J 379 21.91 42.00 -20.40
CA LEU J 379 20.90 41.47 -21.30
C LEU J 379 21.52 40.93 -22.59
N LYS J 380 22.60 40.15 -22.47
CA LYS J 380 23.24 39.60 -23.66
C LYS J 380 22.35 38.64 -24.43
N PRO J 381 21.79 37.57 -23.84
CA PRO J 381 21.16 36.51 -24.67
C PRO J 381 19.86 36.91 -25.32
N VAL J 382 19.29 38.07 -25.00
CA VAL J 382 18.02 38.49 -25.59
C VAL J 382 18.24 39.37 -26.82
N HIS J 383 19.49 39.58 -27.23
CA HIS J 383 19.79 40.44 -28.36
C HIS J 383 19.05 40.04 -29.64
N PRO J 384 19.08 38.77 -30.10
CA PRO J 384 18.45 38.44 -31.39
C PRO J 384 17.01 38.88 -31.50
N MET J 385 16.23 38.76 -30.41
CA MET J 385 14.94 39.43 -30.35
C MET J 385 15.06 40.89 -30.69
N LEU J 386 16.04 41.56 -30.10
CA LEU J 386 16.11 43.01 -30.20
C LEU J 386 16.43 43.46 -31.64
N GLU J 387 17.48 42.91 -32.26
CA GLU J 387 17.71 43.33 -33.66
C GLU J 387 16.66 42.77 -34.61
N ALA J 388 16.05 41.63 -34.30
CA ALA J 388 15.00 41.11 -35.17
C ALA J 388 13.78 42.03 -35.19
N LEU J 389 13.38 42.54 -34.02
CA LEU J 389 12.26 43.48 -33.98
C LEU J 389 12.66 44.85 -34.49
N ARG J 390 13.93 45.25 -34.32
CA ARG J 390 14.36 46.52 -34.89
C ARG J 390 14.35 46.49 -36.42
N SER J 391 14.82 45.38 -37.01
CA SER J 391 14.81 45.27 -38.46
C SER J 391 13.39 45.05 -38.98
N GLY J 392 12.59 44.25 -38.27
CA GLY J 392 11.23 43.99 -38.67
C GLY J 392 11.04 42.91 -39.71
N ILE J 393 12.09 42.16 -40.04
CA ILE J 393 11.98 41.09 -41.03
C ILE J 393 11.25 39.90 -40.41
N PRO J 394 10.14 39.45 -41.00
CA PRO J 394 9.42 38.31 -40.43
C PRO J 394 10.23 37.03 -40.36
N GLU J 395 11.12 36.80 -41.33
CA GLU J 395 11.92 35.57 -41.34
C GLU J 395 12.85 35.51 -40.14
N ARG J 396 13.58 36.60 -39.87
CA ARG J 396 14.48 36.63 -38.72
C ARG J 396 13.72 36.55 -37.41
N ILE J 397 12.55 37.21 -37.33
CA ILE J 397 11.74 37.16 -36.12
C ILE J 397 11.28 35.73 -35.85
N ALA J 398 10.76 35.06 -36.88
CA ALA J 398 10.31 33.68 -36.71
C ALA J 398 11.46 32.73 -36.41
N ARG J 399 12.65 33.03 -36.94
CA ARG J 399 13.81 32.19 -36.66
C ARG J 399 14.28 32.36 -35.22
N TYR J 400 14.13 33.55 -34.65
CA TYR J 400 14.68 33.87 -33.35
C TYR J 400 13.61 34.37 -32.39
N SER J 401 12.51 33.64 -32.25
CA SER J 401 11.43 34.02 -31.34
C SER J 401 11.27 33.08 -30.16
N ASP J 402 12.17 32.12 -29.99
CA ASP J 402 12.07 31.13 -28.92
C ASP J 402 13.01 31.37 -27.76
N LEU J 403 13.83 32.42 -27.82
CA LEU J 403 14.91 32.63 -26.87
C LEU J 403 14.54 33.66 -25.81
N VAL J 404 14.93 33.38 -24.57
CA VAL J 404 14.76 34.29 -23.45
C VAL J 404 16.03 34.25 -22.62
N VAL J 405 16.23 35.28 -21.80
CA VAL J 405 17.42 35.30 -20.95
C VAL J 405 17.34 34.17 -19.94
N PRO J 406 18.37 33.33 -19.81
CA PRO J 406 18.31 32.19 -18.89
C PRO J 406 18.88 32.50 -17.53
N GLU J 407 18.24 31.92 -16.50
CA GLU J 407 18.69 32.01 -15.11
C GLU J 407 18.81 33.46 -14.64
N ILE J 408 17.84 34.29 -15.04
CA ILE J 408 17.84 35.68 -14.61
C ILE J 408 17.53 35.79 -13.12
N ASP J 409 16.81 34.81 -12.56
CA ASP J 409 16.54 34.81 -11.12
C ASP J 409 17.83 34.67 -10.33
N LYS J 410 18.76 33.83 -10.82
CA LYS J 410 20.05 33.70 -10.15
C LYS J 410 20.83 35.00 -10.21
N ARG J 411 20.73 35.72 -11.33
CA ARG J 411 21.38 37.03 -11.43
C ARG J 411 20.77 38.02 -10.45
N LEU J 412 19.45 37.99 -10.29
CA LEU J 412 18.79 38.85 -9.31
C LEU J 412 19.26 38.52 -7.89
N ILE J 413 19.37 37.23 -7.58
CA ILE J 413 19.85 36.81 -6.26
C ILE J 413 21.29 37.27 -6.04
N GLN J 414 22.13 37.16 -7.09
CA GLN J 414 23.51 37.62 -6.98
C GLN J 414 23.58 39.12 -6.74
N LEU J 415 22.76 39.89 -7.44
CA LEU J 415 22.74 41.34 -7.23
C LEU J 415 22.26 41.69 -5.83
N GLN J 416 21.24 40.97 -5.33
CA GLN J 416 20.77 41.20 -3.97
C GLN J 416 21.86 40.88 -2.95
N LEU J 417 22.59 39.78 -3.17
CA LEU J 417 23.68 39.42 -2.27
C LEU J 417 24.79 40.48 -2.29
N ASP J 418 25.09 41.02 -3.48
CA ASP J 418 26.07 42.09 -3.58
C ASP J 418 25.62 43.32 -2.81
N ILE J 419 24.34 43.69 -2.94
CA ILE J 419 23.81 44.83 -2.22
C ILE J 419 23.90 44.60 -0.71
N ALA J 420 23.58 43.38 -0.27
CA ALA J 420 23.67 43.06 1.15
C ALA J 420 25.09 43.15 1.67
N ALA J 421 26.06 42.65 0.88
CA ALA J 421 27.46 42.68 1.32
C ALA J 421 28.03 44.09 1.29
N ILE J 422 27.53 44.95 0.41
CA ILE J 422 28.05 46.31 0.31
C ILE J 422 27.75 47.13 1.56
N GLN J 423 26.62 46.85 2.22
CA GLN J 423 26.05 47.79 3.20
C GLN J 423 26.99 48.04 4.37
N GLU J 424 27.62 46.99 4.89
CA GLU J 424 28.34 47.06 6.17
C GLU J 424 29.44 48.11 6.18
N GLN J 425 29.27 49.13 7.03
CA GLN J 425 30.29 50.14 7.28
C GLN J 425 30.45 50.31 8.79
N THR J 426 31.67 50.64 9.22
CA THR J 426 32.00 50.70 10.63
C THR J 426 32.49 52.10 10.99
N PRO J 427 31.79 52.84 11.85
CA PRO J 427 32.31 54.14 12.30
C PRO J 427 33.64 54.02 13.04
N GLU J 428 33.87 52.90 13.74
CA GLU J 428 35.17 52.66 14.36
C GLU J 428 36.27 52.57 13.32
N GLU J 429 35.97 51.93 12.18
CA GLU J 429 36.96 51.81 11.11
C GLU J 429 37.23 53.14 10.43
N LYS J 430 36.35 54.14 10.62
CA LYS J 430 36.62 55.48 10.11
C LYS J 430 37.88 56.06 10.74
N ALA J 431 38.09 55.80 12.03
CA ALA J 431 39.32 56.23 12.69
C ALA J 431 40.52 55.54 12.07
N LEU J 432 40.41 54.25 11.77
CA LEU J 432 41.52 53.49 11.19
C LEU J 432 41.80 53.92 9.75
N GLN J 433 40.79 54.43 9.04
CA GLN J 433 40.93 54.70 7.61
C GLN J 433 41.90 55.84 7.30
N GLU J 434 42.18 56.72 8.25
CA GLU J 434 43.14 57.80 8.03
C GLU J 434 44.59 57.34 8.20
N LEU J 435 44.80 56.06 8.50
CA LEU J 435 46.13 55.49 8.71
C LEU J 435 46.69 55.04 7.35
N ASP J 436 47.21 56.02 6.61
CA ASP J 436 47.71 55.76 5.26
C ASP J 436 49.05 55.04 5.28
N THR J 437 49.89 55.33 6.27
CA THR J 437 51.30 54.94 6.21
C THR J 437 51.48 53.43 6.22
N GLU J 438 50.81 52.73 7.15
CA GLU J 438 50.92 51.30 7.39
C GLU J 438 52.28 50.98 7.98
N ASP J 439 52.37 49.86 8.72
CA ASP J 439 53.53 49.40 9.47
C ASP J 439 53.77 50.27 10.70
N GLN J 440 53.01 51.36 10.83
CA GLN J 440 52.76 51.95 12.14
C GLN J 440 51.60 51.25 12.83
N ARG J 441 50.89 50.41 12.08
CA ARG J 441 49.88 49.53 12.66
C ARG J 441 50.47 48.62 13.72
N HIS J 442 51.78 48.37 13.67
CA HIS J 442 52.44 47.60 14.74
C HIS J 442 52.27 48.30 16.08
N LEU J 443 52.67 49.57 16.15
CA LEU J 443 52.53 50.34 17.37
C LEU J 443 51.06 50.56 17.70
N TYR J 444 50.23 50.77 16.69
CA TYR J 444 48.79 50.91 16.90
C TYR J 444 48.21 49.70 17.62
N LEU J 445 48.58 48.49 17.17
CA LEU J 445 48.02 47.28 17.74
C LEU J 445 48.60 47.01 19.13
N MET J 446 49.91 47.14 19.28
CA MET J 446 50.54 46.80 20.55
C MET J 446 50.19 47.80 21.65
N LEU J 447 50.01 49.07 21.28
CA LEU J 447 49.87 50.12 22.30
C LEU J 447 48.47 50.15 22.90
N LYS J 448 47.45 50.36 22.07
CA LYS J 448 46.13 50.74 22.59
C LYS J 448 45.29 49.56 23.06
N GLU J 449 45.83 48.34 23.03
CA GLU J 449 45.05 47.20 23.54
C GLU J 449 44.74 47.37 25.03
N ASP J 450 45.72 47.82 25.81
CA ASP J 450 45.52 48.13 27.22
C ASP J 450 45.64 49.63 27.52
N TYR J 451 45.71 50.47 26.49
CA TYR J 451 45.95 51.89 26.68
C TYR J 451 44.77 52.70 26.16
N ASP J 452 44.90 54.02 26.14
CA ASP J 452 43.82 54.89 25.65
C ASP J 452 43.53 54.63 24.18
N SER J 453 42.25 54.67 23.82
CA SER J 453 41.81 54.47 22.45
C SER J 453 41.09 55.68 21.87
N SER J 454 41.16 56.84 22.53
CA SER J 454 40.39 58.00 22.10
C SER J 454 41.18 58.90 21.16
N LEU J 455 42.28 59.47 21.65
CA LEU J 455 43.07 60.38 20.82
C LEU J 455 44.36 59.75 20.31
N LEU J 456 44.68 58.52 20.72
CA LEU J 456 45.90 57.88 20.25
C LEU J 456 45.90 57.71 18.74
N ILE J 457 44.77 57.28 18.18
CA ILE J 457 44.69 57.08 16.74
C ILE J 457 44.85 58.38 15.95
N PRO J 458 44.12 59.47 16.26
CA PRO J 458 44.31 60.69 15.45
C PRO J 458 45.67 61.34 15.64
N THR J 459 46.19 61.37 16.88
CA THR J 459 47.38 62.18 17.16
C THR J 459 48.65 61.56 16.57
N ILE J 460 48.65 60.25 16.35
CA ILE J 460 49.82 59.63 15.71
C ILE J 460 49.95 60.11 14.27
N LYS J 461 48.82 60.40 13.62
CA LYS J 461 48.87 61.03 12.30
C LYS J 461 49.60 62.36 12.34
N LYS J 462 49.29 63.19 13.34
CA LYS J 462 49.98 64.47 13.50
C LYS J 462 51.46 64.25 13.80
N ALA J 463 51.77 63.26 14.64
CA ALA J 463 53.16 62.97 14.97
C ALA J 463 53.96 62.55 13.75
N PHE J 464 53.37 61.72 12.88
CA PHE J 464 54.06 61.28 11.67
C PHE J 464 54.21 62.44 10.68
N SER J 465 53.14 63.22 10.49
CA SER J 465 53.19 64.30 9.51
C SER J 465 54.18 65.39 9.93
N GLN J 466 54.18 65.74 11.22
CA GLN J 466 55.07 66.78 11.71
C GLN J 466 56.53 66.32 11.71
N ASN J 467 56.75 65.01 11.83
CA ASN J 467 58.09 64.43 11.83
C ASN J 467 58.16 63.33 10.77
N PRO J 468 58.16 63.71 9.48
CA PRO J 468 58.18 62.68 8.43
C PRO J 468 59.53 62.02 8.24
N THR J 469 60.62 62.64 8.72
CA THR J 469 61.97 62.09 8.54
C THR J 469 62.27 61.14 9.71
N MET J 470 61.43 60.12 9.82
CA MET J 470 61.49 59.25 11.00
C MET J 470 60.88 57.89 10.66
N THR J 471 61.28 56.89 11.45
CA THR J 471 60.78 55.52 11.37
C THR J 471 60.02 55.18 12.65
N ARG J 472 59.73 53.89 12.81
CA ARG J 472 58.77 53.46 13.83
C ARG J 472 59.35 53.48 15.24
N GLN J 473 60.65 53.17 15.37
CA GLN J 473 61.19 52.79 16.68
C GLN J 473 61.18 53.96 17.67
N LYS J 474 61.95 55.01 17.40
CA LYS J 474 62.07 56.08 18.38
C LYS J 474 60.93 57.09 18.27
N LEU J 475 59.92 56.83 17.44
CA LEU J 475 58.66 57.54 17.55
C LEU J 475 57.95 57.20 18.86
N LEU J 476 58.23 56.01 19.40
CA LEU J 476 57.48 55.51 20.56
C LEU J 476 57.80 56.19 21.89
N PRO J 477 59.06 56.41 22.30
CA PRO J 477 59.33 56.75 23.71
C PRO J 477 58.63 57.99 24.24
N LEU J 478 58.39 59.00 23.40
CA LEU J 478 57.78 60.25 23.85
C LEU J 478 56.30 60.35 23.48
N VAL J 479 55.70 59.22 23.06
CA VAL J 479 54.30 59.25 22.65
C VAL J 479 53.41 59.68 23.81
N LEU J 480 53.73 59.20 25.02
CA LEU J 480 52.95 59.54 26.21
C LEU J 480 52.88 61.05 26.39
N GLN J 481 54.02 61.69 26.60
CA GLN J 481 54.06 63.10 26.93
C GLN J 481 53.54 63.96 25.78
N TRP J 482 53.87 63.60 24.54
CA TRP J 482 53.45 64.45 23.43
C TRP J 482 51.96 64.33 23.15
N LEU J 483 51.36 63.15 23.34
CA LEU J 483 49.98 62.99 22.90
C LEU J 483 48.99 62.95 24.06
N MET J 484 49.17 62.03 25.02
CA MET J 484 48.13 61.88 26.02
C MET J 484 48.26 62.93 27.11
N GLU J 485 49.49 63.14 27.60
CA GLU J 485 49.76 64.17 28.61
C GLU J 485 49.63 65.57 28.01
#